data_4DUX
#
_entry.id   4DUX
#
_cell.length_a   150.648
_cell.length_b   168.103
_cell.length_c   201.881
_cell.angle_alpha   90.00
_cell.angle_beta   90.00
_cell.angle_gamma   90.00
#
_symmetry.space_group_name_H-M   'P 21 21 21'
#
loop_
_entity.id
_entity.type
_entity.pdbx_description
1 polymer Beta-galactosidase
2 non-polymer beta-L-ribopyranose
3 non-polymer 'MAGNESIUM ION'
4 non-polymer 'SODIUM ION'
5 non-polymer 'DIMETHYL SULFOXIDE'
6 water water
#
_entity_poly.entity_id   1
_entity_poly.type   'polypeptide(L)'
_entity_poly.pdbx_seq_one_letter_code
;MGGSHHHHHHGMASMTGGQQMGRDLYDDDDKDPMIDPVVLQRRDWENPGVTQLNRLAAHPPFASWRNSEEARTDRPSQQL
RSLNGEWRFAWFPAPEAVPESWLECDLPEADTVVVPSNWQMHGYDAPIYTNVTYPITVNPPFVPTENPTGCYSLTFNVDE
SWLQEGQTRIIFDGVNSAFHLWCNGRWVGYGQDSRLPSEFDLSAFLRAGENRLAVMVLRWSDGSYLEDQDMWRMSGIFRD
VSLLHKPTTQISDFHVATRFNDDFSRAVLEAEVQMCGELRDYLRVTVSLWQGETQVASGTAPFGGEIIDERGGYADRVTL
RLNVENPKLWSAEIPNLYRAVVELHTADGTLIEAEACDVGFREVRIENGLLLLNGKPLLIRGVNRHEHHPLHGQVMDEQT
MVQDILLMKQNNFNAVRCSHYPNHPLWYTLCDRYGLYVVDEANIETHGMVPMNRLTDDPRWLPAMSERVTRMVQRDRNHP
SVIIWSLGSESGHGANHDALYRWIKSVDPSRPVQYEGGGADTTATDIICPMYARVDEDQPFPAVPKWSIKKWLSLPGETR
PLILCEYAHAMGNSLGGFAKYWQAFRQYPRLQGGFVWDWVDQSLIKYDENGNPWSAYGGDFGDTPNDRQFCMNGLVFADR
TPHPALTEAKHQQQFFQFRLSGQTIEVTSEYLFRHSDNELLHWMVALDGKPLASGEVPLDVAPQGKQLIELPELPQPESA
GQLWLTVRVVQPNATAWSEAGHISAWQQWRLAENLSVTLPAASHAIPHLTTSEMDFCIELGNKRWQFNRQSGFLSQMWIG
DKKQLLTPLRDQFTRAPLDNDIGVSEATRIDPNAWVERWKAAGHYQAEAALLQCTADTLADAVLITTAHAWQHQGKTLFI
SRKTYRIDGSGQMAITVDVEVASDTPHPARIGLNCQLAQVAERVNWLGLGPQENYPDRLTAACFDRWDLPLSDMYTPYVF
PSENGLRCGTRELNYGPHQWRGDFQFNISRYSQQQLMETSHRHLLHAEEGTWLNIDGFHMGIGGDDSWSPSVSAEFQLSA
GRYHYQLVWCQK
;
_entity_poly.pdbx_strand_id   A,B,C,D
#
loop_
_chem_comp.id
_chem_comp.type
_chem_comp.name
_chem_comp.formula
0MK L-saccharide, beta linking beta-L-ribopyranose 'C5 H10 O5'
DMS non-polymer 'DIMETHYL SULFOXIDE' 'C2 H6 O S'
MG non-polymer 'MAGNESIUM ION' 'Mg 2'
NA non-polymer 'SODIUM ION' 'Na 1'
#
# COMPACT_ATOMS: atom_id res chain seq x y z
N VAL A 38 51.62 5.50 -27.81
CA VAL A 38 50.65 4.98 -26.79
C VAL A 38 49.38 4.40 -27.43
N VAL A 39 48.91 5.08 -28.48
CA VAL A 39 47.58 4.85 -29.05
C VAL A 39 47.36 3.45 -29.64
N LEU A 40 48.35 2.95 -30.39
CA LEU A 40 48.24 1.59 -30.93
C LEU A 40 48.46 0.51 -29.87
N GLN A 41 49.19 0.86 -28.82
CA GLN A 41 49.51 -0.08 -27.74
C GLN A 41 48.35 -0.33 -26.80
N ARG A 42 47.66 0.75 -26.39
CA ARG A 42 46.57 0.62 -25.42
C ARG A 42 45.34 -0.10 -25.97
N ARG A 43 45.09 0.04 -27.27
CA ARG A 43 43.93 -0.59 -27.92
C ARG A 43 42.64 -0.33 -27.15
N ASP A 44 42.35 0.95 -26.95
CA ASP A 44 41.18 1.42 -26.21
C ASP A 44 39.84 0.95 -26.79
N TRP A 45 39.83 0.59 -28.07
CA TRP A 45 38.63 0.12 -28.76
C TRP A 45 38.36 -1.37 -28.50
N GLU A 46 39.05 -1.93 -27.51
CA GLU A 46 38.90 -3.32 -27.11
C GLU A 46 38.90 -3.37 -25.58
N ASN A 47 38.33 -2.34 -24.98
CA ASN A 47 38.28 -2.19 -23.52
C ASN A 47 37.01 -1.43 -23.13
N PRO A 48 36.00 -2.14 -22.60
CA PRO A 48 34.76 -1.48 -22.23
C PRO A 48 34.93 -0.61 -21.01
N GLY A 49 36.09 -0.71 -20.36
CA GLY A 49 36.47 0.14 -19.25
C GLY A 49 36.90 1.53 -19.71
N VAL A 50 37.24 1.66 -20.98
CA VAL A 50 37.62 2.95 -21.59
C VAL A 50 36.67 3.29 -22.73
N THR A 51 35.79 4.25 -22.46
CA THR A 51 34.76 4.62 -23.42
C THR A 51 35.02 6.03 -23.91
N GLN A 52 35.99 6.69 -23.29
CA GLN A 52 36.39 8.04 -23.70
C GLN A 52 37.70 8.42 -23.02
N LEU A 53 38.40 9.37 -23.61
CA LEU A 53 39.54 10.02 -22.95
C LEU A 53 39.46 11.52 -23.22
N ASN A 54 39.57 12.31 -22.15
CA ASN A 54 39.57 13.79 -22.26
C ASN A 54 38.30 14.40 -22.85
N ARG A 55 37.20 13.66 -22.76
CA ARG A 55 35.93 14.10 -23.29
C ARG A 55 35.25 15.00 -22.27
N LEU A 56 34.61 16.06 -22.73
CA LEU A 56 33.91 16.97 -21.86
C LEU A 56 32.56 16.40 -21.40
N ALA A 57 32.09 16.92 -20.27
CA ALA A 57 30.81 16.54 -19.70
C ALA A 57 29.67 16.80 -20.69
N ALA A 58 28.64 15.97 -20.65
CA ALA A 58 27.47 16.17 -21.52
C ALA A 58 26.54 17.25 -20.93
N HIS A 59 25.70 17.84 -21.79
CA HIS A 59 24.88 19.00 -21.44
C HIS A 59 23.82 19.22 -22.52
N PRO A 60 22.81 20.05 -22.22
CA PRO A 60 21.83 20.43 -23.23
C PRO A 60 22.45 21.28 -24.34
N PRO A 61 21.77 21.40 -25.49
CA PRO A 61 22.29 22.14 -26.64
C PRO A 61 22.76 23.56 -26.28
N PHE A 62 24.01 23.87 -26.61
CA PHE A 62 24.58 25.21 -26.34
C PHE A 62 24.82 25.97 -27.64
N ALA A 63 24.76 27.30 -27.56
CA ALA A 63 25.07 28.16 -28.69
C ALA A 63 25.98 29.31 -28.28
N SER A 64 26.03 29.58 -26.98
CA SER A 64 26.81 30.68 -26.40
C SER A 64 26.56 32.02 -27.11
N TRP A 65 25.29 32.42 -27.16
CA TRP A 65 24.94 33.72 -27.68
C TRP A 65 25.55 34.78 -26.76
N ARG A 66 26.03 35.87 -27.37
CA ARG A 66 26.54 36.99 -26.60
C ARG A 66 25.60 38.16 -26.75
N ASN A 67 24.39 37.86 -27.20
CA ASN A 67 23.31 38.82 -27.28
C ASN A 67 22.02 38.11 -26.88
N SER A 68 21.31 38.69 -25.93
CA SER A 68 20.14 38.05 -25.34
C SER A 68 18.97 37.97 -26.30
N GLU A 69 18.82 38.98 -27.15
CA GLU A 69 17.76 38.98 -28.15
C GLU A 69 17.95 37.88 -29.18
N GLU A 70 19.20 37.63 -29.59
CA GLU A 70 19.51 36.53 -30.50
C GLU A 70 19.12 35.16 -29.91
N ALA A 71 19.42 34.98 -28.62
CA ALA A 71 19.06 33.79 -27.87
C ALA A 71 17.56 33.59 -27.88
N ARG A 72 16.82 34.67 -27.65
CA ARG A 72 15.38 34.62 -27.55
C ARG A 72 14.74 34.15 -28.85
N THR A 73 15.23 34.68 -29.96
CA THR A 73 14.65 34.47 -31.29
C THR A 73 15.20 33.19 -31.91
N ASP A 74 16.20 32.59 -31.24
CA ASP A 74 16.86 31.38 -31.73
C ASP A 74 17.55 31.59 -33.09
N ARG A 75 18.06 32.79 -33.31
CA ARG A 75 18.81 33.11 -34.53
C ARG A 75 20.23 32.58 -34.42
N PRO A 76 20.93 32.42 -35.56
CA PRO A 76 22.25 31.78 -35.52
C PRO A 76 23.21 32.49 -34.59
N SER A 77 24.15 31.73 -34.04
CA SER A 77 25.10 32.28 -33.10
C SER A 77 26.46 32.34 -33.76
N GLN A 78 27.13 33.48 -33.63
CA GLN A 78 28.48 33.62 -34.18
C GLN A 78 29.48 32.73 -33.41
N GLN A 79 29.09 32.30 -32.22
CA GLN A 79 29.97 31.49 -31.37
C GLN A 79 29.83 29.99 -31.60
N LEU A 80 28.90 29.60 -32.48
CA LEU A 80 28.72 28.20 -32.89
C LEU A 80 28.88 28.04 -34.41
N ARG A 81 30.02 27.49 -34.83
CA ARG A 81 30.40 27.36 -36.23
C ARG A 81 30.23 25.91 -36.69
N SER A 82 29.71 25.71 -37.89
CA SER A 82 29.65 24.38 -38.49
C SER A 82 30.94 24.08 -39.24
N LEU A 83 31.43 22.86 -39.08
CA LEU A 83 32.61 22.41 -39.79
C LEU A 83 32.23 21.35 -40.84
N ASN A 84 30.93 21.22 -41.09
CA ASN A 84 30.43 20.33 -42.14
C ASN A 84 30.83 20.87 -43.51
N GLY A 85 31.00 19.95 -44.45
CA GLY A 85 31.34 20.28 -45.82
C GLY A 85 32.40 19.32 -46.30
N GLU A 86 33.36 19.85 -47.06
CA GLU A 86 34.39 19.01 -47.69
C GLU A 86 35.54 18.72 -46.76
N TRP A 87 35.73 17.44 -46.47
CA TRP A 87 36.81 16.95 -45.64
C TRP A 87 37.71 16.09 -46.52
N ARG A 88 38.85 15.67 -45.99
CA ARG A 88 39.72 14.73 -46.69
C ARG A 88 39.61 13.36 -46.02
N PHE A 89 39.61 12.31 -46.85
CA PHE A 89 39.32 10.97 -46.37
C PHE A 89 40.14 9.88 -47.06
N ALA A 90 40.61 8.92 -46.27
CA ALA A 90 41.33 7.78 -46.79
C ALA A 90 40.97 6.57 -45.95
N TRP A 91 40.75 5.45 -46.63
CA TRP A 91 40.33 4.20 -45.99
C TRP A 91 41.52 3.31 -45.71
N PHE A 92 41.45 2.54 -44.62
CA PHE A 92 42.49 1.59 -44.26
C PHE A 92 41.89 0.29 -43.72
N PRO A 93 42.55 -0.85 -43.97
CA PRO A 93 42.02 -2.14 -43.51
C PRO A 93 42.10 -2.37 -42.00
N ALA A 94 42.94 -1.58 -41.32
CA ALA A 94 43.20 -1.70 -39.89
C ALA A 94 43.90 -0.43 -39.41
N PRO A 95 43.82 -0.12 -38.10
CA PRO A 95 44.55 1.04 -37.55
C PRO A 95 46.08 0.92 -37.66
N GLU A 96 46.59 -0.31 -37.64
CA GLU A 96 48.03 -0.58 -37.79
C GLU A 96 48.57 -0.19 -39.19
N ALA A 97 47.66 0.05 -40.15
CA ALA A 97 48.03 0.40 -41.53
C ALA A 97 48.03 1.90 -41.78
N VAL A 98 47.61 2.68 -40.79
CA VAL A 98 47.57 4.14 -40.92
C VAL A 98 48.99 4.69 -40.73
N PRO A 99 49.50 5.42 -41.74
CA PRO A 99 50.86 5.95 -41.61
C PRO A 99 50.92 7.16 -40.70
N GLU A 100 52.02 7.27 -39.94
CA GLU A 100 52.25 8.37 -38.99
C GLU A 100 52.22 9.75 -39.64
N SER A 101 52.65 9.84 -40.90
CA SER A 101 52.68 11.11 -41.62
C SER A 101 51.32 11.79 -41.67
N TRP A 102 50.26 10.97 -41.68
CA TRP A 102 48.89 11.45 -41.76
C TRP A 102 48.49 12.35 -40.58
N LEU A 103 49.12 12.15 -39.42
CA LEU A 103 48.91 13.03 -38.25
C LEU A 103 49.32 14.49 -38.51
N GLU A 104 50.29 14.70 -39.41
CA GLU A 104 50.80 16.06 -39.69
C GLU A 104 50.49 16.58 -41.10
N CYS A 105 50.59 15.70 -42.10
CA CYS A 105 50.34 16.07 -43.49
C CYS A 105 49.19 15.31 -44.10
N ASP A 106 48.43 15.99 -44.94
CA ASP A 106 47.46 15.35 -45.81
C ASP A 106 48.10 14.22 -46.59
N LEU A 107 47.39 13.09 -46.70
CA LEU A 107 47.82 12.01 -47.57
C LEU A 107 47.45 12.35 -49.01
N PRO A 108 48.41 12.20 -49.96
CA PRO A 108 48.14 12.37 -51.39
C PRO A 108 47.13 11.38 -51.96
N GLU A 109 47.09 10.16 -51.44
CA GLU A 109 46.14 9.14 -51.92
C GLU A 109 44.69 9.35 -51.42
N ALA A 110 44.49 10.35 -50.57
CA ALA A 110 43.19 10.61 -49.94
C ALA A 110 42.28 11.37 -50.88
N ASP A 111 40.97 11.21 -50.71
CA ASP A 111 39.99 11.91 -51.55
C ASP A 111 39.30 13.03 -50.78
N THR A 112 38.58 13.89 -51.49
CA THR A 112 37.81 14.94 -50.86
C THR A 112 36.35 14.48 -50.81
N VAL A 113 35.81 14.41 -49.61
CA VAL A 113 34.45 13.89 -49.40
C VAL A 113 33.60 14.84 -48.55
N VAL A 114 32.28 14.74 -48.70
CA VAL A 114 31.36 15.50 -47.85
C VAL A 114 31.28 14.87 -46.45
N VAL A 115 31.24 15.72 -45.43
CA VAL A 115 31.01 15.29 -44.06
C VAL A 115 29.86 16.18 -43.55
N PRO A 116 28.87 15.60 -42.84
CA PRO A 116 28.76 14.19 -42.44
C PRO A 116 28.39 13.23 -43.57
N SER A 117 28.89 12.01 -43.44
CA SER A 117 28.62 10.92 -44.36
C SER A 117 28.98 9.62 -43.66
N ASN A 118 28.41 8.51 -44.13
CA ASN A 118 28.89 7.17 -43.81
C ASN A 118 29.79 6.74 -44.96
N TRP A 119 30.96 6.20 -44.65
CA TRP A 119 31.91 5.90 -45.73
C TRP A 119 31.48 4.77 -46.66
N GLN A 120 30.60 3.88 -46.19
CA GLN A 120 29.96 2.91 -47.07
C GLN A 120 29.17 3.56 -48.19
N MET A 121 28.56 4.71 -47.93
CA MET A 121 27.72 5.38 -48.95
C MET A 121 28.56 6.02 -50.07
N HIS A 122 29.86 6.17 -49.83
CA HIS A 122 30.78 6.68 -50.82
C HIS A 122 31.52 5.53 -51.54
N GLY A 123 31.25 4.31 -51.11
CA GLY A 123 31.70 3.11 -51.79
C GLY A 123 33.00 2.51 -51.30
N TYR A 124 33.52 3.02 -50.19
CA TYR A 124 34.83 2.58 -49.67
C TYR A 124 34.87 1.17 -49.12
N ASP A 125 33.76 0.77 -48.50
CA ASP A 125 33.51 -0.64 -48.18
C ASP A 125 32.01 -0.89 -48.14
N ALA A 126 31.62 -2.14 -47.87
CA ALA A 126 30.22 -2.54 -47.99
C ALA A 126 29.43 -2.31 -46.70
N PRO A 127 28.23 -1.73 -46.80
CA PRO A 127 27.35 -1.77 -45.64
C PRO A 127 26.92 -3.22 -45.40
N ILE A 128 26.72 -3.60 -44.14
CA ILE A 128 26.28 -4.97 -43.82
C ILE A 128 24.87 -4.95 -43.23
N TYR A 129 23.96 -5.74 -43.79
CA TYR A 129 22.69 -5.90 -43.11
C TYR A 129 22.56 -7.24 -42.39
N THR A 130 22.70 -7.18 -41.06
CA THR A 130 22.41 -8.33 -40.20
C THR A 130 21.44 -7.84 -39.13
N ASN A 131 20.60 -8.76 -38.66
CA ASN A 131 19.56 -8.50 -37.65
C ASN A 131 20.05 -8.78 -36.23
N VAL A 132 20.07 -10.06 -35.85
CA VAL A 132 20.46 -10.45 -34.49
C VAL A 132 21.94 -10.80 -34.42
N THR A 133 22.38 -11.69 -35.30
CA THR A 133 23.76 -12.14 -35.32
C THR A 133 24.69 -10.96 -35.50
N TYR A 134 25.65 -10.82 -34.59
CA TYR A 134 26.62 -9.75 -34.65
C TYR A 134 27.39 -9.78 -35.96
N PRO A 135 27.76 -8.62 -36.49
CA PRO A 135 28.54 -8.59 -37.72
C PRO A 135 30.00 -9.00 -37.49
N ILE A 136 30.38 -9.21 -36.22
CA ILE A 136 31.71 -9.62 -35.82
C ILE A 136 31.60 -10.86 -34.93
N THR A 137 32.67 -11.65 -34.86
CA THR A 137 32.72 -12.81 -33.98
C THR A 137 32.46 -12.37 -32.54
N VAL A 138 31.62 -13.10 -31.84
CA VAL A 138 31.24 -12.74 -30.48
C VAL A 138 32.32 -13.18 -29.49
N ASN A 139 33.16 -12.23 -29.10
CA ASN A 139 34.32 -12.51 -28.27
C ASN A 139 34.65 -11.27 -27.43
N PRO A 140 33.69 -10.80 -26.61
CA PRO A 140 33.87 -9.52 -25.92
C PRO A 140 35.10 -9.53 -25.02
N PRO A 141 35.85 -8.41 -24.98
CA PRO A 141 35.61 -7.13 -25.66
C PRO A 141 36.33 -6.96 -27.02
N PHE A 142 36.79 -8.06 -27.59
CA PHE A 142 37.64 -8.03 -28.78
C PHE A 142 36.89 -7.88 -30.09
N VAL A 143 37.50 -7.14 -31.02
CA VAL A 143 36.97 -6.96 -32.37
C VAL A 143 37.95 -7.57 -33.37
N PRO A 144 37.56 -7.67 -34.66
CA PRO A 144 38.49 -8.30 -35.62
C PRO A 144 39.76 -7.49 -35.82
N THR A 145 40.88 -8.17 -36.02
CA THR A 145 42.15 -7.48 -36.31
C THR A 145 42.02 -6.69 -37.62
N GLU A 146 41.26 -7.22 -38.58
CA GLU A 146 40.89 -6.51 -39.79
C GLU A 146 39.70 -5.58 -39.51
N ASN A 147 40.01 -4.35 -39.12
CA ASN A 147 39.03 -3.39 -38.63
C ASN A 147 39.05 -2.14 -39.53
N PRO A 148 38.09 -2.03 -40.46
CA PRO A 148 38.06 -0.88 -41.39
C PRO A 148 38.18 0.46 -40.67
N THR A 149 39.16 1.25 -41.09
CA THR A 149 39.55 2.48 -40.41
C THR A 149 39.36 3.66 -41.36
N GLY A 150 38.60 4.65 -40.94
CA GLY A 150 38.39 5.85 -41.73
C GLY A 150 39.23 7.00 -41.21
N CYS A 151 40.15 7.48 -42.06
CA CYS A 151 40.99 8.63 -41.72
C CYS A 151 40.44 9.92 -42.32
N TYR A 152 39.80 10.70 -41.46
CA TYR A 152 39.23 11.97 -41.83
C TYR A 152 40.20 13.07 -41.42
N SER A 153 40.23 14.15 -42.18
CA SER A 153 41.06 15.29 -41.83
C SER A 153 40.50 16.56 -42.42
N LEU A 154 40.65 17.66 -41.69
CA LEU A 154 40.19 18.96 -42.12
C LEU A 154 41.25 20.02 -41.83
N THR A 155 41.58 20.80 -42.86
CA THR A 155 42.34 22.03 -42.70
C THR A 155 41.31 23.14 -42.62
N PHE A 156 41.38 23.96 -41.58
CA PHE A 156 40.37 25.00 -41.35
C PHE A 156 40.97 26.22 -40.67
N ASN A 157 40.26 27.34 -40.73
CA ASN A 157 40.71 28.58 -40.14
C ASN A 157 40.09 28.86 -38.76
N VAL A 158 40.93 29.31 -37.82
CA VAL A 158 40.45 29.82 -36.55
C VAL A 158 40.84 31.30 -36.37
N ASP A 159 39.84 32.11 -36.07
CA ASP A 159 40.02 33.53 -35.85
C ASP A 159 40.82 33.80 -34.57
N GLU A 160 41.66 34.84 -34.59
CA GLU A 160 42.47 35.23 -33.42
C GLU A 160 41.59 35.56 -32.20
N SER A 161 40.44 36.18 -32.45
CA SER A 161 39.49 36.55 -31.41
C SER A 161 39.08 35.37 -30.53
N TRP A 162 39.05 34.17 -31.13
CA TRP A 162 38.64 32.96 -30.44
C TRP A 162 39.68 32.43 -29.45
N LEU A 163 40.95 32.75 -29.70
CA LEU A 163 42.04 32.18 -28.91
C LEU A 163 42.59 33.16 -27.88
N GLN A 164 42.22 34.43 -28.00
CA GLN A 164 42.68 35.47 -27.09
C GLN A 164 42.05 35.30 -25.73
N GLU A 165 40.76 34.95 -25.75
CA GLU A 165 39.98 34.69 -24.53
C GLU A 165 39.09 33.47 -24.68
N GLY A 166 38.54 33.00 -23.56
CA GLY A 166 37.53 31.96 -23.55
C GLY A 166 37.99 30.59 -23.98
N GLN A 167 37.02 29.74 -24.29
CA GLN A 167 37.25 28.31 -24.54
C GLN A 167 36.71 27.92 -25.92
N THR A 168 37.54 27.28 -26.71
CA THR A 168 37.13 26.74 -28.01
C THR A 168 37.06 25.22 -27.98
N ARG A 169 35.85 24.68 -28.16
CA ARG A 169 35.65 23.24 -28.18
C ARG A 169 35.15 22.76 -29.54
N ILE A 170 35.47 21.51 -29.87
CA ILE A 170 34.93 20.86 -31.04
C ILE A 170 33.85 19.87 -30.63
N ILE A 171 32.75 19.85 -31.36
CA ILE A 171 31.65 18.92 -31.10
C ILE A 171 31.43 17.99 -32.29
N PHE A 172 31.53 16.69 -32.04
CA PHE A 172 31.15 15.64 -33.01
C PHE A 172 29.82 15.02 -32.57
N ASP A 173 28.72 15.33 -33.26
CA ASP A 173 27.41 14.83 -32.88
C ASP A 173 27.25 13.32 -33.04
N GLY A 174 27.96 12.75 -34.00
CA GLY A 174 27.86 11.33 -34.29
C GLY A 174 29.04 10.75 -35.05
N VAL A 175 29.75 9.83 -34.37
CA VAL A 175 30.87 9.11 -34.95
C VAL A 175 30.72 7.63 -34.65
N ASN A 176 30.73 6.82 -35.69
CA ASN A 176 30.39 5.40 -35.62
C ASN A 176 31.62 4.55 -36.01
N SER A 177 32.18 3.76 -35.09
CA SER A 177 31.68 3.55 -33.71
C SER A 177 32.63 3.99 -32.59
N ALA A 178 33.88 4.28 -32.93
CA ALA A 178 34.88 4.77 -31.98
C ALA A 178 35.90 5.63 -32.72
N PHE A 179 36.54 6.56 -32.03
CA PHE A 179 37.52 7.42 -32.71
C PHE A 179 38.57 8.03 -31.80
N HIS A 180 39.76 8.26 -32.38
CA HIS A 180 40.80 9.07 -31.77
C HIS A 180 40.87 10.38 -32.51
N LEU A 181 41.14 11.46 -31.77
CA LEU A 181 41.21 12.80 -32.36
C LEU A 181 42.58 13.44 -32.13
N TRP A 182 43.13 14.02 -33.20
CA TRP A 182 44.35 14.81 -33.14
C TRP A 182 44.07 16.18 -33.72
N CYS A 183 44.67 17.19 -33.09
CA CYS A 183 44.64 18.56 -33.59
C CYS A 183 46.07 19.08 -33.78
N ASN A 184 46.36 19.57 -34.98
CA ASN A 184 47.73 20.00 -35.37
C ASN A 184 48.80 18.99 -34.94
N GLY A 185 48.51 17.70 -35.16
CA GLY A 185 49.48 16.65 -34.90
C GLY A 185 49.58 16.20 -33.46
N ARG A 186 48.90 16.89 -32.56
CA ARG A 186 48.88 16.52 -31.14
C ARG A 186 47.58 15.77 -30.78
N TRP A 187 47.74 14.63 -30.13
CA TRP A 187 46.60 13.83 -29.64
C TRP A 187 45.75 14.60 -28.66
N VAL A 188 44.44 14.52 -28.84
CA VAL A 188 43.49 15.26 -28.00
C VAL A 188 42.70 14.29 -27.12
N GLY A 189 42.09 13.31 -27.76
CA GLY A 189 41.20 12.40 -27.04
C GLY A 189 40.59 11.29 -27.85
N TYR A 190 39.57 10.68 -27.26
CA TYR A 190 38.98 9.43 -27.73
C TYR A 190 37.53 9.40 -27.29
N GLY A 191 36.70 8.69 -28.05
CA GLY A 191 35.29 8.57 -27.70
C GLY A 191 34.60 7.37 -28.31
N GLN A 192 33.61 6.86 -27.58
CA GLN A 192 32.74 5.81 -28.07
C GLN A 192 31.29 6.25 -27.91
N ASP A 193 30.35 5.39 -28.33
CA ASP A 193 28.92 5.68 -28.44
C ASP A 193 28.60 6.48 -29.71
N SER A 194 28.10 5.75 -30.70
CA SER A 194 27.84 6.29 -32.03
C SER A 194 26.75 7.35 -32.11
N ARG A 195 25.95 7.50 -31.07
CA ARG A 195 24.69 8.25 -31.19
C ARG A 195 24.52 9.45 -30.26
N LEU A 196 25.60 9.81 -29.58
CA LEU A 196 25.63 11.01 -28.74
C LEU A 196 26.88 11.84 -29.04
N PRO A 197 26.82 13.16 -28.79
CA PRO A 197 27.93 14.04 -29.14
C PRO A 197 29.16 13.84 -28.26
N SER A 198 30.33 13.85 -28.89
CA SER A 198 31.60 13.87 -28.17
C SER A 198 32.25 15.24 -28.34
N GLU A 199 32.63 15.84 -27.21
CA GLU A 199 33.16 17.19 -27.18
C GLU A 199 34.54 17.27 -26.55
N PHE A 200 35.43 18.02 -27.21
CA PHE A 200 36.80 18.15 -26.73
C PHE A 200 37.24 19.61 -26.72
N ASP A 201 37.92 20.00 -25.64
CA ASP A 201 38.49 21.34 -25.50
C ASP A 201 39.75 21.48 -26.34
N LEU A 202 39.72 22.38 -27.31
CA LEU A 202 40.87 22.54 -28.22
C LEU A 202 41.67 23.81 -27.98
N SER A 203 41.31 24.58 -26.95
CA SER A 203 41.92 25.88 -26.65
C SER A 203 43.45 25.88 -26.68
N ALA A 204 44.05 24.84 -26.12
CA ALA A 204 45.51 24.72 -26.04
C ALA A 204 46.14 24.03 -27.24
N PHE A 205 45.33 23.66 -28.23
CA PHE A 205 45.82 22.93 -29.42
C PHE A 205 45.79 23.81 -30.66
N LEU A 206 44.91 24.80 -30.66
CA LEU A 206 44.69 25.63 -31.83
C LEU A 206 45.65 26.80 -31.92
N ARG A 207 45.96 27.20 -33.14
CA ARG A 207 46.75 28.39 -33.43
C ARG A 207 45.95 29.29 -34.36
N ALA A 208 46.29 30.58 -34.39
CA ALA A 208 45.62 31.54 -35.26
C ALA A 208 45.87 31.20 -36.73
N GLY A 209 44.84 31.35 -37.54
CA GLY A 209 44.92 31.03 -38.95
C GLY A 209 44.61 29.59 -39.27
N GLU A 210 45.60 28.89 -39.81
CA GLU A 210 45.39 27.57 -40.40
C GLU A 210 45.64 26.41 -39.41
N ASN A 211 44.60 25.59 -39.23
CA ASN A 211 44.67 24.41 -38.35
C ASN A 211 44.29 23.14 -39.09
N ARG A 212 44.73 21.99 -38.59
CA ARG A 212 44.37 20.70 -39.17
C ARG A 212 43.87 19.68 -38.13
N LEU A 213 42.67 19.17 -38.34
CA LEU A 213 42.15 18.05 -37.55
C LEU A 213 42.45 16.71 -38.21
N ALA A 214 42.75 15.71 -37.41
CA ALA A 214 42.90 14.34 -37.90
C ALA A 214 42.11 13.39 -36.99
N VAL A 215 41.11 12.73 -37.59
CA VAL A 215 40.19 11.86 -36.86
C VAL A 215 40.34 10.44 -37.38
N MET A 216 40.71 9.52 -36.49
CA MET A 216 40.79 8.13 -36.87
C MET A 216 39.57 7.39 -36.32
N VAL A 217 38.64 7.05 -37.21
CA VAL A 217 37.39 6.39 -36.85
C VAL A 217 37.49 4.90 -37.08
N LEU A 218 37.23 4.12 -36.03
CA LEU A 218 37.18 2.67 -36.13
C LEU A 218 35.76 2.18 -36.34
N ARG A 219 35.59 1.30 -37.33
CA ARG A 219 34.31 0.68 -37.60
C ARG A 219 33.86 -0.18 -36.40
N TRP A 220 34.76 -1.04 -35.91
CA TRP A 220 34.46 -1.89 -34.78
C TRP A 220 35.22 -1.51 -33.50
N SER A 221 34.53 -1.56 -32.37
CA SER A 221 35.11 -1.35 -31.06
C SER A 221 34.30 -2.17 -30.06
N ASP A 222 34.73 -2.20 -28.79
CA ASP A 222 33.94 -2.78 -27.73
C ASP A 222 32.55 -2.12 -27.62
N GLY A 223 32.43 -0.88 -28.11
CA GLY A 223 31.14 -0.19 -28.21
C GLY A 223 30.13 -0.90 -29.09
N SER A 224 30.63 -1.60 -30.12
CA SER A 224 29.81 -2.38 -31.05
C SER A 224 29.00 -3.50 -30.39
N TYR A 225 29.47 -3.99 -29.24
CA TYR A 225 28.73 -5.02 -28.49
C TYR A 225 27.42 -4.48 -27.93
N LEU A 226 27.35 -3.16 -27.78
CA LEU A 226 26.11 -2.53 -27.31
C LEU A 226 25.36 -1.85 -28.46
N GLU A 227 25.75 -2.15 -29.69
CA GLU A 227 25.11 -1.50 -30.86
C GLU A 227 24.67 -2.54 -31.88
N ASP A 228 23.95 -3.54 -31.39
CA ASP A 228 23.51 -4.65 -32.24
C ASP A 228 22.05 -4.52 -32.70
N GLN A 229 21.64 -3.28 -32.97
CA GLN A 229 20.30 -2.99 -33.47
C GLN A 229 20.11 -3.60 -34.86
N ASP A 230 18.89 -4.08 -35.12
CA ASP A 230 18.51 -4.59 -36.44
C ASP A 230 18.41 -3.48 -37.49
N MET A 231 19.53 -3.25 -38.18
CA MET A 231 19.66 -2.16 -39.14
C MET A 231 20.97 -2.30 -39.90
N TRP A 232 21.16 -1.48 -40.94
CA TRP A 232 22.41 -1.49 -41.71
C TRP A 232 23.60 -1.15 -40.80
N ARG A 233 24.67 -1.94 -40.88
CA ARG A 233 25.86 -1.67 -40.08
C ARG A 233 26.79 -0.79 -40.92
N MET A 234 26.95 0.46 -40.46
CA MET A 234 27.77 1.44 -41.17
C MET A 234 28.79 2.06 -40.21
N SER A 235 29.59 3.00 -40.71
CA SER A 235 30.58 3.71 -39.89
C SER A 235 30.87 5.05 -40.53
N GLY A 236 31.52 5.93 -39.79
CA GLY A 236 31.94 7.23 -40.29
C GLY A 236 31.55 8.40 -39.39
N ILE A 237 31.92 9.60 -39.81
CA ILE A 237 31.47 10.82 -39.13
C ILE A 237 30.15 11.25 -39.77
N PHE A 238 29.05 10.71 -39.23
CA PHE A 238 27.73 10.76 -39.87
C PHE A 238 26.75 11.80 -39.31
N ARG A 239 27.16 12.51 -38.27
CA ARG A 239 26.39 13.66 -37.82
C ARG A 239 27.28 14.90 -37.83
N ASP A 240 26.67 16.05 -37.56
CA ASP A 240 27.33 17.34 -37.61
C ASP A 240 28.60 17.43 -36.78
N VAL A 241 29.58 18.16 -37.32
CA VAL A 241 30.78 18.60 -36.59
C VAL A 241 30.73 20.12 -36.42
N SER A 242 31.13 20.61 -35.24
CA SER A 242 31.09 22.06 -35.01
C SER A 242 32.10 22.57 -33.99
N LEU A 243 32.29 23.88 -34.02
CA LEU A 243 33.17 24.56 -33.10
C LEU A 243 32.35 25.51 -32.27
N LEU A 244 32.52 25.42 -30.96
CA LEU A 244 31.77 26.26 -30.06
C LEU A 244 32.72 27.06 -29.20
N HIS A 245 32.45 28.36 -29.09
CA HIS A 245 33.23 29.21 -28.23
C HIS A 245 32.43 29.61 -27.01
N LYS A 246 32.92 29.23 -25.84
CA LYS A 246 32.32 29.57 -24.55
C LYS A 246 33.28 30.45 -23.77
N PRO A 247 32.77 31.43 -23.01
CA PRO A 247 33.67 32.23 -22.17
C PRO A 247 34.27 31.37 -21.08
N THR A 248 35.35 31.84 -20.47
CA THR A 248 35.97 31.20 -19.31
C THR A 248 34.98 31.03 -18.16
N THR A 249 34.19 32.07 -17.86
CA THR A 249 33.12 31.96 -16.88
C THR A 249 31.86 31.67 -17.67
N GLN A 250 31.27 30.49 -17.45
CA GLN A 250 30.28 29.98 -18.40
C GLN A 250 29.13 29.21 -17.76
N ILE A 251 27.98 29.22 -18.43
CA ILE A 251 26.91 28.28 -18.13
C ILE A 251 27.35 26.90 -18.60
N SER A 252 27.57 26.01 -17.63
CA SER A 252 28.03 24.64 -17.91
C SER A 252 26.90 23.61 -17.98
N ASP A 253 25.74 23.96 -17.39
CA ASP A 253 24.55 23.08 -17.42
C ASP A 253 23.33 23.88 -16.98
N PHE A 254 22.16 23.48 -17.46
CA PHE A 254 20.90 24.05 -16.99
C PHE A 254 19.73 23.09 -17.23
N HIS A 255 18.82 23.00 -16.24
CA HIS A 255 17.66 22.10 -16.26
C HIS A 255 16.37 22.88 -16.08
N VAL A 256 15.36 22.58 -16.88
CA VAL A 256 14.07 23.24 -16.74
C VAL A 256 13.01 22.22 -16.31
N ALA A 257 12.24 22.59 -15.30
CA ALA A 257 11.14 21.75 -14.82
C ALA A 257 9.90 22.61 -14.77
N THR A 258 8.74 22.01 -14.97
CA THR A 258 7.47 22.71 -14.78
C THR A 258 6.53 21.85 -13.96
N ARG A 259 6.11 22.39 -12.81
CA ARG A 259 5.11 21.72 -11.98
C ARG A 259 3.83 22.56 -11.82
N PHE A 260 2.72 21.90 -11.50
CA PHE A 260 1.41 22.52 -11.59
C PHE A 260 0.53 22.29 -10.36
N ASN A 261 -0.47 23.14 -10.19
CA ASN A 261 -1.53 22.86 -9.24
C ASN A 261 -2.51 21.84 -9.86
N ASP A 262 -3.57 21.51 -9.13
CA ASP A 262 -4.44 20.39 -9.48
C ASP A 262 -5.20 20.51 -10.82
N ASP A 263 -5.53 21.73 -11.22
CA ASP A 263 -6.28 21.91 -12.45
C ASP A 263 -5.47 22.65 -13.52
N PHE A 264 -4.17 22.74 -13.30
CA PHE A 264 -3.22 23.30 -14.27
C PHE A 264 -3.41 24.78 -14.57
N SER A 265 -4.06 25.50 -13.65
CA SER A 265 -4.28 26.94 -13.80
C SER A 265 -3.10 27.76 -13.27
N ARG A 266 -2.17 27.09 -12.61
CA ARG A 266 -0.94 27.72 -12.11
C ARG A 266 0.25 26.78 -12.28
N ALA A 267 1.36 27.33 -12.75
CA ALA A 267 2.58 26.55 -12.86
C ALA A 267 3.73 27.27 -12.18
N VAL A 268 4.80 26.52 -11.87
CA VAL A 268 6.04 27.11 -11.44
C VAL A 268 7.12 26.57 -12.36
N LEU A 269 7.81 27.47 -13.05
CA LEU A 269 8.98 27.08 -13.80
C LEU A 269 10.21 27.14 -12.87
N GLU A 270 10.92 26.02 -12.80
CA GLU A 270 12.10 25.90 -11.97
C GLU A 270 13.33 25.60 -12.83
N ALA A 271 14.26 26.56 -12.90
CA ALA A 271 15.47 26.41 -13.71
C ALA A 271 16.72 26.35 -12.84
N GLU A 272 17.41 25.21 -12.89
CA GLU A 272 18.65 25.07 -12.18
C GLU A 272 19.78 25.32 -13.15
N VAL A 273 20.69 26.23 -12.78
CA VAL A 273 21.77 26.67 -13.65
C VAL A 273 23.11 26.44 -12.97
N GLN A 274 24.03 25.83 -13.70
CA GLN A 274 25.34 25.53 -13.19
C GLN A 274 26.37 26.33 -13.98
N MET A 275 27.37 26.84 -13.27
CA MET A 275 28.46 27.57 -13.89
C MET A 275 29.79 26.85 -13.77
N CYS A 276 30.72 27.18 -14.67
CA CYS A 276 32.14 26.89 -14.49
C CYS A 276 32.95 28.19 -14.49
N GLY A 277 34.12 28.15 -13.88
CA GLY A 277 34.97 29.32 -13.80
C GLY A 277 35.02 29.83 -12.38
N GLU A 278 35.62 31.01 -12.22
CA GLU A 278 35.87 31.54 -10.89
C GLU A 278 34.58 32.10 -10.31
N LEU A 279 34.29 31.72 -9.07
CA LEU A 279 33.11 32.21 -8.35
C LEU A 279 33.32 33.65 -7.91
N ARG A 280 32.33 34.49 -8.18
CA ARG A 280 32.37 35.90 -7.85
C ARG A 280 31.01 36.42 -7.37
N ASP A 281 31.04 37.25 -6.32
CA ASP A 281 29.82 37.77 -5.69
C ASP A 281 28.95 38.58 -6.65
N TYR A 282 29.57 39.23 -7.63
CA TYR A 282 28.86 40.06 -8.60
C TYR A 282 28.11 39.24 -9.67
N LEU A 283 28.35 37.93 -9.71
CA LEU A 283 27.75 37.05 -10.73
C LEU A 283 26.26 36.81 -10.48
N ARG A 284 25.49 36.80 -11.55
CA ARG A 284 24.04 36.59 -11.48
C ARG A 284 23.62 35.70 -12.63
N VAL A 285 22.47 35.06 -12.46
CA VAL A 285 21.75 34.44 -13.56
C VAL A 285 20.38 35.07 -13.59
N THR A 286 19.92 35.44 -14.80
CA THR A 286 18.54 35.83 -15.04
C THR A 286 17.91 34.82 -16.00
N VAL A 287 16.77 34.27 -15.59
CA VAL A 287 16.01 33.40 -16.45
C VAL A 287 14.72 34.14 -16.71
N SER A 288 14.46 34.39 -17.98
CA SER A 288 13.22 35.06 -18.37
C SER A 288 12.41 34.18 -19.31
N LEU A 289 11.08 34.26 -19.17
CA LEU A 289 10.18 33.42 -19.92
C LEU A 289 9.38 34.24 -20.94
N TRP A 290 9.46 33.82 -22.20
CA TRP A 290 8.84 34.55 -23.31
C TRP A 290 7.75 33.76 -24.05
N GLN A 291 6.60 34.39 -24.21
CA GLN A 291 5.53 33.89 -25.06
C GLN A 291 5.48 34.81 -26.27
N GLY A 292 6.08 34.37 -27.37
CA GLY A 292 6.25 35.23 -28.55
C GLY A 292 7.19 36.38 -28.24
N GLU A 293 6.69 37.60 -28.35
CA GLU A 293 7.47 38.79 -28.03
C GLU A 293 7.10 39.41 -26.67
N THR A 294 6.26 38.70 -25.91
CA THR A 294 5.82 39.12 -24.58
C THR A 294 6.63 38.35 -23.51
N GLN A 295 7.26 39.09 -22.59
CA GLN A 295 7.91 38.46 -21.43
C GLN A 295 6.83 38.21 -20.38
N VAL A 296 6.68 36.96 -19.96
CA VAL A 296 5.62 36.65 -19.01
C VAL A 296 6.18 36.55 -17.60
N ALA A 297 7.45 36.20 -17.49
CA ALA A 297 8.08 35.98 -16.18
C ALA A 297 9.59 36.17 -16.23
N SER A 298 10.14 36.55 -15.08
CA SER A 298 11.57 36.77 -14.96
C SER A 298 12.02 36.61 -13.52
N GLY A 299 13.24 36.13 -13.34
CA GLY A 299 13.87 36.02 -12.04
C GLY A 299 15.36 36.10 -12.20
N THR A 300 15.99 36.75 -11.21
CA THR A 300 17.44 36.98 -11.15
C THR A 300 17.91 36.62 -9.74
N ALA A 301 19.06 35.97 -9.63
CA ALA A 301 19.62 35.58 -8.34
C ALA A 301 21.13 35.39 -8.46
N PRO A 302 21.86 35.60 -7.34
CA PRO A 302 23.29 35.27 -7.35
C PRO A 302 23.49 33.76 -7.24
N PHE A 303 24.70 33.29 -7.50
CA PHE A 303 25.02 31.88 -7.33
C PHE A 303 25.09 31.50 -5.85
N GLY A 304 24.91 30.21 -5.59
CA GLY A 304 24.90 29.67 -4.23
C GLY A 304 23.56 29.03 -3.94
N GLY A 305 23.47 27.72 -4.13
CA GLY A 305 22.24 27.00 -3.84
C GLY A 305 21.97 26.77 -2.36
N GLU A 306 20.76 26.31 -2.04
CA GLU A 306 20.39 25.90 -0.68
C GLU A 306 21.40 24.87 -0.12
N ILE A 307 21.49 24.82 1.21
CA ILE A 307 22.26 23.80 1.91
C ILE A 307 21.73 22.41 1.56
N ILE A 308 22.65 21.49 1.26
CA ILE A 308 22.34 20.15 0.77
C ILE A 308 22.70 19.09 1.82
N ASP A 309 23.86 19.24 2.43
CA ASP A 309 24.33 18.31 3.47
C ASP A 309 25.25 19.02 4.47
N GLU A 310 25.95 18.24 5.31
CA GLU A 310 26.83 18.76 6.36
C GLU A 310 27.95 19.69 5.83
N ARG A 311 28.28 19.57 4.54
CA ARG A 311 29.37 20.36 3.95
C ARG A 311 28.90 21.62 3.22
N GLY A 312 27.60 21.89 3.28
CA GLY A 312 27.05 23.09 2.65
C GLY A 312 26.20 22.80 1.42
N GLY A 313 26.36 23.65 0.41
CA GLY A 313 25.61 23.56 -0.85
C GLY A 313 26.51 23.75 -2.06
N TYR A 314 25.89 23.82 -3.25
CA TYR A 314 26.62 24.08 -4.48
C TYR A 314 26.79 25.59 -4.64
N ALA A 315 28.01 26.08 -4.42
CA ALA A 315 28.32 27.50 -4.61
C ALA A 315 28.29 27.86 -6.09
N ASP A 316 28.44 26.85 -6.94
CA ASP A 316 28.47 27.04 -8.39
C ASP A 316 27.11 26.80 -9.08
N ARG A 317 26.02 26.78 -8.31
CA ARG A 317 24.68 26.57 -8.87
C ARG A 317 23.68 27.53 -8.28
N VAL A 318 22.62 27.80 -9.04
CA VAL A 318 21.48 28.56 -8.54
C VAL A 318 20.19 28.04 -9.19
N THR A 319 19.07 28.12 -8.46
CA THR A 319 17.77 27.69 -8.95
C THR A 319 16.82 28.87 -8.98
N LEU A 320 16.26 29.17 -10.16
CA LEU A 320 15.30 30.25 -10.33
C LEU A 320 13.90 29.67 -10.39
N ARG A 321 12.98 30.31 -9.67
CA ARG A 321 11.59 29.88 -9.66
C ARG A 321 10.69 30.99 -10.18
N LEU A 322 10.01 30.72 -11.28
CA LEU A 322 9.15 31.71 -11.91
C LEU A 322 7.70 31.26 -11.83
N ASN A 323 6.83 32.14 -11.34
CA ASN A 323 5.42 31.87 -11.30
C ASN A 323 4.77 32.18 -12.63
N VAL A 324 3.95 31.24 -13.12
CA VAL A 324 3.23 31.42 -14.38
C VAL A 324 1.75 31.10 -14.16
N GLU A 325 0.91 32.10 -14.33
CA GLU A 325 -0.53 31.96 -14.19
C GLU A 325 -1.11 31.52 -15.52
N ASN A 326 -2.11 30.61 -15.45
CA ASN A 326 -2.82 30.11 -16.63
C ASN A 326 -1.91 29.77 -17.81
N PRO A 327 -0.91 28.91 -17.58
CA PRO A 327 0.04 28.65 -18.66
C PRO A 327 -0.62 27.95 -19.84
N LYS A 328 -0.14 28.26 -21.04
CA LYS A 328 -0.54 27.56 -22.24
C LYS A 328 0.23 26.25 -22.27
N LEU A 329 -0.52 25.15 -22.21
CA LEU A 329 0.06 23.82 -22.03
C LEU A 329 0.52 23.22 -23.36
N TRP A 330 1.60 22.43 -23.28
CA TRP A 330 2.13 21.73 -24.44
C TRP A 330 1.50 20.35 -24.58
N SER A 331 1.20 19.97 -25.82
CA SER A 331 0.82 18.60 -26.19
C SER A 331 1.06 18.37 -27.68
N ALA A 332 0.85 17.14 -28.14
CA ALA A 332 0.90 16.88 -29.57
C ALA A 332 -0.32 17.49 -30.27
N GLU A 333 -1.43 17.64 -29.56
CA GLU A 333 -2.62 18.26 -30.11
C GLU A 333 -2.42 19.77 -30.35
N ILE A 334 -1.83 20.46 -29.37
CA ILE A 334 -1.47 21.88 -29.48
C ILE A 334 -0.07 22.11 -28.87
N PRO A 335 0.95 22.21 -29.72
CA PRO A 335 2.32 22.29 -29.21
C PRO A 335 2.71 23.69 -28.72
N ASN A 336 1.94 24.24 -27.80
CA ASN A 336 2.25 25.52 -27.17
C ASN A 336 3.64 25.53 -26.57
N LEU A 337 4.47 26.48 -27.02
CA LEU A 337 5.84 26.61 -26.54
C LEU A 337 6.12 28.02 -26.00
N TYR A 338 6.97 28.07 -24.99
CA TYR A 338 7.49 29.33 -24.47
C TYR A 338 8.97 29.30 -24.73
N ARG A 339 9.61 30.46 -24.61
CA ARG A 339 11.04 30.55 -24.75
C ARG A 339 11.67 30.92 -23.40
N ALA A 340 12.60 30.09 -22.94
CA ALA A 340 13.37 30.40 -21.73
C ALA A 340 14.76 30.85 -22.15
N VAL A 341 15.18 32.01 -21.66
CA VAL A 341 16.51 32.54 -21.94
C VAL A 341 17.30 32.58 -20.64
N VAL A 342 18.46 31.94 -20.63
CA VAL A 342 19.27 31.90 -19.44
C VAL A 342 20.45 32.84 -19.64
N GLU A 343 20.42 33.97 -18.96
CA GLU A 343 21.52 34.93 -19.03
C GLU A 343 22.48 34.80 -17.85
N LEU A 344 23.76 34.60 -18.16
CA LEU A 344 24.82 34.69 -17.18
C LEU A 344 25.38 36.10 -17.28
N HIS A 345 25.42 36.82 -16.16
CA HIS A 345 25.82 38.23 -16.20
C HIS A 345 26.34 38.79 -14.87
N THR A 346 26.95 39.97 -14.94
CA THR A 346 27.36 40.71 -13.75
C THR A 346 26.11 41.38 -13.20
N ALA A 347 26.08 41.59 -11.88
CA ALA A 347 24.97 42.28 -11.24
C ALA A 347 24.65 43.62 -11.92
N ASP A 348 25.69 44.36 -12.29
CA ASP A 348 25.53 45.72 -12.79
C ASP A 348 25.11 45.78 -14.26
N GLY A 349 25.03 44.63 -14.92
CA GLY A 349 24.40 44.55 -16.23
C GLY A 349 25.20 44.09 -17.42
N THR A 350 26.39 43.53 -17.20
CA THR A 350 27.15 43.02 -18.34
C THR A 350 26.84 41.55 -18.58
N LEU A 351 26.29 41.27 -19.76
CA LEU A 351 26.04 39.92 -20.20
C LEU A 351 27.34 39.18 -20.53
N ILE A 352 27.53 38.02 -19.90
CA ILE A 352 28.69 37.16 -20.18
C ILE A 352 28.34 36.20 -21.32
N GLU A 353 27.20 35.54 -21.21
CA GLU A 353 26.65 34.75 -22.31
C GLU A 353 25.20 34.40 -22.02
N ALA A 354 24.49 33.97 -23.06
CA ALA A 354 23.13 33.49 -22.89
C ALA A 354 22.98 32.12 -23.53
N GLU A 355 22.24 31.24 -22.85
CA GLU A 355 21.77 30.00 -23.45
C GLU A 355 20.24 30.06 -23.41
N ALA A 356 19.58 29.20 -24.16
CA ALA A 356 18.12 29.23 -24.26
C ALA A 356 17.56 27.89 -24.67
N CYS A 357 16.28 27.68 -24.42
CA CYS A 357 15.58 26.53 -24.97
C CYS A 357 14.09 26.82 -25.12
N ASP A 358 13.42 26.00 -25.93
CA ASP A 358 11.96 25.97 -25.99
C ASP A 358 11.39 25.21 -24.79
N VAL A 359 10.38 25.79 -24.16
CA VAL A 359 9.77 25.20 -22.97
C VAL A 359 8.31 24.89 -23.25
N GLY A 360 7.93 23.63 -23.05
CA GLY A 360 6.55 23.22 -23.15
C GLY A 360 6.03 22.88 -21.79
N PHE A 361 4.97 23.56 -21.37
CA PHE A 361 4.42 23.30 -20.07
C PHE A 361 3.54 22.06 -20.11
N ARG A 362 4.05 20.98 -19.55
CA ARG A 362 3.25 19.77 -19.42
C ARG A 362 3.73 18.86 -18.29
N GLU A 363 2.77 18.09 -17.77
CA GLU A 363 3.03 17.13 -16.73
C GLU A 363 2.85 15.73 -17.30
N VAL A 364 3.87 14.90 -17.14
CA VAL A 364 3.77 13.49 -17.42
C VAL A 364 3.83 12.74 -16.08
N ARG A 365 2.76 12.03 -15.76
CA ARG A 365 2.77 11.14 -14.60
C ARG A 365 1.93 9.89 -14.82
N ILE A 366 2.24 8.86 -14.04
CA ILE A 366 1.43 7.66 -14.02
C ILE A 366 0.64 7.67 -12.73
N GLU A 367 -0.67 7.56 -12.85
CA GLU A 367 -1.54 7.57 -11.68
C GLU A 367 -2.60 6.50 -11.80
N ASN A 368 -2.67 5.67 -10.77
CA ASN A 368 -3.71 4.67 -10.66
C ASN A 368 -3.70 3.76 -11.87
N GLY A 369 -2.50 3.54 -12.42
CA GLY A 369 -2.31 2.64 -13.55
C GLY A 369 -2.44 3.26 -14.92
N LEU A 370 -2.64 4.59 -14.99
CA LEU A 370 -2.84 5.29 -16.26
C LEU A 370 -1.76 6.33 -16.54
N LEU A 371 -1.23 6.35 -17.77
CA LEU A 371 -0.26 7.37 -18.16
C LEU A 371 -1.02 8.65 -18.49
N LEU A 372 -0.80 9.70 -17.69
CA LEU A 372 -1.50 10.97 -17.86
C LEU A 372 -0.59 12.05 -18.44
N LEU A 373 -1.12 12.80 -19.40
CA LEU A 373 -0.50 14.03 -19.83
C LEU A 373 -1.45 15.17 -19.49
N ASN A 374 -0.95 16.13 -18.71
CA ASN A 374 -1.76 17.23 -18.20
C ASN A 374 -3.09 16.80 -17.58
N GLY A 375 -3.04 15.71 -16.81
CA GLY A 375 -4.22 15.17 -16.12
C GLY A 375 -5.12 14.24 -16.92
N LYS A 376 -4.82 14.04 -18.20
CA LYS A 376 -5.68 13.29 -19.11
C LYS A 376 -5.00 12.04 -19.65
N PRO A 377 -5.73 10.92 -19.72
CA PRO A 377 -5.10 9.68 -20.18
C PRO A 377 -4.74 9.71 -21.66
N LEU A 378 -3.48 9.44 -21.97
CA LEU A 378 -3.03 9.41 -23.35
C LEU A 378 -3.47 8.19 -24.11
N LEU A 379 -3.68 8.36 -25.41
CA LEU A 379 -3.80 7.23 -26.30
C LEU A 379 -2.75 7.39 -27.38
N ILE A 380 -1.73 6.54 -27.29
CA ILE A 380 -0.53 6.67 -28.12
C ILE A 380 -0.75 6.06 -29.50
N ARG A 381 -0.73 6.93 -30.50
CA ARG A 381 -0.81 6.55 -31.89
C ARG A 381 0.61 6.69 -32.38
N GLY A 382 1.43 5.69 -32.07
CA GLY A 382 2.86 5.82 -32.29
C GLY A 382 3.46 5.00 -33.41
N VAL A 383 4.73 5.29 -33.71
CA VAL A 383 5.51 4.53 -34.67
C VAL A 383 6.99 4.54 -34.28
N ASN A 384 7.66 3.41 -34.44
CA ASN A 384 9.12 3.38 -34.39
C ASN A 384 9.73 3.98 -35.65
N ARG A 385 10.77 4.79 -35.49
CA ARG A 385 11.43 5.42 -36.63
C ARG A 385 12.94 5.40 -36.50
N HIS A 386 13.57 4.63 -37.39
CA HIS A 386 15.01 4.61 -37.53
C HIS A 386 15.47 5.82 -38.33
N GLU A 387 16.74 6.17 -38.17
CA GLU A 387 17.31 7.26 -38.95
C GLU A 387 17.92 6.69 -40.20
N HIS A 388 17.15 6.74 -41.28
CA HIS A 388 17.54 6.08 -42.53
C HIS A 388 17.18 6.89 -43.77
N HIS A 389 18.15 6.98 -44.68
CA HIS A 389 17.96 7.62 -45.98
C HIS A 389 18.53 6.67 -47.05
N PRO A 390 17.78 6.42 -48.15
CA PRO A 390 18.23 5.42 -49.13
C PRO A 390 19.50 5.81 -49.91
N LEU A 391 19.82 7.10 -49.94
CA LEU A 391 21.02 7.58 -50.62
C LEU A 391 22.18 7.87 -49.66
N HIS A 392 21.85 8.50 -48.55
CA HIS A 392 22.87 8.99 -47.63
C HIS A 392 23.09 8.10 -46.40
N GLY A 393 22.36 6.97 -46.36
CA GLY A 393 22.47 5.99 -45.28
C GLY A 393 21.90 6.45 -43.96
N GLN A 394 22.78 6.73 -43.00
CA GLN A 394 22.33 7.05 -41.65
C GLN A 394 22.54 8.51 -41.27
N VAL A 395 22.90 9.30 -42.27
CA VAL A 395 23.05 10.75 -42.14
C VAL A 395 21.68 11.36 -42.29
N MET A 396 21.27 12.16 -41.31
CA MET A 396 19.97 12.82 -41.31
C MET A 396 20.05 14.28 -41.74
N ASP A 397 18.99 14.76 -42.38
CA ASP A 397 18.89 16.16 -42.85
C ASP A 397 17.53 16.75 -42.52
N GLU A 398 17.44 18.08 -42.46
CA GLU A 398 16.21 18.76 -42.06
C GLU A 398 15.00 18.38 -42.92
N GLN A 399 15.20 18.42 -44.23
CA GLN A 399 14.14 18.19 -45.21
C GLN A 399 13.47 16.82 -45.03
N THR A 400 14.30 15.77 -44.95
CA THR A 400 13.83 14.42 -44.66
C THR A 400 13.09 14.34 -43.32
N MET A 401 13.68 14.94 -42.29
CA MET A 401 13.07 14.97 -40.95
C MET A 401 11.70 15.62 -40.96
N VAL A 402 11.63 16.79 -41.59
CA VAL A 402 10.39 17.55 -41.68
C VAL A 402 9.36 16.75 -42.48
N GLN A 403 9.81 16.14 -43.59
CA GLN A 403 8.96 15.29 -44.41
C GLN A 403 8.33 14.16 -43.58
N ASP A 404 9.15 13.46 -42.79
CA ASP A 404 8.70 12.35 -41.96
C ASP A 404 7.62 12.80 -40.98
N ILE A 405 7.86 13.94 -40.33
CA ILE A 405 6.93 14.45 -39.33
C ILE A 405 5.60 14.87 -39.95
N LEU A 406 5.66 15.52 -41.11
CA LEU A 406 4.44 15.94 -41.79
C LEU A 406 3.58 14.75 -42.21
N LEU A 407 4.21 13.66 -42.66
CA LEU A 407 3.50 12.44 -43.03
C LEU A 407 2.89 11.70 -41.83
N MET A 408 3.63 11.66 -40.72
CA MET A 408 3.14 11.04 -39.49
C MET A 408 1.89 11.75 -39.00
N LYS A 409 1.96 13.08 -38.92
CA LYS A 409 0.84 13.87 -38.42
C LYS A 409 -0.34 13.87 -39.39
N GLN A 410 -0.04 13.84 -40.68
CA GLN A 410 -1.08 13.75 -41.70
C GLN A 410 -1.75 12.39 -41.66
N ASN A 411 -1.05 11.40 -41.12
CA ASN A 411 -1.61 10.07 -40.97
C ASN A 411 -1.99 9.69 -39.53
N ASN A 412 -2.26 10.72 -38.72
CA ASN A 412 -2.85 10.57 -37.39
C ASN A 412 -1.96 9.91 -36.31
N PHE A 413 -0.65 9.91 -36.53
CA PHE A 413 0.30 9.58 -35.48
C PHE A 413 0.50 10.78 -34.58
N ASN A 414 0.64 10.53 -33.27
CA ASN A 414 0.98 11.60 -32.32
C ASN A 414 2.25 11.30 -31.52
N ALA A 415 2.91 10.18 -31.80
CA ALA A 415 4.07 9.78 -31.01
C ALA A 415 5.09 9.03 -31.85
N VAL A 416 6.35 9.16 -31.46
CA VAL A 416 7.44 8.47 -32.15
C VAL A 416 8.43 7.89 -31.13
N ARG A 417 8.95 6.70 -31.43
CA ARG A 417 10.00 6.11 -30.60
C ARG A 417 11.34 6.13 -31.31
N CYS A 418 12.36 6.59 -30.60
CA CYS A 418 13.71 6.67 -31.16
C CYS A 418 14.37 5.29 -31.19
N SER A 419 13.87 4.41 -32.03
CA SER A 419 14.42 3.05 -32.09
C SER A 419 15.75 3.01 -32.84
N HIS A 420 16.87 2.63 -32.21
CA HIS A 420 16.99 2.30 -30.78
C HIS A 420 18.24 3.02 -30.24
N TYR A 421 18.22 4.35 -30.31
CA TYR A 421 19.38 5.18 -30.00
C TYR A 421 18.94 6.64 -29.96
N PRO A 422 19.73 7.50 -29.30
CA PRO A 422 19.33 8.90 -29.34
C PRO A 422 19.51 9.45 -30.74
N ASN A 423 18.60 10.34 -31.13
CA ASN A 423 18.59 10.85 -32.49
C ASN A 423 19.43 12.11 -32.66
N HIS A 424 19.58 12.49 -33.92
CA HIS A 424 20.07 13.77 -34.33
C HIS A 424 19.36 14.87 -33.53
N PRO A 425 20.13 15.84 -33.01
CA PRO A 425 19.54 16.81 -32.06
C PRO A 425 18.34 17.59 -32.62
N LEU A 426 18.26 17.72 -33.95
CA LEU A 426 17.21 18.53 -34.55
C LEU A 426 15.83 17.84 -34.49
N TRP A 427 15.84 16.52 -34.48
CA TRP A 427 14.60 15.73 -34.36
C TRP A 427 13.71 16.18 -33.18
N TYR A 428 14.32 16.35 -32.01
CA TYR A 428 13.63 16.79 -30.79
C TYR A 428 13.08 18.21 -30.90
N THR A 429 13.88 19.12 -31.45
CA THR A 429 13.44 20.48 -31.70
C THR A 429 12.18 20.46 -32.56
N LEU A 430 12.25 19.69 -33.64
CA LEU A 430 11.11 19.55 -34.56
C LEU A 430 9.89 18.88 -33.90
N CYS A 431 10.11 17.88 -33.06
CA CYS A 431 9.01 17.25 -32.32
C CYS A 431 8.38 18.20 -31.27
N ASP A 432 9.21 18.99 -30.60
CA ASP A 432 8.74 20.09 -29.73
C ASP A 432 7.81 21.04 -30.47
N ARG A 433 8.21 21.39 -31.69
CA ARG A 433 7.55 22.47 -32.43
C ARG A 433 6.31 22.01 -33.19
N TYR A 434 6.38 20.82 -33.79
CA TYR A 434 5.26 20.27 -34.54
C TYR A 434 4.27 19.53 -33.65
N GLY A 435 4.75 19.06 -32.51
CA GLY A 435 3.93 18.30 -31.57
C GLY A 435 3.90 16.80 -31.83
N LEU A 436 4.90 16.10 -31.31
CA LEU A 436 4.89 14.65 -31.25
C LEU A 436 5.45 14.20 -29.91
N TYR A 437 4.79 13.24 -29.27
CA TYR A 437 5.33 12.62 -28.06
C TYR A 437 6.51 11.73 -28.44
N VAL A 438 7.62 11.87 -27.72
CA VAL A 438 8.82 11.12 -28.05
C VAL A 438 9.23 10.18 -26.92
N VAL A 439 9.62 8.97 -27.29
CA VAL A 439 10.34 8.07 -26.39
C VAL A 439 11.83 8.14 -26.77
N ASP A 440 12.62 8.74 -25.89
CA ASP A 440 14.06 8.85 -26.09
C ASP A 440 14.72 7.60 -25.53
N GLU A 441 15.55 6.95 -26.34
CA GLU A 441 16.04 5.61 -26.07
C GLU A 441 17.56 5.55 -26.07
N ALA A 442 18.13 5.03 -25.00
CA ALA A 442 19.57 4.86 -24.91
C ALA A 442 20.09 3.94 -26.00
N ASN A 443 21.31 4.22 -26.47
CA ASN A 443 21.94 3.43 -27.52
C ASN A 443 22.55 2.16 -26.94
N ILE A 444 21.69 1.25 -26.48
CA ILE A 444 22.11 -0.04 -25.91
C ILE A 444 21.24 -1.15 -26.48
N GLU A 445 21.83 -1.99 -27.32
CA GLU A 445 21.19 -3.22 -27.78
C GLU A 445 22.25 -4.33 -27.89
N THR A 446 22.01 -5.45 -27.21
CA THR A 446 22.94 -6.60 -27.18
C THR A 446 22.23 -7.89 -27.61
N HIS A 447 21.34 -7.76 -28.59
CA HIS A 447 20.47 -8.83 -29.04
C HIS A 447 21.19 -10.14 -29.34
N GLY A 448 22.36 -10.05 -29.97
CA GLY A 448 23.11 -11.22 -30.41
C GLY A 448 23.82 -12.03 -29.33
N MET A 449 23.81 -11.54 -28.09
CA MET A 449 24.41 -12.26 -26.96
C MET A 449 23.60 -13.49 -26.61
N VAL A 450 24.24 -14.47 -25.99
CA VAL A 450 23.55 -15.68 -25.53
C VAL A 450 23.88 -16.00 -24.06
N PRO A 451 22.91 -15.84 -23.14
CA PRO A 451 21.56 -15.31 -23.34
C PRO A 451 21.60 -13.79 -23.56
N MET A 452 20.46 -13.18 -23.85
CA MET A 452 20.46 -11.78 -24.29
C MET A 452 21.04 -10.80 -23.23
N ASN A 453 20.98 -11.19 -21.96
CA ASN A 453 21.45 -10.32 -20.88
C ASN A 453 22.86 -10.62 -20.41
N ARG A 454 23.67 -11.29 -21.23
CA ARG A 454 25.00 -11.70 -20.79
C ARG A 454 25.84 -10.51 -20.33
N LEU A 455 25.75 -9.40 -21.06
CA LEU A 455 26.53 -8.20 -20.73
C LEU A 455 25.79 -7.26 -19.78
N THR A 456 24.47 -7.18 -19.91
CA THR A 456 23.70 -6.23 -19.11
C THR A 456 23.53 -6.72 -17.68
N ASP A 457 23.85 -7.99 -17.43
CA ASP A 457 23.86 -8.51 -16.04
C ASP A 457 25.28 -8.49 -15.46
N ASP A 458 26.25 -7.98 -16.22
CA ASP A 458 27.66 -8.05 -15.86
C ASP A 458 28.15 -6.69 -15.36
N PRO A 459 28.52 -6.61 -14.07
CA PRO A 459 28.88 -5.30 -13.49
C PRO A 459 30.04 -4.64 -14.21
N ARG A 460 30.80 -5.42 -14.99
CA ARG A 460 31.93 -4.87 -15.72
C ARG A 460 31.48 -4.07 -16.95
N TRP A 461 30.23 -4.28 -17.37
CA TRP A 461 29.68 -3.53 -18.49
C TRP A 461 28.81 -2.34 -18.06
N LEU A 462 28.65 -2.19 -16.75
CA LEU A 462 27.82 -1.14 -16.18
C LEU A 462 28.32 0.29 -16.48
N PRO A 463 29.65 0.53 -16.43
CA PRO A 463 30.15 1.86 -16.82
C PRO A 463 29.84 2.23 -18.28
N ALA A 464 30.12 1.33 -19.20
CA ALA A 464 29.83 1.58 -20.62
C ALA A 464 28.34 1.85 -20.83
N MET A 465 27.49 1.05 -20.19
CA MET A 465 26.06 1.23 -20.28
C MET A 465 25.58 2.53 -19.62
N SER A 466 26.14 2.88 -18.46
CA SER A 466 25.68 4.07 -17.75
C SER A 466 25.96 5.36 -18.55
N GLU A 467 27.11 5.45 -19.22
CA GLU A 467 27.38 6.60 -20.10
C GLU A 467 26.36 6.73 -21.24
N ARG A 468 25.85 5.60 -21.76
CA ARG A 468 24.86 5.64 -22.83
C ARG A 468 23.49 6.09 -22.35
N VAL A 469 23.19 5.80 -21.08
CA VAL A 469 21.97 6.31 -20.45
C VAL A 469 22.13 7.73 -19.93
N THR A 470 23.18 7.98 -19.14
CA THR A 470 23.30 9.24 -18.41
C THR A 470 23.52 10.43 -19.35
N ARG A 471 24.36 10.24 -20.38
CA ARG A 471 24.68 11.32 -21.29
C ARG A 471 23.50 11.66 -22.20
N MET A 472 22.62 10.68 -22.43
CA MET A 472 21.36 10.93 -23.16
C MET A 472 20.48 11.87 -22.35
N VAL A 473 20.26 11.48 -21.09
CA VAL A 473 19.40 12.22 -20.18
C VAL A 473 19.91 13.66 -20.04
N GLN A 474 21.22 13.82 -19.88
CA GLN A 474 21.87 15.14 -19.74
C GLN A 474 21.69 16.01 -20.98
N ARG A 475 21.64 15.37 -22.14
CA ARG A 475 21.47 16.09 -23.38
C ARG A 475 20.02 16.51 -23.59
N ASP A 476 19.06 15.61 -23.34
CA ASP A 476 17.69 15.81 -23.86
C ASP A 476 16.63 16.16 -22.85
N ARG A 477 17.01 16.30 -21.59
CA ARG A 477 16.05 16.51 -20.50
C ARG A 477 15.20 17.78 -20.59
N ASN A 478 15.61 18.76 -21.37
CA ASN A 478 14.84 20.01 -21.48
C ASN A 478 13.80 20.04 -22.62
N HIS A 479 13.79 19.02 -23.47
CA HIS A 479 12.81 18.94 -24.59
C HIS A 479 11.44 18.49 -24.08
N PRO A 480 10.41 19.34 -24.25
CA PRO A 480 9.06 18.96 -23.81
C PRO A 480 8.53 17.70 -24.53
N SER A 481 8.92 17.53 -25.80
CA SER A 481 8.48 16.39 -26.63
C SER A 481 8.86 15.01 -26.06
N VAL A 482 10.03 14.91 -25.41
CA VAL A 482 10.38 13.67 -24.73
C VAL A 482 9.50 13.52 -23.50
N ILE A 483 8.67 12.49 -23.50
CA ILE A 483 7.77 12.21 -22.37
C ILE A 483 8.15 10.94 -21.60
N ILE A 484 8.95 10.07 -22.24
CA ILE A 484 9.35 8.79 -21.67
C ILE A 484 10.80 8.49 -22.00
N TRP A 485 11.55 8.00 -21.01
CA TRP A 485 12.92 7.53 -21.22
C TRP A 485 12.92 6.04 -21.42
N SER A 486 13.78 5.54 -22.30
CA SER A 486 13.90 4.11 -22.49
C SER A 486 15.34 3.67 -22.30
N LEU A 487 15.53 2.55 -21.59
CA LEU A 487 16.86 2.03 -21.25
C LEU A 487 17.59 1.34 -22.41
N GLY A 488 16.93 1.28 -23.58
CA GLY A 488 17.53 0.68 -24.75
C GLY A 488 16.63 -0.39 -25.35
N SER A 489 17.25 -1.36 -26.02
CA SER A 489 16.51 -2.34 -26.81
C SER A 489 17.12 -3.73 -26.71
N GLU A 490 16.25 -4.72 -26.51
CA GLU A 490 16.62 -6.11 -26.74
C GLU A 490 17.99 -6.46 -26.16
N SER A 491 18.11 -6.33 -24.84
CA SER A 491 19.35 -6.66 -24.16
C SER A 491 19.04 -7.50 -22.93
N GLY A 492 17.97 -8.30 -23.03
CA GLY A 492 17.43 -9.05 -21.89
C GLY A 492 17.12 -8.13 -20.72
N HIS A 493 17.07 -8.69 -19.52
CA HIS A 493 17.03 -7.91 -18.29
C HIS A 493 18.20 -8.28 -17.39
N GLY A 494 19.03 -7.30 -17.08
CA GLY A 494 20.15 -7.49 -16.16
C GLY A 494 20.14 -6.45 -15.05
N ALA A 495 20.91 -6.73 -13.99
CA ALA A 495 20.97 -5.83 -12.85
C ALA A 495 21.39 -4.42 -13.26
N ASN A 496 22.21 -4.30 -14.29
CA ASN A 496 22.62 -2.98 -14.77
C ASN A 496 21.40 -2.14 -15.19
N HIS A 497 20.37 -2.81 -15.71
CA HIS A 497 19.13 -2.16 -16.11
C HIS A 497 18.44 -1.58 -14.86
N ASP A 498 18.43 -2.36 -13.78
CA ASP A 498 17.80 -1.90 -12.53
C ASP A 498 18.53 -0.71 -11.94
N ALA A 499 19.85 -0.77 -11.91
CA ALA A 499 20.66 0.34 -11.40
C ALA A 499 20.40 1.62 -12.22
N LEU A 500 20.31 1.47 -13.53
CA LEU A 500 20.16 2.62 -14.43
C LEU A 500 18.72 3.14 -14.48
N TYR A 501 17.74 2.23 -14.36
CA TYR A 501 16.36 2.62 -14.12
C TYR A 501 16.27 3.57 -12.92
N ARG A 502 16.88 3.16 -11.81
CA ARG A 502 16.81 3.93 -10.56
C ARG A 502 17.56 5.24 -10.67
N TRP A 503 18.65 5.25 -11.42
CA TRP A 503 19.40 6.48 -11.67
C TRP A 503 18.51 7.53 -12.34
N ILE A 504 17.80 7.15 -13.39
CA ILE A 504 16.95 8.12 -14.08
C ILE A 504 15.86 8.64 -13.15
N LYS A 505 15.26 7.74 -12.37
CA LYS A 505 14.16 8.09 -11.47
C LYS A 505 14.56 9.12 -10.41
N SER A 506 15.81 9.06 -9.94
CA SER A 506 16.33 10.05 -8.96
C SER A 506 16.65 11.39 -9.61
N VAL A 507 17.14 11.32 -10.84
CA VAL A 507 17.66 12.50 -11.52
C VAL A 507 16.54 13.26 -12.21
N ASP A 508 15.54 12.53 -12.71
CA ASP A 508 14.44 13.12 -13.48
C ASP A 508 13.12 12.43 -13.15
N PRO A 509 12.46 12.87 -12.06
CA PRO A 509 11.16 12.34 -11.68
C PRO A 509 10.02 12.73 -12.64
N SER A 510 10.30 13.61 -13.60
CA SER A 510 9.25 14.15 -14.48
C SER A 510 8.79 13.21 -15.59
N ARG A 511 9.57 12.17 -15.86
CA ARG A 511 9.29 11.27 -16.99
C ARG A 511 9.28 9.80 -16.56
N PRO A 512 8.28 9.03 -16.99
CA PRO A 512 8.32 7.59 -16.75
C PRO A 512 9.50 6.95 -17.49
N VAL A 513 9.99 5.83 -16.97
CA VAL A 513 11.05 5.07 -17.61
C VAL A 513 10.47 3.73 -18.06
N GLN A 514 10.71 3.35 -19.32
CA GLN A 514 10.29 2.03 -19.79
C GLN A 514 11.46 1.24 -20.32
N TYR A 515 11.28 -0.07 -20.40
CA TYR A 515 12.27 -0.97 -21.02
C TYR A 515 11.59 -2.32 -21.27
N GLU A 516 11.76 -2.86 -22.47
CA GLU A 516 11.04 -4.08 -22.86
C GLU A 516 11.77 -5.38 -22.48
N GLY A 517 13.08 -5.35 -22.41
CA GLY A 517 13.85 -6.61 -22.27
C GLY A 517 13.51 -7.45 -21.05
N GLY A 518 13.69 -8.76 -21.18
CA GLY A 518 13.47 -9.65 -20.07
C GLY A 518 12.01 -9.91 -19.75
N GLY A 519 11.11 -9.58 -20.67
CA GLY A 519 9.70 -9.95 -20.50
C GLY A 519 8.70 -8.81 -20.44
N ALA A 520 9.16 -7.59 -20.70
CA ALA A 520 8.29 -6.41 -20.86
C ALA A 520 7.61 -5.91 -19.60
N ASP A 521 7.75 -6.62 -18.49
CA ASP A 521 7.09 -6.23 -17.24
C ASP A 521 8.00 -6.34 -16.02
N THR A 522 9.30 -6.25 -16.24
CA THR A 522 10.29 -6.36 -15.16
C THR A 522 10.25 -5.14 -14.23
N THR A 523 11.09 -5.20 -13.19
CA THR A 523 11.25 -4.11 -12.24
C THR A 523 12.01 -2.91 -12.84
N ALA A 524 12.43 -3.01 -14.10
CA ALA A 524 13.14 -1.89 -14.74
C ALA A 524 12.24 -1.08 -15.70
N THR A 525 10.93 -1.20 -15.53
CA THR A 525 9.98 -0.46 -16.38
C THR A 525 8.70 -0.02 -15.64
N ASP A 526 8.32 1.24 -15.84
CA ASP A 526 7.08 1.81 -15.31
C ASP A 526 5.89 1.45 -16.16
N ILE A 527 6.14 0.95 -17.36
CA ILE A 527 5.09 0.68 -18.35
C ILE A 527 5.30 -0.73 -18.90
N ILE A 528 4.24 -1.55 -18.87
CA ILE A 528 4.28 -2.84 -19.56
C ILE A 528 4.37 -2.51 -21.05
N CYS A 529 5.47 -2.93 -21.67
CA CYS A 529 5.76 -2.44 -23.01
C CYS A 529 6.22 -3.55 -23.95
N PRO A 530 5.35 -4.54 -24.16
CA PRO A 530 5.79 -5.68 -24.95
C PRO A 530 5.97 -5.34 -26.42
N MET A 531 6.73 -6.18 -27.11
CA MET A 531 6.78 -6.11 -28.56
C MET A 531 5.98 -7.28 -29.15
N TYR A 532 5.03 -6.96 -30.02
CA TYR A 532 4.30 -7.97 -30.83
C TYR A 532 3.44 -8.94 -29.99
N ALA A 533 3.06 -8.52 -28.79
CA ALA A 533 2.04 -9.23 -28.04
C ALA A 533 0.74 -9.07 -28.81
N ARG A 534 -0.07 -10.13 -28.84
CA ARG A 534 -1.31 -10.11 -29.62
C ARG A 534 -2.50 -9.65 -28.79
N VAL A 535 -3.61 -9.31 -29.47
CA VAL A 535 -4.78 -8.74 -28.80
C VAL A 535 -5.48 -9.77 -27.89
N ASP A 536 -5.80 -10.92 -28.46
CA ASP A 536 -6.53 -11.99 -27.77
C ASP A 536 -5.73 -13.27 -27.58
N GLU A 537 -4.71 -13.46 -28.43
CA GLU A 537 -3.91 -14.71 -28.45
C GLU A 537 -2.69 -14.68 -27.50
N ASP A 538 -2.64 -15.61 -26.55
CA ASP A 538 -1.43 -15.80 -25.75
C ASP A 538 -0.28 -16.44 -26.52
N GLN A 539 0.95 -15.99 -26.28
CA GLN A 539 2.15 -16.67 -26.78
C GLN A 539 3.05 -16.99 -25.59
N PRO A 540 2.85 -18.19 -24.98
CA PRO A 540 3.42 -18.50 -23.67
C PRO A 540 4.85 -19.02 -23.71
N PHE A 541 5.74 -18.28 -24.36
CA PHE A 541 7.17 -18.60 -24.35
C PHE A 541 7.66 -18.74 -22.91
N PRO A 542 8.50 -19.75 -22.66
CA PRO A 542 9.13 -19.88 -21.35
C PRO A 542 9.95 -18.63 -20.99
N ALA A 543 9.87 -18.21 -19.71
CA ALA A 543 10.66 -17.10 -19.14
C ALA A 543 10.21 -15.71 -19.56
N VAL A 544 9.80 -15.56 -20.82
CA VAL A 544 9.45 -14.26 -21.40
C VAL A 544 8.20 -14.38 -22.25
N PRO A 545 7.08 -14.81 -21.65
CA PRO A 545 5.88 -14.95 -22.47
C PRO A 545 5.37 -13.60 -22.99
N LYS A 546 4.64 -13.64 -24.10
CA LYS A 546 3.92 -12.48 -24.57
C LYS A 546 2.46 -12.79 -24.39
N TRP A 547 1.92 -12.37 -23.25
CA TRP A 547 0.50 -12.55 -22.96
C TRP A 547 -0.30 -11.68 -23.90
N SER A 548 -1.50 -12.15 -24.23
CA SER A 548 -2.52 -11.30 -24.82
C SER A 548 -2.58 -10.01 -23.99
N ILE A 549 -2.55 -8.88 -24.68
CA ILE A 549 -2.45 -7.59 -23.98
C ILE A 549 -3.62 -7.34 -23.03
N LYS A 550 -4.79 -7.87 -23.38
CA LYS A 550 -5.96 -7.76 -22.52
C LYS A 550 -5.78 -8.57 -21.23
N LYS A 551 -5.22 -9.76 -21.36
CA LYS A 551 -4.93 -10.62 -20.23
C LYS A 551 -3.79 -10.06 -19.36
N TRP A 552 -2.78 -9.48 -20.01
CA TRP A 552 -1.59 -9.01 -19.31
C TRP A 552 -1.92 -8.00 -18.24
N LEU A 553 -2.85 -7.11 -18.53
CA LEU A 553 -3.21 -6.01 -17.63
C LEU A 553 -3.69 -6.50 -16.28
N SER A 554 -4.40 -7.64 -16.28
CA SER A 554 -5.10 -8.10 -15.08
C SER A 554 -4.46 -9.28 -14.36
N LEU A 555 -3.24 -9.67 -14.77
CA LEU A 555 -2.49 -10.69 -14.03
C LEU A 555 -2.37 -10.32 -12.55
N PRO A 556 -2.48 -11.31 -11.64
CA PRO A 556 -2.43 -11.01 -10.21
C PRO A 556 -1.31 -10.06 -9.83
N GLY A 557 -1.67 -9.00 -9.12
CA GLY A 557 -0.71 -7.97 -8.67
C GLY A 557 -0.37 -6.87 -9.65
N GLU A 558 -0.67 -7.06 -10.93
CA GLU A 558 -0.28 -6.08 -11.96
C GLU A 558 -1.20 -4.85 -12.00
N THR A 559 -0.62 -3.67 -12.05
CA THR A 559 -1.37 -2.42 -12.00
C THR A 559 -0.96 -1.39 -13.06
N ARG A 560 0.15 -1.63 -13.75
CA ARG A 560 0.76 -0.65 -14.65
C ARG A 560 -0.03 -0.46 -15.95
N PRO A 561 0.21 0.67 -16.66
CA PRO A 561 -0.35 0.85 -17.99
C PRO A 561 0.39 -0.02 -19.00
N LEU A 562 -0.25 -0.33 -20.12
CA LEU A 562 0.39 -1.12 -21.15
C LEU A 562 0.37 -0.37 -22.48
N ILE A 563 1.57 -0.07 -22.98
CA ILE A 563 1.76 0.56 -24.27
C ILE A 563 2.80 -0.25 -25.02
N LEU A 564 2.43 -0.84 -26.15
CA LEU A 564 3.34 -1.72 -26.88
C LEU A 564 4.49 -0.88 -27.43
N CYS A 565 5.73 -1.24 -27.10
CA CYS A 565 6.87 -0.51 -27.64
C CYS A 565 6.99 -0.79 -29.14
N GLU A 566 6.51 -1.97 -29.56
CA GLU A 566 6.50 -2.38 -30.97
C GLU A 566 5.31 -3.30 -31.21
N TYR A 567 4.55 -3.02 -32.26
CA TYR A 567 3.42 -3.89 -32.66
C TYR A 567 3.11 -3.70 -34.16
N ALA A 568 2.39 -4.64 -34.76
CA ALA A 568 1.94 -4.56 -36.18
C ALA A 568 3.11 -4.40 -37.15
N HIS A 569 3.89 -5.46 -37.26
CA HIS A 569 5.10 -5.48 -38.06
C HIS A 569 4.77 -5.28 -39.55
N ALA A 570 5.07 -4.08 -40.06
CA ALA A 570 4.63 -3.65 -41.38
C ALA A 570 5.57 -4.11 -42.51
N MET A 571 6.03 -5.35 -42.43
CA MET A 571 6.96 -5.89 -43.40
C MET A 571 6.26 -6.34 -44.68
N GLY A 572 6.46 -5.58 -45.75
CA GLY A 572 5.86 -5.87 -47.04
C GLY A 572 4.35 -5.74 -46.95
N ASN A 573 3.66 -6.72 -47.54
CA ASN A 573 2.20 -6.70 -47.58
C ASN A 573 1.66 -7.11 -46.22
N SER A 574 1.44 -6.13 -45.37
CA SER A 574 1.23 -6.38 -43.96
C SER A 574 0.21 -5.45 -43.31
N LEU A 575 0.14 -5.54 -41.98
CA LEU A 575 -0.80 -4.78 -41.15
C LEU A 575 -2.18 -5.39 -41.09
N GLY A 576 -2.27 -6.69 -41.37
CA GLY A 576 -3.53 -7.40 -41.21
C GLY A 576 -3.81 -7.59 -39.74
N GLY A 577 -5.04 -7.30 -39.32
CA GLY A 577 -5.40 -7.37 -37.91
C GLY A 577 -5.12 -6.10 -37.12
N PHE A 578 -4.77 -5.02 -37.83
CA PHE A 578 -4.51 -3.71 -37.20
C PHE A 578 -5.73 -3.17 -36.42
N ALA A 579 -6.91 -3.30 -37.03
CA ALA A 579 -8.15 -2.78 -36.44
C ALA A 579 -8.45 -3.43 -35.10
N LYS A 580 -8.02 -4.68 -34.94
CA LYS A 580 -8.21 -5.42 -33.70
C LYS A 580 -7.45 -4.77 -32.53
N TYR A 581 -6.26 -4.25 -32.79
CA TYR A 581 -5.50 -3.49 -31.77
C TYR A 581 -6.24 -2.23 -31.35
N TRP A 582 -6.68 -1.43 -32.32
CA TRP A 582 -7.34 -0.16 -32.02
C TRP A 582 -8.67 -0.29 -31.28
N GLN A 583 -9.40 -1.35 -31.60
CA GLN A 583 -10.62 -1.69 -30.90
C GLN A 583 -10.35 -1.96 -29.42
N ALA A 584 -9.29 -2.70 -29.13
CA ALA A 584 -8.95 -3.02 -27.74
C ALA A 584 -8.37 -1.80 -26.99
N PHE A 585 -7.58 -0.99 -27.71
CA PHE A 585 -7.06 0.26 -27.13
C PHE A 585 -8.21 1.15 -26.69
N ARG A 586 -9.26 1.26 -27.50
CA ARG A 586 -10.39 2.15 -27.16
C ARG A 586 -11.27 1.60 -26.05
N GLN A 587 -11.45 0.28 -26.01
CA GLN A 587 -12.26 -0.34 -24.96
C GLN A 587 -11.59 -0.42 -23.57
N TYR A 588 -10.27 -0.62 -23.53
CA TYR A 588 -9.58 -0.79 -22.24
C TYR A 588 -8.85 0.49 -21.85
N PRO A 589 -9.24 1.10 -20.72
CA PRO A 589 -8.52 2.29 -20.23
C PRO A 589 -7.00 2.09 -20.17
N ARG A 590 -6.54 1.00 -19.54
CA ARG A 590 -5.10 0.77 -19.36
C ARG A 590 -4.32 0.31 -20.60
N LEU A 591 -5.03 -0.01 -21.69
CA LEU A 591 -4.36 -0.26 -22.95
C LEU A 591 -4.25 1.09 -23.65
N GLN A 592 -3.06 1.69 -23.57
CA GLN A 592 -2.95 3.07 -24.00
C GLN A 592 -2.22 3.24 -25.35
N GLY A 593 -2.26 2.19 -26.16
CA GLY A 593 -1.79 2.24 -27.55
C GLY A 593 -0.48 1.52 -27.81
N GLY A 594 0.30 2.04 -28.74
CA GLY A 594 1.61 1.50 -29.00
C GLY A 594 2.29 2.17 -30.17
N PHE A 595 3.46 1.62 -30.53
CA PHE A 595 4.31 2.14 -31.58
C PHE A 595 4.48 1.10 -32.69
N VAL A 596 3.95 1.39 -33.87
CA VAL A 596 4.06 0.49 -35.00
C VAL A 596 5.53 0.22 -35.37
N TRP A 597 5.86 -1.03 -35.70
CA TRP A 597 7.18 -1.30 -36.27
C TRP A 597 7.09 -1.46 -37.78
N ASP A 598 7.64 -0.54 -38.57
CA ASP A 598 8.15 0.76 -38.17
C ASP A 598 7.83 1.76 -39.30
N TRP A 599 8.51 2.90 -39.32
CA TRP A 599 8.16 3.98 -40.21
C TRP A 599 8.58 3.79 -41.69
N VAL A 600 9.86 3.51 -41.89
CA VAL A 600 10.44 3.55 -43.23
C VAL A 600 11.30 2.32 -43.52
N ASP A 601 11.08 1.71 -44.69
CA ASP A 601 11.92 0.62 -45.19
C ASP A 601 13.39 1.04 -45.16
N GLN A 602 14.27 0.15 -44.71
CA GLN A 602 15.71 0.44 -44.78
C GLN A 602 16.32 -0.11 -46.08
N SER A 603 15.76 0.29 -47.22
CA SER A 603 16.34 -0.10 -48.51
C SER A 603 17.33 0.97 -48.93
N LEU A 604 18.41 0.54 -49.59
CA LEU A 604 19.45 1.44 -50.07
C LEU A 604 19.46 1.48 -51.59
N ILE A 605 19.93 2.58 -52.17
CA ILE A 605 19.98 2.72 -53.62
C ILE A 605 21.26 2.15 -54.23
N LYS A 606 21.06 1.23 -55.16
CA LYS A 606 22.10 0.72 -56.04
C LYS A 606 21.79 1.13 -57.48
N TYR A 607 22.77 1.02 -58.37
CA TYR A 607 22.60 1.42 -59.78
C TYR A 607 22.90 0.27 -60.73
N ASP A 608 22.04 0.05 -61.73
CA ASP A 608 22.29 -1.03 -62.71
C ASP A 608 23.27 -0.62 -63.82
N GLU A 609 23.54 -1.55 -64.72
CA GLU A 609 24.45 -1.34 -65.85
C GLU A 609 24.21 -0.06 -66.64
N ASN A 610 22.95 0.38 -66.71
CA ASN A 610 22.56 1.59 -67.42
C ASN A 610 22.39 2.82 -66.50
N GLY A 611 22.93 2.72 -65.29
CA GLY A 611 22.87 3.80 -64.31
C GLY A 611 21.49 4.07 -63.74
N ASN A 612 20.59 3.09 -63.88
CA ASN A 612 19.24 3.17 -63.32
C ASN A 612 19.18 2.68 -61.88
N PRO A 613 18.59 3.49 -60.98
CA PRO A 613 18.52 3.17 -59.55
C PRO A 613 17.55 2.02 -59.23
N TRP A 614 17.93 1.20 -58.25
CA TRP A 614 17.03 0.19 -57.71
C TRP A 614 17.21 -0.02 -56.20
N SER A 615 16.16 -0.50 -55.56
CA SER A 615 16.14 -0.61 -54.10
C SER A 615 16.76 -1.92 -53.69
N ALA A 616 17.80 -1.85 -52.86
CA ALA A 616 18.52 -3.03 -52.39
C ALA A 616 18.30 -3.29 -50.90
N TYR A 617 18.39 -4.57 -50.53
CA TYR A 617 18.30 -4.99 -49.14
C TYR A 617 19.49 -5.88 -48.78
N GLY A 618 19.40 -6.59 -47.65
CA GLY A 618 20.52 -7.43 -47.16
C GLY A 618 21.06 -8.36 -48.21
N GLY A 619 22.39 -8.41 -48.32
CA GLY A 619 23.08 -9.31 -49.24
C GLY A 619 23.50 -8.68 -50.56
N ASP A 620 22.88 -7.55 -50.90
CA ASP A 620 23.05 -6.91 -52.20
C ASP A 620 24.36 -6.11 -52.34
N PHE A 621 25.20 -6.14 -51.31
CA PHE A 621 26.49 -5.45 -51.32
C PHE A 621 27.61 -6.45 -51.05
N GLY A 622 27.34 -7.73 -51.28
CA GLY A 622 28.30 -8.79 -50.98
C GLY A 622 28.34 -9.08 -49.49
N ASP A 623 27.53 -8.36 -48.72
CA ASP A 623 27.47 -8.53 -47.27
C ASP A 623 26.92 -9.91 -46.88
N THR A 624 27.69 -10.61 -46.04
CA THR A 624 27.36 -11.97 -45.65
C THR A 624 28.14 -12.36 -44.37
N PRO A 625 27.45 -13.00 -43.40
CA PRO A 625 26.01 -13.33 -43.35
C PRO A 625 25.13 -12.09 -43.43
N ASN A 626 23.94 -12.24 -43.99
CA ASN A 626 22.93 -11.17 -44.01
C ASN A 626 21.52 -11.71 -43.74
N ASP A 627 20.57 -10.81 -43.47
CA ASP A 627 19.19 -11.20 -43.22
C ASP A 627 18.20 -10.65 -44.27
N ARG A 628 18.72 -10.40 -45.46
CA ARG A 628 17.91 -10.15 -46.65
C ARG A 628 16.94 -8.97 -46.49
N GLN A 629 15.67 -9.23 -46.75
CA GLN A 629 14.67 -8.18 -46.82
C GLN A 629 14.12 -7.80 -45.44
N PHE A 630 14.64 -8.42 -44.39
CA PHE A 630 14.17 -8.14 -43.03
C PHE A 630 14.42 -6.69 -42.56
N CYS A 631 15.25 -5.96 -43.30
CA CYS A 631 15.50 -4.55 -43.06
C CYS A 631 14.37 -3.65 -43.58
N MET A 632 13.42 -4.24 -44.30
CA MET A 632 12.30 -3.46 -44.83
C MET A 632 11.01 -3.83 -44.12
N ASN A 633 10.64 -3.01 -43.13
CA ASN A 633 9.42 -3.22 -42.35
C ASN A 633 8.55 -1.98 -42.30
N GLY A 634 8.79 -1.04 -43.20
CA GLY A 634 8.20 0.30 -43.10
C GLY A 634 6.78 0.44 -43.59
N LEU A 635 6.08 1.42 -43.02
CA LEU A 635 4.80 1.86 -43.53
C LEU A 635 5.01 2.70 -44.81
N VAL A 636 6.22 3.25 -44.97
CA VAL A 636 6.57 3.97 -46.19
C VAL A 636 7.83 3.38 -46.83
N PHE A 637 7.95 3.54 -48.15
CA PHE A 637 9.16 3.18 -48.89
C PHE A 637 10.31 4.10 -48.51
N ALA A 638 11.55 3.67 -48.72
CA ALA A 638 12.71 4.52 -48.42
C ALA A 638 12.58 5.96 -48.90
N ASP A 639 11.95 6.17 -50.07
CA ASP A 639 11.77 7.54 -50.59
C ASP A 639 10.52 8.24 -50.04
N ARG A 640 9.90 7.61 -49.03
CA ARG A 640 8.76 8.19 -48.31
C ARG A 640 7.41 8.10 -49.03
N THR A 641 7.38 7.36 -50.14
CA THR A 641 6.12 7.00 -50.79
C THR A 641 5.42 5.99 -49.85
N PRO A 642 4.13 6.19 -49.54
CA PRO A 642 3.40 5.29 -48.64
C PRO A 642 3.24 3.88 -49.18
N HIS A 643 3.26 2.89 -48.28
CA HIS A 643 2.76 1.56 -48.57
C HIS A 643 1.26 1.66 -48.37
N PRO A 644 0.49 0.75 -48.99
CA PRO A 644 -0.96 0.74 -48.71
C PRO A 644 -1.32 0.69 -47.21
N ALA A 645 -0.52 0.00 -46.40
CA ALA A 645 -0.79 -0.09 -44.95
C ALA A 645 -0.94 1.27 -44.24
N LEU A 646 -0.28 2.31 -44.76
CA LEU A 646 -0.34 3.64 -44.16
C LEU A 646 -1.77 4.15 -43.99
N THR A 647 -2.58 4.00 -45.04
CA THR A 647 -3.99 4.43 -44.99
C THR A 647 -4.80 3.65 -43.96
N GLU A 648 -4.49 2.36 -43.80
CA GLU A 648 -5.14 1.58 -42.74
C GLU A 648 -4.78 2.16 -41.35
N ALA A 649 -3.51 2.54 -41.18
CA ALA A 649 -3.05 3.12 -39.90
C ALA A 649 -3.73 4.46 -39.65
N LYS A 650 -3.77 5.31 -40.67
CA LYS A 650 -4.43 6.60 -40.57
C LYS A 650 -5.90 6.47 -40.14
N HIS A 651 -6.60 5.54 -40.78
CA HIS A 651 -8.03 5.34 -40.49
C HIS A 651 -8.30 4.85 -39.06
N GLN A 652 -7.53 3.86 -38.60
CA GLN A 652 -7.73 3.29 -37.27
C GLN A 652 -7.31 4.26 -36.17
N GLN A 653 -6.37 5.12 -36.51
CA GLN A 653 -5.87 6.13 -35.56
C GLN A 653 -6.68 7.42 -35.56
N GLN A 654 -7.81 7.44 -36.28
CA GLN A 654 -8.67 8.64 -36.33
C GLN A 654 -8.99 9.18 -34.95
N PHE A 655 -9.09 10.50 -34.86
CA PHE A 655 -9.40 11.21 -33.62
C PHE A 655 -10.88 11.52 -33.46
N PHE A 656 -11.67 11.10 -34.46
CA PHE A 656 -13.12 11.25 -34.39
C PHE A 656 -13.77 9.89 -34.62
N GLN A 657 -14.68 9.51 -33.74
CA GLN A 657 -15.40 8.25 -33.81
C GLN A 657 -16.83 8.53 -34.20
N PHE A 658 -17.45 7.58 -34.91
CA PHE A 658 -18.79 7.79 -35.47
C PHE A 658 -19.73 6.62 -35.18
N ARG A 659 -20.94 6.97 -34.78
CA ARG A 659 -22.05 6.02 -34.72
C ARG A 659 -23.22 6.60 -35.50
N LEU A 660 -24.03 5.72 -36.08
CA LEU A 660 -25.21 6.12 -36.84
C LEU A 660 -26.45 5.44 -36.28
N SER A 661 -27.48 6.24 -36.02
CA SER A 661 -28.76 5.71 -35.57
C SER A 661 -29.89 6.41 -36.32
N GLY A 662 -30.43 5.72 -37.33
CA GLY A 662 -31.42 6.30 -38.22
C GLY A 662 -30.75 7.24 -39.20
N GLN A 663 -31.03 8.53 -39.06
CA GLN A 663 -30.40 9.55 -39.89
C GLN A 663 -29.57 10.50 -39.03
N THR A 664 -29.24 10.06 -37.82
CA THR A 664 -28.44 10.85 -36.88
C THR A 664 -27.01 10.31 -36.75
N ILE A 665 -26.04 11.13 -37.17
CA ILE A 665 -24.63 10.83 -36.97
C ILE A 665 -24.18 11.38 -35.62
N GLU A 666 -23.62 10.51 -34.77
CA GLU A 666 -22.99 10.92 -33.53
C GLU A 666 -21.47 10.95 -33.73
N VAL A 667 -20.90 12.15 -33.69
CA VAL A 667 -19.45 12.35 -33.72
C VAL A 667 -18.95 12.42 -32.29
N THR A 668 -17.92 11.64 -31.97
CA THR A 668 -17.25 11.70 -30.66
C THR A 668 -15.78 12.08 -30.88
N SER A 669 -15.30 13.04 -30.09
CA SER A 669 -13.93 13.51 -30.18
C SER A 669 -13.00 12.71 -29.29
N GLU A 670 -11.86 12.33 -29.82
CA GLU A 670 -10.86 11.65 -28.98
C GLU A 670 -9.71 12.56 -28.62
N TYR A 671 -9.83 13.82 -28.99
CA TYR A 671 -8.87 14.82 -28.54
C TYR A 671 -9.09 15.04 -27.05
N LEU A 672 -8.01 15.34 -26.34
CA LEU A 672 -8.03 15.50 -24.90
C LEU A 672 -8.02 16.97 -24.54
N PHE A 673 -7.42 17.78 -25.42
CA PHE A 673 -7.19 19.18 -25.09
C PHE A 673 -7.87 20.19 -26.02
N ARG A 674 -7.94 19.90 -27.32
CA ARG A 674 -8.46 20.86 -28.28
C ARG A 674 -9.92 20.64 -28.66
N HIS A 675 -10.58 21.73 -29.04
CA HIS A 675 -11.92 21.74 -29.61
C HIS A 675 -11.74 21.51 -31.11
N SER A 676 -12.75 20.96 -31.78
CA SER A 676 -12.64 20.75 -33.23
C SER A 676 -12.84 22.07 -34.00
N ASP A 677 -11.85 22.95 -33.93
CA ASP A 677 -11.96 24.31 -34.45
C ASP A 677 -11.33 24.53 -35.84
N ASN A 678 -10.98 23.44 -36.51
CA ASN A 678 -10.57 23.48 -37.91
C ASN A 678 -11.07 22.20 -38.58
N GLU A 679 -12.37 21.96 -38.45
CA GLU A 679 -12.98 20.71 -38.90
C GLU A 679 -14.41 20.92 -39.46
N LEU A 680 -14.65 20.44 -40.66
CA LEU A 680 -16.03 20.32 -41.13
C LEU A 680 -16.34 18.92 -41.64
N LEU A 681 -17.56 18.47 -41.37
CA LEU A 681 -18.02 17.16 -41.81
C LEU A 681 -18.65 17.28 -43.20
N HIS A 682 -18.13 16.49 -44.14
CA HIS A 682 -18.73 16.35 -45.47
C HIS A 682 -19.39 14.98 -45.52
N TRP A 683 -20.67 14.97 -45.85
CA TRP A 683 -21.41 13.72 -46.01
C TRP A 683 -21.87 13.51 -47.46
N MET A 684 -21.94 12.24 -47.86
CA MET A 684 -22.32 11.87 -49.20
C MET A 684 -23.13 10.58 -49.14
N VAL A 685 -24.28 10.57 -49.81
CA VAL A 685 -25.08 9.37 -50.00
C VAL A 685 -25.06 9.02 -51.49
N ALA A 686 -24.72 7.77 -51.79
CA ALA A 686 -24.60 7.28 -53.16
C ALA A 686 -25.31 5.94 -53.32
N LEU A 687 -25.83 5.70 -54.53
CA LEU A 687 -26.43 4.41 -54.86
C LEU A 687 -25.54 3.71 -55.85
N ASP A 688 -24.92 2.62 -55.39
CA ASP A 688 -23.96 1.88 -56.18
C ASP A 688 -23.03 2.81 -56.97
N GLY A 689 -22.51 3.82 -56.29
CA GLY A 689 -21.51 4.73 -56.86
C GLY A 689 -22.05 6.03 -57.42
N LYS A 690 -23.37 6.09 -57.62
CA LYS A 690 -24.03 7.25 -58.19
C LYS A 690 -24.51 8.19 -57.08
N PRO A 691 -23.94 9.40 -57.02
CA PRO A 691 -24.25 10.40 -56.00
C PRO A 691 -25.72 10.83 -56.04
N LEU A 692 -26.41 10.70 -54.90
CA LEU A 692 -27.81 11.12 -54.82
C LEU A 692 -28.00 12.36 -53.97
N ALA A 693 -27.20 12.50 -52.92
CA ALA A 693 -27.23 13.68 -52.04
C ALA A 693 -25.90 13.88 -51.34
N SER A 694 -25.58 15.14 -51.05
CA SER A 694 -24.38 15.50 -50.31
C SER A 694 -24.52 16.87 -49.69
N GLY A 695 -23.93 17.03 -48.51
CA GLY A 695 -23.91 18.31 -47.81
C GLY A 695 -22.71 18.39 -46.90
N GLU A 696 -22.67 19.43 -46.07
CA GLU A 696 -21.58 19.64 -45.12
C GLU A 696 -22.05 20.38 -43.87
N VAL A 697 -21.54 19.93 -42.72
CA VAL A 697 -21.91 20.47 -41.41
C VAL A 697 -20.63 20.81 -40.66
N PRO A 698 -20.56 22.00 -40.02
CA PRO A 698 -19.37 22.32 -39.24
C PRO A 698 -19.29 21.47 -37.97
N LEU A 699 -18.11 20.90 -37.71
CA LEU A 699 -17.88 20.17 -36.48
C LEU A 699 -17.60 21.13 -35.31
N ASP A 700 -18.29 20.87 -34.20
CA ASP A 700 -18.23 21.72 -33.03
C ASP A 700 -18.24 20.81 -31.81
N VAL A 701 -17.12 20.12 -31.60
CA VAL A 701 -17.04 19.07 -30.58
C VAL A 701 -15.97 19.42 -29.56
N ALA A 702 -16.32 19.35 -28.28
CA ALA A 702 -15.39 19.58 -27.19
C ALA A 702 -14.48 18.37 -27.04
N PRO A 703 -13.26 18.56 -26.49
CA PRO A 703 -12.42 17.37 -26.33
C PRO A 703 -13.17 16.35 -25.49
N GLN A 704 -13.20 15.09 -25.96
CA GLN A 704 -13.89 13.98 -25.30
C GLN A 704 -15.42 14.08 -25.38
N GLY A 705 -15.91 15.06 -26.12
CA GLY A 705 -17.33 15.32 -26.20
C GLY A 705 -18.01 14.69 -27.39
N LYS A 706 -19.30 14.98 -27.53
CA LYS A 706 -20.14 14.46 -28.59
C LYS A 706 -20.91 15.56 -29.31
N GLN A 707 -21.32 15.27 -30.54
CA GLN A 707 -22.18 16.16 -31.32
C GLN A 707 -23.10 15.31 -32.17
N LEU A 708 -24.39 15.66 -32.18
CA LEU A 708 -25.37 14.96 -32.99
C LEU A 708 -25.65 15.75 -34.27
N ILE A 709 -25.57 15.07 -35.40
CA ILE A 709 -25.90 15.68 -36.69
C ILE A 709 -27.02 14.90 -37.36
N GLU A 710 -28.19 15.52 -37.47
CA GLU A 710 -29.31 14.91 -38.15
C GLU A 710 -29.24 15.24 -39.63
N LEU A 711 -29.14 14.20 -40.47
CA LEU A 711 -29.13 14.37 -41.91
C LEU A 711 -30.51 14.79 -42.40
N PRO A 712 -30.56 15.64 -43.45
CA PRO A 712 -31.84 16.04 -44.04
C PRO A 712 -32.54 14.86 -44.70
N GLU A 713 -33.85 14.98 -44.89
CA GLU A 713 -34.65 13.93 -45.52
C GLU A 713 -34.00 13.52 -46.84
N LEU A 714 -33.83 12.22 -47.01
CA LEU A 714 -33.17 11.68 -48.20
C LEU A 714 -34.17 11.38 -49.31
N PRO A 715 -33.83 11.73 -50.57
CA PRO A 715 -34.69 11.39 -51.70
C PRO A 715 -34.71 9.88 -51.94
N GLN A 716 -35.89 9.35 -52.26
CA GLN A 716 -36.03 7.92 -52.51
C GLN A 716 -35.30 7.50 -53.78
N PRO A 717 -34.42 6.48 -53.68
CA PRO A 717 -33.70 5.96 -54.85
C PRO A 717 -34.66 5.43 -55.90
N GLU A 718 -34.33 5.64 -57.17
CA GLU A 718 -35.18 5.16 -58.27
C GLU A 718 -34.93 3.67 -58.55
N SER A 719 -33.76 3.35 -59.10
CA SER A 719 -33.39 1.97 -59.42
C SER A 719 -33.03 1.17 -58.16
N ALA A 720 -32.78 -0.13 -58.35
CA ALA A 720 -32.45 -1.01 -57.24
C ALA A 720 -30.99 -0.84 -56.81
N GLY A 721 -30.66 -1.41 -55.65
CA GLY A 721 -29.29 -1.41 -55.16
C GLY A 721 -29.15 -0.89 -53.74
N GLN A 722 -27.90 -0.83 -53.27
CA GLN A 722 -27.59 -0.45 -51.89
C GLN A 722 -27.18 1.01 -51.77
N LEU A 723 -27.85 1.73 -50.88
CA LEU A 723 -27.42 3.09 -50.55
C LEU A 723 -26.27 3.04 -49.54
N TRP A 724 -25.29 3.92 -49.74
CA TRP A 724 -24.12 4.01 -48.86
C TRP A 724 -23.94 5.42 -48.35
N LEU A 725 -23.74 5.55 -47.04
CA LEU A 725 -23.39 6.84 -46.46
C LEU A 725 -21.88 6.89 -46.20
N THR A 726 -21.23 7.93 -46.69
CA THR A 726 -19.82 8.20 -46.44
C THR A 726 -19.66 9.57 -45.79
N VAL A 727 -18.95 9.62 -44.66
CA VAL A 727 -18.64 10.90 -44.01
C VAL A 727 -17.13 11.12 -43.94
N ARG A 728 -16.72 12.37 -44.16
CA ARG A 728 -15.31 12.74 -44.20
C ARG A 728 -15.13 13.99 -43.38
N VAL A 729 -14.12 13.96 -42.50
CA VAL A 729 -13.78 15.15 -41.74
C VAL A 729 -12.68 15.87 -42.51
N VAL A 730 -12.96 17.12 -42.86
CA VAL A 730 -12.08 17.93 -43.69
C VAL A 730 -11.61 19.14 -42.90
N GLN A 731 -10.32 19.43 -42.98
CA GLN A 731 -9.76 20.64 -42.36
C GLN A 731 -9.72 21.80 -43.36
N PRO A 732 -10.64 22.78 -43.20
CA PRO A 732 -10.73 23.87 -44.17
C PRO A 732 -9.44 24.71 -44.27
N ASN A 733 -8.76 24.92 -43.14
CA ASN A 733 -7.57 25.78 -43.12
C ASN A 733 -6.27 24.99 -43.03
N ALA A 734 -5.25 25.47 -43.71
CA ALA A 734 -3.91 24.91 -43.59
C ALA A 734 -3.36 25.08 -42.17
N THR A 735 -2.41 24.22 -41.82
CA THR A 735 -1.76 24.22 -40.52
C THR A 735 -0.27 24.13 -40.79
N ALA A 736 0.53 24.11 -39.73
CA ALA A 736 1.98 23.91 -39.88
C ALA A 736 2.30 22.54 -40.47
N TRP A 737 1.36 21.60 -40.34
CA TRP A 737 1.61 20.21 -40.73
C TRP A 737 0.70 19.68 -41.85
N SER A 738 -0.30 20.47 -42.29
CA SER A 738 -1.20 20.04 -43.36
C SER A 738 -1.74 21.17 -44.27
N GLU A 739 -1.99 20.80 -45.53
CA GLU A 739 -2.60 21.68 -46.52
C GLU A 739 -4.09 21.89 -46.24
N ALA A 740 -4.64 22.98 -46.77
CA ALA A 740 -6.09 23.20 -46.70
C ALA A 740 -6.83 22.07 -47.44
N GLY A 741 -7.91 21.60 -46.84
CA GLY A 741 -8.68 20.49 -47.42
C GLY A 741 -8.24 19.10 -46.97
N HIS A 742 -7.26 19.04 -46.08
CA HIS A 742 -6.75 17.76 -45.54
C HIS A 742 -7.87 16.94 -44.90
N ILE A 743 -8.02 15.69 -45.34
CA ILE A 743 -9.00 14.76 -44.77
C ILE A 743 -8.36 14.01 -43.61
N SER A 744 -8.97 14.12 -42.43
CA SER A 744 -8.35 13.59 -41.22
C SER A 744 -9.02 12.33 -40.71
N ALA A 745 -10.30 12.17 -41.03
CA ALA A 745 -11.10 11.02 -40.62
C ALA A 745 -12.21 10.72 -41.62
N TRP A 746 -12.68 9.47 -41.62
CA TRP A 746 -13.80 9.05 -42.47
C TRP A 746 -14.46 7.79 -41.95
N GLN A 747 -15.70 7.56 -42.36
CA GLN A 747 -16.45 6.34 -42.02
C GLN A 747 -17.56 6.10 -43.05
N GLN A 748 -17.94 4.83 -43.23
CA GLN A 748 -19.04 4.42 -44.13
C GLN A 748 -20.08 3.56 -43.44
N TRP A 749 -21.34 3.70 -43.87
CA TRP A 749 -22.42 2.82 -43.47
C TRP A 749 -23.26 2.43 -44.66
N ARG A 750 -23.87 1.24 -44.58
CA ARG A 750 -24.94 0.87 -45.49
C ARG A 750 -26.22 1.47 -44.97
N LEU A 751 -26.95 2.18 -45.83
CA LEU A 751 -28.29 2.62 -45.50
C LEU A 751 -29.30 1.65 -46.12
N ALA A 752 -30.43 2.17 -46.62
CA ALA A 752 -31.47 1.33 -47.21
C ALA A 752 -30.93 0.52 -48.39
N GLU A 753 -31.38 -0.73 -48.48
CA GLU A 753 -31.13 -1.56 -49.66
C GLU A 753 -32.46 -1.93 -50.31
N ASN A 754 -32.53 -1.79 -51.63
CA ASN A 754 -33.70 -2.26 -52.38
C ASN A 754 -33.25 -3.35 -53.34
N LEU A 755 -33.61 -4.58 -53.02
CA LEU A 755 -33.17 -5.74 -53.80
C LEU A 755 -33.87 -5.78 -55.16
N SER A 756 -33.09 -6.03 -56.22
CA SER A 756 -33.65 -6.10 -57.57
C SER A 756 -34.56 -7.31 -57.75
N VAL A 757 -35.80 -7.04 -58.13
CA VAL A 757 -36.79 -8.09 -58.40
C VAL A 757 -37.15 -8.20 -59.89
N THR A 758 -36.68 -7.25 -60.69
CA THR A 758 -36.99 -7.25 -62.12
C THR A 758 -36.12 -8.25 -62.89
N LEU A 759 -36.77 -9.18 -63.60
CA LEU A 759 -36.10 -10.15 -64.46
C LEU A 759 -35.44 -9.47 -65.65
N PRO A 760 -34.27 -9.98 -66.09
CA PRO A 760 -33.67 -9.44 -67.31
C PRO A 760 -34.61 -9.63 -68.50
N ALA A 761 -34.62 -8.66 -69.41
CA ALA A 761 -35.44 -8.74 -70.62
C ALA A 761 -35.07 -9.98 -71.44
N ALA A 762 -36.09 -10.75 -71.84
CA ALA A 762 -35.87 -11.99 -72.59
C ALA A 762 -35.22 -11.73 -73.95
N SER A 763 -34.27 -12.58 -74.31
CA SER A 763 -33.51 -12.44 -75.55
C SER A 763 -34.19 -13.18 -76.70
N HIS A 764 -34.03 -12.63 -77.91
CA HIS A 764 -34.54 -13.26 -79.12
C HIS A 764 -33.57 -14.34 -79.58
N ALA A 765 -32.27 -14.04 -79.49
CA ALA A 765 -31.20 -14.93 -79.91
C ALA A 765 -31.00 -16.11 -78.95
N ILE A 766 -30.31 -17.14 -79.44
CA ILE A 766 -30.03 -18.33 -78.66
C ILE A 766 -28.69 -18.93 -79.14
N PRO A 767 -27.76 -19.21 -78.21
CA PRO A 767 -26.40 -19.59 -78.58
C PRO A 767 -26.30 -21.03 -79.10
N HIS A 768 -25.49 -21.21 -80.15
CA HIS A 768 -25.33 -22.52 -80.78
C HIS A 768 -24.09 -23.25 -80.27
N LEU A 769 -24.28 -24.53 -79.96
CA LEU A 769 -23.19 -25.41 -79.58
C LEU A 769 -22.57 -26.05 -80.84
N THR A 770 -21.28 -26.36 -80.75
CA THR A 770 -20.57 -27.10 -81.79
C THR A 770 -19.63 -28.05 -81.09
N THR A 771 -19.82 -29.34 -81.34
CA THR A 771 -19.07 -30.36 -80.64
C THR A 771 -18.00 -30.99 -81.53
N SER A 772 -16.85 -31.26 -80.93
CA SER A 772 -15.83 -32.11 -81.51
C SER A 772 -15.36 -33.00 -80.37
N GLU A 773 -14.54 -34.00 -80.66
CA GLU A 773 -14.01 -34.86 -79.60
C GLU A 773 -13.11 -34.07 -78.63
N MET A 774 -12.55 -32.98 -79.13
CA MET A 774 -11.54 -32.21 -78.40
C MET A 774 -12.09 -30.91 -77.78
N ASP A 775 -13.19 -30.39 -78.31
CA ASP A 775 -13.72 -29.09 -77.88
C ASP A 775 -15.25 -28.98 -77.78
N PHE A 776 -15.72 -28.06 -76.94
CA PHE A 776 -17.10 -27.54 -77.00
C PHE A 776 -17.04 -26.08 -77.41
N CYS A 777 -17.61 -25.75 -78.56
CA CYS A 777 -17.63 -24.36 -79.02
C CYS A 777 -19.02 -23.76 -78.92
N ILE A 778 -19.11 -22.57 -78.30
CA ILE A 778 -20.37 -21.83 -78.21
C ILE A 778 -20.27 -20.54 -79.01
N GLU A 779 -21.32 -20.22 -79.78
CA GLU A 779 -21.33 -19.03 -80.63
C GLU A 779 -22.63 -18.22 -80.51
N LEU A 780 -22.50 -16.90 -80.46
CA LEU A 780 -23.62 -15.98 -80.40
C LEU A 780 -23.20 -14.65 -80.99
N GLY A 781 -23.54 -14.42 -82.26
CA GLY A 781 -23.12 -13.22 -82.97
C GLY A 781 -21.61 -13.20 -83.15
N ASN A 782 -20.98 -12.12 -82.73
CA ASN A 782 -19.52 -12.01 -82.79
C ASN A 782 -18.81 -12.73 -81.64
N LYS A 783 -19.57 -13.10 -80.62
CA LYS A 783 -19.02 -13.71 -79.41
C LYS A 783 -18.90 -15.22 -79.55
N ARG A 784 -17.77 -15.75 -79.10
CA ARG A 784 -17.48 -17.18 -79.20
C ARG A 784 -16.70 -17.70 -77.97
N TRP A 785 -17.10 -18.87 -77.47
CA TRP A 785 -16.44 -19.50 -76.31
C TRP A 785 -15.91 -20.88 -76.68
N GLN A 786 -14.72 -21.21 -76.18
CA GLN A 786 -14.16 -22.54 -76.42
C GLN A 786 -13.73 -23.19 -75.11
N PHE A 787 -14.32 -24.36 -74.85
CA PHE A 787 -13.96 -25.17 -73.71
C PHE A 787 -13.19 -26.38 -74.21
N ASN A 788 -11.98 -26.57 -73.69
CA ASN A 788 -11.17 -27.72 -74.03
C ASN A 788 -11.66 -28.93 -73.26
N ARG A 789 -11.90 -30.03 -73.96
CA ARG A 789 -12.51 -31.22 -73.36
C ARG A 789 -11.51 -32.15 -72.68
N GLN A 790 -10.22 -31.88 -72.88
CA GLN A 790 -9.18 -32.65 -72.22
C GLN A 790 -8.77 -31.98 -70.90
N SER A 791 -8.71 -30.65 -70.91
CA SER A 791 -8.31 -29.92 -69.71
C SER A 791 -9.51 -29.62 -68.83
N GLY A 792 -10.65 -29.33 -69.46
CA GLY A 792 -11.90 -28.98 -68.76
C GLY A 792 -12.09 -27.51 -68.43
N PHE A 793 -11.34 -26.64 -69.11
CA PHE A 793 -11.40 -25.20 -68.86
C PHE A 793 -11.70 -24.44 -70.14
N LEU A 794 -12.21 -23.22 -69.96
CA LEU A 794 -12.36 -22.26 -71.05
C LEU A 794 -10.96 -21.90 -71.54
N SER A 795 -10.61 -22.37 -72.73
CA SER A 795 -9.27 -22.14 -73.29
C SER A 795 -9.22 -20.89 -74.15
N GLN A 796 -10.32 -20.56 -74.80
CA GLN A 796 -10.37 -19.34 -75.59
C GLN A 796 -11.76 -18.73 -75.65
N MET A 797 -11.79 -17.46 -76.05
CA MET A 797 -13.00 -16.66 -76.14
C MET A 797 -12.72 -15.58 -77.19
N TRP A 798 -13.73 -15.24 -78.00
CA TRP A 798 -13.57 -14.25 -79.08
C TRP A 798 -14.59 -13.12 -79.00
N ILE A 799 -14.16 -11.92 -79.35
CA ILE A 799 -15.05 -10.80 -79.65
C ILE A 799 -14.61 -10.25 -81.01
N GLY A 800 -15.53 -10.18 -81.97
CA GLY A 800 -15.17 -10.03 -83.37
C GLY A 800 -14.61 -11.38 -83.77
N ASP A 801 -13.35 -11.39 -84.20
CA ASP A 801 -12.62 -12.65 -84.32
C ASP A 801 -11.32 -12.57 -83.53
N LYS A 802 -11.27 -11.62 -82.59
CA LYS A 802 -10.08 -11.36 -81.79
C LYS A 802 -10.05 -12.23 -80.53
N LYS A 803 -8.95 -12.96 -80.36
CA LYS A 803 -8.68 -13.75 -79.16
C LYS A 803 -8.67 -12.85 -77.92
N GLN A 804 -9.15 -13.38 -76.79
CA GLN A 804 -9.21 -12.63 -75.55
C GLN A 804 -8.30 -13.21 -74.47
N LEU A 805 -7.89 -14.47 -74.65
CA LEU A 805 -7.07 -15.17 -73.67
C LEU A 805 -5.73 -15.62 -74.21
N LEU A 806 -4.72 -15.53 -73.36
CA LEU A 806 -3.39 -16.09 -73.62
C LEU A 806 -3.15 -17.33 -72.75
N THR A 807 -3.92 -17.45 -71.66
CA THR A 807 -3.85 -18.63 -70.79
C THR A 807 -5.28 -18.99 -70.41
N PRO A 808 -5.62 -20.30 -70.38
CA PRO A 808 -6.96 -20.72 -70.00
C PRO A 808 -7.40 -20.20 -68.63
N LEU A 809 -8.71 -20.05 -68.44
CA LEU A 809 -9.30 -19.75 -67.14
C LEU A 809 -9.21 -21.00 -66.27
N ARG A 810 -8.50 -20.89 -65.14
CA ARG A 810 -8.26 -22.03 -64.27
C ARG A 810 -8.43 -21.65 -62.81
N ASP A 811 -8.84 -22.62 -61.99
CA ASP A 811 -8.85 -22.45 -60.55
C ASP A 811 -7.44 -22.08 -60.05
N GLN A 812 -7.40 -21.26 -59.01
CA GLN A 812 -6.14 -20.95 -58.32
C GLN A 812 -6.34 -20.99 -56.81
N PHE A 813 -5.47 -21.73 -56.14
CA PHE A 813 -5.56 -21.96 -54.71
C PHE A 813 -4.32 -21.46 -53.96
N THR A 814 -3.47 -20.70 -54.65
CA THR A 814 -2.19 -20.28 -54.09
C THR A 814 -1.94 -18.80 -54.36
N ARG A 815 -1.09 -18.19 -53.55
CA ARG A 815 -0.59 -16.83 -53.83
C ARG A 815 0.93 -16.80 -53.84
N ALA A 816 1.52 -15.83 -54.54
CA ALA A 816 2.94 -15.54 -54.38
C ALA A 816 3.12 -15.10 -52.91
N PRO A 817 3.91 -15.87 -52.14
CA PRO A 817 3.90 -15.73 -50.68
C PRO A 817 4.33 -14.37 -50.19
N LEU A 818 3.55 -13.81 -49.28
CA LEU A 818 3.90 -12.56 -48.60
C LEU A 818 5.07 -12.81 -47.64
N ASP A 819 5.74 -11.73 -47.23
CA ASP A 819 6.78 -11.82 -46.20
C ASP A 819 6.25 -12.50 -44.95
N ASN A 820 5.01 -12.17 -44.57
CA ASN A 820 4.32 -12.86 -43.47
C ASN A 820 4.05 -14.37 -43.67
N ASP A 821 3.89 -14.79 -44.92
CA ASP A 821 3.72 -16.22 -45.26
C ASP A 821 5.05 -16.97 -45.15
N ILE A 822 6.14 -16.26 -45.44
CA ILE A 822 7.48 -16.85 -45.43
C ILE A 822 7.98 -16.94 -43.99
N GLY A 823 7.65 -15.93 -43.19
CA GLY A 823 7.81 -15.98 -41.75
C GLY A 823 9.18 -16.41 -41.27
N VAL A 824 10.19 -15.67 -41.72
CA VAL A 824 11.54 -15.81 -41.22
C VAL A 824 12.08 -14.42 -40.85
N SER A 825 12.77 -14.32 -39.71
CA SER A 825 13.41 -13.06 -39.30
C SER A 825 14.92 -13.14 -39.46
N GLU A 826 15.39 -14.36 -39.68
CA GLU A 826 16.79 -14.66 -39.90
C GLU A 826 16.91 -15.53 -41.16
N ALA A 827 17.85 -15.19 -42.03
CA ALA A 827 18.07 -15.89 -43.31
C ALA A 827 18.23 -17.41 -43.18
N THR A 828 18.66 -17.88 -42.00
CA THR A 828 19.08 -19.27 -41.80
C THR A 828 18.00 -20.23 -41.22
N ARG A 829 16.81 -19.71 -40.91
CA ARG A 829 15.77 -20.50 -40.25
C ARG A 829 14.64 -20.97 -41.17
N ILE A 830 14.86 -22.11 -41.84
CA ILE A 830 13.84 -22.78 -42.68
C ILE A 830 12.74 -23.40 -41.80
N ASP A 831 11.73 -22.58 -41.46
CA ASP A 831 10.66 -22.94 -40.50
C ASP A 831 9.54 -23.76 -41.16
N PRO A 832 9.34 -25.01 -40.72
CA PRO A 832 8.27 -25.85 -41.27
C PRO A 832 6.85 -25.40 -40.87
N ASN A 833 6.75 -24.56 -39.85
CA ASN A 833 5.48 -24.03 -39.38
C ASN A 833 4.97 -22.82 -40.18
N ALA A 834 5.87 -22.18 -40.93
CA ALA A 834 5.51 -21.05 -41.79
C ALA A 834 4.45 -21.48 -42.80
N TRP A 835 3.55 -20.56 -43.12
CA TRP A 835 2.49 -20.84 -44.07
C TRP A 835 3.04 -21.30 -45.42
N VAL A 836 4.08 -20.63 -45.92
CA VAL A 836 4.64 -20.99 -47.23
C VAL A 836 5.14 -22.43 -47.22
N GLU A 837 5.74 -22.85 -46.12
CA GLU A 837 6.33 -24.17 -46.00
C GLU A 837 5.26 -25.27 -45.88
N ARG A 838 4.17 -24.94 -45.20
CA ARG A 838 3.05 -25.88 -45.09
C ARG A 838 2.36 -26.08 -46.44
N TRP A 839 2.18 -24.99 -47.18
CA TRP A 839 1.61 -25.05 -48.52
C TRP A 839 2.54 -25.83 -49.46
N LYS A 840 3.84 -25.55 -49.39
CA LYS A 840 4.81 -26.27 -50.20
C LYS A 840 4.80 -27.77 -49.92
N ALA A 841 4.90 -28.16 -48.65
CA ALA A 841 4.97 -29.56 -48.27
C ALA A 841 3.68 -30.33 -48.52
N ALA A 842 2.56 -29.60 -48.61
CA ALA A 842 1.27 -30.22 -48.93
C ALA A 842 1.07 -30.34 -50.44
N GLY A 843 1.93 -29.67 -51.20
CA GLY A 843 1.87 -29.72 -52.66
C GLY A 843 0.94 -28.73 -53.34
N HIS A 844 0.53 -27.68 -52.62
CA HIS A 844 -0.41 -26.71 -53.19
C HIS A 844 0.11 -26.06 -54.47
N TYR A 845 1.40 -25.75 -54.50
CA TYR A 845 2.02 -25.08 -55.65
C TYR A 845 2.31 -26.01 -56.83
N GLN A 846 2.36 -27.32 -56.60
CA GLN A 846 2.63 -28.26 -57.69
C GLN A 846 1.50 -29.28 -57.96
N ALA A 847 0.34 -29.02 -57.38
CA ALA A 847 -0.87 -29.83 -57.61
C ALA A 847 -1.37 -29.71 -59.06
N GLU A 848 -1.77 -30.84 -59.62
CA GLU A 848 -2.22 -30.88 -61.02
C GLU A 848 -3.69 -31.19 -61.13
N ALA A 849 -4.39 -30.39 -61.94
CA ALA A 849 -5.81 -30.57 -62.19
C ALA A 849 -6.09 -31.88 -62.96
N ALA A 850 -6.86 -32.77 -62.34
CA ALA A 850 -7.26 -34.02 -63.00
C ALA A 850 -8.75 -33.95 -63.30
N LEU A 851 -9.10 -34.05 -64.58
CA LEU A 851 -10.47 -33.87 -65.02
C LEU A 851 -11.35 -35.04 -64.57
N LEU A 852 -12.48 -34.71 -63.96
CA LEU A 852 -13.41 -35.70 -63.48
C LEU A 852 -14.66 -35.72 -64.33
N GLN A 853 -14.97 -34.59 -64.97
CA GLN A 853 -16.23 -34.42 -65.69
C GLN A 853 -16.18 -33.21 -66.62
N CYS A 854 -16.72 -33.39 -67.81
CA CYS A 854 -16.89 -32.28 -68.76
C CYS A 854 -18.03 -32.64 -69.71
N THR A 855 -19.14 -31.92 -69.56
CA THR A 855 -20.34 -32.20 -70.34
C THR A 855 -20.96 -30.91 -70.85
N ALA A 856 -21.66 -31.02 -71.99
CA ALA A 856 -22.41 -29.90 -72.55
C ALA A 856 -23.90 -30.25 -72.64
N ASP A 857 -24.73 -29.22 -72.55
CA ASP A 857 -26.18 -29.35 -72.60
C ASP A 857 -26.79 -28.14 -73.29
N THR A 858 -27.88 -28.37 -74.02
CA THR A 858 -28.58 -27.29 -74.72
C THR A 858 -29.94 -27.05 -74.07
N LEU A 859 -30.14 -25.83 -73.58
CA LEU A 859 -31.39 -25.44 -72.95
C LEU A 859 -32.18 -24.49 -73.87
N ALA A 860 -33.35 -24.05 -73.40
CA ALA A 860 -34.26 -23.22 -74.18
C ALA A 860 -33.63 -21.92 -74.67
N ASP A 861 -32.78 -21.33 -73.84
CA ASP A 861 -32.16 -20.04 -74.15
C ASP A 861 -30.65 -20.01 -73.88
N ALA A 862 -30.08 -21.17 -73.53
CA ALA A 862 -28.68 -21.21 -73.12
C ALA A 862 -27.96 -22.53 -73.40
N VAL A 863 -26.65 -22.46 -73.58
CA VAL A 863 -25.79 -23.65 -73.48
C VAL A 863 -25.22 -23.73 -72.05
N LEU A 864 -25.19 -24.94 -71.50
CA LEU A 864 -24.74 -25.20 -70.14
C LEU A 864 -23.57 -26.17 -70.12
N ILE A 865 -22.38 -25.67 -69.73
CA ILE A 865 -21.19 -26.52 -69.54
C ILE A 865 -21.00 -26.87 -68.07
N THR A 866 -20.86 -28.16 -67.78
CA THR A 866 -20.61 -28.64 -66.43
C THR A 866 -19.24 -29.31 -66.34
N THR A 867 -18.45 -28.93 -65.34
CA THR A 867 -17.12 -29.50 -65.14
C THR A 867 -16.87 -29.89 -63.69
N ALA A 868 -15.97 -30.85 -63.50
CA ALA A 868 -15.43 -31.16 -62.19
C ALA A 868 -13.95 -31.50 -62.32
N HIS A 869 -13.16 -30.98 -61.39
CA HIS A 869 -11.73 -31.26 -61.31
C HIS A 869 -11.35 -31.70 -59.90
N ALA A 870 -10.31 -32.52 -59.80
CA ALA A 870 -9.68 -32.80 -58.51
C ALA A 870 -8.23 -32.31 -58.60
N TRP A 871 -7.76 -31.68 -57.52
CA TRP A 871 -6.34 -31.33 -57.41
C TRP A 871 -5.65 -32.28 -56.48
N GLN A 872 -4.55 -32.84 -56.96
CA GLN A 872 -3.91 -33.93 -56.28
C GLN A 872 -2.40 -33.76 -56.24
N HIS A 873 -1.83 -34.20 -55.13
CA HIS A 873 -0.38 -34.26 -54.98
C HIS A 873 -0.05 -35.59 -54.32
N GLN A 874 0.69 -36.42 -55.05
CA GLN A 874 1.20 -37.70 -54.54
C GLN A 874 0.08 -38.55 -53.92
N GLY A 875 -0.99 -38.73 -54.68
CA GLY A 875 -2.11 -39.58 -54.27
C GLY A 875 -3.15 -38.97 -53.34
N LYS A 876 -2.91 -37.74 -52.90
CA LYS A 876 -3.79 -37.05 -51.96
C LYS A 876 -4.61 -36.01 -52.73
N THR A 877 -5.93 -36.01 -52.51
CA THR A 877 -6.79 -34.99 -53.10
C THR A 877 -6.90 -33.79 -52.16
N LEU A 878 -6.42 -32.64 -52.63
CA LEU A 878 -6.40 -31.42 -51.83
C LEU A 878 -7.70 -30.65 -52.01
N PHE A 879 -8.04 -30.39 -53.27
CA PHE A 879 -9.18 -29.58 -53.64
C PHE A 879 -10.01 -30.27 -54.72
N ILE A 880 -11.31 -30.02 -54.70
CA ILE A 880 -12.19 -30.39 -55.80
C ILE A 880 -12.96 -29.15 -56.21
N SER A 881 -13.01 -28.89 -57.52
CA SER A 881 -13.76 -27.77 -58.05
C SER A 881 -14.84 -28.26 -58.99
N ARG A 882 -16.09 -27.90 -58.67
CA ARG A 882 -17.24 -28.20 -59.54
C ARG A 882 -17.82 -26.91 -60.08
N LYS A 883 -18.00 -26.83 -61.40
CA LYS A 883 -18.45 -25.60 -62.02
C LYS A 883 -19.59 -25.79 -63.01
N THR A 884 -20.36 -24.72 -63.21
CA THR A 884 -21.29 -24.62 -64.33
C THR A 884 -21.04 -23.30 -65.04
N TYR A 885 -20.93 -23.37 -66.36
CA TYR A 885 -20.84 -22.17 -67.17
C TYR A 885 -22.14 -22.12 -67.97
N ARG A 886 -22.94 -21.09 -67.71
CA ARG A 886 -24.23 -20.91 -68.39
C ARG A 886 -24.18 -19.69 -69.29
N ILE A 887 -24.12 -19.94 -70.60
CA ILE A 887 -24.06 -18.89 -71.61
C ILE A 887 -25.42 -18.76 -72.30
N ASP A 888 -26.05 -17.58 -72.20
CA ASP A 888 -27.40 -17.37 -72.73
C ASP A 888 -27.47 -16.37 -73.88
N GLY A 889 -28.69 -16.10 -74.33
CA GLY A 889 -28.95 -15.27 -75.51
C GLY A 889 -28.54 -13.82 -75.38
N SER A 890 -28.39 -13.34 -74.15
CA SER A 890 -27.95 -11.96 -73.90
C SER A 890 -26.46 -11.76 -74.22
N GLY A 891 -25.67 -12.80 -73.99
CA GLY A 891 -24.22 -12.75 -74.25
C GLY A 891 -23.40 -12.91 -72.98
N GLN A 892 -24.10 -13.27 -71.90
CA GLN A 892 -23.51 -13.37 -70.58
C GLN A 892 -23.17 -14.81 -70.24
N MET A 893 -22.04 -14.98 -69.56
CA MET A 893 -21.61 -16.27 -69.07
C MET A 893 -21.66 -16.25 -67.54
N ALA A 894 -22.49 -17.12 -66.97
CA ALA A 894 -22.61 -17.22 -65.52
C ALA A 894 -21.78 -18.38 -65.03
N ILE A 895 -20.74 -18.07 -64.25
CA ILE A 895 -19.85 -19.10 -63.73
C ILE A 895 -20.20 -19.34 -62.27
N THR A 896 -20.66 -20.57 -61.99
CA THR A 896 -20.97 -21.00 -60.64
C THR A 896 -19.86 -21.95 -60.18
N VAL A 897 -19.21 -21.62 -59.06
CA VAL A 897 -18.11 -22.44 -58.56
C VAL A 897 -18.37 -22.93 -57.13
N ASP A 898 -18.29 -24.24 -56.92
CA ASP A 898 -18.28 -24.82 -55.58
C ASP A 898 -17.03 -25.65 -55.37
N VAL A 899 -16.36 -25.40 -54.25
CA VAL A 899 -15.05 -25.97 -53.99
C VAL A 899 -15.07 -26.74 -52.68
N GLU A 900 -14.49 -27.93 -52.70
CA GLU A 900 -14.22 -28.70 -51.49
C GLU A 900 -12.72 -28.66 -51.20
N VAL A 901 -12.37 -28.47 -49.93
CA VAL A 901 -10.98 -28.42 -49.51
C VAL A 901 -10.83 -29.42 -48.39
N ALA A 902 -9.93 -30.39 -48.59
CA ALA A 902 -9.66 -31.39 -47.58
C ALA A 902 -9.34 -30.69 -46.27
N SER A 903 -9.91 -31.22 -45.20
CA SER A 903 -9.87 -30.60 -43.88
C SER A 903 -8.48 -30.72 -43.26
N ASP A 904 -7.73 -31.71 -43.73
CA ASP A 904 -6.39 -32.00 -43.19
C ASP A 904 -5.27 -31.38 -44.01
N THR A 905 -5.61 -30.68 -45.09
CA THR A 905 -4.61 -29.91 -45.80
C THR A 905 -4.56 -28.50 -45.20
N PRO A 906 -3.38 -27.87 -45.13
CA PRO A 906 -3.32 -26.48 -44.67
C PRO A 906 -4.26 -25.59 -45.46
N HIS A 907 -4.95 -24.70 -44.77
CA HIS A 907 -5.92 -23.82 -45.41
C HIS A 907 -5.24 -23.08 -46.55
N PRO A 908 -5.92 -23.04 -47.72
CA PRO A 908 -5.32 -22.45 -48.91
C PRO A 908 -5.30 -20.93 -48.83
N ALA A 909 -4.36 -20.31 -49.54
CA ALA A 909 -4.22 -18.86 -49.55
C ALA A 909 -5.38 -18.13 -50.23
N ARG A 910 -6.04 -18.81 -51.17
CA ARG A 910 -7.14 -18.24 -51.93
C ARG A 910 -7.97 -19.34 -52.57
N ILE A 911 -9.18 -18.98 -52.98
CA ILE A 911 -10.07 -19.86 -53.70
C ILE A 911 -10.69 -18.99 -54.78
N GLY A 912 -10.17 -19.09 -55.99
CA GLY A 912 -10.68 -18.31 -57.09
C GLY A 912 -10.21 -18.80 -58.43
N LEU A 913 -10.29 -17.93 -59.42
CA LEU A 913 -9.90 -18.26 -60.77
C LEU A 913 -8.89 -17.26 -61.27
N ASN A 914 -8.05 -17.69 -62.21
CA ASN A 914 -7.16 -16.77 -62.87
C ASN A 914 -7.00 -17.08 -64.37
N CYS A 915 -6.54 -16.07 -65.10
CA CYS A 915 -6.27 -16.21 -66.51
C CYS A 915 -5.41 -15.04 -66.96
N GLN A 916 -4.81 -15.16 -68.13
CA GLN A 916 -4.05 -14.08 -68.74
C GLN A 916 -4.81 -13.54 -69.94
N LEU A 917 -5.35 -12.33 -69.79
CA LEU A 917 -6.07 -11.67 -70.88
C LEU A 917 -5.09 -11.11 -71.92
N ALA A 918 -5.45 -11.18 -73.19
CA ALA A 918 -4.60 -10.69 -74.28
C ALA A 918 -4.56 -9.17 -74.32
N GLN A 919 -5.69 -8.57 -73.96
CA GLN A 919 -5.86 -7.12 -73.95
C GLN A 919 -5.05 -6.46 -72.84
N VAL A 920 -4.43 -5.33 -73.19
CA VAL A 920 -3.82 -4.43 -72.22
C VAL A 920 -4.55 -3.10 -72.37
N ALA A 921 -5.18 -2.66 -71.29
CA ALA A 921 -5.89 -1.39 -71.29
C ALA A 921 -5.24 -0.40 -70.32
N GLU A 922 -5.56 0.88 -70.48
CA GLU A 922 -4.97 1.92 -69.65
C GLU A 922 -5.60 2.03 -68.27
N ARG A 923 -6.90 1.72 -68.17
CA ARG A 923 -7.68 1.94 -66.96
C ARG A 923 -8.30 0.67 -66.36
N VAL A 924 -8.58 0.73 -65.05
CA VAL A 924 -9.33 -0.31 -64.36
C VAL A 924 -10.42 0.39 -63.58
N ASN A 925 -11.67 -0.01 -63.81
CA ASN A 925 -12.83 0.62 -63.22
C ASN A 925 -13.56 -0.41 -62.37
N TRP A 926 -13.86 -0.11 -61.11
CA TRP A 926 -14.58 -1.08 -60.26
C TRP A 926 -15.52 -0.49 -59.24
N LEU A 927 -16.54 -1.26 -58.91
CA LEU A 927 -17.44 -0.95 -57.82
C LEU A 927 -17.11 -1.95 -56.72
N GLY A 928 -16.44 -1.46 -55.69
CA GLY A 928 -15.99 -2.27 -54.56
C GLY A 928 -15.13 -1.46 -53.62
N LEU A 929 -14.34 -2.15 -52.79
CA LEU A 929 -13.52 -1.45 -51.80
C LEU A 929 -12.28 -0.85 -52.45
N GLY A 930 -11.98 0.39 -52.06
CA GLY A 930 -10.81 1.06 -52.59
C GLY A 930 -10.67 2.46 -52.05
N PRO A 931 -9.84 3.28 -52.72
CA PRO A 931 -9.20 2.90 -53.99
C PRO A 931 -7.93 2.05 -53.86
N GLN A 932 -7.32 2.03 -52.69
CA GLN A 932 -6.03 1.36 -52.51
C GLN A 932 -6.17 -0.13 -52.23
N GLU A 933 -5.06 -0.83 -52.41
CA GLU A 933 -4.91 -2.22 -52.01
C GLU A 933 -5.52 -2.49 -50.64
N ASN A 934 -6.36 -3.52 -50.57
CA ASN A 934 -6.98 -3.94 -49.33
C ASN A 934 -7.16 -5.45 -49.32
N TYR A 935 -6.97 -6.05 -48.14
CA TYR A 935 -7.12 -7.49 -47.95
C TYR A 935 -8.14 -7.74 -46.84
N PRO A 936 -8.59 -9.00 -46.67
CA PRO A 936 -9.70 -9.19 -45.75
C PRO A 936 -9.47 -8.71 -44.32
N ASP A 937 -8.24 -8.80 -43.83
CA ASP A 937 -7.91 -8.31 -42.48
C ASP A 937 -7.26 -6.93 -42.50
N ARG A 938 -7.14 -6.35 -43.68
CA ARG A 938 -6.72 -4.95 -43.83
C ARG A 938 -7.59 -4.19 -44.85
N LEU A 939 -8.89 -4.05 -44.54
CA LEU A 939 -9.82 -3.38 -45.44
C LEU A 939 -10.71 -2.32 -44.79
N THR A 940 -10.52 -2.05 -43.50
CA THR A 940 -11.37 -1.10 -42.80
C THR A 940 -11.24 0.33 -43.35
N ALA A 941 -10.07 0.68 -43.87
CA ALA A 941 -9.84 2.02 -44.42
C ALA A 941 -10.43 2.22 -45.82
N ALA A 942 -10.64 1.12 -46.55
CA ALA A 942 -11.19 1.21 -47.90
C ALA A 942 -12.66 1.58 -47.83
N CYS A 943 -13.11 2.32 -48.84
CA CYS A 943 -14.51 2.69 -48.93
C CYS A 943 -15.15 2.04 -50.15
N PHE A 944 -16.39 1.59 -49.99
CA PHE A 944 -17.15 1.08 -51.11
C PHE A 944 -17.58 2.24 -51.99
N ASP A 945 -17.19 2.19 -53.26
CA ASP A 945 -17.60 3.21 -54.23
C ASP A 945 -17.22 2.76 -55.63
N ARG A 946 -17.31 3.71 -56.56
CA ARG A 946 -16.93 3.53 -57.95
C ARG A 946 -15.54 4.10 -58.09
N TRP A 947 -14.57 3.23 -58.32
CA TRP A 947 -13.17 3.64 -58.41
C TRP A 947 -12.64 3.43 -59.82
N ASP A 948 -11.72 4.28 -60.25
CA ASP A 948 -11.15 4.23 -61.58
C ASP A 948 -9.70 4.68 -61.54
N LEU A 949 -8.78 3.73 -61.75
CA LEU A 949 -7.35 4.02 -61.65
C LEU A 949 -6.58 3.55 -62.89
N PRO A 950 -5.40 4.15 -63.16
CA PRO A 950 -4.55 3.56 -64.18
C PRO A 950 -4.12 2.15 -63.77
N LEU A 951 -3.83 1.30 -64.76
CA LEU A 951 -3.45 -0.08 -64.50
C LEU A 951 -2.27 -0.19 -63.51
N SER A 952 -1.30 0.72 -63.64
CA SER A 952 -0.09 0.68 -62.78
C SER A 952 -0.41 0.82 -61.29
N ASP A 953 -1.44 1.59 -60.95
CA ASP A 953 -1.86 1.80 -59.55
C ASP A 953 -2.49 0.55 -58.95
N MET A 954 -2.73 -0.44 -59.79
CA MET A 954 -3.34 -1.71 -59.36
C MET A 954 -2.29 -2.74 -58.97
N TYR A 955 -1.03 -2.32 -59.10
CA TYR A 955 0.10 -3.12 -58.65
C TYR A 955 0.83 -2.35 -57.55
N THR A 956 1.16 -3.03 -56.45
CA THR A 956 1.95 -2.41 -55.38
C THR A 956 3.41 -2.84 -55.44
N PRO A 957 4.32 -1.87 -55.66
CA PRO A 957 5.73 -2.20 -55.89
C PRO A 957 6.53 -2.52 -54.61
N TYR A 958 6.06 -3.48 -53.82
CA TYR A 958 6.83 -4.01 -52.71
C TYR A 958 8.21 -4.41 -53.22
N VAL A 959 9.25 -4.00 -52.50
CA VAL A 959 10.62 -4.24 -52.97
C VAL A 959 10.89 -5.74 -53.11
N PHE A 960 10.50 -6.52 -52.10
CA PHE A 960 10.46 -7.97 -52.25
C PHE A 960 9.05 -8.35 -52.73
N PRO A 961 8.94 -8.83 -53.98
CA PRO A 961 7.63 -9.03 -54.64
C PRO A 961 6.83 -10.19 -54.07
N SER A 962 5.52 -10.01 -54.00
CA SER A 962 4.61 -10.99 -53.48
C SER A 962 3.23 -10.69 -54.06
N GLU A 963 2.25 -11.54 -53.78
CA GLU A 963 0.84 -11.20 -53.99
C GLU A 963 0.61 -9.76 -53.54
N ASN A 964 -0.07 -8.99 -54.38
CA ASN A 964 -0.23 -7.57 -54.13
C ASN A 964 -1.39 -6.98 -54.91
N GLY A 965 -1.89 -5.85 -54.42
CA GLY A 965 -2.86 -5.07 -55.16
C GLY A 965 -4.29 -5.59 -55.15
N LEU A 966 -4.59 -6.54 -54.27
CA LEU A 966 -5.95 -7.03 -54.17
C LEU A 966 -6.91 -5.92 -53.74
N ARG A 967 -8.16 -6.03 -54.19
CA ARG A 967 -9.26 -5.20 -53.72
C ARG A 967 -10.39 -6.14 -53.37
N CYS A 968 -11.03 -5.91 -52.22
CA CYS A 968 -12.08 -6.79 -51.72
C CYS A 968 -13.45 -6.15 -51.92
N GLY A 969 -14.51 -6.90 -51.59
CA GLY A 969 -15.90 -6.41 -51.66
C GLY A 969 -16.33 -5.85 -53.00
N THR A 970 -15.84 -6.45 -54.08
CA THR A 970 -16.05 -5.94 -55.42
C THR A 970 -17.28 -6.61 -56.08
N ARG A 971 -18.21 -5.76 -56.51
CA ARG A 971 -19.44 -6.22 -57.14
C ARG A 971 -19.35 -6.14 -58.66
N GLU A 972 -18.38 -5.37 -59.16
CA GLU A 972 -18.25 -5.12 -60.59
C GLU A 972 -16.83 -4.69 -60.94
N LEU A 973 -16.27 -5.29 -61.98
CA LEU A 973 -14.95 -4.92 -62.48
C LEU A 973 -14.98 -4.76 -63.99
N ASN A 974 -14.49 -3.63 -64.48
CA ASN A 974 -14.41 -3.33 -65.91
C ASN A 974 -12.97 -3.15 -66.37
N TYR A 975 -12.58 -3.89 -67.41
CA TYR A 975 -11.24 -3.83 -67.99
C TYR A 975 -11.28 -4.02 -69.50
N GLY A 976 -11.12 -2.92 -70.23
CA GLY A 976 -11.26 -2.94 -71.68
C GLY A 976 -12.70 -3.26 -72.04
N PRO A 977 -12.91 -4.32 -72.84
CA PRO A 977 -14.28 -4.68 -73.22
C PRO A 977 -14.94 -5.63 -72.22
N HIS A 978 -14.20 -6.07 -71.21
CA HIS A 978 -14.72 -7.05 -70.27
C HIS A 978 -15.37 -6.43 -69.05
N GLN A 979 -16.38 -7.12 -68.51
CA GLN A 979 -17.00 -6.76 -67.26
C GLN A 979 -17.26 -8.02 -66.47
N TRP A 980 -16.83 -8.04 -65.21
CA TRP A 980 -17.19 -9.13 -64.29
C TRP A 980 -18.10 -8.61 -63.17
N ARG A 981 -19.11 -9.41 -62.83
CA ARG A 981 -20.05 -9.08 -61.76
C ARG A 981 -20.17 -10.24 -60.79
N GLY A 982 -20.42 -9.92 -59.52
CA GLY A 982 -20.57 -10.93 -58.47
C GLY A 982 -20.25 -10.29 -57.12
N ASP A 983 -19.58 -11.06 -56.26
CA ASP A 983 -19.12 -10.57 -54.96
C ASP A 983 -17.77 -11.20 -54.63
N PHE A 984 -16.70 -10.53 -55.05
CA PHE A 984 -15.41 -11.16 -55.12
C PHE A 984 -14.26 -10.21 -54.76
N GLN A 985 -13.06 -10.80 -54.70
CA GLN A 985 -11.82 -10.05 -54.56
C GLN A 985 -10.93 -10.28 -55.78
N PHE A 986 -10.21 -9.25 -56.21
CA PHE A 986 -9.44 -9.35 -57.45
C PHE A 986 -8.15 -8.56 -57.35
N ASN A 987 -7.15 -9.01 -58.11
CA ASN A 987 -6.06 -8.15 -58.51
C ASN A 987 -5.83 -8.29 -60.00
N ILE A 988 -5.22 -7.27 -60.58
CA ILE A 988 -5.05 -7.19 -62.02
C ILE A 988 -3.77 -6.43 -62.29
N SER A 989 -2.90 -7.01 -63.12
CA SER A 989 -1.55 -6.47 -63.36
C SER A 989 -0.85 -7.22 -64.50
N ARG A 990 0.34 -6.75 -64.86
CA ARG A 990 1.14 -7.36 -65.91
C ARG A 990 2.08 -8.47 -65.39
N TYR A 991 1.88 -8.91 -64.15
CA TYR A 991 2.78 -9.90 -63.54
C TYR A 991 2.05 -11.12 -63.01
N SER A 992 2.49 -12.30 -63.42
CA SER A 992 1.85 -13.52 -62.96
C SER A 992 2.24 -13.80 -61.51
N GLN A 993 1.36 -14.48 -60.79
CA GLN A 993 1.69 -15.00 -59.47
C GLN A 993 3.01 -15.77 -59.50
N GLN A 994 3.24 -16.52 -60.58
CA GLN A 994 4.51 -17.24 -60.77
C GLN A 994 5.74 -16.34 -60.86
N GLN A 995 5.68 -15.28 -61.66
CA GLN A 995 6.82 -14.38 -61.79
C GLN A 995 7.12 -13.72 -60.44
N LEU A 996 6.06 -13.33 -59.76
CA LEU A 996 6.15 -12.62 -58.49
C LEU A 996 6.88 -13.45 -57.47
N MET A 997 6.55 -14.74 -57.39
CA MET A 997 7.18 -15.59 -56.40
C MET A 997 8.59 -16.04 -56.78
N GLU A 998 8.98 -15.86 -58.04
CA GLU A 998 10.29 -16.25 -58.56
C GLU A 998 11.31 -15.12 -58.59
N THR A 999 10.84 -13.89 -58.44
CA THR A 999 11.69 -12.71 -58.57
C THR A 999 11.89 -12.05 -57.20
N SER A 1000 13.15 -11.86 -56.82
CA SER A 1000 13.50 -11.45 -55.45
C SER A 1000 13.47 -9.95 -55.23
N HIS A 1001 13.50 -9.20 -56.32
CA HIS A 1001 13.57 -7.75 -56.28
C HIS A 1001 12.60 -7.19 -57.30
N ARG A 1002 11.92 -6.10 -56.94
CA ARG A 1002 10.91 -5.52 -57.82
C ARG A 1002 11.46 -5.03 -59.18
N HIS A 1003 12.69 -4.52 -59.17
CA HIS A 1003 13.30 -3.92 -60.36
C HIS A 1003 13.63 -4.96 -61.44
N LEU A 1004 13.64 -6.23 -61.05
CA LEU A 1004 13.93 -7.32 -61.95
C LEU A 1004 12.68 -7.90 -62.63
N LEU A 1005 11.52 -7.36 -62.26
CA LEU A 1005 10.25 -7.79 -62.88
C LEU A 1005 10.09 -7.22 -64.30
N HIS A 1006 9.45 -8.00 -65.17
CA HIS A 1006 9.16 -7.57 -66.54
C HIS A 1006 7.67 -7.79 -66.86
N ALA A 1007 7.04 -6.77 -67.42
CA ALA A 1007 5.64 -6.87 -67.83
C ALA A 1007 5.48 -8.02 -68.80
N GLU A 1008 4.62 -8.96 -68.45
CA GLU A 1008 4.32 -10.08 -69.31
C GLU A 1008 3.32 -9.63 -70.38
N GLU A 1009 3.14 -10.45 -71.41
CA GLU A 1009 2.22 -10.13 -72.50
C GLU A 1009 0.79 -10.12 -71.94
N GLY A 1010 0.01 -9.10 -72.29
CA GLY A 1010 -1.34 -9.00 -71.76
C GLY A 1010 -1.41 -8.80 -70.26
N THR A 1011 -2.57 -9.08 -69.68
CA THR A 1011 -2.86 -8.78 -68.29
C THR A 1011 -3.29 -10.00 -67.50
N TRP A 1012 -2.59 -10.27 -66.39
CA TRP A 1012 -2.98 -11.34 -65.47
C TRP A 1012 -4.09 -10.89 -64.52
N LEU A 1013 -5.17 -11.66 -64.52
CA LEU A 1013 -6.31 -11.38 -63.66
C LEU A 1013 -6.47 -12.50 -62.65
N ASN A 1014 -6.66 -12.13 -61.39
CA ASN A 1014 -6.94 -13.09 -60.33
C ASN A 1014 -8.26 -12.69 -59.71
N ILE A 1015 -9.29 -13.51 -59.91
CA ILE A 1015 -10.60 -13.24 -59.34
C ILE A 1015 -10.90 -14.29 -58.29
N ASP A 1016 -10.97 -13.84 -57.05
CA ASP A 1016 -11.12 -14.73 -55.92
C ASP A 1016 -12.51 -14.60 -55.31
N GLY A 1017 -13.14 -15.75 -55.06
CA GLY A 1017 -14.33 -15.77 -54.23
C GLY A 1017 -13.90 -15.49 -52.80
N PHE A 1018 -12.72 -16.00 -52.45
CA PHE A 1018 -12.23 -15.98 -51.08
C PHE A 1018 -10.71 -15.85 -51.07
N HIS A 1019 -10.20 -15.07 -50.12
CA HIS A 1019 -8.77 -14.82 -49.96
C HIS A 1019 -8.40 -14.81 -48.47
N MET A 1020 -7.28 -15.45 -48.14
CA MET A 1020 -6.80 -15.50 -46.76
C MET A 1020 -6.29 -14.15 -46.28
N GLY A 1021 -6.40 -13.89 -44.98
CA GLY A 1021 -5.77 -12.71 -44.40
C GLY A 1021 -4.27 -12.63 -44.64
N ILE A 1022 -3.70 -11.45 -44.47
CA ILE A 1022 -2.28 -11.24 -44.67
C ILE A 1022 -1.45 -11.31 -43.39
N GLY A 1023 -2.10 -11.10 -42.24
CA GLY A 1023 -1.44 -11.13 -40.94
C GLY A 1023 -0.48 -9.97 -40.70
N GLY A 1024 0.48 -10.15 -39.80
CA GLY A 1024 1.42 -9.09 -39.51
C GLY A 1024 1.69 -8.72 -38.05
N ASP A 1025 0.93 -9.31 -37.12
CA ASP A 1025 1.19 -9.15 -35.68
C ASP A 1025 2.67 -9.32 -35.40
N ASP A 1026 3.30 -10.23 -36.14
CA ASP A 1026 4.75 -10.26 -36.33
C ASP A 1026 4.98 -10.92 -37.69
N SER A 1027 6.21 -10.90 -38.18
CA SER A 1027 6.54 -11.48 -39.49
C SER A 1027 7.41 -12.75 -39.46
N TRP A 1028 7.42 -13.46 -38.34
CA TRP A 1028 8.33 -14.59 -38.19
C TRP A 1028 7.68 -15.82 -37.55
N SER A 1029 6.35 -15.78 -37.45
CA SER A 1029 5.56 -16.91 -37.00
C SER A 1029 4.18 -16.72 -37.61
N PRO A 1030 3.40 -17.81 -37.76
CA PRO A 1030 2.06 -17.63 -38.32
C PRO A 1030 1.25 -16.58 -37.53
N SER A 1031 0.68 -15.62 -38.25
CA SER A 1031 0.04 -14.47 -37.62
C SER A 1031 -1.34 -14.12 -38.19
N VAL A 1032 -1.83 -14.88 -39.17
CA VAL A 1032 -3.20 -14.68 -39.67
C VAL A 1032 -4.19 -15.30 -38.71
N SER A 1033 -5.12 -14.49 -38.22
CA SER A 1033 -6.06 -14.92 -37.19
C SER A 1033 -7.04 -15.96 -37.74
N ALA A 1034 -7.58 -16.82 -36.88
CA ALA A 1034 -8.43 -17.94 -37.31
C ALA A 1034 -9.57 -17.48 -38.22
N GLU A 1035 -10.24 -16.38 -37.85
CA GLU A 1035 -11.41 -15.92 -38.59
C GLU A 1035 -11.08 -15.45 -40.00
N PHE A 1036 -9.79 -15.28 -40.30
CA PHE A 1036 -9.36 -14.92 -41.65
C PHE A 1036 -8.67 -16.04 -42.43
N GLN A 1037 -8.72 -17.26 -41.87
CA GLN A 1037 -8.20 -18.44 -42.55
C GLN A 1037 -9.32 -19.14 -43.29
N LEU A 1038 -9.01 -19.65 -44.48
CA LEU A 1038 -10.02 -20.32 -45.29
C LEU A 1038 -10.18 -21.76 -44.83
N SER A 1039 -10.99 -21.94 -43.78
CA SER A 1039 -11.11 -23.23 -43.11
C SER A 1039 -12.53 -23.81 -43.13
N ALA A 1040 -13.42 -23.24 -43.93
CA ALA A 1040 -14.81 -23.67 -43.94
C ALA A 1040 -15.05 -24.99 -44.70
N GLY A 1041 -14.01 -25.50 -45.38
CA GLY A 1041 -14.07 -26.80 -46.06
C GLY A 1041 -14.80 -26.79 -47.39
N ARG A 1042 -15.97 -26.14 -47.41
CA ARG A 1042 -16.76 -25.98 -48.63
C ARG A 1042 -17.00 -24.52 -48.95
N TYR A 1043 -16.78 -24.15 -50.21
CA TYR A 1043 -16.85 -22.74 -50.60
C TYR A 1043 -17.66 -22.56 -51.86
N HIS A 1044 -18.47 -21.50 -51.88
CA HIS A 1044 -19.30 -21.21 -53.03
C HIS A 1044 -19.15 -19.76 -53.46
N TYR A 1045 -18.95 -19.56 -54.76
CA TYR A 1045 -19.02 -18.22 -55.34
C TYR A 1045 -19.55 -18.26 -56.77
N GLN A 1046 -20.07 -17.14 -57.24
CA GLN A 1046 -20.60 -17.02 -58.60
C GLN A 1046 -20.15 -15.73 -59.28
N LEU A 1047 -19.85 -15.83 -60.57
CA LEU A 1047 -19.37 -14.70 -61.37
C LEU A 1047 -20.14 -14.62 -62.67
N VAL A 1048 -20.36 -13.40 -63.16
CA VAL A 1048 -20.96 -13.19 -64.48
C VAL A 1048 -19.99 -12.39 -65.35
N TRP A 1049 -19.58 -12.98 -66.47
CA TRP A 1049 -18.65 -12.37 -67.42
C TRP A 1049 -19.43 -11.94 -68.66
N CYS A 1050 -19.22 -10.71 -69.10
CA CYS A 1050 -19.84 -10.23 -70.33
C CYS A 1050 -19.06 -9.09 -70.97
N GLN A 1051 -19.53 -8.63 -72.12
CA GLN A 1051 -18.94 -7.51 -72.84
C GLN A 1051 -19.80 -6.27 -72.70
N LYS A 1052 -19.14 -5.11 -72.63
CA LYS A 1052 -19.83 -3.83 -72.64
C LYS A 1052 -19.40 -3.00 -73.86
N VAL B 38 -54.20 -6.48 22.65
CA VAL B 38 -52.73 -6.23 22.79
C VAL B 38 -52.03 -6.64 21.50
N VAL B 39 -52.21 -7.92 21.14
CA VAL B 39 -51.62 -8.50 19.94
C VAL B 39 -52.28 -7.90 18.69
N LEU B 40 -53.60 -7.73 18.74
CA LEU B 40 -54.36 -7.04 17.68
C LEU B 40 -54.00 -5.55 17.62
N GLN B 41 -53.78 -4.96 18.79
CA GLN B 41 -53.52 -3.52 18.95
C GLN B 41 -52.12 -3.08 18.51
N ARG B 42 -51.11 -3.91 18.78
CA ARG B 42 -49.73 -3.55 18.46
C ARG B 42 -49.34 -3.62 16.97
N ARG B 43 -49.99 -4.50 16.20
CA ARG B 43 -49.66 -4.68 14.77
C ARG B 43 -48.13 -4.74 14.57
N ASP B 44 -47.49 -5.74 15.16
CA ASP B 44 -46.04 -5.90 15.05
C ASP B 44 -45.57 -6.22 13.62
N TRP B 45 -46.47 -6.80 12.80
CA TRP B 45 -46.21 -7.10 11.41
C TRP B 45 -46.19 -5.90 10.47
N GLU B 46 -46.39 -4.70 11.02
CA GLU B 46 -46.25 -3.46 10.27
C GLU B 46 -45.27 -2.52 10.98
N ASN B 47 -44.18 -3.10 11.48
CA ASN B 47 -43.18 -2.36 12.24
C ASN B 47 -41.79 -3.00 12.10
N PRO B 48 -40.92 -2.40 11.27
CA PRO B 48 -39.56 -2.90 11.08
C PRO B 48 -38.70 -2.86 12.35
N GLY B 49 -39.16 -2.15 13.39
CA GLY B 49 -38.48 -2.08 14.68
C GLY B 49 -38.68 -3.33 15.53
N VAL B 50 -39.79 -4.04 15.28
CA VAL B 50 -40.10 -5.32 15.92
C VAL B 50 -40.03 -6.45 14.88
N THR B 51 -39.00 -7.27 15.00
CA THR B 51 -38.79 -8.42 14.10
C THR B 51 -38.98 -9.74 14.85
N GLN B 52 -39.16 -9.62 16.15
CA GLN B 52 -39.38 -10.76 17.03
C GLN B 52 -39.81 -10.29 18.42
N LEU B 53 -40.44 -11.19 19.16
CA LEU B 53 -40.68 -10.98 20.59
C LEU B 53 -40.42 -12.29 21.33
N ASN B 54 -39.60 -12.22 22.38
CA ASN B 54 -39.27 -13.38 23.21
C ASN B 54 -38.54 -14.54 22.49
N ARG B 55 -38.04 -14.26 21.29
CA ARG B 55 -37.26 -15.22 20.51
C ARG B 55 -35.89 -15.44 21.13
N LEU B 56 -35.48 -16.70 21.24
CA LEU B 56 -34.16 -17.05 21.76
C LEU B 56 -33.06 -16.71 20.75
N ALA B 57 -31.83 -16.64 21.24
CA ALA B 57 -30.66 -16.33 20.43
C ALA B 57 -30.36 -17.44 19.41
N ALA B 58 -29.87 -17.03 18.23
CA ALA B 58 -29.44 -17.97 17.19
C ALA B 58 -28.15 -18.71 17.57
N HIS B 59 -27.93 -19.88 16.95
CA HIS B 59 -26.85 -20.80 17.32
C HIS B 59 -26.67 -21.86 16.23
N PRO B 60 -25.54 -22.59 16.25
CA PRO B 60 -25.40 -23.74 15.36
C PRO B 60 -26.41 -24.84 15.71
N PRO B 61 -26.61 -25.82 14.80
CA PRO B 61 -27.54 -26.92 15.09
C PRO B 61 -27.27 -27.64 16.41
N PHE B 62 -28.30 -27.76 17.24
CA PHE B 62 -28.22 -28.49 18.52
C PHE B 62 -29.06 -29.76 18.47
N ALA B 63 -28.67 -30.74 19.30
CA ALA B 63 -29.44 -31.96 19.50
C ALA B 63 -29.47 -32.39 20.97
N SER B 64 -28.69 -31.70 21.81
CA SER B 64 -28.56 -32.04 23.24
C SER B 64 -28.49 -33.55 23.54
N TRP B 65 -27.42 -34.17 23.05
CA TRP B 65 -27.15 -35.58 23.31
C TRP B 65 -26.81 -35.76 24.77
N ARG B 66 -27.21 -36.90 25.33
CA ARG B 66 -26.84 -37.22 26.71
C ARG B 66 -25.97 -38.47 26.66
N ASN B 67 -25.54 -38.80 25.45
CA ASN B 67 -24.56 -39.85 25.20
C ASN B 67 -23.56 -39.33 24.17
N SER B 68 -22.29 -39.29 24.56
CA SER B 68 -21.21 -38.80 23.70
C SER B 68 -21.08 -39.57 22.39
N GLU B 69 -21.25 -40.89 22.48
CA GLU B 69 -21.05 -41.77 21.34
C GLU B 69 -22.12 -41.56 20.26
N GLU B 70 -23.34 -41.19 20.68
CA GLU B 70 -24.41 -40.85 19.73
C GLU B 70 -24.10 -39.51 19.03
N ALA B 71 -23.50 -38.59 19.79
CA ALA B 71 -23.03 -37.32 19.26
C ALA B 71 -21.96 -37.52 18.18
N ARG B 72 -20.98 -38.37 18.47
CA ARG B 72 -19.87 -38.66 17.55
C ARG B 72 -20.36 -39.22 16.22
N THR B 73 -21.32 -40.14 16.30
CA THR B 73 -21.80 -40.88 15.13
C THR B 73 -23.00 -40.21 14.47
N ASP B 74 -23.40 -39.05 15.00
CA ASP B 74 -24.51 -38.25 14.44
C ASP B 74 -25.85 -39.02 14.38
N ARG B 75 -26.16 -39.73 15.46
CA ARG B 75 -27.40 -40.49 15.53
C ARG B 75 -28.53 -39.67 16.13
N PRO B 76 -29.79 -40.13 15.96
CA PRO B 76 -30.94 -39.49 16.59
C PRO B 76 -30.72 -39.24 18.06
N SER B 77 -31.23 -38.11 18.52
CA SER B 77 -31.18 -37.73 19.91
C SER B 77 -32.60 -37.76 20.46
N GLN B 78 -32.76 -38.38 21.62
CA GLN B 78 -34.05 -38.42 22.31
C GLN B 78 -34.54 -37.00 22.65
N GLN B 79 -33.59 -36.09 22.81
CA GLN B 79 -33.87 -34.71 23.22
C GLN B 79 -34.26 -33.79 22.06
N LEU B 80 -34.42 -34.36 20.86
CA LEU B 80 -34.81 -33.60 19.68
C LEU B 80 -35.97 -34.27 18.96
N ARG B 81 -37.18 -33.78 19.18
CA ARG B 81 -38.38 -34.37 18.60
C ARG B 81 -38.90 -33.57 17.43
N SER B 82 -39.22 -34.26 16.34
CA SER B 82 -39.94 -33.65 15.25
C SER B 82 -41.41 -33.48 15.65
N LEU B 83 -41.98 -32.33 15.33
CA LEU B 83 -43.42 -32.13 15.47
C LEU B 83 -44.07 -32.13 14.10
N ASN B 84 -43.32 -32.60 13.10
CA ASN B 84 -43.83 -32.72 11.74
C ASN B 84 -44.94 -33.75 11.67
N GLY B 85 -45.84 -33.56 10.72
CA GLY B 85 -46.94 -34.49 10.50
C GLY B 85 -48.26 -33.77 10.39
N GLU B 86 -49.30 -34.38 10.97
CA GLU B 86 -50.64 -33.86 10.79
C GLU B 86 -50.98 -32.79 11.81
N TRP B 87 -51.39 -31.63 11.30
CA TRP B 87 -51.74 -30.47 12.11
C TRP B 87 -53.16 -30.04 11.75
N ARG B 88 -53.76 -29.23 12.61
CA ARG B 88 -55.03 -28.60 12.27
C ARG B 88 -54.73 -27.22 11.67
N PHE B 89 -55.51 -26.85 10.66
CA PHE B 89 -55.32 -25.60 9.96
C PHE B 89 -56.64 -25.00 9.49
N ALA B 90 -56.78 -23.69 9.67
CA ALA B 90 -57.90 -22.93 9.11
C ALA B 90 -57.39 -21.64 8.49
N TRP B 91 -57.96 -21.28 7.35
CA TRP B 91 -57.59 -20.08 6.61
C TRP B 91 -58.52 -18.91 6.94
N PHE B 92 -57.94 -17.69 6.99
CA PHE B 92 -58.69 -16.45 7.27
C PHE B 92 -58.18 -15.30 6.40
N PRO B 93 -59.08 -14.40 5.95
CA PRO B 93 -58.70 -13.31 5.04
C PRO B 93 -57.91 -12.16 5.70
N ALA B 94 -57.83 -12.19 7.03
CA ALA B 94 -57.16 -11.16 7.83
C ALA B 94 -57.00 -11.64 9.27
N PRO B 95 -56.00 -11.11 10.00
CA PRO B 95 -55.88 -11.55 11.41
C PRO B 95 -57.05 -11.12 12.30
N GLU B 96 -57.76 -10.06 11.89
CA GLU B 96 -58.97 -9.59 12.59
C GLU B 96 -60.12 -10.60 12.55
N ALA B 97 -60.14 -11.43 11.52
CA ALA B 97 -61.19 -12.41 11.30
C ALA B 97 -61.05 -13.66 12.17
N VAL B 98 -59.99 -13.70 12.98
CA VAL B 98 -59.66 -14.90 13.75
C VAL B 98 -60.36 -14.89 15.11
N PRO B 99 -61.27 -15.85 15.34
CA PRO B 99 -62.01 -15.93 16.60
C PRO B 99 -61.11 -16.25 17.78
N GLU B 100 -61.36 -15.59 18.90
CA GLU B 100 -60.58 -15.77 20.13
C GLU B 100 -60.59 -17.21 20.63
N SER B 101 -61.67 -17.94 20.35
CA SER B 101 -61.82 -19.32 20.80
C SER B 101 -60.74 -20.25 20.23
N TRP B 102 -60.22 -19.89 19.07
CA TRP B 102 -59.11 -20.63 18.43
C TRP B 102 -57.88 -20.77 19.33
N LEU B 103 -57.67 -19.81 20.22
CA LEU B 103 -56.57 -19.85 21.17
C LEU B 103 -56.68 -21.03 22.14
N GLU B 104 -57.90 -21.40 22.48
CA GLU B 104 -58.15 -22.45 23.47
C GLU B 104 -58.68 -23.76 22.88
N CYS B 105 -59.53 -23.66 21.86
CA CYS B 105 -60.16 -24.84 21.29
C CYS B 105 -59.92 -24.94 19.80
N ASP B 106 -59.73 -26.18 19.33
CA ASP B 106 -59.75 -26.49 17.92
C ASP B 106 -61.03 -25.93 17.29
N LEU B 107 -60.90 -25.28 16.14
CA LEU B 107 -62.05 -24.81 15.37
C LEU B 107 -62.61 -25.99 14.55
N PRO B 108 -63.92 -26.26 14.67
CA PRO B 108 -64.56 -27.35 13.91
C PRO B 108 -64.44 -27.24 12.38
N GLU B 109 -64.33 -26.01 11.87
CA GLU B 109 -64.21 -25.78 10.43
C GLU B 109 -62.79 -26.02 9.90
N ALA B 110 -61.82 -26.16 10.80
CA ALA B 110 -60.43 -26.42 10.43
C ALA B 110 -60.26 -27.81 9.82
N ASP B 111 -59.34 -27.93 8.88
CA ASP B 111 -59.01 -29.23 8.27
C ASP B 111 -57.76 -29.83 8.89
N THR B 112 -57.55 -31.12 8.64
CA THR B 112 -56.31 -31.77 9.02
C THR B 112 -55.38 -31.77 7.80
N VAL B 113 -54.23 -31.13 7.96
CA VAL B 113 -53.23 -31.04 6.88
C VAL B 113 -51.83 -31.45 7.36
N VAL B 114 -50.96 -31.75 6.41
CA VAL B 114 -49.56 -32.06 6.71
C VAL B 114 -48.74 -30.78 6.90
N VAL B 115 -47.90 -30.79 7.93
CA VAL B 115 -46.89 -29.76 8.17
C VAL B 115 -45.51 -30.47 8.19
N PRO B 116 -44.48 -29.89 7.55
CA PRO B 116 -44.41 -28.61 6.84
C PRO B 116 -45.14 -28.58 5.51
N SER B 117 -45.63 -27.40 5.15
CA SER B 117 -46.33 -27.18 3.88
C SER B 117 -46.54 -25.69 3.66
N ASN B 118 -46.72 -25.30 2.40
CA ASN B 118 -47.23 -23.98 2.06
C ASN B 118 -48.71 -24.10 1.75
N TRP B 119 -49.54 -23.29 2.40
CA TRP B 119 -50.99 -23.47 2.30
C TRP B 119 -51.53 -23.23 0.89
N GLN B 120 -50.75 -22.57 0.04
CA GLN B 120 -51.14 -22.36 -1.36
C GLN B 120 -51.15 -23.69 -2.12
N MET B 121 -50.34 -24.64 -1.64
CA MET B 121 -50.23 -25.96 -2.29
C MET B 121 -51.37 -26.88 -1.90
N HIS B 122 -52.11 -26.50 -0.85
CA HIS B 122 -53.31 -27.24 -0.44
C HIS B 122 -54.61 -26.64 -0.99
N GLY B 123 -54.51 -25.44 -1.59
CA GLY B 123 -55.62 -24.85 -2.33
C GLY B 123 -56.33 -23.71 -1.64
N TYR B 124 -55.88 -23.35 -0.44
CA TYR B 124 -56.56 -22.34 0.36
C TYR B 124 -56.56 -20.94 -0.23
N ASP B 125 -55.42 -20.54 -0.81
CA ASP B 125 -55.35 -19.36 -1.71
C ASP B 125 -54.30 -19.55 -2.82
N ALA B 126 -54.22 -18.58 -3.73
CA ALA B 126 -53.31 -18.68 -4.87
C ALA B 126 -51.86 -18.36 -4.50
N PRO B 127 -50.90 -19.12 -5.07
CA PRO B 127 -49.51 -18.66 -5.04
C PRO B 127 -49.37 -17.57 -6.08
N ILE B 128 -48.49 -16.60 -5.85
CA ILE B 128 -48.33 -15.47 -6.75
C ILE B 128 -46.94 -15.47 -7.37
N TYR B 129 -46.87 -15.47 -8.69
CA TYR B 129 -45.59 -15.28 -9.35
C TYR B 129 -45.41 -13.87 -9.88
N THR B 130 -44.56 -13.12 -9.18
CA THR B 130 -44.10 -11.83 -9.68
C THR B 130 -42.58 -11.76 -9.52
N ASN B 131 -41.94 -11.09 -10.46
CA ASN B 131 -40.49 -10.95 -10.42
C ASN B 131 -40.01 -9.77 -9.57
N VAL B 132 -40.07 -8.56 -10.12
CA VAL B 132 -39.57 -7.38 -9.43
C VAL B 132 -40.67 -6.68 -8.64
N THR B 133 -41.75 -6.31 -9.33
CA THR B 133 -42.87 -5.63 -8.70
C THR B 133 -43.36 -6.42 -7.48
N TYR B 134 -43.44 -5.71 -6.35
CA TYR B 134 -43.90 -6.30 -5.09
C TYR B 134 -45.32 -6.80 -5.28
N PRO B 135 -45.65 -7.96 -4.67
CA PRO B 135 -47.00 -8.52 -4.74
C PRO B 135 -48.03 -7.72 -3.92
N ILE B 136 -47.54 -6.76 -3.13
CA ILE B 136 -48.39 -5.83 -2.37
C ILE B 136 -48.07 -4.38 -2.74
N THR B 137 -48.99 -3.47 -2.47
CA THR B 137 -48.73 -2.03 -2.68
C THR B 137 -47.49 -1.61 -1.87
N VAL B 138 -46.58 -0.88 -2.51
CA VAL B 138 -45.34 -0.44 -1.89
C VAL B 138 -45.59 0.76 -0.97
N ASN B 139 -45.78 0.49 0.32
CA ASN B 139 -46.06 1.55 1.28
C ASN B 139 -45.45 1.17 2.64
N PRO B 140 -44.11 1.15 2.73
CA PRO B 140 -43.50 0.64 3.95
C PRO B 140 -43.83 1.50 5.18
N PRO B 141 -44.04 0.87 6.34
CA PRO B 141 -43.96 -0.57 6.61
C PRO B 141 -45.31 -1.28 6.50
N PHE B 142 -46.26 -0.68 5.79
CA PHE B 142 -47.65 -1.16 5.78
C PHE B 142 -47.93 -2.27 4.76
N VAL B 143 -48.81 -3.19 5.15
CA VAL B 143 -49.25 -4.29 4.32
C VAL B 143 -50.77 -4.20 4.08
N PRO B 144 -51.32 -4.99 3.13
CA PRO B 144 -52.77 -4.90 2.90
C PRO B 144 -53.57 -5.31 4.13
N THR B 145 -54.71 -4.64 4.33
CA THR B 145 -55.64 -4.99 5.41
C THR B 145 -56.19 -6.38 5.13
N GLU B 146 -56.47 -6.65 3.86
CA GLU B 146 -56.71 -8.02 3.39
C GLU B 146 -55.39 -8.79 3.39
N ASN B 147 -55.09 -9.44 4.50
CA ASN B 147 -53.82 -10.09 4.74
C ASN B 147 -54.00 -11.56 5.11
N PRO B 148 -53.95 -12.45 4.11
CA PRO B 148 -54.25 -13.86 4.33
C PRO B 148 -53.51 -14.45 5.53
N THR B 149 -54.27 -15.13 6.38
CA THR B 149 -53.81 -15.55 7.70
C THR B 149 -54.01 -17.05 7.86
N GLY B 150 -52.95 -17.73 8.31
CA GLY B 150 -52.96 -19.17 8.47
C GLY B 150 -52.96 -19.51 9.94
N CYS B 151 -53.97 -20.26 10.36
CA CYS B 151 -54.11 -20.64 11.76
C CYS B 151 -53.76 -22.11 11.92
N TYR B 152 -52.55 -22.36 12.41
CA TYR B 152 -52.06 -23.71 12.60
C TYR B 152 -52.19 -24.05 14.06
N SER B 153 -52.63 -25.28 14.36
CA SER B 153 -52.70 -25.73 15.74
C SER B 153 -52.36 -27.20 15.82
N LEU B 154 -51.83 -27.60 16.96
CA LEU B 154 -51.44 -28.99 17.18
C LEU B 154 -51.60 -29.37 18.65
N THR B 155 -52.27 -30.49 18.88
CA THR B 155 -52.33 -31.09 20.20
C THR B 155 -51.30 -32.21 20.22
N PHE B 156 -50.46 -32.22 21.25
CA PHE B 156 -49.31 -33.12 21.29
C PHE B 156 -49.00 -33.46 22.74
N ASN B 157 -48.29 -34.58 22.92
CA ASN B 157 -47.90 -35.04 24.25
C ASN B 157 -46.53 -34.50 24.63
N VAL B 158 -46.35 -34.21 25.92
CA VAL B 158 -45.04 -33.91 26.49
C VAL B 158 -44.86 -34.75 27.74
N ASP B 159 -43.73 -35.45 27.83
CA ASP B 159 -43.39 -36.27 28.99
C ASP B 159 -42.99 -35.43 30.20
N GLU B 160 -43.33 -35.92 31.38
CA GLU B 160 -42.97 -35.31 32.66
C GLU B 160 -41.45 -35.17 32.85
N SER B 161 -40.69 -36.09 32.26
CA SER B 161 -39.22 -36.04 32.36
C SER B 161 -38.65 -34.76 31.76
N TRP B 162 -39.34 -34.23 30.76
CA TRP B 162 -38.94 -33.00 30.07
C TRP B 162 -39.29 -31.73 30.85
N LEU B 163 -40.24 -31.85 31.79
CA LEU B 163 -40.65 -30.70 32.61
C LEU B 163 -40.11 -30.72 34.04
N GLN B 164 -39.81 -31.90 34.56
CA GLN B 164 -39.17 -32.02 35.88
C GLN B 164 -37.86 -31.24 35.94
N GLU B 165 -37.07 -31.36 34.87
CA GLU B 165 -35.73 -30.78 34.75
C GLU B 165 -35.51 -30.03 33.44
N GLY B 166 -34.57 -29.08 33.47
CA GLY B 166 -34.09 -28.44 32.25
C GLY B 166 -35.09 -27.58 31.49
N GLN B 167 -34.79 -27.37 30.20
CA GLN B 167 -35.44 -26.39 29.36
C GLN B 167 -36.01 -27.05 28.12
N THR B 168 -37.28 -26.77 27.83
CA THR B 168 -37.92 -27.26 26.61
C THR B 168 -38.27 -26.08 25.72
N ARG B 169 -37.70 -26.07 24.52
CA ARG B 169 -37.95 -25.01 23.54
C ARG B 169 -38.60 -25.58 22.27
N ILE B 170 -39.33 -24.75 21.55
CA ILE B 170 -39.86 -25.11 20.25
C ILE B 170 -39.03 -24.41 19.17
N ILE B 171 -38.82 -25.10 18.05
CA ILE B 171 -38.04 -24.57 16.93
C ILE B 171 -38.85 -24.60 15.64
N PHE B 172 -39.09 -23.42 15.06
CA PHE B 172 -39.70 -23.31 13.72
C PHE B 172 -38.62 -22.92 12.73
N ASP B 173 -38.17 -23.90 11.94
CA ASP B 173 -37.11 -23.68 10.96
C ASP B 173 -37.49 -22.69 9.85
N GLY B 174 -38.78 -22.57 9.56
CA GLY B 174 -39.21 -21.68 8.49
C GLY B 174 -40.69 -21.39 8.51
N VAL B 175 -41.03 -20.12 8.73
CA VAL B 175 -42.41 -19.66 8.72
C VAL B 175 -42.51 -18.41 7.86
N ASN B 176 -43.36 -18.47 6.84
CA ASN B 176 -43.44 -17.43 5.83
C ASN B 176 -44.78 -16.69 5.99
N SER B 177 -44.78 -15.40 6.37
CA SER B 177 -43.60 -14.54 6.55
C SER B 177 -43.40 -14.00 7.98
N ALA B 178 -44.43 -14.12 8.80
CA ALA B 178 -44.39 -13.66 10.19
C ALA B 178 -45.44 -14.44 10.97
N PHE B 179 -45.26 -14.56 12.28
CA PHE B 179 -46.21 -15.34 13.09
C PHE B 179 -46.19 -15.02 14.58
N HIS B 180 -47.35 -15.22 15.22
CA HIS B 180 -47.52 -15.18 16.67
C HIS B 180 -47.73 -16.58 17.20
N LEU B 181 -47.24 -16.83 18.41
CA LEU B 181 -47.25 -18.16 19.01
C LEU B 181 -47.94 -18.16 20.36
N TRP B 182 -48.88 -19.09 20.53
CA TRP B 182 -49.51 -19.35 21.81
C TRP B 182 -49.31 -20.82 22.21
N CYS B 183 -49.06 -21.04 23.50
CA CYS B 183 -49.01 -22.39 24.03
C CYS B 183 -50.03 -22.55 25.15
N ASN B 184 -50.95 -23.50 24.97
CA ASN B 184 -52.04 -23.73 25.91
C ASN B 184 -52.82 -22.45 26.25
N GLY B 185 -53.03 -21.61 25.23
CA GLY B 185 -53.78 -20.36 25.38
C GLY B 185 -52.96 -19.12 25.73
N ARG B 186 -51.85 -19.31 26.44
CA ARG B 186 -50.96 -18.20 26.81
C ARG B 186 -50.08 -17.80 25.63
N TRP B 187 -49.86 -16.50 25.45
CA TRP B 187 -49.02 -15.97 24.37
C TRP B 187 -47.54 -16.21 24.63
N VAL B 188 -46.81 -16.68 23.62
CA VAL B 188 -45.37 -16.96 23.78
C VAL B 188 -44.49 -15.88 23.16
N GLY B 189 -44.70 -15.62 21.87
CA GLY B 189 -43.89 -14.66 21.15
C GLY B 189 -44.19 -14.50 19.66
N TYR B 190 -43.26 -13.86 18.96
CA TYR B 190 -43.46 -13.44 17.58
C TYR B 190 -42.15 -13.55 16.79
N GLY B 191 -42.25 -13.80 15.49
CA GLY B 191 -41.04 -14.01 14.67
C GLY B 191 -41.17 -13.55 13.23
N GLN B 192 -40.12 -12.91 12.71
CA GLN B 192 -40.01 -12.59 11.29
C GLN B 192 -38.75 -13.23 10.65
N ASP B 193 -38.61 -13.06 9.33
CA ASP B 193 -37.60 -13.72 8.49
C ASP B 193 -38.03 -15.15 8.16
N SER B 194 -38.56 -15.33 6.96
CA SER B 194 -39.14 -16.58 6.51
C SER B 194 -38.16 -17.75 6.44
N ARG B 195 -36.86 -17.46 6.53
CA ARG B 195 -35.83 -18.40 6.09
C ARG B 195 -34.76 -18.75 7.11
N LEU B 196 -34.96 -18.33 8.36
CA LEU B 196 -34.10 -18.75 9.47
C LEU B 196 -34.97 -19.27 10.61
N PRO B 197 -34.44 -20.17 11.45
CA PRO B 197 -35.23 -20.73 12.56
C PRO B 197 -35.58 -19.69 13.62
N SER B 198 -36.85 -19.67 14.03
CA SER B 198 -37.31 -18.94 15.22
C SER B 198 -37.55 -19.95 16.34
N GLU B 199 -36.91 -19.72 17.48
CA GLU B 199 -36.96 -20.63 18.62
C GLU B 199 -37.49 -19.93 19.88
N PHE B 200 -38.37 -20.61 20.62
CA PHE B 200 -39.00 -20.03 21.81
C PHE B 200 -38.98 -20.97 23.01
N ASP B 201 -38.80 -20.40 24.20
CA ASP B 201 -38.77 -21.21 25.43
C ASP B 201 -40.18 -21.50 25.96
N LEU B 202 -40.52 -22.78 26.04
CA LEU B 202 -41.86 -23.23 26.42
C LEU B 202 -41.91 -23.87 27.81
N SER B 203 -40.82 -23.77 28.57
CA SER B 203 -40.69 -24.46 29.85
C SER B 203 -41.74 -24.05 30.88
N ALA B 204 -42.16 -22.79 30.85
CA ALA B 204 -43.15 -22.27 31.79
C ALA B 204 -44.56 -22.37 31.23
N PHE B 205 -44.70 -22.89 30.01
CA PHE B 205 -45.98 -22.91 29.31
C PHE B 205 -46.61 -24.29 29.20
N LEU B 206 -45.79 -25.33 29.33
CA LEU B 206 -46.24 -26.69 29.11
C LEU B 206 -46.70 -27.42 30.37
N ARG B 207 -47.72 -28.26 30.21
CA ARG B 207 -48.15 -29.21 31.25
C ARG B 207 -47.79 -30.63 30.82
N ALA B 208 -47.63 -31.52 31.79
CA ALA B 208 -47.43 -32.95 31.51
C ALA B 208 -48.69 -33.55 30.89
N GLY B 209 -48.52 -34.28 29.78
CA GLY B 209 -49.63 -34.86 29.05
C GLY B 209 -49.98 -34.10 27.78
N GLU B 210 -51.28 -33.91 27.53
CA GLU B 210 -51.78 -33.20 26.35
C GLU B 210 -51.49 -31.70 26.40
N ASN B 211 -50.97 -31.16 25.30
CA ASN B 211 -50.75 -29.72 25.14
C ASN B 211 -51.22 -29.26 23.77
N ARG B 212 -51.53 -27.97 23.65
CA ARG B 212 -51.94 -27.43 22.37
C ARG B 212 -51.14 -26.17 21.94
N LEU B 213 -50.64 -26.20 20.71
CA LEU B 213 -49.96 -25.03 20.13
C LEU B 213 -50.92 -24.30 19.23
N ALA B 214 -50.83 -22.96 19.22
CA ALA B 214 -51.60 -22.14 18.28
C ALA B 214 -50.67 -21.15 17.59
N VAL B 215 -50.53 -21.30 16.27
CA VAL B 215 -49.62 -20.48 15.48
C VAL B 215 -50.39 -19.65 14.46
N MET B 216 -50.35 -18.33 14.62
CA MET B 216 -51.00 -17.45 13.65
C MET B 216 -49.95 -16.91 12.67
N VAL B 217 -50.04 -17.39 11.43
CA VAL B 217 -49.11 -17.01 10.38
C VAL B 217 -49.71 -15.98 9.41
N LEU B 218 -48.99 -14.88 9.23
CA LEU B 218 -49.40 -13.83 8.31
C LEU B 218 -48.63 -13.93 7.00
N ARG B 219 -49.36 -13.82 5.89
CA ARG B 219 -48.73 -13.86 4.58
C ARG B 219 -47.81 -12.66 4.36
N TRP B 220 -48.32 -11.47 4.65
CA TRP B 220 -47.58 -10.22 4.46
C TRP B 220 -47.19 -9.60 5.80
N SER B 221 -45.97 -9.08 5.87
CA SER B 221 -45.49 -8.30 7.02
C SER B 221 -44.48 -7.25 6.54
N ASP B 222 -43.93 -6.46 7.46
CA ASP B 222 -42.85 -5.54 7.09
C ASP B 222 -41.63 -6.36 6.60
N GLY B 223 -41.56 -7.61 7.04
CA GLY B 223 -40.55 -8.56 6.54
C GLY B 223 -40.65 -8.79 5.04
N SER B 224 -41.86 -8.72 4.50
CA SER B 224 -42.09 -8.89 3.07
C SER B 224 -41.35 -7.87 2.20
N TYR B 225 -41.04 -6.71 2.77
CA TYR B 225 -40.26 -5.70 2.03
C TYR B 225 -38.82 -6.14 1.79
N LEU B 226 -38.33 -7.04 2.64
CA LEU B 226 -36.99 -7.61 2.52
C LEU B 226 -37.00 -8.98 1.85
N GLU B 227 -38.15 -9.36 1.28
CA GLU B 227 -38.31 -10.68 0.67
C GLU B 227 -38.95 -10.59 -0.72
N ASP B 228 -38.32 -9.82 -1.59
CA ASP B 228 -38.82 -9.60 -2.95
C ASP B 228 -38.05 -10.43 -4.00
N GLN B 229 -37.53 -11.59 -3.59
CA GLN B 229 -36.89 -12.52 -4.54
C GLN B 229 -37.83 -12.89 -5.69
N ASP B 230 -37.23 -13.03 -6.88
CA ASP B 230 -37.93 -13.49 -8.08
C ASP B 230 -38.23 -14.98 -7.96
N MET B 231 -39.38 -15.26 -7.35
CA MET B 231 -39.85 -16.61 -7.10
C MET B 231 -41.33 -16.55 -6.80
N TRP B 232 -41.97 -17.72 -6.76
CA TRP B 232 -43.34 -17.84 -6.30
C TRP B 232 -43.47 -17.27 -4.88
N ARG B 233 -44.50 -16.45 -4.67
CA ARG B 233 -44.79 -15.90 -3.33
C ARG B 233 -45.79 -16.80 -2.62
N MET B 234 -45.36 -17.39 -1.51
CA MET B 234 -46.14 -18.37 -0.75
C MET B 234 -46.07 -18.05 0.74
N SER B 235 -46.67 -18.91 1.57
CA SER B 235 -46.72 -18.69 3.03
C SER B 235 -47.04 -19.96 3.81
N GLY B 236 -46.78 -19.93 5.12
CA GLY B 236 -47.12 -21.04 6.00
C GLY B 236 -45.92 -21.60 6.75
N ILE B 237 -46.16 -22.65 7.54
CA ILE B 237 -45.07 -23.35 8.23
C ILE B 237 -44.45 -24.34 7.24
N PHE B 238 -43.43 -23.89 6.53
CA PHE B 238 -42.91 -24.63 5.38
C PHE B 238 -41.57 -25.35 5.63
N ARG B 239 -41.04 -25.20 6.84
CA ARG B 239 -39.91 -26.01 7.25
C ARG B 239 -40.24 -26.72 8.56
N ASP B 240 -39.34 -27.60 9.00
CA ASP B 240 -39.55 -28.43 10.16
C ASP B 240 -39.96 -27.65 11.40
N VAL B 241 -40.83 -28.27 12.20
CA VAL B 241 -41.10 -27.83 13.55
C VAL B 241 -40.57 -28.93 14.45
N SER B 242 -39.95 -28.54 15.58
CA SER B 242 -39.40 -29.52 16.49
C SER B 242 -39.32 -29.01 17.93
N LEU B 243 -39.11 -29.93 18.88
CA LEU B 243 -38.90 -29.59 20.29
C LEU B 243 -37.54 -30.07 20.71
N LEU B 244 -36.87 -29.23 21.51
CA LEU B 244 -35.52 -29.52 21.98
C LEU B 244 -35.44 -29.37 23.48
N HIS B 245 -34.91 -30.40 24.14
CA HIS B 245 -34.68 -30.34 25.57
C HIS B 245 -33.21 -30.15 25.89
N LYS B 246 -32.91 -29.08 26.61
CA LYS B 246 -31.53 -28.79 27.03
C LYS B 246 -31.51 -28.74 28.56
N PRO B 247 -30.38 -29.14 29.18
CA PRO B 247 -30.29 -28.92 30.63
C PRO B 247 -30.24 -27.43 30.96
N THR B 248 -30.43 -27.09 32.22
CA THR B 248 -30.37 -25.70 32.65
C THR B 248 -28.95 -25.17 32.49
N THR B 249 -27.98 -25.97 32.89
CA THR B 249 -26.58 -25.69 32.58
C THR B 249 -26.28 -26.33 31.21
N GLN B 250 -26.02 -25.49 30.21
CA GLN B 250 -26.05 -25.92 28.80
C GLN B 250 -24.96 -25.30 27.92
N ILE B 251 -24.66 -25.98 26.80
CA ILE B 251 -23.88 -25.37 25.71
C ILE B 251 -24.84 -24.47 24.97
N SER B 252 -24.54 -23.18 24.92
CA SER B 252 -25.46 -22.22 24.29
C SER B 252 -24.97 -21.78 22.93
N ASP B 253 -23.65 -21.92 22.70
CA ASP B 253 -23.00 -21.59 21.42
C ASP B 253 -21.64 -22.27 21.36
N PHE B 254 -21.18 -22.61 20.17
CA PHE B 254 -19.78 -22.99 19.98
C PHE B 254 -19.31 -22.67 18.55
N HIS B 255 -18.08 -22.17 18.44
CA HIS B 255 -17.45 -21.83 17.15
C HIS B 255 -16.20 -22.67 16.90
N VAL B 256 -16.12 -23.25 15.70
CA VAL B 256 -15.00 -24.09 15.33
C VAL B 256 -14.16 -23.44 14.22
N ALA B 257 -12.87 -23.30 14.48
CA ALA B 257 -11.94 -22.69 13.54
C ALA B 257 -10.76 -23.62 13.28
N THR B 258 -10.31 -23.66 12.04
CA THR B 258 -9.11 -24.39 11.67
C THR B 258 -8.13 -23.43 10.98
N ARG B 259 -6.94 -23.26 11.55
CA ARG B 259 -5.88 -22.48 10.89
C ARG B 259 -4.65 -23.34 10.61
N PHE B 260 -3.84 -22.91 9.64
CA PHE B 260 -2.83 -23.77 9.05
C PHE B 260 -1.46 -23.11 8.95
N ASN B 261 -0.40 -23.92 8.88
CA ASN B 261 0.91 -23.41 8.53
C ASN B 261 1.02 -23.26 7.01
N ASP B 262 2.17 -22.80 6.53
CA ASP B 262 2.33 -22.45 5.13
C ASP B 262 2.01 -23.59 4.12
N ASP B 263 2.33 -24.83 4.48
CA ASP B 263 2.11 -25.93 3.52
C ASP B 263 0.99 -26.91 3.89
N PHE B 264 0.22 -26.58 4.92
CA PHE B 264 -0.96 -27.35 5.33
C PHE B 264 -0.61 -28.73 5.90
N SER B 265 0.60 -28.83 6.44
CA SER B 265 1.05 -30.06 7.09
C SER B 265 0.78 -29.98 8.59
N ARG B 266 0.48 -28.78 9.08
CA ARG B 266 0.09 -28.59 10.48
C ARG B 266 -1.16 -27.72 10.59
N ALA B 267 -2.05 -28.06 11.52
CA ALA B 267 -3.25 -27.28 11.78
C ALA B 267 -3.58 -27.18 13.26
N VAL B 268 -4.18 -26.07 13.65
CA VAL B 268 -4.73 -25.89 14.96
C VAL B 268 -6.26 -25.76 14.85
N LEU B 269 -6.98 -26.62 15.56
CA LEU B 269 -8.43 -26.46 15.72
C LEU B 269 -8.69 -25.65 16.98
N GLU B 270 -9.35 -24.52 16.78
CA GLU B 270 -9.74 -23.69 17.89
C GLU B 270 -11.25 -23.79 18.00
N ALA B 271 -11.71 -24.11 19.21
CA ALA B 271 -13.12 -24.30 19.47
C ALA B 271 -13.51 -23.44 20.66
N GLU B 272 -14.28 -22.39 20.42
CA GLU B 272 -14.80 -21.53 21.47
C GLU B 272 -16.16 -22.04 21.94
N VAL B 273 -16.28 -22.29 23.25
CA VAL B 273 -17.54 -22.79 23.80
C VAL B 273 -18.16 -21.80 24.78
N GLN B 274 -19.45 -21.49 24.60
CA GLN B 274 -20.18 -20.63 25.53
C GLN B 274 -21.28 -21.41 26.23
N MET B 275 -21.60 -21.02 27.46
CA MET B 275 -22.63 -21.70 28.25
C MET B 275 -23.63 -20.74 28.88
N CYS B 276 -24.84 -21.24 29.10
CA CYS B 276 -25.84 -20.58 29.95
C CYS B 276 -26.08 -21.47 31.17
N GLY B 277 -26.69 -20.91 32.20
CA GLY B 277 -26.91 -21.62 33.46
C GLY B 277 -25.95 -21.14 34.52
N GLU B 278 -25.92 -21.81 35.67
CA GLU B 278 -25.09 -21.38 36.79
C GLU B 278 -23.69 -21.92 36.67
N LEU B 279 -22.73 -21.00 36.75
CA LEU B 279 -21.32 -21.32 36.68
C LEU B 279 -20.85 -22.02 37.95
N ARG B 280 -20.04 -23.06 37.77
CA ARG B 280 -19.49 -23.83 38.88
C ARG B 280 -18.05 -24.25 38.58
N ASP B 281 -17.21 -24.23 39.62
CA ASP B 281 -15.80 -24.58 39.51
C ASP B 281 -15.55 -26.00 39.03
N TYR B 282 -16.54 -26.88 39.25
CA TYR B 282 -16.43 -28.29 38.85
C TYR B 282 -16.86 -28.55 37.40
N LEU B 283 -17.40 -27.52 36.73
CA LEU B 283 -17.81 -27.64 35.32
C LEU B 283 -16.62 -27.68 34.38
N ARG B 284 -16.77 -28.44 33.31
CA ARG B 284 -15.70 -28.65 32.33
C ARG B 284 -16.26 -28.73 30.93
N VAL B 285 -15.43 -28.34 29.96
CA VAL B 285 -15.69 -28.62 28.57
C VAL B 285 -14.55 -29.50 28.07
N THR B 286 -14.91 -30.57 27.36
CA THR B 286 -13.97 -31.38 26.61
C THR B 286 -14.34 -31.34 25.14
N VAL B 287 -13.36 -30.97 24.32
CA VAL B 287 -13.54 -31.04 22.88
C VAL B 287 -12.62 -32.11 22.34
N SER B 288 -13.20 -33.01 21.55
CA SER B 288 -12.42 -34.09 20.96
C SER B 288 -12.68 -34.15 19.46
N LEU B 289 -11.66 -34.56 18.72
CA LEU B 289 -11.77 -34.61 17.28
C LEU B 289 -11.56 -36.02 16.79
N TRP B 290 -12.47 -36.47 15.93
CA TRP B 290 -12.49 -37.85 15.44
C TRP B 290 -12.38 -37.89 13.93
N GLN B 291 -11.59 -38.85 13.44
CA GLN B 291 -11.52 -39.15 12.02
C GLN B 291 -11.98 -40.59 11.92
N GLY B 292 -13.26 -40.77 11.66
CA GLY B 292 -13.90 -42.09 11.76
C GLY B 292 -13.98 -42.53 13.22
N GLU B 293 -13.48 -43.72 13.50
CA GLU B 293 -13.45 -44.26 14.86
C GLU B 293 -12.18 -43.92 15.62
N THR B 294 -11.23 -43.29 14.93
CA THR B 294 -9.99 -42.88 15.58
C THR B 294 -10.19 -41.51 16.25
N GLN B 295 -9.83 -41.42 17.52
CA GLN B 295 -9.73 -40.13 18.19
C GLN B 295 -8.39 -39.56 17.80
N VAL B 296 -8.39 -38.32 17.32
CA VAL B 296 -7.13 -37.71 16.87
C VAL B 296 -6.58 -36.68 17.85
N ALA B 297 -7.48 -36.01 18.56
CA ALA B 297 -7.08 -35.06 19.60
C ALA B 297 -8.19 -34.85 20.61
N SER B 298 -7.81 -34.45 21.81
CA SER B 298 -8.78 -34.14 22.85
C SER B 298 -8.19 -33.21 23.89
N GLY B 299 -8.98 -32.22 24.28
CA GLY B 299 -8.57 -31.26 25.29
C GLY B 299 -9.72 -30.94 26.22
N THR B 300 -9.38 -30.59 27.46
CA THR B 300 -10.37 -30.32 28.50
C THR B 300 -9.94 -29.08 29.27
N ALA B 301 -10.89 -28.20 29.56
CA ALA B 301 -10.60 -27.02 30.35
C ALA B 301 -11.82 -26.65 31.18
N PRO B 302 -11.59 -26.00 32.34
CA PRO B 302 -12.73 -25.41 33.03
C PRO B 302 -13.16 -24.12 32.28
N PHE B 303 -14.29 -23.54 32.67
CA PHE B 303 -14.76 -22.28 32.09
C PHE B 303 -13.91 -21.11 32.55
N GLY B 304 -13.85 -20.07 31.73
CA GLY B 304 -13.09 -18.86 32.06
C GLY B 304 -12.14 -18.47 30.94
N GLY B 305 -12.57 -17.50 30.13
CA GLY B 305 -11.77 -17.03 29.00
C GLY B 305 -10.60 -16.16 29.43
N GLU B 306 -9.74 -15.85 28.47
CA GLU B 306 -8.63 -14.95 28.73
C GLU B 306 -9.13 -13.50 28.86
N ILE B 307 -8.30 -12.65 29.43
CA ILE B 307 -8.62 -11.23 29.60
C ILE B 307 -8.87 -10.54 28.25
N ILE B 308 -10.02 -9.88 28.16
CA ILE B 308 -10.51 -9.21 26.96
C ILE B 308 -10.27 -7.70 27.07
N ASP B 309 -10.62 -7.13 28.21
CA ASP B 309 -10.47 -5.69 28.44
C ASP B 309 -10.27 -5.35 29.93
N GLU B 310 -10.45 -4.07 30.28
CA GLU B 310 -10.20 -3.57 31.65
C GLU B 310 -11.10 -4.24 32.68
N ARG B 311 -12.24 -4.77 32.25
CA ARG B 311 -13.21 -5.39 33.13
C ARG B 311 -13.04 -6.91 33.26
N GLY B 312 -11.98 -7.45 32.65
CA GLY B 312 -11.69 -8.89 32.69
C GLY B 312 -12.03 -9.63 31.39
N GLY B 313 -12.52 -10.87 31.53
CA GLY B 313 -12.90 -11.70 30.38
C GLY B 313 -14.23 -12.40 30.57
N TYR B 314 -14.55 -13.33 29.67
CA TYR B 314 -15.80 -14.10 29.75
C TYR B 314 -15.67 -15.33 30.66
N ALA B 315 -16.29 -15.27 31.84
CA ALA B 315 -16.27 -16.41 32.77
C ALA B 315 -17.13 -17.57 32.27
N ASP B 316 -18.06 -17.27 31.36
CA ASP B 316 -18.99 -18.23 30.81
C ASP B 316 -18.56 -18.78 29.45
N ARG B 317 -17.28 -18.65 29.15
CA ARG B 317 -16.73 -19.15 27.89
C ARG B 317 -15.36 -19.78 28.12
N VAL B 318 -14.97 -20.63 27.18
CA VAL B 318 -13.62 -21.20 27.17
C VAL B 318 -13.28 -21.61 25.74
N THR B 319 -12.00 -21.55 25.40
CA THR B 319 -11.51 -21.90 24.08
C THR B 319 -10.54 -23.06 24.17
N LEU B 320 -10.81 -24.13 23.43
CA LEU B 320 -9.94 -25.29 23.39
C LEU B 320 -9.15 -25.29 22.10
N ARG B 321 -7.85 -25.58 22.21
CA ARG B 321 -6.95 -25.59 21.07
C ARG B 321 -6.35 -26.98 20.90
N LEU B 322 -6.59 -27.59 19.74
CA LEU B 322 -6.10 -28.93 19.45
C LEU B 322 -5.17 -28.93 18.23
N ASN B 323 -3.97 -29.46 18.42
CA ASN B 323 -3.00 -29.59 17.34
C ASN B 323 -3.27 -30.83 16.49
N VAL B 324 -3.33 -30.64 15.17
CA VAL B 324 -3.56 -31.76 14.24
C VAL B 324 -2.46 -31.81 13.17
N GLU B 325 -1.71 -32.91 13.18
CA GLU B 325 -0.61 -33.13 12.25
C GLU B 325 -1.11 -33.78 10.96
N ASN B 326 -0.66 -33.26 9.82
CA ASN B 326 -1.05 -33.74 8.49
C ASN B 326 -2.57 -33.96 8.32
N PRO B 327 -3.38 -32.91 8.60
CA PRO B 327 -4.82 -33.08 8.47
C PRO B 327 -5.24 -33.43 7.05
N LYS B 328 -6.25 -34.27 6.92
CA LYS B 328 -6.87 -34.51 5.63
C LYS B 328 -7.77 -33.31 5.35
N LEU B 329 -7.51 -32.63 4.24
CA LEU B 329 -8.14 -31.34 3.97
C LEU B 329 -9.45 -31.49 3.20
N TRP B 330 -10.39 -30.61 3.51
CA TRP B 330 -11.68 -30.61 2.86
C TRP B 330 -11.65 -29.75 1.59
N SER B 331 -12.22 -30.29 0.54
CA SER B 331 -12.44 -29.58 -0.72
C SER B 331 -13.69 -30.20 -1.36
N ALA B 332 -14.15 -29.63 -2.47
CA ALA B 332 -15.21 -30.25 -3.24
C ALA B 332 -14.69 -31.50 -3.95
N GLU B 333 -13.39 -31.55 -4.22
CA GLU B 333 -12.77 -32.70 -4.87
C GLU B 333 -12.74 -33.94 -3.97
N ILE B 334 -12.34 -33.74 -2.71
CA ILE B 334 -12.31 -34.80 -1.69
C ILE B 334 -12.83 -34.21 -0.37
N PRO B 335 -14.11 -34.46 -0.06
CA PRO B 335 -14.71 -33.88 1.15
C PRO B 335 -14.33 -34.59 2.46
N ASN B 336 -13.05 -34.61 2.79
CA ASN B 336 -12.61 -35.17 4.08
C ASN B 336 -13.22 -34.41 5.24
N LEU B 337 -13.84 -35.17 6.15
CA LEU B 337 -14.46 -34.62 7.31
C LEU B 337 -13.97 -35.28 8.58
N TYR B 338 -13.90 -34.47 9.63
CA TYR B 338 -13.63 -34.93 10.97
C TYR B 338 -14.93 -34.75 11.75
N ARG B 339 -15.00 -35.32 12.95
CA ARG B 339 -16.15 -35.06 13.82
C ARG B 339 -15.66 -34.43 15.10
N ALA B 340 -16.20 -33.29 15.45
CA ALA B 340 -15.86 -32.66 16.72
C ALA B 340 -17.00 -32.89 17.70
N VAL B 341 -16.67 -33.31 18.92
CA VAL B 341 -17.70 -33.52 19.94
C VAL B 341 -17.40 -32.55 21.07
N VAL B 342 -18.41 -31.78 21.45
CA VAL B 342 -18.29 -30.82 22.53
C VAL B 342 -19.06 -31.35 23.75
N GLU B 343 -18.33 -31.75 24.76
CA GLU B 343 -18.91 -32.33 25.97
C GLU B 343 -18.91 -31.31 27.10
N LEU B 344 -20.09 -30.99 27.60
CA LEU B 344 -20.22 -30.24 28.85
C LEU B 344 -20.38 -31.25 29.98
N HIS B 345 -19.50 -31.18 30.97
CA HIS B 345 -19.48 -32.19 32.04
C HIS B 345 -18.90 -31.70 33.35
N THR B 346 -19.08 -32.51 34.40
CA THR B 346 -18.51 -32.23 35.71
C THR B 346 -17.10 -32.81 35.78
N ALA B 347 -16.28 -32.28 36.69
CA ALA B 347 -14.91 -32.74 36.87
C ALA B 347 -14.80 -34.22 37.26
N ASP B 348 -15.79 -34.73 37.99
CA ASP B 348 -15.80 -36.15 38.36
C ASP B 348 -16.10 -37.06 37.16
N GLY B 349 -16.56 -36.48 36.05
CA GLY B 349 -16.71 -37.22 34.80
C GLY B 349 -18.15 -37.51 34.41
N THR B 350 -19.10 -36.79 34.99
CA THR B 350 -20.50 -36.98 34.66
C THR B 350 -20.95 -36.05 33.51
N LEU B 351 -21.29 -36.64 32.38
CA LEU B 351 -21.78 -35.88 31.23
C LEU B 351 -23.06 -35.12 31.55
N ILE B 352 -23.10 -33.85 31.18
CA ILE B 352 -24.33 -33.06 31.27
C ILE B 352 -25.01 -33.04 29.91
N GLU B 353 -24.28 -32.61 28.87
CA GLU B 353 -24.76 -32.74 27.50
C GLU B 353 -23.61 -32.71 26.50
N ALA B 354 -23.89 -33.15 25.28
CA ALA B 354 -22.92 -33.07 24.21
C ALA B 354 -23.55 -32.52 22.95
N GLU B 355 -22.80 -31.66 22.28
CA GLU B 355 -23.13 -31.22 20.94
C GLU B 355 -21.96 -31.61 20.03
N ALA B 356 -22.17 -31.54 18.72
CA ALA B 356 -21.16 -31.98 17.77
C ALA B 356 -21.39 -31.35 16.40
N CYS B 357 -20.34 -31.35 15.56
CA CYS B 357 -20.50 -30.99 14.15
C CYS B 357 -19.48 -31.72 13.28
N ASP B 358 -19.75 -31.74 11.97
CA ASP B 358 -18.78 -32.15 10.98
C ASP B 358 -17.73 -31.06 10.79
N VAL B 359 -16.47 -31.45 10.74
CA VAL B 359 -15.38 -30.48 10.60
C VAL B 359 -14.60 -30.75 9.31
N GLY B 360 -14.54 -29.74 8.46
CA GLY B 360 -13.72 -29.79 7.26
C GLY B 360 -12.52 -28.89 7.41
N PHE B 361 -11.32 -29.48 7.38
CA PHE B 361 -10.09 -28.72 7.45
C PHE B 361 -9.80 -28.01 6.13
N ARG B 362 -10.09 -26.71 6.07
CA ARG B 362 -9.82 -25.92 4.85
C ARG B 362 -9.68 -24.42 5.14
N GLU B 363 -8.87 -23.76 4.32
CA GLU B 363 -8.66 -22.32 4.43
C GLU B 363 -9.18 -21.62 3.19
N VAL B 364 -9.95 -20.56 3.41
CA VAL B 364 -10.39 -19.69 2.34
C VAL B 364 -9.76 -18.32 2.56
N ARG B 365 -9.10 -17.82 1.53
CA ARG B 365 -8.53 -16.48 1.58
C ARG B 365 -8.37 -15.95 0.19
N ILE B 366 -8.40 -14.62 0.09
CA ILE B 366 -8.10 -13.92 -1.14
C ILE B 366 -6.71 -13.32 -1.00
N GLU B 367 -5.83 -13.68 -1.92
CA GLU B 367 -4.45 -13.19 -1.86
C GLU B 367 -4.02 -12.82 -3.25
N ASN B 368 -3.42 -11.64 -3.36
CA ASN B 368 -2.90 -11.11 -4.62
C ASN B 368 -3.96 -11.12 -5.74
N GLY B 369 -5.22 -10.90 -5.36
CA GLY B 369 -6.33 -10.86 -6.32
C GLY B 369 -7.00 -12.19 -6.68
N LEU B 370 -6.61 -13.28 -6.01
CA LEU B 370 -7.13 -14.62 -6.34
C LEU B 370 -7.79 -15.27 -5.14
N LEU B 371 -8.92 -15.92 -5.37
CA LEU B 371 -9.61 -16.67 -4.32
C LEU B 371 -8.94 -18.05 -4.17
N LEU B 372 -8.33 -18.27 -3.01
CA LEU B 372 -7.62 -19.50 -2.75
C LEU B 372 -8.37 -20.40 -1.78
N LEU B 373 -8.43 -21.68 -2.13
CA LEU B 373 -8.85 -22.71 -1.21
C LEU B 373 -7.67 -23.63 -0.96
N ASN B 374 -7.31 -23.77 0.31
CA ASN B 374 -6.10 -24.50 0.71
C ASN B 374 -4.85 -24.06 -0.07
N GLY B 375 -4.77 -22.76 -0.34
CA GLY B 375 -3.62 -22.20 -1.04
C GLY B 375 -3.65 -22.38 -2.55
N LYS B 376 -4.75 -22.90 -3.08
CA LYS B 376 -4.88 -23.13 -4.52
C LYS B 376 -6.03 -22.33 -5.12
N PRO B 377 -5.79 -21.68 -6.28
CA PRO B 377 -6.82 -20.83 -6.91
C PRO B 377 -8.06 -21.61 -7.38
N LEU B 378 -9.23 -21.22 -6.90
CA LEU B 378 -10.47 -21.92 -7.29
C LEU B 378 -10.92 -21.56 -8.69
N LEU B 379 -11.60 -22.51 -9.31
CA LEU B 379 -12.32 -22.26 -10.54
C LEU B 379 -13.74 -22.74 -10.24
N ILE B 380 -14.65 -21.78 -10.08
CA ILE B 380 -16.03 -22.03 -9.66
C ILE B 380 -16.91 -22.48 -10.81
N ARG B 381 -17.31 -23.75 -10.76
CA ARG B 381 -18.30 -24.30 -11.67
C ARG B 381 -19.58 -24.34 -10.86
N GLY B 382 -20.29 -23.22 -10.87
CA GLY B 382 -21.37 -23.03 -9.93
C GLY B 382 -22.74 -22.92 -10.53
N VAL B 383 -23.73 -23.09 -9.68
CA VAL B 383 -25.11 -22.90 -10.09
C VAL B 383 -25.87 -22.26 -8.92
N ASN B 384 -26.78 -21.35 -9.26
CA ASN B 384 -27.77 -20.83 -8.31
C ASN B 384 -28.91 -21.87 -8.17
N ARG B 385 -29.34 -22.12 -6.93
CA ARG B 385 -30.43 -23.05 -6.71
C ARG B 385 -31.49 -22.52 -5.73
N HIS B 386 -32.69 -22.30 -6.26
CA HIS B 386 -33.84 -22.02 -5.40
C HIS B 386 -34.32 -23.30 -4.73
N GLU B 387 -35.02 -23.15 -3.61
CA GLU B 387 -35.66 -24.27 -2.93
C GLU B 387 -37.07 -24.45 -3.53
N HIS B 388 -37.17 -25.30 -4.54
CA HIS B 388 -38.41 -25.47 -5.27
C HIS B 388 -38.74 -26.93 -5.59
N HIS B 389 -40.03 -27.27 -5.41
CA HIS B 389 -40.61 -28.56 -5.74
C HIS B 389 -41.96 -28.29 -6.40
N PRO B 390 -42.21 -28.88 -7.58
CA PRO B 390 -43.44 -28.65 -8.36
C PRO B 390 -44.74 -29.09 -7.67
N LEU B 391 -44.63 -29.99 -6.69
CA LEU B 391 -45.78 -30.43 -5.93
C LEU B 391 -45.84 -29.76 -4.55
N HIS B 392 -44.72 -29.74 -3.84
CA HIS B 392 -44.74 -29.30 -2.46
C HIS B 392 -44.39 -27.83 -2.27
N GLY B 393 -44.21 -27.11 -3.38
CA GLY B 393 -43.92 -25.67 -3.34
C GLY B 393 -42.50 -25.34 -2.90
N GLN B 394 -42.37 -24.80 -1.70
CA GLN B 394 -41.06 -24.39 -1.18
C GLN B 394 -40.64 -25.23 0.03
N VAL B 395 -41.41 -26.28 0.30
CA VAL B 395 -41.01 -27.30 1.29
C VAL B 395 -39.92 -28.18 0.69
N MET B 396 -38.85 -28.38 1.46
CA MET B 396 -37.73 -29.16 0.99
C MET B 396 -37.66 -30.50 1.71
N ASP B 397 -37.46 -31.56 0.93
CA ASP B 397 -37.27 -32.92 1.48
C ASP B 397 -35.88 -33.47 1.11
N GLU B 398 -35.36 -34.38 1.94
CA GLU B 398 -34.03 -34.95 1.72
C GLU B 398 -33.85 -35.57 0.32
N GLN B 399 -34.81 -36.39 -0.09
CA GLN B 399 -34.70 -37.10 -1.38
C GLN B 399 -34.38 -36.14 -2.54
N THR B 400 -35.15 -35.04 -2.62
CA THR B 400 -34.98 -33.99 -3.62
C THR B 400 -33.59 -33.32 -3.53
N MET B 401 -33.20 -32.94 -2.31
CA MET B 401 -31.90 -32.34 -2.05
C MET B 401 -30.74 -33.22 -2.53
N VAL B 402 -30.75 -34.48 -2.10
CA VAL B 402 -29.78 -35.50 -2.54
C VAL B 402 -29.79 -35.65 -4.07
N GLN B 403 -30.98 -35.69 -4.67
CA GLN B 403 -31.12 -35.81 -6.11
C GLN B 403 -30.45 -34.63 -6.85
N ASP B 404 -30.71 -33.43 -6.35
CA ASP B 404 -30.10 -32.21 -6.87
C ASP B 404 -28.57 -32.29 -6.83
N ILE B 405 -28.02 -32.50 -5.63
CA ILE B 405 -26.56 -32.65 -5.45
C ILE B 405 -25.93 -33.71 -6.35
N LEU B 406 -26.56 -34.88 -6.46
CA LEU B 406 -26.04 -35.93 -7.35
C LEU B 406 -26.02 -35.44 -8.78
N LEU B 407 -27.09 -34.78 -9.22
CA LEU B 407 -27.15 -34.27 -10.59
C LEU B 407 -26.11 -33.18 -10.84
N MET B 408 -25.92 -32.32 -9.85
CA MET B 408 -24.93 -31.25 -9.96
C MET B 408 -23.52 -31.80 -10.14
N LYS B 409 -23.12 -32.72 -9.25
CA LYS B 409 -21.78 -33.30 -9.29
C LYS B 409 -21.51 -34.13 -10.54
N GLN B 410 -22.53 -34.87 -10.97
CA GLN B 410 -22.46 -35.63 -12.21
C GLN B 410 -22.31 -34.74 -13.42
N ASN B 411 -22.76 -33.50 -13.31
CA ASN B 411 -22.64 -32.58 -14.43
C ASN B 411 -21.50 -31.58 -14.25
N ASN B 412 -20.56 -31.94 -13.38
CA ASN B 412 -19.31 -31.21 -13.19
C ASN B 412 -19.46 -29.83 -12.53
N PHE B 413 -20.51 -29.69 -11.71
CA PHE B 413 -20.64 -28.51 -10.85
C PHE B 413 -19.89 -28.80 -9.55
N ASN B 414 -19.19 -27.78 -9.03
CA ASN B 414 -18.52 -27.90 -7.73
C ASN B 414 -19.02 -26.87 -6.71
N ALA B 415 -19.95 -26.02 -7.11
CA ALA B 415 -20.36 -24.94 -6.23
C ALA B 415 -21.81 -24.58 -6.40
N VAL B 416 -22.41 -24.06 -5.34
CA VAL B 416 -23.82 -23.67 -5.35
C VAL B 416 -24.03 -22.39 -4.56
N ARG B 417 -24.88 -21.52 -5.10
CA ARG B 417 -25.28 -20.31 -4.38
C ARG B 417 -26.72 -20.41 -3.88
N CYS B 418 -26.91 -20.12 -2.59
CA CYS B 418 -28.22 -20.11 -1.95
C CYS B 418 -29.01 -18.86 -2.33
N SER B 419 -29.44 -18.79 -3.58
CA SER B 419 -30.24 -17.70 -4.09
C SER B 419 -31.69 -17.85 -3.63
N HIS B 420 -32.23 -16.90 -2.84
CA HIS B 420 -31.47 -15.79 -2.27
C HIS B 420 -31.80 -15.69 -0.78
N TYR B 421 -31.50 -16.75 -0.03
CA TYR B 421 -31.91 -16.85 1.38
C TYR B 421 -31.17 -18.01 2.03
N PRO B 422 -31.07 -18.02 3.38
CA PRO B 422 -30.53 -19.21 4.00
C PRO B 422 -31.39 -20.42 3.70
N ASN B 423 -30.73 -21.55 3.52
CA ASN B 423 -31.40 -22.77 3.14
C ASN B 423 -31.78 -23.64 4.33
N HIS B 424 -32.66 -24.60 4.06
CA HIS B 424 -33.00 -25.71 4.96
C HIS B 424 -31.70 -26.23 5.57
N PRO B 425 -31.67 -26.43 6.90
CA PRO B 425 -30.40 -26.79 7.55
C PRO B 425 -29.71 -28.04 6.96
N LEU B 426 -30.49 -28.95 6.38
CA LEU B 426 -29.92 -30.20 5.87
C LEU B 426 -29.05 -29.98 4.64
N TRP B 427 -29.40 -28.98 3.84
CA TRP B 427 -28.66 -28.63 2.63
C TRP B 427 -27.15 -28.52 2.88
N TYR B 428 -26.78 -27.81 3.93
CA TYR B 428 -25.38 -27.61 4.27
C TYR B 428 -24.68 -28.90 4.68
N THR B 429 -25.40 -29.74 5.41
CA THR B 429 -24.89 -31.03 5.87
C THR B 429 -24.49 -31.88 4.67
N LEU B 430 -25.39 -31.94 3.69
CA LEU B 430 -25.18 -32.70 2.46
C LEU B 430 -24.03 -32.10 1.63
N CYS B 431 -23.92 -30.79 1.63
CA CYS B 431 -22.83 -30.13 0.91
C CYS B 431 -21.50 -30.42 1.57
N ASP B 432 -21.48 -30.44 2.90
CA ASP B 432 -20.28 -30.82 3.67
C ASP B 432 -19.76 -32.22 3.32
N ARG B 433 -20.68 -33.14 3.06
CA ARG B 433 -20.38 -34.57 2.96
C ARG B 433 -20.19 -35.03 1.53
N TYR B 434 -20.95 -34.46 0.61
CA TYR B 434 -20.77 -34.73 -0.82
C TYR B 434 -19.71 -33.84 -1.47
N GLY B 435 -19.42 -32.71 -0.84
CA GLY B 435 -18.42 -31.76 -1.36
C GLY B 435 -18.95 -30.81 -2.41
N LEU B 436 -19.48 -29.67 -1.94
CA LEU B 436 -19.79 -28.54 -2.81
C LEU B 436 -19.47 -27.25 -2.07
N TYR B 437 -18.88 -26.29 -2.78
CA TYR B 437 -18.63 -24.97 -2.24
C TYR B 437 -19.95 -24.19 -2.18
N VAL B 438 -20.26 -23.64 -1.00
CA VAL B 438 -21.52 -22.92 -0.81
C VAL B 438 -21.36 -21.41 -0.60
N VAL B 439 -22.11 -20.63 -1.38
CA VAL B 439 -22.38 -19.24 -1.04
C VAL B 439 -23.66 -19.17 -0.22
N ASP B 440 -23.51 -18.83 1.06
CA ASP B 440 -24.64 -18.70 1.95
C ASP B 440 -25.08 -17.24 1.95
N GLU B 441 -26.37 -17.00 1.75
CA GLU B 441 -26.88 -15.67 1.42
C GLU B 441 -28.00 -15.23 2.37
N ALA B 442 -27.83 -14.05 2.98
CA ALA B 442 -28.87 -13.51 3.85
C ALA B 442 -30.18 -13.31 3.10
N ASN B 443 -31.29 -13.46 3.81
CA ASN B 443 -32.63 -13.29 3.24
C ASN B 443 -33.01 -11.79 3.11
N ILE B 444 -32.33 -11.10 2.20
CA ILE B 444 -32.61 -9.69 1.94
C ILE B 444 -32.66 -9.39 0.45
N GLU B 445 -33.87 -9.12 -0.06
CA GLU B 445 -34.04 -8.61 -1.40
C GLU B 445 -35.14 -7.55 -1.43
N THR B 446 -34.81 -6.39 -1.99
CA THR B 446 -35.70 -5.23 -2.03
C THR B 446 -35.80 -4.70 -3.45
N HIS B 447 -35.83 -5.65 -4.40
CA HIS B 447 -35.75 -5.35 -5.83
C HIS B 447 -36.74 -4.27 -6.27
N GLY B 448 -37.98 -4.39 -5.78
CA GLY B 448 -39.08 -3.55 -6.24
C GLY B 448 -39.08 -2.10 -5.77
N MET B 449 -38.23 -1.77 -4.81
CA MET B 449 -38.07 -0.39 -4.34
C MET B 449 -37.54 0.52 -5.45
N VAL B 450 -37.90 1.81 -5.38
CA VAL B 450 -37.39 2.85 -6.27
C VAL B 450 -36.77 3.98 -5.42
N PRO B 451 -35.44 4.20 -5.53
CA PRO B 451 -34.52 3.32 -6.25
C PRO B 451 -34.30 2.03 -5.45
N MET B 452 -33.48 1.12 -5.97
CA MET B 452 -33.33 -0.19 -5.32
C MET B 452 -32.87 -0.15 -3.87
N ASN B 453 -32.08 0.86 -3.52
CA ASN B 453 -31.49 0.96 -2.17
C ASN B 453 -32.28 1.84 -1.19
N ARG B 454 -33.54 2.14 -1.50
CA ARG B 454 -34.33 3.05 -0.64
C ARG B 454 -34.36 2.61 0.83
N LEU B 455 -34.51 1.31 1.06
CA LEU B 455 -34.56 0.75 2.40
C LEU B 455 -33.17 0.43 2.96
N THR B 456 -32.30 -0.09 2.10
CA THR B 456 -30.97 -0.54 2.54
C THR B 456 -30.00 0.61 2.85
N ASP B 457 -30.36 1.82 2.44
CA ASP B 457 -29.58 3.02 2.75
C ASP B 457 -30.24 3.77 3.91
N ASP B 458 -31.38 3.27 4.35
CA ASP B 458 -32.16 3.89 5.40
C ASP B 458 -31.82 3.26 6.76
N PRO B 459 -31.28 4.06 7.70
CA PRO B 459 -30.84 3.52 9.00
C PRO B 459 -31.97 2.92 9.85
N ARG B 460 -33.21 3.25 9.53
CA ARG B 460 -34.36 2.67 10.24
C ARG B 460 -34.57 1.22 9.85
N TRP B 461 -34.05 0.84 8.68
CA TRP B 461 -34.10 -0.56 8.23
C TRP B 461 -32.84 -1.36 8.53
N LEU B 462 -31.88 -0.74 9.21
CA LEU B 462 -30.66 -1.45 9.59
C LEU B 462 -30.90 -2.59 10.60
N PRO B 463 -31.75 -2.36 11.62
CA PRO B 463 -31.97 -3.44 12.58
C PRO B 463 -32.58 -4.71 12.00
N ALA B 464 -33.54 -4.56 11.10
CA ALA B 464 -34.19 -5.71 10.45
C ALA B 464 -33.24 -6.43 9.51
N MET B 465 -32.39 -5.67 8.82
CA MET B 465 -31.40 -6.24 7.92
C MET B 465 -30.31 -6.97 8.69
N SER B 466 -29.85 -6.36 9.79
CA SER B 466 -28.77 -6.94 10.58
C SER B 466 -29.11 -8.33 11.14
N GLU B 467 -30.35 -8.52 11.59
CA GLU B 467 -30.81 -9.81 12.08
C GLU B 467 -30.85 -10.87 10.97
N ARG B 468 -31.08 -10.44 9.75
CA ARG B 468 -31.06 -11.36 8.62
C ARG B 468 -29.64 -11.82 8.25
N VAL B 469 -28.64 -11.02 8.58
CA VAL B 469 -27.25 -11.36 8.33
C VAL B 469 -26.62 -12.04 9.54
N THR B 470 -26.80 -11.45 10.73
CA THR B 470 -26.17 -11.95 11.93
C THR B 470 -26.63 -13.36 12.31
N ARG B 471 -27.94 -13.61 12.22
CA ARG B 471 -28.47 -14.90 12.64
C ARG B 471 -28.14 -16.00 11.64
N MET B 472 -27.93 -15.63 10.37
CA MET B 472 -27.44 -16.58 9.37
C MET B 472 -26.03 -17.05 9.73
N VAL B 473 -25.16 -16.09 10.02
CA VAL B 473 -23.78 -16.39 10.36
C VAL B 473 -23.73 -17.21 11.64
N GLN B 474 -24.47 -16.79 12.67
CA GLN B 474 -24.54 -17.55 13.92
C GLN B 474 -24.98 -19.00 13.72
N ARG B 475 -25.78 -19.23 12.68
CA ARG B 475 -26.30 -20.57 12.38
C ARG B 475 -25.32 -21.44 11.62
N ASP B 476 -24.73 -20.88 10.56
CA ASP B 476 -24.05 -21.67 9.53
C ASP B 476 -22.53 -21.64 9.57
N ARG B 477 -21.97 -20.93 10.54
CA ARG B 477 -20.53 -20.63 10.55
C ARG B 477 -19.63 -21.85 10.77
N ASN B 478 -20.22 -22.96 11.20
CA ASN B 478 -19.45 -24.17 11.43
C ASN B 478 -19.40 -25.12 10.23
N HIS B 479 -20.17 -24.82 9.19
CA HIS B 479 -20.21 -25.70 8.01
C HIS B 479 -19.03 -25.45 7.08
N PRO B 480 -18.21 -26.49 6.83
CA PRO B 480 -17.05 -26.30 5.95
C PRO B 480 -17.43 -25.93 4.53
N SER B 481 -18.57 -26.44 4.05
CA SER B 481 -19.01 -26.18 2.67
C SER B 481 -19.26 -24.69 2.41
N VAL B 482 -19.60 -23.94 3.46
CA VAL B 482 -19.81 -22.51 3.30
C VAL B 482 -18.46 -21.83 3.18
N ILE B 483 -18.19 -21.27 2.00
CA ILE B 483 -16.89 -20.63 1.79
C ILE B 483 -17.00 -19.12 1.64
N ILE B 484 -18.17 -18.63 1.23
CA ILE B 484 -18.38 -17.19 1.02
C ILE B 484 -19.71 -16.78 1.66
N TRP B 485 -19.70 -15.66 2.38
CA TRP B 485 -20.95 -15.05 2.85
C TRP B 485 -21.47 -14.06 1.81
N SER B 486 -22.79 -14.01 1.61
CA SER B 486 -23.39 -12.97 0.78
C SER B 486 -24.41 -12.14 1.56
N LEU B 487 -24.46 -10.86 1.25
CA LEU B 487 -25.29 -9.89 1.99
C LEU B 487 -26.74 -9.90 1.55
N GLY B 488 -27.02 -10.59 0.45
CA GLY B 488 -28.38 -10.66 -0.06
C GLY B 488 -28.40 -10.47 -1.56
N SER B 489 -29.51 -9.96 -2.05
CA SER B 489 -29.76 -9.93 -3.48
C SER B 489 -30.51 -8.65 -3.91
N GLU B 490 -30.06 -8.04 -4.99
CA GLU B 490 -30.79 -6.97 -5.65
C GLU B 490 -31.52 -6.03 -4.67
N SER B 491 -30.72 -5.25 -3.97
CA SER B 491 -31.23 -4.27 -3.02
C SER B 491 -30.40 -3.00 -3.13
N GLY B 492 -29.92 -2.71 -4.33
CA GLY B 492 -29.00 -1.60 -4.58
C GLY B 492 -27.79 -1.68 -3.69
N HIS B 493 -27.19 -0.52 -3.39
CA HIS B 493 -26.14 -0.48 -2.38
C HIS B 493 -26.37 0.67 -1.44
N GLY B 494 -26.56 0.36 -0.17
CA GLY B 494 -26.73 1.38 0.86
C GLY B 494 -25.81 1.19 2.04
N ALA B 495 -25.68 2.25 2.84
CA ALA B 495 -24.82 2.26 4.03
C ALA B 495 -24.99 1.03 4.93
N ASN B 496 -26.19 0.46 4.97
CA ASN B 496 -26.46 -0.73 5.80
C ASN B 496 -25.67 -1.95 5.34
N HIS B 497 -25.44 -2.06 4.04
CA HIS B 497 -24.59 -3.12 3.47
C HIS B 497 -23.15 -2.98 3.96
N ASP B 498 -22.64 -1.74 3.93
CA ASP B 498 -21.28 -1.49 4.38
C ASP B 498 -21.12 -1.84 5.84
N ALA B 499 -22.09 -1.42 6.65
CA ALA B 499 -22.08 -1.73 8.08
C ALA B 499 -22.05 -3.26 8.29
N LEU B 500 -22.90 -3.98 7.58
CA LEU B 500 -23.02 -5.44 7.76
C LEU B 500 -21.89 -6.23 7.11
N TYR B 501 -21.36 -5.71 6.00
CA TYR B 501 -20.11 -6.21 5.43
C TYR B 501 -19.05 -6.27 6.54
N ARG B 502 -18.81 -5.13 7.17
CA ARG B 502 -17.79 -5.03 8.20
C ARG B 502 -18.11 -5.90 9.40
N TRP B 503 -19.39 -6.01 9.75
CA TRP B 503 -19.78 -6.88 10.88
C TRP B 503 -19.29 -8.32 10.66
N ILE B 504 -19.51 -8.85 9.47
CA ILE B 504 -19.12 -10.23 9.18
C ILE B 504 -17.60 -10.37 9.18
N LYS B 505 -16.92 -9.41 8.57
CA LYS B 505 -15.46 -9.40 8.53
C LYS B 505 -14.83 -9.45 9.92
N SER B 506 -15.49 -8.80 10.89
CA SER B 506 -15.00 -8.78 12.28
C SER B 506 -15.24 -10.10 12.98
N VAL B 507 -16.42 -10.65 12.76
CA VAL B 507 -16.87 -11.86 13.47
C VAL B 507 -16.29 -13.13 12.83
N ASP B 508 -16.12 -13.12 11.52
CA ASP B 508 -15.64 -14.28 10.80
C ASP B 508 -14.63 -13.92 9.69
N PRO B 509 -13.35 -13.79 10.07
CA PRO B 509 -12.28 -13.51 9.10
C PRO B 509 -12.04 -14.67 8.14
N SER B 510 -12.64 -15.83 8.40
CA SER B 510 -12.31 -17.06 7.69
C SER B 510 -12.94 -17.18 6.28
N ARG B 511 -13.94 -16.34 5.99
CA ARG B 511 -14.64 -16.40 4.71
C ARG B 511 -14.77 -15.02 4.10
N PRO B 512 -14.56 -14.89 2.77
CA PRO B 512 -14.83 -13.64 2.08
C PRO B 512 -16.31 -13.26 2.12
N VAL B 513 -16.58 -11.96 1.99
CA VAL B 513 -17.96 -11.49 1.86
C VAL B 513 -18.15 -10.94 0.46
N GLN B 514 -19.23 -11.34 -0.19
CA GLN B 514 -19.61 -10.73 -1.47
C GLN B 514 -21.03 -10.13 -1.42
N TYR B 515 -21.27 -9.21 -2.35
CA TYR B 515 -22.59 -8.64 -2.58
C TYR B 515 -22.56 -7.94 -3.94
N GLU B 516 -23.55 -8.22 -4.77
CA GLU B 516 -23.61 -7.73 -6.16
C GLU B 516 -24.25 -6.34 -6.30
N GLY B 517 -25.06 -5.94 -5.33
CA GLY B 517 -25.84 -4.69 -5.44
C GLY B 517 -25.07 -3.40 -5.62
N GLY B 518 -25.68 -2.47 -6.37
CA GLY B 518 -25.09 -1.16 -6.61
C GLY B 518 -23.85 -1.14 -7.48
N GLY B 519 -23.71 -2.13 -8.36
CA GLY B 519 -22.62 -2.13 -9.34
C GLY B 519 -21.64 -3.29 -9.31
N ALA B 520 -21.85 -4.25 -8.40
CA ALA B 520 -21.01 -5.48 -8.32
C ALA B 520 -19.58 -5.31 -7.82
N ASP B 521 -19.14 -4.07 -7.60
CA ASP B 521 -17.75 -3.84 -7.23
C ASP B 521 -17.62 -2.78 -6.16
N THR B 522 -18.65 -2.70 -5.32
CA THR B 522 -18.72 -1.68 -4.28
C THR B 522 -17.80 -2.02 -3.12
N THR B 523 -17.83 -1.18 -2.10
CA THR B 523 -17.05 -1.37 -0.90
C THR B 523 -17.63 -2.45 0.01
N ALA B 524 -18.81 -2.97 -0.35
CA ALA B 524 -19.46 -4.04 0.43
C ALA B 524 -19.13 -5.45 -0.10
N THR B 525 -18.16 -5.54 -1.00
CA THR B 525 -17.83 -6.84 -1.60
C THR B 525 -16.32 -7.08 -1.76
N ASP B 526 -15.89 -8.30 -1.44
CA ASP B 526 -14.50 -8.73 -1.56
C ASP B 526 -14.24 -9.27 -2.96
N ILE B 527 -15.33 -9.56 -3.67
CA ILE B 527 -15.29 -10.22 -4.97
C ILE B 527 -16.12 -9.43 -5.98
N ILE B 528 -15.56 -9.18 -7.16
CA ILE B 528 -16.35 -8.57 -8.21
C ILE B 528 -17.32 -9.65 -8.67
N CYS B 529 -18.60 -9.45 -8.41
CA CYS B 529 -19.57 -10.53 -8.58
C CYS B 529 -20.78 -10.10 -9.42
N PRO B 530 -20.56 -9.71 -10.69
CA PRO B 530 -21.67 -9.19 -11.47
C PRO B 530 -22.68 -10.28 -11.83
N MET B 531 -23.87 -9.85 -12.26
CA MET B 531 -24.83 -10.77 -12.85
C MET B 531 -24.96 -10.43 -14.32
N TYR B 532 -24.67 -11.42 -15.16
CA TYR B 532 -24.93 -11.33 -16.60
C TYR B 532 -24.06 -10.32 -17.32
N ALA B 533 -22.92 -9.98 -16.72
CA ALA B 533 -21.91 -9.23 -17.44
C ALA B 533 -21.41 -10.18 -18.51
N ARG B 534 -21.17 -9.63 -19.70
CA ARG B 534 -20.79 -10.45 -20.82
C ARG B 534 -19.27 -10.62 -20.93
N VAL B 535 -18.85 -11.55 -21.76
CA VAL B 535 -17.43 -11.87 -21.87
C VAL B 535 -16.65 -10.72 -22.50
N ASP B 536 -17.09 -10.26 -23.67
CA ASP B 536 -16.34 -9.28 -24.44
C ASP B 536 -17.10 -7.97 -24.59
N GLU B 537 -18.42 -8.04 -24.51
CA GLU B 537 -19.28 -6.89 -24.77
C GLU B 537 -19.61 -6.10 -23.50
N ASP B 538 -19.28 -4.81 -23.51
CA ASP B 538 -19.68 -3.91 -22.41
C ASP B 538 -21.17 -3.60 -22.48
N GLN B 539 -21.78 -3.46 -21.31
CA GLN B 539 -23.13 -2.90 -21.19
C GLN B 539 -23.03 -1.69 -20.26
N PRO B 540 -22.80 -0.50 -20.84
CA PRO B 540 -22.47 0.69 -20.03
C PRO B 540 -23.70 1.41 -19.47
N PHE B 541 -24.53 0.70 -18.72
CA PHE B 541 -25.65 1.34 -18.03
C PHE B 541 -25.13 2.43 -17.10
N PRO B 542 -25.83 3.58 -17.04
CA PRO B 542 -25.40 4.61 -16.10
C PRO B 542 -25.47 4.14 -14.64
N ALA B 543 -24.51 4.61 -13.85
CA ALA B 543 -24.39 4.33 -12.41
C ALA B 543 -24.01 2.88 -12.08
N VAL B 544 -24.62 1.91 -12.76
CA VAL B 544 -24.36 0.50 -12.51
C VAL B 544 -23.99 -0.27 -13.79
N PRO B 545 -22.94 0.18 -14.51
CA PRO B 545 -22.57 -0.54 -15.74
C PRO B 545 -22.20 -2.02 -15.50
N LYS B 546 -22.46 -2.84 -16.52
CA LYS B 546 -21.93 -4.20 -16.57
C LYS B 546 -20.81 -4.24 -17.60
N TRP B 547 -19.57 -4.17 -17.12
CA TRP B 547 -18.44 -4.21 -18.02
C TRP B 547 -18.23 -5.64 -18.52
N SER B 548 -17.59 -5.77 -19.68
CA SER B 548 -17.01 -7.03 -20.13
C SER B 548 -16.18 -7.54 -18.97
N ILE B 549 -16.37 -8.79 -18.59
CA ILE B 549 -15.67 -9.33 -17.42
C ILE B 549 -14.15 -9.26 -17.57
N LYS B 550 -13.68 -9.32 -18.81
CA LYS B 550 -12.24 -9.25 -19.08
C LYS B 550 -11.71 -7.84 -18.86
N LYS B 551 -12.53 -6.86 -19.20
CA LYS B 551 -12.23 -5.46 -19.04
C LYS B 551 -12.35 -5.05 -17.58
N TRP B 552 -13.41 -5.50 -16.93
CA TRP B 552 -13.69 -5.16 -15.54
C TRP B 552 -12.46 -5.38 -14.63
N LEU B 553 -11.80 -6.52 -14.82
CA LEU B 553 -10.63 -6.93 -14.02
C LEU B 553 -9.51 -5.90 -13.93
N SER B 554 -9.25 -5.22 -15.05
CA SER B 554 -8.12 -4.32 -15.18
C SER B 554 -8.50 -2.83 -15.17
N LEU B 555 -9.74 -2.51 -14.80
CA LEU B 555 -10.12 -1.11 -14.62
C LEU B 555 -9.13 -0.46 -13.64
N PRO B 556 -8.72 0.80 -13.92
CA PRO B 556 -7.67 1.46 -13.10
C PRO B 556 -7.93 1.29 -11.62
N GLY B 557 -6.96 0.69 -10.93
CA GLY B 557 -7.05 0.48 -9.49
C GLY B 557 -7.73 -0.79 -9.01
N GLU B 558 -8.39 -1.51 -9.91
CA GLU B 558 -9.08 -2.76 -9.54
C GLU B 558 -8.11 -3.94 -9.41
N THR B 559 -8.28 -4.74 -8.34
CA THR B 559 -7.36 -5.82 -8.02
C THR B 559 -8.06 -7.11 -7.62
N ARG B 560 -9.36 -7.03 -7.32
CA ARG B 560 -10.13 -8.16 -6.80
C ARG B 560 -10.35 -9.27 -7.82
N PRO B 561 -10.62 -10.51 -7.35
CA PRO B 561 -11.07 -11.55 -8.28
C PRO B 561 -12.50 -11.28 -8.75
N LEU B 562 -12.86 -11.88 -9.88
CA LEU B 562 -14.19 -11.74 -10.43
C LEU B 562 -14.82 -13.13 -10.58
N ILE B 563 -15.94 -13.34 -9.87
CA ILE B 563 -16.73 -14.54 -9.99
C ILE B 563 -18.17 -14.10 -10.17
N LEU B 564 -18.78 -14.42 -11.32
CA LEU B 564 -20.15 -14.00 -11.60
C LEU B 564 -21.12 -14.66 -10.62
N CYS B 565 -21.92 -13.86 -9.92
CA CYS B 565 -22.90 -14.44 -9.01
C CYS B 565 -24.02 -15.08 -9.81
N GLU B 566 -24.26 -14.55 -11.01
CA GLU B 566 -25.27 -15.08 -11.92
C GLU B 566 -24.80 -14.88 -13.36
N TYR B 567 -24.95 -15.91 -14.18
CA TYR B 567 -24.61 -15.80 -15.61
C TYR B 567 -25.28 -16.92 -16.39
N ALA B 568 -25.24 -16.81 -17.72
CA ALA B 568 -25.85 -17.76 -18.64
C ALA B 568 -27.28 -18.10 -18.20
N HIS B 569 -28.17 -17.13 -18.35
CA HIS B 569 -29.57 -17.23 -17.93
C HIS B 569 -30.29 -18.33 -18.73
N ALA B 570 -30.52 -19.48 -18.08
CA ALA B 570 -30.89 -20.71 -18.78
C ALA B 570 -32.40 -20.84 -19.03
N MET B 571 -33.01 -19.76 -19.50
CA MET B 571 -34.46 -19.69 -19.67
C MET B 571 -34.93 -20.25 -21.01
N GLY B 572 -35.55 -21.42 -20.95
CA GLY B 572 -36.04 -22.09 -22.16
C GLY B 572 -34.86 -22.61 -22.97
N ASN B 573 -34.95 -22.42 -24.28
CA ASN B 573 -33.89 -22.82 -25.18
C ASN B 573 -32.75 -21.80 -25.12
N SER B 574 -31.81 -22.03 -24.21
CA SER B 574 -30.78 -21.04 -23.88
C SER B 574 -29.40 -21.68 -23.69
N LEU B 575 -28.49 -20.92 -23.05
CA LEU B 575 -27.09 -21.26 -22.84
C LEU B 575 -26.27 -21.10 -24.09
N GLY B 576 -26.78 -20.33 -25.05
CA GLY B 576 -25.99 -19.93 -26.20
C GLY B 576 -24.82 -19.07 -25.74
N GLY B 577 -23.63 -19.43 -26.20
CA GLY B 577 -22.41 -18.72 -25.85
C GLY B 577 -21.82 -19.08 -24.50
N PHE B 578 -22.26 -20.22 -23.94
CA PHE B 578 -21.76 -20.69 -22.64
C PHE B 578 -20.25 -20.94 -22.70
N ALA B 579 -19.79 -21.47 -23.84
CA ALA B 579 -18.38 -21.82 -24.05
C ALA B 579 -17.45 -20.60 -24.10
N LYS B 580 -17.99 -19.44 -24.47
CA LYS B 580 -17.24 -18.19 -24.49
C LYS B 580 -16.82 -17.80 -23.08
N TYR B 581 -17.69 -18.07 -22.10
CA TYR B 581 -17.36 -17.86 -20.69
C TYR B 581 -16.21 -18.75 -20.22
N TRP B 582 -16.28 -20.03 -20.57
CA TRP B 582 -15.32 -20.99 -20.06
C TRP B 582 -13.95 -20.85 -20.66
N GLN B 583 -13.90 -20.45 -21.93
CA GLN B 583 -12.67 -20.06 -22.57
C GLN B 583 -12.02 -18.90 -21.80
N ALA B 584 -12.81 -17.90 -21.43
CA ALA B 584 -12.31 -16.74 -20.70
C ALA B 584 -11.86 -17.08 -19.27
N PHE B 585 -12.68 -17.89 -18.57
CA PHE B 585 -12.32 -18.37 -17.22
C PHE B 585 -10.96 -19.04 -17.23
N ARG B 586 -10.72 -19.95 -18.17
CA ARG B 586 -9.46 -20.70 -18.19
C ARG B 586 -8.26 -19.84 -18.59
N GLN B 587 -8.47 -18.83 -19.45
CA GLN B 587 -7.39 -17.96 -19.88
C GLN B 587 -6.97 -16.90 -18.83
N TYR B 588 -7.92 -16.41 -18.04
CA TYR B 588 -7.64 -15.33 -17.09
C TYR B 588 -7.62 -15.83 -15.66
N PRO B 589 -6.46 -15.74 -15.00
CA PRO B 589 -6.37 -16.19 -13.61
C PRO B 589 -7.44 -15.56 -12.70
N ARG B 590 -7.70 -14.26 -12.81
CA ARG B 590 -8.62 -13.58 -11.88
C ARG B 590 -10.11 -13.73 -12.27
N LEU B 591 -10.37 -14.29 -13.44
CA LEU B 591 -11.71 -14.73 -13.78
C LEU B 591 -11.86 -16.13 -13.24
N GLN B 592 -12.50 -16.25 -12.08
CA GLN B 592 -12.57 -17.56 -11.42
C GLN B 592 -13.94 -18.25 -11.48
N GLY B 593 -14.69 -17.96 -12.53
CA GLY B 593 -15.92 -18.70 -12.84
C GLY B 593 -17.19 -17.97 -12.44
N GLY B 594 -18.20 -18.73 -12.06
CA GLY B 594 -19.51 -18.16 -11.74
C GLY B 594 -20.58 -19.17 -11.41
N PHE B 595 -21.77 -18.65 -11.09
CA PHE B 595 -22.92 -19.50 -10.82
C PHE B 595 -23.97 -19.28 -11.91
N VAL B 596 -24.27 -20.32 -12.68
CA VAL B 596 -25.33 -20.28 -13.68
C VAL B 596 -26.68 -19.88 -13.03
N TRP B 597 -27.49 -19.12 -13.76
CA TRP B 597 -28.88 -18.90 -13.36
C TRP B 597 -29.89 -19.63 -14.27
N ASP B 598 -30.58 -20.65 -13.77
CA ASP B 598 -30.35 -21.29 -12.47
C ASP B 598 -30.60 -22.81 -12.58
N TRP B 599 -30.69 -23.48 -11.45
CA TRP B 599 -30.74 -24.94 -11.43
C TRP B 599 -32.05 -25.53 -11.98
N VAL B 600 -33.16 -25.22 -11.33
CA VAL B 600 -34.43 -25.87 -11.64
C VAL B 600 -35.57 -24.88 -11.92
N ASP B 601 -36.30 -25.11 -13.02
CA ASP B 601 -37.53 -24.40 -13.36
C ASP B 601 -38.45 -24.29 -12.14
N GLN B 602 -39.03 -23.11 -11.92
CA GLN B 602 -40.02 -22.95 -10.85
C GLN B 602 -41.45 -23.14 -11.35
N SER B 603 -41.70 -24.21 -12.10
CA SER B 603 -43.05 -24.52 -12.56
C SER B 603 -43.80 -25.30 -11.49
N LEU B 604 -45.13 -25.15 -11.47
CA LEU B 604 -45.97 -25.87 -10.51
C LEU B 604 -46.89 -26.86 -11.22
N ILE B 605 -47.30 -27.91 -10.51
CA ILE B 605 -48.25 -28.89 -11.05
C ILE B 605 -49.71 -28.43 -10.90
N LYS B 606 -50.42 -28.40 -12.01
CA LYS B 606 -51.89 -28.32 -11.99
C LYS B 606 -52.46 -29.58 -12.64
N TYR B 607 -53.73 -29.88 -12.38
CA TYR B 607 -54.39 -31.02 -12.99
C TYR B 607 -55.59 -30.55 -13.82
N ASP B 608 -55.77 -31.15 -14.99
CA ASP B 608 -56.91 -30.81 -15.84
C ASP B 608 -58.18 -31.57 -15.41
N GLU B 609 -59.26 -31.42 -16.18
CA GLU B 609 -60.54 -32.11 -15.93
C GLU B 609 -60.43 -33.64 -15.76
N ASN B 610 -59.48 -34.24 -16.48
CA ASN B 610 -59.24 -35.68 -16.46
C ASN B 610 -58.25 -36.18 -15.40
N GLY B 611 -57.73 -35.25 -14.59
CA GLY B 611 -56.72 -35.56 -13.58
C GLY B 611 -55.30 -35.63 -14.11
N ASN B 612 -55.12 -35.24 -15.39
CA ASN B 612 -53.81 -35.22 -16.02
C ASN B 612 -52.95 -34.03 -15.56
N PRO B 613 -51.76 -34.31 -15.02
CA PRO B 613 -50.88 -33.23 -14.54
C PRO B 613 -50.31 -32.39 -15.69
N TRP B 614 -50.15 -31.10 -15.44
CA TRP B 614 -49.41 -30.22 -16.36
C TRP B 614 -48.55 -29.18 -15.62
N SER B 615 -47.59 -28.63 -16.34
CA SER B 615 -46.65 -27.69 -15.75
C SER B 615 -47.15 -26.26 -15.94
N ALA B 616 -47.30 -25.56 -14.82
CA ALA B 616 -47.89 -24.22 -14.83
C ALA B 616 -46.87 -23.15 -14.46
N TYR B 617 -47.06 -21.94 -14.99
CA TYR B 617 -46.24 -20.81 -14.57
C TYR B 617 -47.04 -19.60 -14.10
N GLY B 618 -46.44 -18.40 -14.18
CA GLY B 618 -47.10 -17.19 -13.68
C GLY B 618 -48.42 -16.94 -14.37
N GLY B 619 -49.45 -16.72 -13.56
CA GLY B 619 -50.78 -16.40 -14.06
C GLY B 619 -51.75 -17.57 -14.10
N ASP B 620 -51.22 -18.79 -14.07
CA ASP B 620 -52.05 -20.00 -14.15
C ASP B 620 -52.90 -20.29 -12.89
N PHE B 621 -52.71 -19.48 -11.85
CA PHE B 621 -53.49 -19.63 -10.62
C PHE B 621 -54.44 -18.44 -10.41
N GLY B 622 -54.65 -17.66 -11.45
CA GLY B 622 -55.44 -16.42 -11.35
C GLY B 622 -54.65 -15.26 -10.75
N ASP B 623 -53.42 -15.55 -10.30
CA ASP B 623 -52.48 -14.55 -9.78
C ASP B 623 -52.20 -13.43 -10.81
N THR B 624 -52.40 -12.19 -10.38
CA THR B 624 -52.31 -11.02 -11.25
C THR B 624 -52.12 -9.74 -10.45
N PRO B 625 -51.15 -8.88 -10.86
CA PRO B 625 -50.22 -9.06 -11.98
C PRO B 625 -49.25 -10.23 -11.75
N ASN B 626 -48.73 -10.78 -12.85
CA ASN B 626 -47.79 -11.88 -12.80
C ASN B 626 -46.69 -11.66 -13.85
N ASP B 627 -45.61 -12.43 -13.75
CA ASP B 627 -44.54 -12.34 -14.75
C ASP B 627 -44.36 -13.61 -15.61
N ARG B 628 -45.45 -14.39 -15.74
CA ARG B 628 -45.55 -15.48 -16.70
C ARG B 628 -44.48 -16.57 -16.54
N GLN B 629 -43.76 -16.84 -17.63
CA GLN B 629 -42.78 -17.92 -17.65
C GLN B 629 -41.40 -17.54 -17.12
N PHE B 630 -41.25 -16.30 -16.64
CA PHE B 630 -39.97 -15.83 -16.14
C PHE B 630 -39.53 -16.52 -14.84
N CYS B 631 -40.42 -17.33 -14.27
CA CYS B 631 -40.09 -18.20 -13.14
C CYS B 631 -39.35 -19.47 -13.58
N MET B 632 -39.27 -19.71 -14.89
CA MET B 632 -38.65 -20.94 -15.40
C MET B 632 -37.32 -20.66 -16.11
N ASN B 633 -36.22 -20.82 -15.38
CA ASN B 633 -34.89 -20.51 -15.94
C ASN B 633 -33.90 -21.66 -15.74
N GLY B 634 -34.41 -22.84 -15.42
CA GLY B 634 -33.57 -23.94 -14.97
C GLY B 634 -32.81 -24.71 -16.05
N LEU B 635 -31.74 -25.36 -15.62
CA LEU B 635 -31.00 -26.31 -16.45
C LEU B 635 -31.72 -27.66 -16.45
N VAL B 636 -32.56 -27.87 -15.42
CA VAL B 636 -33.43 -29.04 -15.33
C VAL B 636 -34.90 -28.58 -15.17
N PHE B 637 -35.84 -29.41 -15.62
CA PHE B 637 -37.27 -29.20 -15.41
C PHE B 637 -37.56 -29.36 -13.95
N ALA B 638 -38.75 -28.92 -13.52
CA ALA B 638 -39.19 -29.06 -12.12
C ALA B 638 -39.06 -30.47 -11.56
N ASP B 639 -39.24 -31.50 -12.39
CA ASP B 639 -39.12 -32.89 -11.93
C ASP B 639 -37.70 -33.41 -12.03
N ARG B 640 -36.77 -32.50 -12.39
CA ARG B 640 -35.31 -32.75 -12.43
C ARG B 640 -34.83 -33.49 -13.68
N THR B 641 -35.71 -33.58 -14.67
CA THR B 641 -35.33 -34.04 -16.00
C THR B 641 -34.48 -32.94 -16.64
N PRO B 642 -33.31 -33.30 -17.21
CA PRO B 642 -32.43 -32.29 -17.83
C PRO B 642 -33.04 -31.58 -19.02
N HIS B 643 -32.84 -30.26 -19.11
CA HIS B 643 -32.98 -29.54 -20.37
C HIS B 643 -31.75 -29.90 -21.21
N PRO B 644 -31.81 -29.69 -22.52
CA PRO B 644 -30.61 -29.87 -23.34
C PRO B 644 -29.39 -29.04 -22.89
N ALA B 645 -29.62 -27.88 -22.29
CA ALA B 645 -28.53 -27.01 -21.85
C ALA B 645 -27.58 -27.70 -20.86
N LEU B 646 -28.11 -28.61 -20.04
CA LEU B 646 -27.31 -29.26 -18.99
C LEU B 646 -26.03 -29.90 -19.54
N THR B 647 -26.14 -30.61 -20.67
CA THR B 647 -25.01 -31.33 -21.22
C THR B 647 -23.91 -30.38 -21.70
N GLU B 648 -24.31 -29.23 -22.25
CA GLU B 648 -23.37 -28.17 -22.61
C GLU B 648 -22.62 -27.67 -21.37
N ALA B 649 -23.33 -27.53 -20.25
CA ALA B 649 -22.68 -27.12 -19.02
C ALA B 649 -21.71 -28.19 -18.51
N LYS B 650 -22.10 -29.45 -18.60
CA LYS B 650 -21.23 -30.55 -18.17
C LYS B 650 -19.90 -30.55 -18.94
N HIS B 651 -19.99 -30.39 -20.26
CA HIS B 651 -18.83 -30.42 -21.14
C HIS B 651 -17.86 -29.25 -20.92
N GLN B 652 -18.39 -28.04 -20.83
CA GLN B 652 -17.56 -26.86 -20.62
C GLN B 652 -16.91 -26.84 -19.25
N GLN B 653 -17.55 -27.50 -18.29
CA GLN B 653 -17.05 -27.54 -16.92
C GLN B 653 -16.20 -28.77 -16.62
N GLN B 654 -15.86 -29.52 -17.67
CA GLN B 654 -14.94 -30.66 -17.55
C GLN B 654 -13.68 -30.33 -16.76
N PHE B 655 -13.18 -31.32 -16.04
CA PHE B 655 -11.98 -31.19 -15.24
C PHE B 655 -10.74 -31.67 -15.96
N PHE B 656 -10.93 -32.26 -17.13
CA PHE B 656 -9.81 -32.66 -17.97
C PHE B 656 -9.86 -31.89 -19.29
N GLN B 657 -8.72 -31.33 -19.68
CA GLN B 657 -8.59 -30.62 -20.94
C GLN B 657 -7.68 -31.43 -21.87
N PHE B 658 -7.91 -31.30 -23.18
CA PHE B 658 -7.28 -32.16 -24.16
C PHE B 658 -6.65 -31.37 -25.30
N ARG B 659 -5.49 -31.82 -25.75
CA ARG B 659 -4.91 -31.32 -26.99
C ARG B 659 -4.46 -32.51 -27.82
N LEU B 660 -4.55 -32.36 -29.13
CA LEU B 660 -4.06 -33.39 -30.05
C LEU B 660 -2.93 -32.81 -30.91
N SER B 661 -1.82 -33.53 -30.97
CA SER B 661 -0.74 -33.19 -31.86
C SER B 661 -0.29 -34.44 -32.62
N GLY B 662 -0.66 -34.49 -33.90
CA GLY B 662 -0.43 -35.68 -34.71
C GLY B 662 -1.22 -36.85 -34.18
N GLN B 663 -0.53 -37.73 -33.46
CA GLN B 663 -1.17 -38.92 -32.88
C GLN B 663 -1.12 -38.95 -31.36
N THR B 664 -0.63 -37.88 -30.75
CA THR B 664 -0.47 -37.80 -29.30
C THR B 664 -1.58 -36.94 -28.67
N ILE B 665 -2.30 -37.54 -27.72
CA ILE B 665 -3.29 -36.84 -26.91
C ILE B 665 -2.63 -36.33 -25.65
N GLU B 666 -2.76 -35.03 -25.39
CA GLU B 666 -2.26 -34.43 -24.16
C GLU B 666 -3.45 -34.19 -23.24
N VAL B 667 -3.39 -34.78 -22.05
CA VAL B 667 -4.43 -34.66 -21.06
C VAL B 667 -3.94 -33.74 -19.95
N THR B 668 -4.68 -32.68 -19.67
CA THR B 668 -4.35 -31.78 -18.56
C THR B 668 -5.43 -31.85 -17.47
N SER B 669 -5.00 -32.06 -16.23
CA SER B 669 -5.93 -32.03 -15.11
C SER B 669 -6.19 -30.61 -14.61
N GLU B 670 -7.46 -30.29 -14.39
CA GLU B 670 -7.82 -29.03 -13.72
C GLU B 670 -8.18 -29.23 -12.25
N TYR B 671 -8.01 -30.46 -11.75
CA TYR B 671 -8.14 -30.72 -10.31
C TYR B 671 -7.01 -30.06 -9.56
N LEU B 672 -7.31 -29.53 -8.38
CA LEU B 672 -6.32 -28.85 -7.57
C LEU B 672 -5.69 -29.78 -6.53
N PHE B 673 -6.42 -30.83 -6.13
CA PHE B 673 -5.98 -31.68 -5.01
C PHE B 673 -5.90 -33.17 -5.31
N ARG B 674 -6.86 -33.68 -6.09
CA ARG B 674 -6.92 -35.11 -6.33
C ARG B 674 -6.18 -35.57 -7.60
N HIS B 675 -5.58 -36.75 -7.50
CA HIS B 675 -4.98 -37.45 -8.62
C HIS B 675 -6.13 -38.16 -9.34
N SER B 676 -5.99 -38.38 -10.65
CA SER B 676 -7.01 -39.10 -11.40
C SER B 676 -7.01 -40.61 -11.08
N ASP B 677 -7.49 -40.96 -9.89
CA ASP B 677 -7.40 -42.33 -9.38
C ASP B 677 -8.70 -43.13 -9.56
N ASN B 678 -9.60 -42.61 -10.40
CA ASN B 678 -10.84 -43.29 -10.75
C ASN B 678 -11.22 -42.88 -12.16
N GLU B 679 -10.25 -42.98 -13.06
CA GLU B 679 -10.43 -42.49 -14.42
C GLU B 679 -9.66 -43.34 -15.43
N LEU B 680 -10.35 -43.73 -16.50
CA LEU B 680 -9.64 -44.24 -17.67
C LEU B 680 -10.14 -43.59 -18.97
N LEU B 681 -9.25 -43.48 -19.94
CA LEU B 681 -9.56 -42.81 -21.18
C LEU B 681 -9.90 -43.82 -22.27
N HIS B 682 -11.11 -43.71 -22.80
CA HIS B 682 -11.50 -44.46 -23.98
C HIS B 682 -11.32 -43.55 -25.17
N TRP B 683 -10.76 -44.10 -26.24
CA TRP B 683 -10.70 -43.40 -27.51
C TRP B 683 -11.32 -44.30 -28.56
N MET B 684 -11.74 -43.69 -29.66
CA MET B 684 -12.44 -44.38 -30.72
C MET B 684 -12.27 -43.58 -32.01
N VAL B 685 -11.84 -44.26 -33.06
CA VAL B 685 -11.74 -43.65 -34.37
C VAL B 685 -12.83 -44.24 -35.27
N ALA B 686 -13.55 -43.35 -35.97
CA ALA B 686 -14.64 -43.75 -36.83
C ALA B 686 -14.64 -42.94 -38.12
N LEU B 687 -15.09 -43.59 -39.20
CA LEU B 687 -15.22 -42.96 -40.49
C LEU B 687 -16.71 -42.79 -40.77
N ASP B 688 -17.19 -41.54 -40.74
CA ASP B 688 -18.62 -41.25 -40.92
C ASP B 688 -19.51 -42.19 -40.09
N GLY B 689 -19.20 -42.30 -38.81
CA GLY B 689 -19.96 -43.12 -37.87
C GLY B 689 -19.59 -44.60 -37.80
N LYS B 690 -18.80 -45.08 -38.77
CA LYS B 690 -18.37 -46.48 -38.79
C LYS B 690 -17.09 -46.66 -37.99
N PRO B 691 -17.15 -47.41 -36.87
CA PRO B 691 -15.97 -47.61 -36.02
C PRO B 691 -14.86 -48.38 -36.74
N LEU B 692 -13.64 -47.85 -36.67
CA LEU B 692 -12.50 -48.47 -37.31
C LEU B 692 -11.39 -48.92 -36.34
N ALA B 693 -11.38 -48.34 -35.14
CA ALA B 693 -10.41 -48.70 -34.09
C ALA B 693 -10.75 -48.03 -32.76
N SER B 694 -10.48 -48.73 -31.66
CA SER B 694 -10.70 -48.18 -30.34
C SER B 694 -9.72 -48.77 -29.31
N GLY B 695 -9.66 -48.13 -28.13
CA GLY B 695 -8.76 -48.56 -27.05
C GLY B 695 -9.00 -47.85 -25.74
N GLU B 696 -8.36 -48.35 -24.69
CA GLU B 696 -8.41 -47.77 -23.34
C GLU B 696 -6.99 -47.54 -22.84
N VAL B 697 -6.80 -46.47 -22.07
CA VAL B 697 -5.56 -46.23 -21.34
C VAL B 697 -5.98 -45.66 -19.98
N PRO B 698 -5.39 -46.15 -18.88
CA PRO B 698 -5.75 -45.51 -17.62
C PRO B 698 -5.16 -44.10 -17.54
N LEU B 699 -5.88 -43.20 -16.86
CA LEU B 699 -5.35 -41.87 -16.62
C LEU B 699 -4.57 -41.86 -15.33
N ASP B 700 -3.39 -41.26 -15.37
CA ASP B 700 -2.54 -41.14 -14.21
C ASP B 700 -2.00 -39.72 -14.18
N VAL B 701 -2.87 -38.79 -13.79
CA VAL B 701 -2.57 -37.37 -13.89
C VAL B 701 -2.60 -36.75 -12.50
N ALA B 702 -1.47 -36.18 -12.10
CA ALA B 702 -1.38 -35.40 -10.88
C ALA B 702 -2.25 -34.15 -11.02
N PRO B 703 -2.76 -33.60 -9.88
CA PRO B 703 -3.53 -32.36 -9.94
C PRO B 703 -2.72 -31.25 -10.62
N GLN B 704 -3.31 -30.62 -11.63
CA GLN B 704 -2.63 -29.57 -12.40
C GLN B 704 -1.60 -30.10 -13.39
N GLY B 705 -1.44 -31.43 -13.44
CA GLY B 705 -0.40 -32.07 -14.25
C GLY B 705 -0.85 -32.50 -15.63
N LYS B 706 0.07 -33.14 -16.36
CA LYS B 706 -0.18 -33.56 -17.73
C LYS B 706 0.19 -35.01 -17.99
N GLN B 707 -0.52 -35.63 -18.94
CA GLN B 707 -0.21 -36.98 -19.39
C GLN B 707 -0.28 -37.03 -20.90
N LEU B 708 0.71 -37.68 -21.51
CA LEU B 708 0.74 -37.84 -22.95
C LEU B 708 0.31 -39.25 -23.26
N ILE B 709 -0.62 -39.37 -24.20
CA ILE B 709 -1.09 -40.67 -24.62
C ILE B 709 -0.88 -40.78 -26.12
N GLU B 710 0.11 -41.57 -26.48
CA GLU B 710 0.42 -41.86 -27.87
C GLU B 710 -0.53 -42.96 -28.35
N LEU B 711 -1.32 -42.63 -29.37
CA LEU B 711 -2.20 -43.61 -30.00
C LEU B 711 -1.37 -44.61 -30.82
N PRO B 712 -1.88 -45.85 -30.99
CA PRO B 712 -1.21 -46.75 -31.92
C PRO B 712 -1.38 -46.29 -33.36
N GLU B 713 -0.55 -46.80 -34.27
CA GLU B 713 -0.69 -46.52 -35.70
C GLU B 713 -2.03 -47.04 -36.18
N LEU B 714 -2.83 -46.15 -36.76
CA LEU B 714 -4.21 -46.47 -37.12
C LEU B 714 -4.37 -47.05 -38.52
N PRO B 715 -5.20 -48.10 -38.67
CA PRO B 715 -5.46 -48.67 -39.99
C PRO B 715 -6.03 -47.63 -40.94
N GLN B 716 -5.43 -47.51 -42.13
CA GLN B 716 -5.88 -46.53 -43.11
C GLN B 716 -7.21 -46.93 -43.73
N PRO B 717 -8.14 -45.96 -43.88
CA PRO B 717 -9.46 -46.27 -44.41
C PRO B 717 -9.43 -46.52 -45.91
N GLU B 718 -10.24 -47.46 -46.38
CA GLU B 718 -10.34 -47.73 -47.80
C GLU B 718 -11.18 -46.65 -48.50
N SER B 719 -12.43 -46.51 -48.07
CA SER B 719 -13.37 -45.58 -48.70
C SER B 719 -13.10 -44.11 -48.35
N ALA B 720 -13.82 -43.22 -49.03
CA ALA B 720 -13.74 -41.79 -48.82
C ALA B 720 -14.42 -41.36 -47.51
N GLY B 721 -14.16 -40.12 -47.08
CA GLY B 721 -14.83 -39.55 -45.93
C GLY B 721 -13.90 -38.99 -44.86
N GLN B 722 -14.50 -38.51 -43.78
CA GLN B 722 -13.78 -37.86 -42.70
C GLN B 722 -13.59 -38.81 -41.53
N LEU B 723 -12.34 -39.01 -41.12
CA LEU B 723 -12.08 -39.70 -39.86
C LEU B 723 -12.30 -38.74 -38.69
N TRP B 724 -12.88 -39.27 -37.61
CA TRP B 724 -13.15 -38.52 -36.39
C TRP B 724 -12.58 -39.26 -35.19
N LEU B 725 -11.85 -38.53 -34.33
CA LEU B 725 -11.37 -39.10 -33.07
C LEU B 725 -12.26 -38.62 -31.94
N THR B 726 -12.77 -39.54 -31.13
CA THR B 726 -13.51 -39.21 -29.92
C THR B 726 -12.77 -39.80 -28.73
N VAL B 727 -12.65 -39.02 -27.65
CA VAL B 727 -12.13 -39.55 -26.40
C VAL B 727 -13.15 -39.29 -25.28
N ARG B 728 -13.23 -40.21 -24.32
CA ARG B 728 -14.12 -40.09 -23.17
C ARG B 728 -13.38 -40.46 -21.91
N VAL B 729 -13.56 -39.69 -20.85
CA VAL B 729 -13.06 -40.05 -19.53
C VAL B 729 -14.16 -40.79 -18.79
N VAL B 730 -13.87 -42.02 -18.38
CA VAL B 730 -14.84 -42.89 -17.72
C VAL B 730 -14.34 -43.20 -16.33
N GLN B 731 -15.24 -43.10 -15.35
CA GLN B 731 -14.92 -43.50 -13.98
C GLN B 731 -15.34 -44.97 -13.78
N PRO B 732 -14.38 -45.89 -13.64
CA PRO B 732 -14.73 -47.33 -13.58
C PRO B 732 -15.43 -47.73 -12.29
N ASN B 733 -15.11 -47.04 -11.18
CA ASN B 733 -15.68 -47.36 -9.88
C ASN B 733 -16.78 -46.39 -9.44
N ALA B 734 -17.77 -46.90 -8.71
CA ALA B 734 -18.84 -46.10 -8.13
C ALA B 734 -18.26 -45.16 -7.07
N THR B 735 -18.91 -44.02 -6.90
CA THR B 735 -18.57 -43.08 -5.83
C THR B 735 -19.85 -42.81 -5.03
N ALA B 736 -19.74 -41.99 -3.98
CA ALA B 736 -20.93 -41.50 -3.28
C ALA B 736 -21.89 -40.74 -4.20
N TRP B 737 -21.38 -40.19 -5.30
CA TRP B 737 -22.17 -39.30 -6.15
C TRP B 737 -22.43 -39.81 -7.55
N SER B 738 -21.77 -40.91 -7.92
CA SER B 738 -21.91 -41.47 -9.26
C SER B 738 -21.80 -42.98 -9.31
N GLU B 739 -22.31 -43.56 -10.40
CA GLU B 739 -22.28 -44.99 -10.63
C GLU B 739 -21.08 -45.39 -11.49
N ALA B 740 -20.64 -46.64 -11.34
CA ALA B 740 -19.58 -47.19 -12.18
C ALA B 740 -19.90 -46.98 -13.66
N GLY B 741 -18.90 -46.54 -14.42
CA GLY B 741 -19.08 -46.28 -15.86
C GLY B 741 -19.55 -44.87 -16.20
N HIS B 742 -19.64 -43.99 -15.19
CA HIS B 742 -19.96 -42.57 -15.36
C HIS B 742 -18.92 -41.88 -16.25
N ILE B 743 -19.39 -41.18 -17.28
CA ILE B 743 -18.54 -40.43 -18.19
C ILE B 743 -18.43 -39.00 -17.65
N SER B 744 -17.20 -38.54 -17.38
CA SER B 744 -17.00 -37.21 -16.80
C SER B 744 -16.49 -36.15 -17.79
N ALA B 745 -16.06 -36.58 -18.98
CA ALA B 745 -15.42 -35.69 -19.94
C ALA B 745 -15.30 -36.34 -21.29
N TRP B 746 -15.34 -35.50 -22.33
CA TRP B 746 -15.16 -35.95 -23.71
C TRP B 746 -14.67 -34.81 -24.61
N GLN B 747 -14.12 -35.19 -25.77
CA GLN B 747 -13.64 -34.25 -26.76
C GLN B 747 -13.49 -34.97 -28.10
N GLN B 748 -13.71 -34.22 -29.17
CA GLN B 748 -13.59 -34.70 -30.53
C GLN B 748 -12.61 -33.89 -31.38
N TRP B 749 -11.96 -34.55 -32.32
CA TRP B 749 -11.16 -33.89 -33.37
C TRP B 749 -11.38 -34.62 -34.70
N ARG B 750 -11.33 -33.87 -35.79
CA ARG B 750 -11.18 -34.42 -37.13
C ARG B 750 -9.73 -34.89 -37.32
N LEU B 751 -9.57 -36.09 -37.88
CA LEU B 751 -8.26 -36.59 -38.29
C LEU B 751 -8.20 -36.46 -39.80
N ALA B 752 -7.63 -37.46 -40.48
CA ALA B 752 -7.51 -37.41 -41.94
C ALA B 752 -8.88 -37.41 -42.61
N GLU B 753 -9.02 -36.62 -43.67
CA GLU B 753 -10.18 -36.68 -44.55
C GLU B 753 -9.73 -37.07 -45.96
N ASN B 754 -10.44 -38.02 -46.55
CA ASN B 754 -10.24 -38.37 -47.96
C ASN B 754 -11.45 -37.96 -48.78
N LEU B 755 -11.28 -36.95 -49.61
CA LEU B 755 -12.37 -36.48 -50.47
C LEU B 755 -12.71 -37.50 -51.57
N SER B 756 -13.99 -37.58 -51.90
CA SER B 756 -14.49 -38.55 -52.87
C SER B 756 -14.28 -38.04 -54.28
N VAL B 757 -13.53 -38.79 -55.09
CA VAL B 757 -13.28 -38.41 -56.48
C VAL B 757 -13.96 -39.37 -57.47
N THR B 758 -14.58 -40.42 -56.96
CA THR B 758 -15.25 -41.40 -57.81
C THR B 758 -16.60 -40.89 -58.29
N LEU B 759 -16.83 -40.97 -59.59
CA LEU B 759 -18.15 -40.68 -60.17
C LEU B 759 -19.07 -41.88 -59.91
N PRO B 760 -20.29 -41.63 -59.40
CA PRO B 760 -21.25 -42.72 -59.25
C PRO B 760 -21.63 -43.26 -60.63
N ALA B 761 -21.81 -44.59 -60.74
CA ALA B 761 -22.10 -45.26 -62.02
C ALA B 761 -23.31 -44.63 -62.72
N ALA B 762 -23.14 -44.33 -64.01
CA ALA B 762 -24.19 -43.69 -64.81
C ALA B 762 -25.49 -44.49 -64.75
N SER B 763 -26.53 -43.85 -64.24
CA SER B 763 -27.82 -44.48 -64.02
C SER B 763 -28.52 -44.83 -65.34
N HIS B 764 -29.34 -45.88 -65.29
CA HIS B 764 -29.95 -46.46 -66.48
C HIS B 764 -31.15 -45.66 -66.98
N ALA B 765 -32.08 -45.39 -66.07
CA ALA B 765 -33.31 -44.67 -66.41
C ALA B 765 -33.06 -43.18 -66.67
N ILE B 766 -33.96 -42.56 -67.42
CA ILE B 766 -33.97 -41.11 -67.59
C ILE B 766 -35.34 -40.54 -67.23
N PRO B 767 -35.37 -39.47 -66.41
CA PRO B 767 -36.63 -38.88 -65.97
C PRO B 767 -37.35 -38.13 -67.08
N HIS B 768 -38.68 -38.17 -67.07
CA HIS B 768 -39.47 -37.50 -68.10
C HIS B 768 -40.24 -36.29 -67.59
N LEU B 769 -40.18 -35.21 -68.38
CA LEU B 769 -40.87 -33.97 -68.04
C LEU B 769 -42.23 -33.84 -68.72
N THR B 770 -43.27 -33.62 -67.92
CA THR B 770 -44.60 -33.31 -68.41
C THR B 770 -44.96 -31.86 -68.11
N THR B 771 -45.08 -31.05 -69.15
CA THR B 771 -45.44 -29.63 -69.02
C THR B 771 -46.94 -29.41 -69.22
N SER B 772 -47.65 -29.08 -68.14
CA SER B 772 -49.03 -28.64 -68.22
C SER B 772 -49.11 -27.14 -67.87
N GLU B 773 -50.31 -26.57 -67.93
CA GLU B 773 -50.50 -25.16 -67.61
C GLU B 773 -50.31 -24.93 -66.10
N MET B 774 -50.68 -25.93 -65.31
CA MET B 774 -50.68 -25.82 -63.86
C MET B 774 -49.43 -26.43 -63.18
N ASP B 775 -48.79 -27.40 -63.83
CA ASP B 775 -47.73 -28.17 -63.19
C ASP B 775 -46.56 -28.55 -64.11
N PHE B 776 -45.37 -28.67 -63.53
CA PHE B 776 -44.25 -29.39 -64.14
C PHE B 776 -44.16 -30.72 -63.43
N CYS B 777 -44.59 -31.80 -64.07
CA CYS B 777 -44.48 -33.12 -63.46
C CYS B 777 -43.22 -33.84 -63.93
N ILE B 778 -42.66 -34.67 -63.07
CA ILE B 778 -41.46 -35.44 -63.37
C ILE B 778 -41.68 -36.89 -62.99
N GLU B 779 -41.49 -37.81 -63.95
CA GLU B 779 -41.67 -39.23 -63.70
C GLU B 779 -40.37 -40.03 -63.85
N LEU B 780 -40.21 -41.00 -62.95
CA LEU B 780 -39.13 -41.99 -63.01
C LEU B 780 -39.61 -43.30 -62.39
N GLY B 781 -40.18 -44.18 -63.22
CA GLY B 781 -40.79 -45.42 -62.74
C GLY B 781 -41.97 -45.14 -61.82
N ASN B 782 -41.90 -45.65 -60.59
CA ASN B 782 -42.95 -45.45 -59.59
C ASN B 782 -42.99 -44.04 -58.98
N LYS B 783 -41.88 -43.32 -59.09
CA LYS B 783 -41.73 -42.01 -58.46
C LYS B 783 -42.22 -40.85 -59.33
N ARG B 784 -42.75 -39.82 -58.67
CA ARG B 784 -43.27 -38.64 -59.35
C ARG B 784 -43.03 -37.36 -58.55
N TRP B 785 -42.64 -36.30 -59.25
CA TRP B 785 -42.42 -34.98 -58.66
C TRP B 785 -43.33 -33.97 -59.34
N GLN B 786 -44.07 -33.22 -58.53
CA GLN B 786 -44.98 -32.21 -59.06
C GLN B 786 -44.61 -30.82 -58.55
N PHE B 787 -44.29 -29.93 -59.50
CA PHE B 787 -43.98 -28.54 -59.23
C PHE B 787 -45.12 -27.62 -59.70
N ASN B 788 -45.82 -27.02 -58.75
CA ASN B 788 -46.89 -26.06 -59.04
C ASN B 788 -46.37 -24.79 -59.71
N ARG B 789 -46.80 -24.54 -60.95
CA ARG B 789 -46.27 -23.43 -61.75
C ARG B 789 -46.78 -22.03 -61.32
N GLN B 790 -47.76 -22.01 -60.43
CA GLN B 790 -48.31 -20.77 -59.92
C GLN B 790 -47.62 -20.37 -58.60
N SER B 791 -47.35 -21.35 -57.74
CA SER B 791 -46.63 -21.10 -56.48
C SER B 791 -45.11 -21.14 -56.65
N GLY B 792 -44.63 -21.97 -57.57
CA GLY B 792 -43.19 -22.16 -57.79
C GLY B 792 -42.56 -23.12 -56.78
N PHE B 793 -43.39 -23.85 -56.04
CA PHE B 793 -42.90 -24.80 -55.05
C PHE B 793 -43.18 -26.25 -55.44
N LEU B 794 -42.48 -27.17 -54.78
CA LEU B 794 -42.75 -28.59 -54.96
C LEU B 794 -43.96 -28.91 -54.10
N SER B 795 -45.13 -28.95 -54.75
CA SER B 795 -46.39 -29.18 -54.04
C SER B 795 -46.58 -30.63 -53.59
N GLN B 796 -46.15 -31.60 -54.42
CA GLN B 796 -46.36 -33.02 -54.12
C GLN B 796 -45.33 -34.00 -54.71
N MET B 797 -45.07 -35.07 -53.96
CA MET B 797 -44.24 -36.20 -54.40
C MET B 797 -44.96 -37.52 -54.20
N TRP B 798 -44.77 -38.46 -55.12
CA TRP B 798 -45.40 -39.78 -55.02
C TRP B 798 -44.41 -40.93 -55.09
N ILE B 799 -44.63 -41.95 -54.28
CA ILE B 799 -43.96 -43.23 -54.41
C ILE B 799 -45.04 -44.30 -54.64
N GLY B 800 -45.15 -44.75 -55.88
CA GLY B 800 -46.29 -45.57 -56.27
C GLY B 800 -47.54 -44.72 -56.25
N ASP B 801 -48.49 -45.08 -55.41
CA ASP B 801 -49.72 -44.32 -55.24
C ASP B 801 -49.75 -43.47 -53.95
N LYS B 802 -48.80 -43.73 -53.03
CA LYS B 802 -48.71 -42.99 -51.78
C LYS B 802 -48.22 -41.54 -51.94
N LYS B 803 -49.01 -40.60 -51.46
CA LYS B 803 -48.62 -39.19 -51.40
C LYS B 803 -47.53 -38.99 -50.33
N GLN B 804 -46.58 -38.09 -50.59
CA GLN B 804 -45.47 -37.92 -49.66
C GLN B 804 -45.57 -36.66 -48.78
N LEU B 805 -46.13 -35.59 -49.33
CA LEU B 805 -46.26 -34.31 -48.64
C LEU B 805 -47.71 -33.96 -48.27
N LEU B 806 -47.89 -33.33 -47.11
CA LEU B 806 -49.17 -32.75 -46.74
C LEU B 806 -49.19 -31.24 -46.98
N THR B 807 -48.01 -30.64 -46.93
CA THR B 807 -47.81 -29.22 -47.23
C THR B 807 -46.60 -29.16 -48.17
N PRO B 808 -46.64 -28.29 -49.19
CA PRO B 808 -45.50 -28.10 -50.11
C PRO B 808 -44.16 -27.75 -49.41
N LEU B 809 -43.06 -27.92 -50.14
CA LEU B 809 -41.71 -27.56 -49.65
C LEU B 809 -41.45 -26.08 -49.93
N ARG B 810 -41.39 -25.29 -48.85
CA ARG B 810 -41.28 -23.83 -48.98
C ARG B 810 -40.11 -23.29 -48.17
N ASP B 811 -39.53 -22.17 -48.63
CA ASP B 811 -38.55 -21.45 -47.82
C ASP B 811 -39.17 -20.99 -46.51
N GLN B 812 -38.39 -21.06 -45.43
CA GLN B 812 -38.79 -20.52 -44.15
C GLN B 812 -37.65 -19.67 -43.60
N PHE B 813 -37.99 -18.46 -43.13
CA PHE B 813 -37.01 -17.50 -42.64
C PHE B 813 -37.23 -17.11 -41.18
N THR B 814 -38.22 -17.73 -40.55
CA THR B 814 -38.63 -17.38 -39.20
C THR B 814 -38.59 -18.62 -38.32
N ARG B 815 -38.55 -18.41 -37.01
CA ARG B 815 -38.67 -19.51 -36.05
C ARG B 815 -39.68 -19.12 -34.97
N ALA B 816 -40.31 -20.12 -34.36
CA ALA B 816 -41.18 -19.89 -33.21
C ALA B 816 -40.28 -19.30 -32.13
N PRO B 817 -40.53 -18.05 -31.73
CA PRO B 817 -39.60 -17.29 -30.91
C PRO B 817 -39.25 -17.97 -29.61
N LEU B 818 -37.94 -18.06 -29.31
CA LEU B 818 -37.47 -18.52 -28.00
C LEU B 818 -37.74 -17.46 -26.93
N ASP B 819 -37.64 -17.85 -25.66
CA ASP B 819 -37.69 -16.90 -24.56
C ASP B 819 -36.66 -15.77 -24.71
N ASN B 820 -35.46 -16.10 -25.21
CA ASN B 820 -34.41 -15.09 -25.49
C ASN B 820 -34.73 -14.16 -26.68
N ASP B 821 -35.45 -14.66 -27.67
CA ASP B 821 -35.95 -13.83 -28.79
C ASP B 821 -37.02 -12.85 -28.32
N ILE B 822 -37.82 -13.26 -27.33
CA ILE B 822 -38.94 -12.47 -26.82
C ILE B 822 -38.41 -11.35 -25.92
N GLY B 823 -37.54 -11.71 -24.99
CA GLY B 823 -36.70 -10.74 -24.30
C GLY B 823 -37.42 -9.84 -23.32
N VAL B 824 -38.23 -10.46 -22.45
CA VAL B 824 -38.81 -9.73 -21.32
C VAL B 824 -38.59 -10.47 -19.99
N SER B 825 -38.38 -9.70 -18.92
CA SER B 825 -38.27 -10.22 -17.56
C SER B 825 -39.49 -9.81 -16.74
N GLU B 826 -40.30 -8.93 -17.34
CA GLU B 826 -41.54 -8.46 -16.77
C GLU B 826 -42.63 -8.45 -17.86
N ALA B 827 -43.84 -8.84 -17.48
CA ALA B 827 -44.95 -9.10 -18.41
C ALA B 827 -45.44 -7.89 -19.24
N THR B 828 -45.52 -6.72 -18.62
CA THR B 828 -46.11 -5.54 -19.27
C THR B 828 -45.12 -4.73 -20.12
N ARG B 829 -43.83 -4.89 -19.84
CA ARG B 829 -42.79 -4.16 -20.56
C ARG B 829 -42.49 -4.78 -21.93
N ILE B 830 -42.92 -4.08 -22.98
CA ILE B 830 -42.61 -4.42 -24.36
C ILE B 830 -41.24 -3.82 -24.70
N ASP B 831 -40.42 -4.57 -25.41
CA ASP B 831 -39.14 -4.07 -25.90
C ASP B 831 -39.10 -4.13 -27.43
N PRO B 832 -39.18 -2.96 -28.10
CA PRO B 832 -39.11 -2.92 -29.56
C PRO B 832 -37.74 -3.33 -30.09
N ASN B 833 -36.79 -3.53 -29.18
CA ASN B 833 -35.43 -3.88 -29.52
C ASN B 833 -35.20 -5.39 -29.56
N ALA B 834 -36.08 -6.13 -28.87
CA ALA B 834 -36.06 -7.59 -28.82
C ALA B 834 -36.16 -8.21 -30.21
N TRP B 835 -35.49 -9.35 -30.42
CA TRP B 835 -35.50 -9.98 -31.73
C TRP B 835 -36.91 -10.26 -32.26
N VAL B 836 -37.78 -10.84 -31.44
CA VAL B 836 -39.14 -11.10 -31.90
C VAL B 836 -39.87 -9.84 -32.41
N GLU B 837 -39.65 -8.70 -31.75
CA GLU B 837 -40.35 -7.48 -32.13
C GLU B 837 -39.77 -6.88 -33.40
N ARG B 838 -38.44 -6.91 -33.53
CA ARG B 838 -37.80 -6.44 -34.75
C ARG B 838 -38.26 -7.26 -35.97
N TRP B 839 -38.38 -8.57 -35.78
CA TRP B 839 -38.87 -9.49 -36.80
C TRP B 839 -40.34 -9.21 -37.17
N LYS B 840 -41.21 -9.16 -36.17
CA LYS B 840 -42.63 -8.84 -36.37
C LYS B 840 -42.83 -7.52 -37.14
N ALA B 841 -42.14 -6.47 -36.70
CA ALA B 841 -42.29 -5.15 -37.32
C ALA B 841 -41.79 -5.09 -38.77
N ALA B 842 -40.85 -5.97 -39.10
CA ALA B 842 -40.28 -6.01 -40.44
C ALA B 842 -41.14 -6.84 -41.40
N GLY B 843 -42.09 -7.59 -40.84
CA GLY B 843 -42.98 -8.43 -41.62
C GLY B 843 -42.48 -9.83 -41.89
N HIS B 844 -41.41 -10.24 -41.20
CA HIS B 844 -40.84 -11.57 -41.35
C HIS B 844 -41.89 -12.66 -41.23
N TYR B 845 -42.80 -12.52 -40.27
CA TYR B 845 -43.75 -13.58 -39.98
C TYR B 845 -44.94 -13.63 -40.96
N GLN B 846 -45.17 -12.55 -41.69
CA GLN B 846 -46.32 -12.50 -42.60
C GLN B 846 -45.94 -12.07 -44.02
N ALA B 847 -44.64 -12.11 -44.31
CA ALA B 847 -44.15 -11.96 -45.67
C ALA B 847 -44.67 -13.13 -46.49
N GLU B 848 -45.12 -12.83 -47.71
CA GLU B 848 -45.67 -13.85 -48.58
C GLU B 848 -44.80 -13.99 -49.83
N ALA B 849 -44.64 -15.23 -50.28
CA ALA B 849 -43.83 -15.55 -51.46
C ALA B 849 -44.47 -14.99 -52.72
N ALA B 850 -43.66 -14.31 -53.55
CA ALA B 850 -44.11 -13.85 -54.86
C ALA B 850 -43.23 -14.46 -55.96
N LEU B 851 -43.87 -15.15 -56.91
CA LEU B 851 -43.14 -15.84 -57.96
C LEU B 851 -42.55 -14.89 -58.99
N LEU B 852 -41.25 -15.06 -59.22
CA LEU B 852 -40.53 -14.24 -60.20
C LEU B 852 -40.11 -15.08 -61.39
N GLN B 853 -39.98 -16.40 -61.19
CA GLN B 853 -39.49 -17.29 -62.23
C GLN B 853 -39.73 -18.75 -61.87
N CYS B 854 -40.33 -19.49 -62.81
CA CYS B 854 -40.48 -20.93 -62.72
C CYS B 854 -40.28 -21.51 -64.11
N THR B 855 -39.20 -22.26 -64.31
CA THR B 855 -38.85 -22.79 -65.63
C THR B 855 -38.36 -24.23 -65.56
N ALA B 856 -38.49 -24.93 -66.68
CA ALA B 856 -38.08 -26.33 -66.79
C ALA B 856 -37.18 -26.56 -68.02
N ASP B 857 -36.26 -27.51 -67.89
CA ASP B 857 -35.37 -27.89 -68.97
C ASP B 857 -35.09 -29.37 -68.94
N THR B 858 -34.89 -29.95 -70.12
CA THR B 858 -34.46 -31.34 -70.25
C THR B 858 -32.93 -31.40 -70.49
N LEU B 859 -32.25 -32.09 -69.59
CA LEU B 859 -30.81 -32.32 -69.71
C LEU B 859 -30.56 -33.72 -70.26
N ALA B 860 -29.31 -34.00 -70.63
CA ALA B 860 -28.93 -35.30 -71.19
C ALA B 860 -29.46 -36.48 -70.36
N ASP B 861 -29.40 -36.36 -69.04
CA ASP B 861 -29.80 -37.42 -68.13
C ASP B 861 -30.59 -36.94 -66.91
N ALA B 862 -31.26 -35.79 -67.03
CA ALA B 862 -31.97 -35.18 -65.90
C ALA B 862 -32.99 -34.11 -66.31
N VAL B 863 -33.87 -33.76 -65.36
CA VAL B 863 -34.76 -32.61 -65.51
C VAL B 863 -34.36 -31.49 -64.52
N LEU B 864 -34.28 -30.27 -65.03
CA LEU B 864 -33.88 -29.11 -64.25
C LEU B 864 -35.01 -28.09 -64.05
N ILE B 865 -35.50 -27.98 -62.81
CA ILE B 865 -36.47 -26.92 -62.46
C ILE B 865 -35.76 -25.73 -61.79
N THR B 866 -35.89 -24.56 -62.39
CA THR B 866 -35.30 -23.33 -61.86
C THR B 866 -36.39 -22.37 -61.39
N THR B 867 -36.34 -22.00 -60.10
CA THR B 867 -37.32 -21.09 -59.51
C THR B 867 -36.65 -19.87 -58.87
N ALA B 868 -37.39 -18.76 -58.87
CA ALA B 868 -36.97 -17.54 -58.19
C ALA B 868 -38.17 -16.87 -57.52
N HIS B 869 -38.05 -16.64 -56.22
CA HIS B 869 -39.11 -16.01 -55.41
C HIS B 869 -38.64 -14.74 -54.72
N ALA B 870 -39.60 -13.90 -54.33
CA ALA B 870 -39.32 -12.70 -53.55
C ALA B 870 -40.31 -12.59 -52.39
N TRP B 871 -39.80 -12.46 -51.17
CA TRP B 871 -40.65 -12.24 -49.98
C TRP B 871 -40.76 -10.78 -49.60
N GLN B 872 -41.99 -10.26 -49.61
CA GLN B 872 -42.22 -8.83 -49.52
C GLN B 872 -43.18 -8.44 -48.39
N HIS B 873 -42.95 -7.26 -47.81
CA HIS B 873 -43.84 -6.71 -46.81
C HIS B 873 -43.95 -5.21 -46.99
N GLN B 874 -45.17 -4.74 -47.16
CA GLN B 874 -45.45 -3.31 -47.38
C GLN B 874 -44.57 -2.70 -48.49
N GLY B 875 -44.46 -3.43 -49.62
CA GLY B 875 -43.67 -2.98 -50.76
C GLY B 875 -42.16 -3.19 -50.67
N LYS B 876 -41.71 -3.85 -49.61
CA LYS B 876 -40.29 -4.06 -49.35
C LYS B 876 -39.91 -5.53 -49.51
N THR B 877 -38.92 -5.79 -50.36
CA THR B 877 -38.40 -7.14 -50.52
C THR B 877 -37.43 -7.45 -49.38
N LEU B 878 -37.74 -8.51 -48.64
CA LEU B 878 -36.97 -8.91 -47.47
C LEU B 878 -35.90 -9.94 -47.84
N PHE B 879 -36.35 -10.98 -48.55
CA PHE B 879 -35.47 -12.03 -49.06
C PHE B 879 -35.79 -12.37 -50.52
N ILE B 880 -34.80 -12.91 -51.21
CA ILE B 880 -34.98 -13.49 -52.54
C ILE B 880 -34.37 -14.89 -52.54
N SER B 881 -35.16 -15.90 -52.89
CA SER B 881 -34.70 -17.27 -52.96
C SER B 881 -34.60 -17.74 -54.41
N ARG B 882 -33.37 -17.97 -54.88
CA ARG B 882 -33.12 -18.54 -56.20
C ARG B 882 -32.73 -20.01 -56.05
N LYS B 883 -33.46 -20.88 -56.75
CA LYS B 883 -33.26 -22.32 -56.63
C LYS B 883 -33.14 -23.03 -57.97
N THR B 884 -32.43 -24.17 -57.94
CA THR B 884 -32.48 -25.15 -59.01
C THR B 884 -32.80 -26.50 -58.38
N TYR B 885 -33.71 -27.24 -59.01
CA TYR B 885 -34.00 -28.61 -58.63
C TYR B 885 -33.54 -29.54 -59.76
N ARG B 886 -32.72 -30.54 -59.42
CA ARG B 886 -32.16 -31.41 -60.44
C ARG B 886 -32.44 -32.87 -60.09
N ILE B 887 -33.33 -33.48 -60.86
CA ILE B 887 -33.70 -34.89 -60.65
C ILE B 887 -33.08 -35.73 -61.76
N ASP B 888 -32.23 -36.69 -61.36
CA ASP B 888 -31.51 -37.54 -62.29
C ASP B 888 -32.10 -38.95 -62.38
N GLY B 889 -31.46 -39.82 -63.19
CA GLY B 889 -31.95 -41.18 -63.42
C GLY B 889 -31.91 -42.13 -62.24
N SER B 890 -31.11 -41.78 -61.23
CA SER B 890 -31.02 -42.60 -60.02
C SER B 890 -32.13 -42.27 -59.01
N GLY B 891 -32.89 -41.21 -59.30
CA GLY B 891 -33.97 -40.79 -58.41
C GLY B 891 -33.50 -39.91 -57.28
N GLN B 892 -32.49 -39.10 -57.55
CA GLN B 892 -31.99 -38.13 -56.60
C GLN B 892 -32.40 -36.74 -57.04
N MET B 893 -32.96 -35.98 -56.10
CA MET B 893 -33.33 -34.60 -56.33
C MET B 893 -32.35 -33.67 -55.61
N ALA B 894 -31.52 -32.99 -56.39
CA ALA B 894 -30.53 -32.07 -55.88
C ALA B 894 -31.10 -30.66 -55.84
N ILE B 895 -31.18 -30.09 -54.64
CA ILE B 895 -31.68 -28.74 -54.48
C ILE B 895 -30.54 -27.78 -54.14
N THR B 896 -30.34 -26.78 -55.00
CA THR B 896 -29.35 -25.74 -54.79
C THR B 896 -30.10 -24.44 -54.49
N VAL B 897 -29.82 -23.83 -53.34
CA VAL B 897 -30.55 -22.65 -52.88
C VAL B 897 -29.60 -21.47 -52.63
N ASP B 898 -29.91 -20.33 -53.25
CA ASP B 898 -29.15 -19.10 -53.06
C ASP B 898 -30.08 -17.97 -52.62
N VAL B 899 -29.83 -17.47 -51.40
CA VAL B 899 -30.70 -16.51 -50.75
C VAL B 899 -30.05 -15.13 -50.64
N GLU B 900 -30.80 -14.10 -51.01
CA GLU B 900 -30.43 -12.71 -50.77
C GLU B 900 -31.24 -12.18 -49.60
N VAL B 901 -30.58 -11.59 -48.61
CA VAL B 901 -31.26 -10.93 -47.49
C VAL B 901 -30.95 -9.44 -47.52
N ALA B 902 -31.99 -8.60 -47.63
CA ALA B 902 -31.79 -7.14 -47.61
C ALA B 902 -30.99 -6.76 -46.36
N SER B 903 -29.96 -5.94 -46.53
CA SER B 903 -29.07 -5.60 -45.43
C SER B 903 -29.75 -4.82 -44.29
N ASP B 904 -30.83 -4.09 -44.62
CA ASP B 904 -31.53 -3.23 -43.66
C ASP B 904 -32.75 -3.89 -43.03
N THR B 905 -32.95 -5.17 -43.28
CA THR B 905 -33.94 -5.94 -42.54
C THR B 905 -33.21 -6.62 -41.37
N PRO B 906 -33.89 -6.75 -40.20
CA PRO B 906 -33.27 -7.47 -39.09
C PRO B 906 -32.85 -8.86 -39.53
N HIS B 907 -31.66 -9.30 -39.10
CA HIS B 907 -31.13 -10.58 -39.50
C HIS B 907 -32.11 -11.70 -39.19
N PRO B 908 -32.33 -12.64 -40.14
CA PRO B 908 -33.35 -13.65 -39.96
C PRO B 908 -32.94 -14.77 -38.99
N ALA B 909 -33.94 -15.40 -38.40
CA ALA B 909 -33.75 -16.49 -37.45
C ALA B 909 -33.15 -17.74 -38.09
N ARG B 910 -33.47 -17.95 -39.37
CA ARG B 910 -33.05 -19.15 -40.10
C ARG B 910 -33.13 -18.93 -41.60
N ILE B 911 -32.32 -19.69 -42.32
CA ILE B 911 -32.40 -19.70 -43.77
C ILE B 911 -32.52 -21.17 -44.13
N GLY B 912 -33.74 -21.58 -44.44
CA GLY B 912 -33.98 -22.98 -44.72
C GLY B 912 -35.23 -23.24 -45.53
N LEU B 913 -35.65 -24.51 -45.50
CA LEU B 913 -36.87 -24.98 -46.13
C LEU B 913 -37.67 -25.78 -45.10
N ASN B 914 -38.99 -25.84 -45.29
CA ASN B 914 -39.82 -26.77 -44.51
C ASN B 914 -40.97 -27.38 -45.32
N CYS B 915 -41.57 -28.42 -44.75
CA CYS B 915 -42.70 -29.10 -45.37
C CYS B 915 -43.27 -30.03 -44.34
N GLN B 916 -44.52 -30.42 -44.54
CA GLN B 916 -45.13 -31.44 -43.71
C GLN B 916 -45.09 -32.75 -44.52
N LEU B 917 -44.40 -33.75 -43.98
CA LEU B 917 -44.37 -35.09 -44.56
C LEU B 917 -45.63 -35.85 -44.16
N ALA B 918 -46.09 -36.75 -45.03
CA ALA B 918 -47.27 -37.56 -44.74
C ALA B 918 -46.96 -38.66 -43.74
N GLN B 919 -45.73 -39.17 -43.79
CA GLN B 919 -45.27 -40.30 -42.98
C GLN B 919 -45.19 -39.97 -41.48
N VAL B 920 -45.37 -40.99 -40.64
CA VAL B 920 -45.05 -40.93 -39.22
C VAL B 920 -44.24 -42.18 -38.85
N ALA B 921 -42.92 -42.02 -38.71
CA ALA B 921 -42.04 -43.13 -38.40
C ALA B 921 -41.59 -43.08 -36.95
N GLU B 922 -41.20 -44.23 -36.41
CA GLU B 922 -40.81 -44.33 -35.01
C GLU B 922 -39.41 -43.78 -34.73
N ARG B 923 -38.56 -43.83 -35.74
CA ARG B 923 -37.13 -43.56 -35.56
C ARG B 923 -36.64 -42.39 -36.40
N VAL B 924 -35.61 -41.71 -35.87
CA VAL B 924 -34.88 -40.68 -36.61
C VAL B 924 -33.40 -41.02 -36.53
N ASN B 925 -32.79 -41.18 -37.69
CA ASN B 925 -31.40 -41.58 -37.78
C ASN B 925 -30.61 -40.50 -38.54
N TRP B 926 -29.55 -40.00 -37.95
CA TRP B 926 -28.76 -38.97 -38.63
C TRP B 926 -27.28 -39.06 -38.37
N LEU B 927 -26.52 -38.67 -39.40
CA LEU B 927 -25.09 -38.47 -39.29
C LEU B 927 -24.83 -36.98 -39.10
N GLY B 928 -24.43 -36.61 -37.89
CA GLY B 928 -24.22 -35.21 -37.54
C GLY B 928 -24.01 -35.02 -36.07
N LEU B 929 -24.30 -33.81 -35.59
CA LEU B 929 -24.05 -33.47 -34.19
C LEU B 929 -25.17 -33.99 -33.28
N GLY B 930 -24.78 -34.66 -32.21
CA GLY B 930 -25.78 -35.15 -31.29
C GLY B 930 -25.18 -35.86 -30.09
N PRO B 931 -26.02 -36.66 -29.39
CA PRO B 931 -27.41 -36.95 -29.75
C PRO B 931 -28.44 -35.87 -29.39
N GLN B 932 -28.15 -35.06 -28.38
CA GLN B 932 -29.12 -34.08 -27.87
C GLN B 932 -29.29 -32.87 -28.77
N GLU B 933 -30.36 -32.14 -28.53
CA GLU B 933 -30.62 -30.84 -29.16
C GLU B 933 -29.37 -29.97 -29.07
N ASN B 934 -29.02 -29.32 -30.18
CA ASN B 934 -27.84 -28.43 -30.22
C ASN B 934 -28.03 -27.31 -31.23
N TYR B 935 -27.49 -26.14 -30.89
CA TYR B 935 -27.64 -24.92 -31.68
C TYR B 935 -26.27 -24.31 -31.95
N PRO B 936 -26.16 -23.45 -32.98
CA PRO B 936 -24.84 -22.99 -33.42
C PRO B 936 -23.99 -22.42 -32.29
N ASP B 937 -24.61 -21.72 -31.33
CA ASP B 937 -23.88 -21.18 -30.18
C ASP B 937 -24.01 -22.05 -28.93
N ARG B 938 -24.60 -23.22 -29.10
CA ARG B 938 -24.62 -24.23 -28.03
C ARG B 938 -24.47 -25.63 -28.64
N LEU B 939 -23.31 -25.89 -29.26
CA LEU B 939 -23.05 -27.20 -29.90
C LEU B 939 -21.73 -27.89 -29.53
N THR B 940 -21.02 -27.35 -28.56
CA THR B 940 -19.69 -27.90 -28.22
C THR B 940 -19.80 -29.25 -27.54
N ALA B 941 -20.90 -29.49 -26.81
CA ALA B 941 -21.10 -30.76 -26.12
C ALA B 941 -21.48 -31.91 -27.06
N ALA B 942 -22.10 -31.58 -28.18
CA ALA B 942 -22.51 -32.57 -29.17
C ALA B 942 -21.30 -33.18 -29.86
N CYS B 943 -21.43 -34.44 -30.26
CA CYS B 943 -20.40 -35.13 -31.01
C CYS B 943 -20.90 -35.53 -32.38
N PHE B 944 -20.06 -35.39 -33.39
CA PHE B 944 -20.40 -35.83 -34.73
C PHE B 944 -20.29 -37.35 -34.74
N ASP B 945 -21.41 -38.00 -35.07
CA ASP B 945 -21.50 -39.45 -35.11
C ASP B 945 -22.82 -39.86 -35.77
N ARG B 946 -23.10 -41.16 -35.76
CA ARG B 946 -24.36 -41.71 -36.26
C ARG B 946 -25.29 -41.89 -35.07
N TRP B 947 -26.43 -41.22 -35.14
CA TRP B 947 -27.36 -41.24 -34.02
C TRP B 947 -28.70 -41.78 -34.49
N ASP B 948 -29.33 -42.56 -33.62
CA ASP B 948 -30.63 -43.14 -33.90
C ASP B 948 -31.51 -42.99 -32.68
N LEU B 949 -32.55 -42.19 -32.81
CA LEU B 949 -33.43 -41.91 -31.68
C LEU B 949 -34.91 -42.11 -32.02
N PRO B 950 -35.73 -42.43 -31.02
CA PRO B 950 -37.17 -42.39 -31.20
C PRO B 950 -37.60 -40.95 -31.49
N LEU B 951 -38.49 -40.75 -32.46
CA LEU B 951 -38.92 -39.42 -32.91
C LEU B 951 -39.25 -38.42 -31.78
N SER B 952 -39.93 -38.87 -30.73
CA SER B 952 -40.31 -37.96 -29.64
C SER B 952 -39.09 -37.29 -28.96
N ASP B 953 -37.96 -38.01 -28.89
CA ASP B 953 -36.71 -37.48 -28.35
C ASP B 953 -36.11 -36.34 -29.19
N MET B 954 -36.70 -36.12 -30.37
CA MET B 954 -36.30 -35.05 -31.29
C MET B 954 -37.17 -33.81 -31.07
N TYR B 955 -37.94 -33.83 -30.00
CA TYR B 955 -38.71 -32.68 -29.55
C TYR B 955 -38.29 -32.41 -28.10
N THR B 956 -37.99 -31.15 -27.79
CA THR B 956 -37.70 -30.77 -26.41
C THR B 956 -38.93 -30.10 -25.78
N PRO B 957 -39.49 -30.73 -24.75
CA PRO B 957 -40.73 -30.22 -24.17
C PRO B 957 -40.55 -29.02 -23.22
N TYR B 958 -40.00 -27.92 -23.73
CA TYR B 958 -39.94 -26.66 -22.96
C TYR B 958 -41.36 -26.26 -22.57
N VAL B 959 -41.56 -25.94 -21.29
CA VAL B 959 -42.93 -25.66 -20.80
C VAL B 959 -43.57 -24.55 -21.63
N PHE B 960 -42.83 -23.48 -21.88
CA PHE B 960 -43.26 -22.50 -22.84
C PHE B 960 -42.67 -22.89 -24.19
N PRO B 961 -43.54 -23.30 -25.13
CA PRO B 961 -43.07 -23.90 -26.37
C PRO B 961 -42.41 -22.88 -27.27
N SER B 962 -41.37 -23.32 -27.98
CA SER B 962 -40.70 -22.51 -29.00
C SER B 962 -40.04 -23.46 -29.97
N GLU B 963 -39.34 -22.89 -30.96
CA GLU B 963 -38.39 -23.63 -31.77
C GLU B 963 -37.52 -24.43 -30.82
N ASN B 964 -37.33 -25.70 -31.15
CA ASN B 964 -36.61 -26.65 -30.30
C ASN B 964 -36.12 -27.83 -31.13
N GLY B 965 -35.25 -28.64 -30.52
CA GLY B 965 -34.91 -29.95 -31.05
C GLY B 965 -33.97 -29.95 -32.23
N LEU B 966 -33.41 -28.78 -32.56
CA LEU B 966 -32.46 -28.66 -33.66
C LEU B 966 -31.19 -29.47 -33.43
N ARG B 967 -30.67 -30.04 -34.50
CA ARG B 967 -29.35 -30.67 -34.51
C ARG B 967 -28.56 -30.07 -35.66
N CYS B 968 -27.31 -29.72 -35.38
CA CYS B 968 -26.48 -29.02 -36.35
C CYS B 968 -25.43 -29.92 -37.01
N GLY B 969 -24.72 -29.38 -38.00
CA GLY B 969 -23.60 -30.07 -38.64
C GLY B 969 -23.98 -31.42 -39.21
N THR B 970 -25.15 -31.50 -39.83
CA THR B 970 -25.73 -32.77 -40.25
C THR B 970 -25.52 -33.01 -41.74
N ARG B 971 -24.91 -34.16 -42.07
CA ARG B 971 -24.57 -34.51 -43.45
C ARG B 971 -25.56 -35.48 -44.09
N GLU B 972 -26.26 -36.24 -43.24
CA GLU B 972 -27.24 -37.22 -43.67
C GLU B 972 -28.36 -37.33 -42.65
N LEU B 973 -29.60 -37.32 -43.13
CA LEU B 973 -30.79 -37.53 -42.29
C LEU B 973 -31.71 -38.59 -42.89
N ASN B 974 -32.15 -39.53 -42.05
CA ASN B 974 -33.02 -40.62 -42.49
C ASN B 974 -34.32 -40.63 -41.72
N TYR B 975 -35.42 -40.57 -42.45
CA TYR B 975 -36.73 -40.64 -41.83
C TYR B 975 -37.67 -41.41 -42.76
N GLY B 976 -38.19 -42.52 -42.26
CA GLY B 976 -39.01 -43.42 -43.07
C GLY B 976 -38.28 -43.80 -44.34
N PRO B 977 -38.87 -43.52 -45.51
CA PRO B 977 -38.26 -43.78 -46.81
C PRO B 977 -37.33 -42.68 -47.29
N HIS B 978 -37.27 -41.58 -46.54
CA HIS B 978 -36.54 -40.39 -46.99
C HIS B 978 -35.13 -40.31 -46.43
N GLN B 979 -34.21 -39.91 -47.28
CA GLN B 979 -32.86 -39.53 -46.86
C GLN B 979 -32.51 -38.18 -47.48
N TRP B 980 -32.06 -37.25 -46.63
CA TRP B 980 -31.53 -35.98 -47.14
C TRP B 980 -30.05 -35.89 -46.81
N ARG B 981 -29.27 -35.46 -47.81
CA ARG B 981 -27.85 -35.30 -47.64
C ARG B 981 -27.43 -33.87 -47.98
N GLY B 982 -26.38 -33.41 -47.28
CA GLY B 982 -25.80 -32.09 -47.54
C GLY B 982 -24.93 -31.69 -46.37
N ASP B 983 -25.14 -30.47 -45.90
CA ASP B 983 -24.45 -29.96 -44.72
C ASP B 983 -25.38 -28.93 -44.06
N PHE B 984 -26.19 -29.39 -43.13
CA PHE B 984 -27.33 -28.60 -42.68
C PHE B 984 -27.70 -28.81 -41.23
N GLN B 985 -28.67 -28.02 -40.78
CA GLN B 985 -29.28 -28.19 -39.45
C GLN B 985 -30.75 -28.54 -39.69
N PHE B 986 -31.32 -29.32 -38.79
CA PHE B 986 -32.68 -29.81 -38.97
C PHE B 986 -33.39 -29.95 -37.63
N ASN B 987 -34.71 -29.80 -37.62
CA ASN B 987 -35.52 -30.35 -36.53
C ASN B 987 -36.70 -31.13 -37.09
N ILE B 988 -37.17 -32.11 -36.34
CA ILE B 988 -38.24 -32.96 -36.85
C ILE B 988 -39.18 -33.36 -35.72
N SER B 989 -40.48 -33.18 -35.94
CA SER B 989 -41.49 -33.38 -34.90
C SER B 989 -42.89 -33.26 -35.48
N ARG B 990 -43.88 -33.60 -34.66
CA ARG B 990 -45.28 -33.50 -35.03
C ARG B 990 -45.83 -32.06 -34.90
N TYR B 991 -44.98 -31.11 -34.53
CA TYR B 991 -45.43 -29.74 -34.28
C TYR B 991 -44.85 -28.72 -35.25
N SER B 992 -45.73 -28.01 -35.95
CA SER B 992 -45.29 -26.92 -36.82
C SER B 992 -44.79 -25.73 -36.00
N GLN B 993 -43.95 -24.91 -36.64
CA GLN B 993 -43.50 -23.66 -36.04
C GLN B 993 -44.70 -22.76 -35.71
N GLN B 994 -45.72 -22.78 -36.57
CA GLN B 994 -46.96 -22.01 -36.33
C GLN B 994 -47.66 -22.41 -35.03
N GLN B 995 -47.82 -23.71 -34.80
CA GLN B 995 -48.43 -24.16 -33.55
C GLN B 995 -47.59 -23.82 -32.32
N LEU B 996 -46.27 -24.02 -32.44
CA LEU B 996 -45.36 -23.74 -31.33
C LEU B 996 -45.46 -22.28 -30.88
N MET B 997 -45.52 -21.34 -31.82
CA MET B 997 -45.59 -19.92 -31.47
C MET B 997 -46.99 -19.46 -31.04
N GLU B 998 -47.98 -20.30 -31.26
CA GLU B 998 -49.37 -19.96 -30.95
C GLU B 998 -49.86 -20.62 -29.66
N THR B 999 -49.11 -21.58 -29.16
CA THR B 999 -49.47 -22.30 -27.94
C THR B 999 -48.58 -21.87 -26.77
N SER B 1000 -49.21 -21.52 -25.66
CA SER B 1000 -48.49 -20.91 -24.53
C SER B 1000 -47.90 -21.94 -23.57
N HIS B 1001 -48.47 -23.14 -23.58
CA HIS B 1001 -48.09 -24.23 -22.66
C HIS B 1001 -47.89 -25.54 -23.43
N ARG B 1002 -46.90 -26.34 -23.02
CA ARG B 1002 -46.56 -27.59 -23.71
C ARG B 1002 -47.72 -28.61 -23.70
N HIS B 1003 -48.54 -28.59 -22.65
CA HIS B 1003 -49.65 -29.53 -22.51
C HIS B 1003 -50.81 -29.25 -23.48
N LEU B 1004 -50.82 -28.06 -24.06
CA LEU B 1004 -51.87 -27.69 -25.02
C LEU B 1004 -51.49 -27.99 -26.47
N LEU B 1005 -50.29 -28.52 -26.68
CA LEU B 1005 -49.85 -28.89 -28.03
C LEU B 1005 -50.52 -30.19 -28.48
N HIS B 1006 -50.91 -30.23 -29.74
CA HIS B 1006 -51.51 -31.44 -30.30
C HIS B 1006 -50.70 -31.94 -31.49
N ALA B 1007 -50.35 -33.22 -31.49
CA ALA B 1007 -49.64 -33.83 -32.61
C ALA B 1007 -50.45 -33.60 -33.89
N GLU B 1008 -49.81 -33.04 -34.91
CA GLU B 1008 -50.46 -32.78 -36.19
C GLU B 1008 -50.32 -34.02 -37.08
N GLU B 1009 -51.06 -34.04 -38.18
CA GLU B 1009 -50.99 -35.16 -39.12
C GLU B 1009 -49.61 -35.14 -39.83
N GLY B 1010 -48.94 -36.28 -39.83
CA GLY B 1010 -47.61 -36.38 -40.42
C GLY B 1010 -46.50 -35.72 -39.60
N THR B 1011 -45.38 -35.46 -40.24
CA THR B 1011 -44.21 -34.94 -39.56
C THR B 1011 -43.75 -33.63 -40.22
N TRP B 1012 -43.62 -32.61 -39.39
CA TRP B 1012 -43.03 -31.35 -39.82
C TRP B 1012 -41.51 -31.43 -39.81
N LEU B 1013 -40.90 -31.07 -40.94
CA LEU B 1013 -39.46 -31.04 -41.05
C LEU B 1013 -39.02 -29.62 -41.37
N ASN B 1014 -38.05 -29.13 -40.61
CA ASN B 1014 -37.38 -27.89 -40.95
C ASN B 1014 -35.91 -28.19 -41.23
N ILE B 1015 -35.47 -27.92 -42.46
CA ILE B 1015 -34.08 -28.13 -42.85
C ILE B 1015 -33.43 -26.79 -43.20
N ASP B 1016 -32.44 -26.40 -42.40
CA ASP B 1016 -31.80 -25.11 -42.55
C ASP B 1016 -30.38 -25.25 -43.05
N GLY B 1017 -30.04 -24.44 -44.05
CA GLY B 1017 -28.65 -24.21 -44.40
C GLY B 1017 -27.97 -23.43 -43.28
N PHE B 1018 -28.72 -22.51 -42.69
CA PHE B 1018 -28.22 -21.62 -41.64
C PHE B 1018 -29.30 -21.37 -40.60
N HIS B 1019 -28.86 -21.25 -39.34
CA HIS B 1019 -29.75 -20.97 -38.23
C HIS B 1019 -29.05 -20.03 -37.27
N MET B 1020 -29.78 -19.05 -36.79
CA MET B 1020 -29.25 -18.04 -35.87
C MET B 1020 -29.06 -18.61 -34.49
N GLY B 1021 -28.05 -18.11 -33.78
CA GLY B 1021 -27.83 -18.47 -32.38
C GLY B 1021 -29.04 -18.24 -31.49
N ILE B 1022 -29.01 -18.86 -30.31
CA ILE B 1022 -30.08 -18.75 -29.33
C ILE B 1022 -29.84 -17.72 -28.20
N GLY B 1023 -28.59 -17.28 -28.03
CA GLY B 1023 -28.25 -16.31 -26.98
C GLY B 1023 -28.47 -16.85 -25.57
N GLY B 1024 -28.63 -15.93 -24.61
CA GLY B 1024 -28.87 -16.34 -23.23
C GLY B 1024 -28.00 -15.70 -22.17
N ASP B 1025 -27.03 -14.87 -22.58
CA ASP B 1025 -26.23 -14.08 -21.63
C ASP B 1025 -27.14 -13.39 -20.62
N ASP B 1026 -28.28 -12.91 -21.13
CA ASP B 1026 -29.47 -12.71 -20.33
C ASP B 1026 -30.67 -13.01 -21.24
N SER B 1027 -31.88 -12.93 -20.71
CA SER B 1027 -33.09 -13.23 -21.48
C SER B 1027 -34.02 -12.02 -21.60
N TRP B 1028 -33.49 -10.81 -21.39
CA TRP B 1028 -34.32 -9.60 -21.43
C TRP B 1028 -33.75 -8.50 -22.32
N SER B 1029 -32.79 -8.86 -23.16
CA SER B 1029 -32.24 -7.97 -24.18
C SER B 1029 -31.59 -8.81 -25.27
N PRO B 1030 -31.36 -8.24 -26.46
CA PRO B 1030 -30.70 -9.07 -27.48
C PRO B 1030 -29.35 -9.58 -26.97
N SER B 1031 -29.17 -10.90 -26.99
CA SER B 1031 -27.99 -11.52 -26.40
C SER B 1031 -27.26 -12.46 -27.37
N VAL B 1032 -27.73 -12.53 -28.61
CA VAL B 1032 -27.09 -13.36 -29.62
C VAL B 1032 -25.89 -12.62 -30.18
N SER B 1033 -24.71 -13.19 -29.95
CA SER B 1033 -23.45 -12.58 -30.38
C SER B 1033 -23.36 -12.43 -31.90
N ALA B 1034 -22.66 -11.38 -32.35
CA ALA B 1034 -22.57 -11.02 -33.79
C ALA B 1034 -22.12 -12.15 -34.72
N GLU B 1035 -21.21 -13.01 -34.28
CA GLU B 1035 -20.75 -14.09 -35.15
C GLU B 1035 -21.81 -15.18 -35.39
N PHE B 1036 -22.87 -15.16 -34.58
CA PHE B 1036 -23.99 -16.10 -34.71
C PHE B 1036 -25.29 -15.47 -35.26
N GLN B 1037 -25.18 -14.25 -35.78
CA GLN B 1037 -26.32 -13.63 -36.45
C GLN B 1037 -26.20 -13.83 -37.95
N LEU B 1038 -27.32 -14.05 -38.62
CA LEU B 1038 -27.27 -14.32 -40.04
C LEU B 1038 -27.19 -13.04 -40.86
N SER B 1039 -25.99 -12.44 -40.88
CA SER B 1039 -25.76 -11.11 -41.45
C SER B 1039 -24.96 -11.05 -42.75
N ALA B 1040 -24.58 -12.20 -43.31
CA ALA B 1040 -23.77 -12.19 -44.53
C ALA B 1040 -24.46 -11.60 -45.78
N GLY B 1041 -25.79 -11.51 -45.77
CA GLY B 1041 -26.52 -10.93 -46.90
C GLY B 1041 -26.77 -11.86 -48.09
N ARG B 1042 -25.81 -12.75 -48.37
CA ARG B 1042 -25.94 -13.78 -49.41
C ARG B 1042 -25.56 -15.15 -48.87
N TYR B 1043 -26.45 -16.12 -49.05
CA TYR B 1043 -26.30 -17.42 -48.45
C TYR B 1043 -26.56 -18.53 -49.47
N HIS B 1044 -25.78 -19.61 -49.37
CA HIS B 1044 -25.85 -20.72 -50.30
C HIS B 1044 -25.83 -22.05 -49.55
N TYR B 1045 -26.81 -22.89 -49.84
CA TYR B 1045 -26.79 -24.27 -49.35
C TYR B 1045 -27.30 -25.23 -50.42
N GLN B 1046 -27.02 -26.52 -50.23
CA GLN B 1046 -27.47 -27.53 -51.19
C GLN B 1046 -27.87 -28.82 -50.50
N LEU B 1047 -29.04 -29.34 -50.88
CA LEU B 1047 -29.60 -30.56 -50.32
C LEU B 1047 -29.82 -31.56 -51.42
N VAL B 1048 -29.61 -32.84 -51.12
CA VAL B 1048 -29.99 -33.90 -52.01
C VAL B 1048 -31.04 -34.74 -51.30
N TRP B 1049 -32.20 -34.87 -51.94
CA TRP B 1049 -33.30 -35.71 -51.45
C TRP B 1049 -33.36 -36.97 -52.32
N CYS B 1050 -33.52 -38.12 -51.67
CA CYS B 1050 -33.73 -39.38 -52.38
C CYS B 1050 -34.42 -40.41 -51.49
N GLN B 1051 -34.70 -41.59 -52.05
CA GLN B 1051 -35.18 -42.73 -51.28
C GLN B 1051 -34.04 -43.74 -51.09
N LYS B 1052 -33.92 -44.28 -49.88
CA LYS B 1052 -32.99 -45.38 -49.61
C LYS B 1052 -33.71 -46.50 -48.87
N VAL C 38 -52.21 -2.62 27.83
CA VAL C 38 -51.30 -2.79 26.65
C VAL C 38 -49.90 -2.29 27.01
N VAL C 39 -49.82 -1.01 27.38
CA VAL C 39 -48.58 -0.40 27.86
C VAL C 39 -48.03 -1.16 29.07
N LEU C 40 -48.94 -1.51 29.98
CA LEU C 40 -48.61 -2.30 31.17
C LEU C 40 -48.02 -3.66 30.83
N GLN C 41 -48.62 -4.33 29.84
CA GLN C 41 -48.32 -5.74 29.54
C GLN C 41 -47.05 -5.95 28.71
N ARG C 42 -46.79 -5.07 27.74
CA ARG C 42 -45.64 -5.21 26.85
C ARG C 42 -44.28 -4.95 27.51
N ARG C 43 -44.25 -4.03 28.48
CA ARG C 43 -43.02 -3.67 29.18
C ARG C 43 -41.87 -3.37 28.19
N ASP C 44 -42.09 -2.34 27.37
CA ASP C 44 -41.11 -1.90 26.37
C ASP C 44 -39.75 -1.44 26.95
N TRP C 45 -39.75 -1.03 28.22
CA TRP C 45 -38.54 -0.56 28.90
C TRP C 45 -37.65 -1.69 29.40
N GLU C 46 -38.02 -2.94 29.11
CA GLU C 46 -37.15 -4.07 29.40
C GLU C 46 -36.94 -4.90 28.13
N ASN C 47 -36.90 -4.20 27.01
CA ASN C 47 -36.73 -4.83 25.72
C ASN C 47 -35.81 -3.99 24.80
N PRO C 48 -34.56 -4.46 24.61
CA PRO C 48 -33.59 -3.78 23.75
C PRO C 48 -33.98 -3.80 22.27
N GLY C 49 -34.94 -4.67 21.92
CA GLY C 49 -35.51 -4.70 20.57
C GLY C 49 -36.50 -3.56 20.32
N VAL C 50 -37.04 -2.98 21.38
CA VAL C 50 -37.91 -1.83 21.23
C VAL C 50 -37.26 -0.62 21.90
N THR C 51 -36.83 0.31 21.06
CA THR C 51 -36.17 1.52 21.53
C THR C 51 -37.06 2.74 21.29
N GLN C 52 -38.10 2.55 20.48
CA GLN C 52 -39.06 3.60 20.16
C GLN C 52 -40.34 2.99 19.59
N LEU C 53 -41.45 3.73 19.68
CA LEU C 53 -42.69 3.39 18.97
C LEU C 53 -43.29 4.66 18.40
N ASN C 54 -43.63 4.62 17.12
CA ASN C 54 -44.18 5.77 16.36
C ASN C 54 -43.31 7.05 16.31
N ARG C 55 -42.03 6.91 16.62
CA ARG C 55 -41.11 8.04 16.59
C ARG C 55 -40.77 8.42 15.14
N LEU C 56 -40.68 9.73 14.90
CA LEU C 56 -40.35 10.26 13.57
C LEU C 56 -38.85 10.18 13.31
N ALA C 57 -38.47 10.14 12.04
CA ALA C 57 -37.07 10.09 11.63
C ALA C 57 -36.28 11.28 12.17
N ALA C 58 -35.02 11.04 12.49
CA ALA C 58 -34.10 12.08 12.94
C ALA C 58 -33.71 12.98 11.77
N HIS C 59 -33.23 14.20 12.09
CA HIS C 59 -32.94 15.22 11.08
C HIS C 59 -32.21 16.40 11.75
N PRO C 60 -31.62 17.31 10.94
CA PRO C 60 -30.98 18.51 11.49
C PRO C 60 -32.04 19.49 11.97
N PRO C 61 -31.67 20.44 12.86
CA PRO C 61 -32.64 21.37 13.49
C PRO C 61 -33.58 22.05 12.48
N PHE C 62 -34.88 21.88 12.66
CA PHE C 62 -35.88 22.55 11.81
C PHE C 62 -36.55 23.70 12.54
N ALA C 63 -37.03 24.69 11.78
CA ALA C 63 -37.83 25.78 12.34
C ALA C 63 -39.06 26.10 11.49
N SER C 64 -39.04 25.65 10.24
CA SER C 64 -40.13 25.87 9.30
C SER C 64 -40.53 27.34 9.23
N TRP C 65 -39.57 28.19 8.91
CA TRP C 65 -39.86 29.58 8.61
C TRP C 65 -40.75 29.62 7.38
N ARG C 66 -41.67 30.60 7.33
CA ARG C 66 -42.52 30.81 6.16
C ARG C 66 -42.17 32.15 5.57
N ASN C 67 -40.96 32.59 5.90
CA ASN C 67 -40.42 33.84 5.44
C ASN C 67 -38.90 33.64 5.32
N SER C 68 -38.37 33.85 4.12
CA SER C 68 -36.97 33.54 3.81
C SER C 68 -35.99 34.44 4.55
N GLU C 69 -36.34 35.70 4.71
CA GLU C 69 -35.47 36.68 5.35
C GLU C 69 -35.23 36.31 6.82
N GLU C 70 -36.29 35.83 7.48
CA GLU C 70 -36.22 35.33 8.84
C GLU C 70 -35.28 34.12 8.94
N ALA C 71 -35.38 33.20 7.98
CA ALA C 71 -34.53 32.02 7.92
C ALA C 71 -33.06 32.44 7.76
N ARG C 72 -32.84 33.44 6.92
CA ARG C 72 -31.50 33.96 6.68
C ARG C 72 -30.86 34.50 7.97
N THR C 73 -31.64 35.21 8.78
CA THR C 73 -31.11 35.94 9.95
C THR C 73 -31.17 35.12 11.23
N ASP C 74 -31.75 33.92 11.13
CA ASP C 74 -31.93 33.02 12.28
C ASP C 74 -32.83 33.65 13.35
N ARG C 75 -33.79 34.45 12.89
CA ARG C 75 -34.80 35.05 13.78
C ARG C 75 -35.79 33.97 14.24
N PRO C 76 -36.44 34.18 15.40
CA PRO C 76 -37.40 33.18 15.90
C PRO C 76 -38.49 32.88 14.87
N SER C 77 -39.03 31.67 14.93
CA SER C 77 -40.04 31.22 13.99
C SER C 77 -41.37 30.96 14.70
N GLN C 78 -42.44 31.57 14.18
CA GLN C 78 -43.80 31.38 14.71
C GLN C 78 -44.18 29.90 14.68
N GLN C 79 -43.54 29.16 13.77
CA GLN C 79 -43.85 27.76 13.53
C GLN C 79 -43.15 26.81 14.51
N LEU C 80 -42.28 27.38 15.34
CA LEU C 80 -41.62 26.64 16.41
C LEU C 80 -41.94 27.28 17.76
N ARG C 81 -42.74 26.58 18.55
CA ARG C 81 -43.23 27.03 19.84
C ARG C 81 -42.56 26.27 20.95
N SER C 82 -42.10 26.99 21.98
CA SER C 82 -41.59 26.36 23.18
C SER C 82 -42.73 25.97 24.11
N LEU C 83 -42.66 24.76 24.66
CA LEU C 83 -43.61 24.32 25.67
C LEU C 83 -42.93 24.30 27.02
N ASN C 84 -41.78 24.97 27.09
CA ASN C 84 -41.07 25.09 28.35
C ASN C 84 -41.84 25.99 29.31
N GLY C 85 -41.71 25.68 30.59
CA GLY C 85 -42.34 26.47 31.63
C GLY C 85 -42.98 25.58 32.65
N GLU C 86 -44.14 25.98 33.12
CA GLU C 86 -44.80 25.30 34.22
C GLU C 86 -45.63 24.12 33.71
N TRP C 87 -45.33 22.96 34.28
CA TRP C 87 -45.99 21.70 33.95
C TRP C 87 -46.50 21.08 35.26
N ARG C 88 -47.37 20.09 35.16
CA ARG C 88 -47.85 19.37 36.33
C ARG C 88 -47.08 18.06 36.46
N PHE C 89 -46.61 17.77 37.68
CA PHE C 89 -45.78 16.60 37.92
C PHE C 89 -46.19 15.83 39.17
N ALA C 90 -46.13 14.50 39.08
CA ALA C 90 -46.35 13.62 40.22
C ALA C 90 -45.38 12.44 40.15
N TRP C 91 -44.93 12.00 41.33
CA TRP C 91 -43.95 10.93 41.48
C TRP C 91 -44.56 9.61 41.93
N PHE C 92 -44.07 8.51 41.37
CA PHE C 92 -44.58 7.17 41.67
C PHE C 92 -43.43 6.17 41.80
N PRO C 93 -43.60 5.13 42.64
CA PRO C 93 -42.47 4.25 42.92
C PRO C 93 -42.26 3.20 41.83
N ALA C 94 -43.22 3.11 40.91
CA ALA C 94 -43.24 2.13 39.83
C ALA C 94 -44.27 2.57 38.80
N PRO C 95 -44.12 2.12 37.54
CA PRO C 95 -45.12 2.48 36.53
C PRO C 95 -46.49 1.88 36.84
N GLU C 96 -46.52 0.79 37.59
CA GLU C 96 -47.77 0.13 38.00
C GLU C 96 -48.62 0.92 39.00
N ALA C 97 -48.00 1.85 39.72
CA ALA C 97 -48.70 2.64 40.73
C ALA C 97 -49.39 3.87 40.14
N VAL C 98 -49.26 4.04 38.83
CA VAL C 98 -49.85 5.17 38.13
C VAL C 98 -51.32 4.89 37.86
N PRO C 99 -52.23 5.71 38.43
CA PRO C 99 -53.66 5.52 38.24
C PRO C 99 -54.12 5.93 36.84
N GLU C 100 -54.95 5.09 36.22
CA GLU C 100 -55.48 5.32 34.87
C GLU C 100 -56.06 6.72 34.67
N SER C 101 -56.61 7.30 35.72
CA SER C 101 -57.28 8.61 35.65
C SER C 101 -56.35 9.72 35.18
N TRP C 102 -55.06 9.60 35.47
CA TRP C 102 -54.05 10.59 35.10
C TRP C 102 -53.98 10.78 33.56
N LEU C 103 -54.32 9.72 32.83
CA LEU C 103 -54.35 9.77 31.36
C LEU C 103 -55.33 10.83 30.83
N GLU C 104 -56.44 11.02 31.53
CA GLU C 104 -57.48 11.94 31.05
C GLU C 104 -57.69 13.21 31.88
N CYS C 105 -57.36 13.17 33.17
CA CYS C 105 -57.53 14.32 34.06
C CYS C 105 -56.31 14.56 34.95
N ASP C 106 -56.03 15.84 35.20
CA ASP C 106 -54.99 16.25 36.13
C ASP C 106 -55.19 15.58 37.49
N LEU C 107 -54.09 15.22 38.14
CA LEU C 107 -54.14 14.69 39.50
C LEU C 107 -54.09 15.84 40.50
N PRO C 108 -54.99 15.83 41.50
CA PRO C 108 -54.98 16.81 42.58
C PRO C 108 -53.66 16.85 43.38
N GLU C 109 -53.01 15.70 43.54
CA GLU C 109 -51.77 15.58 44.31
C GLU C 109 -50.53 16.08 43.56
N ALA C 110 -50.66 16.32 42.27
CA ALA C 110 -49.53 16.77 41.45
C ALA C 110 -49.14 18.21 41.79
N ASP C 111 -47.84 18.47 41.81
CA ASP C 111 -47.36 19.84 42.04
C ASP C 111 -47.17 20.52 40.69
N THR C 112 -47.05 21.85 40.71
CA THR C 112 -46.70 22.60 39.51
C THR C 112 -45.19 22.83 39.53
N VAL C 113 -44.49 22.25 38.54
CA VAL C 113 -43.02 22.37 38.47
C VAL C 113 -42.55 22.94 37.13
N VAL C 114 -41.32 23.44 37.11
CA VAL C 114 -40.70 23.94 35.88
C VAL C 114 -40.10 22.77 35.08
N VAL C 115 -40.38 22.78 33.79
CA VAL C 115 -39.80 21.88 32.83
C VAL C 115 -39.14 22.77 31.80
N PRO C 116 -37.91 22.44 31.36
CA PRO C 116 -37.15 21.23 31.69
C PRO C 116 -36.55 21.24 33.08
N SER C 117 -36.44 20.03 33.65
CA SER C 117 -35.83 19.81 34.96
C SER C 117 -35.48 18.32 35.17
N ASN C 118 -34.61 18.04 36.14
CA ASN C 118 -34.41 16.68 36.67
C ASN C 118 -35.13 16.58 38.01
N TRP C 119 -35.95 15.56 38.17
CA TRP C 119 -36.85 15.54 39.33
C TRP C 119 -36.14 15.35 40.67
N GLN C 120 -34.95 14.76 40.62
CA GLN C 120 -34.06 14.68 41.78
C GLN C 120 -33.66 16.07 42.28
N MET C 121 -33.62 17.05 41.37
CA MET C 121 -33.25 18.42 41.72
C MET C 121 -34.41 19.16 42.40
N HIS C 122 -35.60 18.56 42.32
CA HIS C 122 -36.79 19.12 42.97
C HIS C 122 -37.07 18.44 44.31
N GLY C 123 -36.34 17.36 44.61
CA GLY C 123 -36.46 16.69 45.91
C GLY C 123 -37.27 15.39 45.95
N TYR C 124 -37.88 15.03 44.83
CA TYR C 124 -38.76 13.84 44.76
C TYR C 124 -38.10 12.48 45.06
N ASP C 125 -36.87 12.30 44.57
CA ASP C 125 -35.97 11.22 45.05
C ASP C 125 -34.50 11.61 44.93
N ALA C 126 -33.62 10.72 45.37
CA ALA C 126 -32.19 11.01 45.43
C ALA C 126 -31.47 10.83 44.09
N PRO C 127 -30.57 11.78 43.75
CA PRO C 127 -29.62 11.52 42.67
C PRO C 127 -28.59 10.50 43.15
N ILE C 128 -28.01 9.73 42.23
CA ILE C 128 -27.09 8.67 42.60
C ILE C 128 -25.74 8.91 41.91
N TYR C 129 -24.67 9.03 42.69
CA TYR C 129 -23.35 9.06 42.08
C TYR C 129 -22.61 7.73 42.19
N THR C 130 -22.60 7.00 41.08
CA THR C 130 -21.74 5.82 40.95
C THR C 130 -20.90 5.96 39.67
N ASN C 131 -19.67 5.48 39.72
CA ASN C 131 -18.73 5.54 38.59
C ASN C 131 -18.95 4.41 37.58
N VAL C 132 -18.37 3.24 37.86
CA VAL C 132 -18.44 2.07 36.98
C VAL C 132 -19.64 1.16 37.28
N THR C 133 -19.74 0.73 38.54
CA THR C 133 -20.81 -0.17 38.97
C THR C 133 -22.17 0.46 38.71
N TYR C 134 -22.99 -0.25 37.96
CA TYR C 134 -24.32 0.17 37.59
C TYR C 134 -25.17 0.45 38.84
N PRO C 135 -26.01 1.51 38.79
CA PRO C 135 -26.89 1.82 39.92
C PRO C 135 -28.05 0.81 40.05
N ILE C 136 -28.18 -0.08 39.07
CA ILE C 136 -29.16 -1.16 39.14
C ILE C 136 -28.46 -2.52 39.04
N THR C 137 -29.18 -3.59 39.39
CA THR C 137 -28.63 -4.95 39.29
C THR C 137 -28.36 -5.29 37.83
N VAL C 138 -27.18 -5.85 37.56
CA VAL C 138 -26.78 -6.20 36.18
C VAL C 138 -27.49 -7.47 35.72
N ASN C 139 -28.69 -7.30 35.18
CA ASN C 139 -29.50 -8.40 34.68
C ASN C 139 -30.17 -8.00 33.36
N PRO C 140 -29.37 -7.83 32.28
CA PRO C 140 -29.94 -7.34 31.02
C PRO C 140 -30.96 -8.33 30.45
N PRO C 141 -32.08 -7.82 29.92
CA PRO C 141 -32.41 -6.39 29.80
C PRO C 141 -33.33 -5.87 30.90
N PHE C 142 -33.35 -6.55 32.05
CA PHE C 142 -34.32 -6.24 33.11
C PHE C 142 -33.89 -5.10 34.01
N VAL C 143 -34.86 -4.31 34.44
CA VAL C 143 -34.63 -3.26 35.42
C VAL C 143 -35.42 -3.57 36.71
N PRO C 144 -35.08 -2.90 37.84
CA PRO C 144 -35.80 -3.22 39.07
C PRO C 144 -37.29 -2.93 38.93
N THR C 145 -38.10 -3.65 39.69
CA THR C 145 -39.54 -3.45 39.68
C THR C 145 -39.89 -2.13 40.36
N GLU C 146 -39.11 -1.77 41.39
CA GLU C 146 -39.19 -0.43 41.98
C GLU C 146 -38.46 0.56 41.07
N ASN C 147 -39.21 1.16 40.15
CA ASN C 147 -38.68 1.99 39.08
C ASN C 147 -39.34 3.37 39.11
N PRO C 148 -38.67 4.35 39.75
CA PRO C 148 -39.29 5.66 39.93
C PRO C 148 -39.86 6.20 38.62
N THR C 149 -41.06 6.74 38.69
CA THR C 149 -41.82 7.12 37.52
C THR C 149 -42.29 8.55 37.67
N GLY C 150 -42.01 9.36 36.66
CA GLY C 150 -42.35 10.77 36.65
C GLY C 150 -43.51 11.04 35.71
N CYS C 151 -44.66 11.35 36.28
CA CYS C 151 -45.83 11.68 35.51
C CYS C 151 -45.90 13.16 35.27
N TYR C 152 -45.62 13.54 34.04
CA TYR C 152 -45.67 14.93 33.63
C TYR C 152 -46.91 15.18 32.77
N SER C 153 -47.54 16.34 32.96
CA SER C 153 -48.64 16.74 32.09
C SER C 153 -48.62 18.22 31.81
N LEU C 154 -49.18 18.60 30.67
CA LEU C 154 -49.33 20.00 30.34
C LEU C 154 -50.64 20.21 29.61
N THR C 155 -51.40 21.21 30.06
CA THR C 155 -52.55 21.73 29.33
C THR C 155 -52.05 22.95 28.58
N PHE C 156 -52.34 23.02 27.28
CA PHE C 156 -51.83 24.07 26.42
C PHE C 156 -52.79 24.29 25.26
N ASN C 157 -52.70 25.46 24.64
CA ASN C 157 -53.56 25.83 23.50
C ASN C 157 -52.90 25.50 22.16
N VAL C 158 -53.73 25.11 21.19
CA VAL C 158 -53.32 24.99 19.81
C VAL C 158 -54.32 25.77 18.95
N ASP C 159 -53.82 26.68 18.13
CA ASP C 159 -54.67 27.44 17.23
C ASP C 159 -55.21 26.58 16.07
N GLU C 160 -56.39 26.94 15.60
CA GLU C 160 -57.08 26.27 14.50
C GLU C 160 -56.23 26.21 13.23
N SER C 161 -55.46 27.27 13.00
CA SER C 161 -54.64 27.39 11.78
C SER C 161 -53.61 26.26 11.66
N TRP C 162 -53.12 25.78 12.81
CA TRP C 162 -52.16 24.70 12.87
C TRP C 162 -52.74 23.35 12.46
N LEU C 163 -54.03 23.16 12.74
CA LEU C 163 -54.70 21.89 12.45
C LEU C 163 -55.43 21.86 11.10
N GLN C 164 -55.66 23.03 10.53
CA GLN C 164 -56.39 23.17 9.26
C GLN C 164 -55.53 22.70 8.08
N GLU C 165 -54.23 23.00 8.14
CA GLU C 165 -53.25 22.56 7.14
C GLU C 165 -52.05 21.90 7.83
N GLY C 166 -51.23 21.21 7.05
CA GLY C 166 -49.94 20.71 7.52
C GLY C 166 -49.91 19.76 8.70
N GLN C 167 -48.74 19.69 9.34
CA GLN C 167 -48.44 18.67 10.32
C GLN C 167 -47.90 19.32 11.60
N THR C 168 -48.36 18.83 12.75
CA THR C 168 -47.92 19.36 14.03
C THR C 168 -47.25 18.25 14.83
N ARG C 169 -45.97 18.45 15.15
CA ARG C 169 -45.23 17.44 15.91
C ARG C 169 -44.75 18.00 17.25
N ILE C 170 -44.46 17.10 18.19
CA ILE C 170 -43.86 17.50 19.46
C ILE C 170 -42.42 17.00 19.52
N ILE C 171 -41.52 17.88 19.96
CA ILE C 171 -40.11 17.53 20.08
C ILE C 171 -39.67 17.51 21.54
N PHE C 172 -39.25 16.34 22.01
CA PHE C 172 -38.63 16.20 23.32
C PHE C 172 -37.12 16.05 23.13
N ASP C 173 -36.36 17.10 23.46
CA ASP C 173 -34.92 17.15 23.19
C ASP C 173 -34.10 16.24 24.10
N GLY C 174 -34.68 15.86 25.24
CA GLY C 174 -34.01 14.99 26.20
C GLY C 174 -34.95 14.51 27.31
N VAL C 175 -35.16 13.20 27.36
CA VAL C 175 -35.95 12.56 28.39
C VAL C 175 -35.16 11.38 28.93
N ASN C 176 -34.88 11.39 30.23
CA ASN C 176 -34.02 10.41 30.87
C ASN C 176 -34.88 9.53 31.78
N SER C 177 -34.99 8.22 31.50
CA SER C 177 -34.29 7.51 30.43
C SER C 177 -35.20 6.95 29.32
N ALA C 178 -36.51 6.93 29.59
CA ALA C 178 -37.52 6.38 28.68
C ALA C 178 -38.90 6.95 29.03
N PHE C 179 -39.80 6.98 28.05
CA PHE C 179 -41.14 7.52 28.31
C PHE C 179 -42.22 7.05 27.35
N HIS C 180 -43.45 7.03 27.85
CA HIS C 180 -44.65 6.87 27.03
C HIS C 180 -45.35 8.21 26.91
N LEU C 181 -46.00 8.44 25.77
CA LEU C 181 -46.65 9.70 25.50
C LEU C 181 -48.14 9.52 25.18
N TRP C 182 -48.96 10.32 25.86
CA TRP C 182 -50.37 10.40 25.56
C TRP C 182 -50.73 11.83 25.22
N CYS C 183 -51.67 11.99 24.29
CA CYS C 183 -52.21 13.30 23.95
C CYS C 183 -53.74 13.19 24.00
N ASN C 184 -54.37 14.04 24.81
CA ASN C 184 -55.81 14.00 25.07
C ASN C 184 -56.34 12.60 25.37
N GLY C 185 -55.63 11.88 26.23
CA GLY C 185 -56.00 10.52 26.65
C GLY C 185 -55.57 9.40 25.71
N ARG C 186 -55.21 9.76 24.48
CA ARG C 186 -54.86 8.78 23.45
C ARG C 186 -53.34 8.55 23.39
N TRP C 187 -52.94 7.28 23.41
CA TRP C 187 -51.51 6.91 23.36
C TRP C 187 -50.89 7.29 22.02
N VAL C 188 -49.74 7.95 22.07
CA VAL C 188 -49.04 8.40 20.87
C VAL C 188 -47.88 7.46 20.54
N GLY C 189 -46.93 7.35 21.48
CA GLY C 189 -45.76 6.51 21.29
C GLY C 189 -44.79 6.42 22.47
N TYR C 190 -43.59 5.94 22.16
CA TYR C 190 -42.57 5.57 23.14
C TYR C 190 -41.16 5.94 22.63
N GLY C 191 -40.24 6.23 23.55
CA GLY C 191 -38.88 6.65 23.18
C GLY C 191 -37.81 6.31 24.20
N GLN C 192 -36.61 6.02 23.69
CA GLN C 192 -35.41 5.81 24.50
C GLN C 192 -34.23 6.64 23.97
N ASP C 193 -33.07 6.48 24.62
CA ASP C 193 -31.87 7.33 24.45
C ASP C 193 -32.11 8.71 25.03
N SER C 194 -31.51 8.93 26.19
CA SER C 194 -31.71 10.11 27.01
C SER C 194 -31.20 11.40 26.40
N ARG C 195 -30.36 11.30 25.37
CA ARG C 195 -29.58 12.46 24.95
C ARG C 195 -29.80 12.91 23.51
N LEU C 196 -30.78 12.31 22.83
CA LEU C 196 -31.23 12.80 21.52
C LEU C 196 -32.73 13.14 21.49
N PRO C 197 -33.15 14.04 20.58
CA PRO C 197 -34.57 14.40 20.54
C PRO C 197 -35.46 13.25 20.08
N SER C 198 -36.61 13.09 20.73
CA SER C 198 -37.65 12.19 20.24
C SER C 198 -38.81 13.03 19.71
N GLU C 199 -39.23 12.78 18.48
CA GLU C 199 -40.28 13.54 17.84
C GLU C 199 -41.48 12.65 17.47
N PHE C 200 -42.69 13.16 17.70
CA PHE C 200 -43.93 12.43 17.41
C PHE C 200 -44.95 13.32 16.72
N ASP C 201 -45.67 12.75 15.77
CA ASP C 201 -46.71 13.46 15.03
C ASP C 201 -47.96 13.54 15.89
N LEU C 202 -48.44 14.77 16.11
CA LEU C 202 -49.61 14.98 16.95
C LEU C 202 -50.81 15.44 16.14
N SER C 203 -50.60 15.61 14.84
CA SER C 203 -51.63 16.07 13.91
C SER C 203 -53.02 15.45 14.14
N ALA C 204 -53.05 14.14 14.33
CA ALA C 204 -54.30 13.40 14.46
C ALA C 204 -54.82 13.32 15.89
N PHE C 205 -54.03 13.80 16.85
CA PHE C 205 -54.38 13.69 18.27
C PHE C 205 -54.86 14.99 18.90
N LEU C 206 -54.71 16.10 18.18
CA LEU C 206 -54.95 17.43 18.74
C LEU C 206 -56.31 18.02 18.38
N ARG C 207 -56.75 18.99 19.17
CA ARG C 207 -57.96 19.76 18.86
C ARG C 207 -57.71 21.27 19.00
N ALA C 208 -58.47 22.07 18.26
CA ALA C 208 -58.44 23.53 18.40
C ALA C 208 -58.79 23.91 19.85
N GLY C 209 -58.08 24.89 20.39
CA GLY C 209 -58.20 25.24 21.81
C GLY C 209 -57.32 24.42 22.73
N GLU C 210 -57.89 24.01 23.86
CA GLU C 210 -57.15 23.34 24.94
C GLU C 210 -56.87 21.87 24.66
N ASN C 211 -55.65 21.45 24.98
CA ASN C 211 -55.19 20.08 24.80
C ASN C 211 -54.38 19.69 26.01
N ARG C 212 -54.28 18.39 26.28
CA ARG C 212 -53.47 17.91 27.40
C ARG C 212 -52.51 16.75 27.10
N LEU C 213 -51.22 16.99 27.32
CA LEU C 213 -50.20 15.95 27.18
C LEU C 213 -50.10 15.15 28.48
N ALA C 214 -49.71 13.89 28.35
CA ALA C 214 -49.40 13.07 29.51
C ALA C 214 -48.15 12.26 29.22
N VAL C 215 -47.06 12.58 29.91
CA VAL C 215 -45.78 11.93 29.69
C VAL C 215 -45.38 11.14 30.93
N MET C 216 -45.26 9.82 30.76
CA MET C 216 -44.80 8.94 31.82
C MET C 216 -43.31 8.59 31.62
N VAL C 217 -42.46 9.20 32.44
CA VAL C 217 -41.01 8.99 32.35
C VAL C 217 -40.54 7.90 33.32
N LEU C 218 -39.78 6.94 32.78
CA LEU C 218 -39.20 5.87 33.56
C LEU C 218 -37.73 6.14 33.85
N ARG C 219 -37.33 5.96 35.10
CA ARG C 219 -35.95 6.21 35.52
C ARG C 219 -35.01 5.16 34.94
N TRP C 220 -35.43 3.89 35.02
CA TRP C 220 -34.64 2.78 34.49
C TRP C 220 -35.36 2.11 33.33
N SER C 221 -34.61 1.78 32.29
CA SER C 221 -35.07 1.03 31.12
C SER C 221 -33.87 0.26 30.58
N ASP C 222 -34.09 -0.57 29.56
CA ASP C 222 -32.99 -1.32 28.92
C ASP C 222 -31.94 -0.35 28.36
N GLY C 223 -32.40 0.86 28.02
CA GLY C 223 -31.52 1.95 27.62
C GLY C 223 -30.45 2.29 28.64
N SER C 224 -30.78 2.12 29.92
CA SER C 224 -29.86 2.41 31.03
C SER C 224 -28.58 1.56 30.99
N TYR C 225 -28.65 0.39 30.34
CA TYR C 225 -27.46 -0.43 30.16
C TYR C 225 -26.41 0.21 29.24
N LEU C 226 -26.85 1.12 28.38
CA LEU C 226 -25.97 1.84 27.47
C LEU C 226 -25.69 3.24 27.99
N GLU C 227 -26.09 3.50 29.24
CA GLU C 227 -25.96 4.83 29.84
C GLU C 227 -25.24 4.76 31.20
N ASP C 228 -24.10 4.07 31.22
CA ASP C 228 -23.33 3.91 32.44
C ASP C 228 -22.15 4.91 32.56
N GLN C 229 -22.34 6.12 32.04
CA GLN C 229 -21.33 7.19 32.17
C GLN C 229 -21.07 7.55 33.63
N ASP C 230 -19.82 7.90 33.94
CA ASP C 230 -19.40 8.28 35.29
C ASP C 230 -19.91 9.67 35.64
N MET C 231 -21.11 9.72 36.18
CA MET C 231 -21.82 10.97 36.49
C MET C 231 -23.04 10.66 37.33
N TRP C 232 -23.64 11.70 37.92
CA TRP C 232 -24.90 11.54 38.65
C TRP C 232 -25.97 10.90 37.79
N ARG C 233 -26.63 9.89 38.35
CA ARG C 233 -27.75 9.23 37.71
C ARG C 233 -29.04 9.96 38.10
N MET C 234 -29.63 10.64 37.13
CA MET C 234 -30.82 11.46 37.32
C MET C 234 -31.90 11.02 36.32
N SER C 235 -33.04 11.72 36.30
CA SER C 235 -34.10 11.43 35.33
C SER C 235 -35.06 12.59 35.15
N GLY C 236 -35.87 12.52 34.09
CA GLY C 236 -36.92 13.50 33.85
C GLY C 236 -36.85 14.12 32.48
N ILE C 237 -37.73 15.08 32.24
CA ILE C 237 -37.71 15.83 31.01
C ILE C 237 -36.74 16.98 31.21
N PHE C 238 -35.45 16.71 30.97
CA PHE C 238 -34.37 17.67 31.30
C PHE C 238 -33.91 18.56 30.15
N ARG C 239 -34.43 18.36 28.94
CA ARG C 239 -34.17 19.28 27.84
C ARG C 239 -35.47 19.85 27.28
N ASP C 240 -35.36 20.85 26.40
CA ASP C 240 -36.52 21.56 25.84
C ASP C 240 -37.60 20.67 25.27
N VAL C 241 -38.85 21.11 25.44
CA VAL C 241 -40.00 20.54 24.78
C VAL C 241 -40.55 21.59 23.84
N SER C 242 -40.83 21.21 22.60
CA SER C 242 -41.46 22.13 21.65
C SER C 242 -42.49 21.50 20.72
N LEU C 243 -43.21 22.37 20.03
CA LEU C 243 -44.13 21.97 18.98
C LEU C 243 -43.68 22.60 17.69
N LEU C 244 -43.65 21.81 16.63
CA LEU C 244 -43.19 22.27 15.35
C LEU C 244 -44.24 22.05 14.28
N HIS C 245 -44.60 23.13 13.59
CA HIS C 245 -45.51 23.02 12.46
C HIS C 245 -44.75 22.96 11.14
N LYS C 246 -45.01 21.91 10.38
CA LYS C 246 -44.47 21.77 9.02
C LYS C 246 -45.64 21.65 8.06
N PRO C 247 -45.48 22.18 6.83
CA PRO C 247 -46.47 21.90 5.79
C PRO C 247 -46.44 20.41 5.46
N THR C 248 -47.48 19.91 4.78
CA THR C 248 -47.59 18.50 4.44
C THR C 248 -46.56 18.16 3.37
N THR C 249 -46.38 19.08 2.43
CA THR C 249 -45.26 19.06 1.51
C THR C 249 -44.11 19.82 2.17
N GLN C 250 -43.03 19.11 2.49
CA GLN C 250 -42.02 19.61 3.43
C GLN C 250 -40.58 19.15 3.17
N ILE C 251 -39.63 19.98 3.60
CA ILE C 251 -38.21 19.62 3.68
C ILE C 251 -38.06 18.65 4.86
N SER C 252 -37.70 17.40 4.57
CA SER C 252 -37.65 16.36 5.59
C SER C 252 -36.23 16.11 6.08
N ASP C 253 -35.26 16.56 5.30
CA ASP C 253 -33.84 16.40 5.60
C ASP C 253 -33.05 17.22 4.61
N PHE C 254 -31.90 17.72 5.03
CA PHE C 254 -30.92 18.33 4.11
C PHE C 254 -29.49 18.16 4.66
N HIS C 255 -28.53 17.91 3.77
CA HIS C 255 -27.13 17.73 4.15
C HIS C 255 -26.29 18.75 3.41
N VAL C 256 -25.38 19.39 4.15
CA VAL C 256 -24.49 20.38 3.55
C VAL C 256 -23.06 19.89 3.54
N ALA C 257 -22.43 19.98 2.37
CA ALA C 257 -21.04 19.55 2.19
C ALA C 257 -20.24 20.67 1.54
N THR C 258 -18.99 20.83 1.96
CA THR C 258 -18.10 21.76 1.32
C THR C 258 -16.81 21.04 0.94
N ARG C 259 -16.46 21.09 -0.35
CA ARG C 259 -15.22 20.49 -0.82
C ARG C 259 -14.36 21.50 -1.58
N PHE C 260 -13.05 21.28 -1.61
CA PHE C 260 -12.11 22.34 -1.95
C PHE C 260 -11.09 21.90 -2.99
N ASN C 261 -10.55 22.88 -3.73
CA ASN C 261 -9.36 22.63 -4.52
C ASN C 261 -8.15 22.58 -3.59
N ASP C 262 -6.96 22.31 -4.15
CA ASP C 262 -5.78 22.01 -3.36
C ASP C 262 -5.26 23.15 -2.46
N ASP C 263 -5.42 24.39 -2.87
CA ASP C 263 -4.98 25.51 -2.02
C ASP C 263 -6.14 26.26 -1.36
N PHE C 264 -7.34 25.67 -1.41
CA PHE C 264 -8.53 26.20 -0.74
C PHE C 264 -9.01 27.57 -1.25
N SER C 265 -8.56 27.94 -2.45
CA SER C 265 -8.98 29.20 -3.07
C SER C 265 -10.31 29.06 -3.77
N ARG C 266 -10.79 27.83 -3.90
CA ARG C 266 -12.05 27.51 -4.55
C ARG C 266 -12.79 26.44 -3.77
N ALA C 267 -14.11 26.56 -3.72
CA ALA C 267 -14.94 25.57 -3.05
C ALA C 267 -16.24 25.28 -3.80
N VAL C 268 -16.78 24.08 -3.59
CA VAL C 268 -18.14 23.78 -4.03
C VAL C 268 -18.95 23.46 -2.79
N LEU C 269 -20.03 24.21 -2.58
CA LEU C 269 -21.02 23.82 -1.59
C LEU C 269 -22.03 22.86 -2.24
N GLU C 270 -22.24 21.72 -1.61
CA GLU C 270 -23.15 20.74 -2.14
C GLU C 270 -24.24 20.46 -1.13
N ALA C 271 -25.48 20.73 -1.53
CA ALA C 271 -26.59 20.61 -0.61
C ALA C 271 -27.62 19.62 -1.12
N GLU C 272 -27.70 18.45 -0.46
CA GLU C 272 -28.73 17.47 -0.74
C GLU C 272 -29.96 17.78 0.10
N VAL C 273 -31.10 17.88 -0.57
CA VAL C 273 -32.37 18.20 0.07
C VAL C 273 -33.38 17.09 -0.22
N GLN C 274 -34.01 16.57 0.83
CA GLN C 274 -35.05 15.55 0.75
C GLN C 274 -36.41 16.17 1.12
N MET C 275 -37.48 15.66 0.50
CA MET C 275 -38.83 16.09 0.83
C MET C 275 -39.74 14.93 1.20
N CYS C 276 -40.79 15.25 1.95
CA CYS C 276 -41.93 14.35 2.19
C CYS C 276 -43.21 15.02 1.68
N GLY C 277 -44.24 14.21 1.41
CA GLY C 277 -45.49 14.73 0.83
C GLY C 277 -45.67 14.35 -0.63
N GLU C 278 -46.48 15.14 -1.34
CA GLU C 278 -46.80 14.81 -2.73
C GLU C 278 -45.94 15.56 -3.74
N LEU C 279 -45.28 14.78 -4.60
CA LEU C 279 -44.41 15.30 -5.66
C LEU C 279 -45.18 15.97 -6.78
N ARG C 280 -44.76 17.17 -7.15
CA ARG C 280 -45.36 17.95 -8.23
C ARG C 280 -44.27 18.60 -9.09
N ASP C 281 -44.52 18.69 -10.40
CA ASP C 281 -43.56 19.26 -11.36
C ASP C 281 -43.24 20.73 -11.11
N TYR C 282 -44.20 21.44 -10.52
CA TYR C 282 -44.05 22.85 -10.21
C TYR C 282 -43.24 23.07 -8.93
N LEU C 283 -43.00 22.02 -8.15
CA LEU C 283 -42.16 22.11 -6.94
C LEU C 283 -40.73 22.44 -7.29
N ARG C 284 -40.10 23.24 -6.42
CA ARG C 284 -38.73 23.70 -6.60
C ARG C 284 -38.00 23.73 -5.26
N VAL C 285 -36.67 23.63 -5.31
CA VAL C 285 -35.80 23.91 -4.16
C VAL C 285 -34.77 24.95 -4.57
N THR C 286 -34.70 26.03 -3.79
CA THR C 286 -33.64 27.02 -3.97
C THR C 286 -32.72 26.98 -2.76
N VAL C 287 -31.42 26.87 -3.02
CA VAL C 287 -30.42 27.00 -1.98
C VAL C 287 -29.61 28.25 -2.27
N SER C 288 -29.51 29.13 -1.28
CA SER C 288 -28.69 30.32 -1.41
C SER C 288 -27.72 30.42 -0.25
N LEU C 289 -26.54 30.97 -0.53
CA LEU C 289 -25.49 31.09 0.46
C LEU C 289 -25.22 32.56 0.70
N TRP C 290 -25.18 32.93 1.97
CA TRP C 290 -25.04 34.32 2.37
C TRP C 290 -23.80 34.49 3.24
N GLN C 291 -23.03 35.52 2.96
CA GLN C 291 -21.97 35.98 3.85
C GLN C 291 -22.41 37.31 4.44
N GLY C 292 -22.98 37.25 5.64
CA GLY C 292 -23.56 38.44 6.27
C GLY C 292 -24.80 38.83 5.50
N GLU C 293 -24.78 40.03 4.92
CA GLU C 293 -25.89 40.51 4.10
C GLU C 293 -25.70 40.29 2.60
N THR C 294 -24.47 39.94 2.21
CA THR C 294 -24.14 39.69 0.80
C THR C 294 -24.44 38.26 0.40
N GLN C 295 -25.31 38.09 -0.59
CA GLN C 295 -25.61 36.78 -1.15
C GLN C 295 -24.46 36.41 -2.06
N VAL C 296 -23.83 35.28 -1.81
CA VAL C 296 -22.66 34.93 -2.61
C VAL C 296 -22.97 33.94 -3.71
N ALA C 297 -24.05 33.16 -3.54
CA ALA C 297 -24.47 32.19 -4.53
C ALA C 297 -25.91 31.75 -4.30
N SER C 298 -26.55 31.30 -5.38
CA SER C 298 -27.90 30.77 -5.33
C SER C 298 -28.08 29.80 -6.48
N GLY C 299 -28.86 28.75 -6.25
CA GLY C 299 -29.26 27.83 -7.31
C GLY C 299 -30.64 27.27 -7.08
N THR C 300 -31.33 26.95 -8.18
CA THR C 300 -32.67 26.41 -8.12
C THR C 300 -32.80 25.17 -9.00
N ALA C 301 -33.57 24.18 -8.54
CA ALA C 301 -33.82 22.96 -9.28
C ALA C 301 -35.15 22.34 -8.87
N PRO C 302 -35.84 21.65 -9.82
CA PRO C 302 -36.97 20.82 -9.46
C PRO C 302 -36.48 19.53 -8.79
N PHE C 303 -37.37 18.79 -8.15
CA PHE C 303 -36.99 17.53 -7.54
C PHE C 303 -36.67 16.49 -8.61
N GLY C 304 -35.81 15.53 -8.24
CA GLY C 304 -35.38 14.48 -9.16
C GLY C 304 -33.88 14.29 -9.11
N GLY C 305 -33.46 13.31 -8.31
CA GLY C 305 -32.04 13.00 -8.18
C GLY C 305 -31.47 12.24 -9.37
N GLU C 306 -30.14 12.17 -9.41
CA GLU C 306 -29.44 11.40 -10.45
C GLU C 306 -29.74 9.89 -10.33
N ILE C 307 -29.50 9.14 -11.40
CA ILE C 307 -29.68 7.69 -11.38
C ILE C 307 -28.70 7.08 -10.37
N ILE C 308 -29.23 6.21 -9.53
CA ILE C 308 -28.48 5.59 -8.44
C ILE C 308 -28.19 4.11 -8.75
N ASP C 309 -29.19 3.42 -9.29
CA ASP C 309 -29.07 2.00 -9.61
C ASP C 309 -30.09 1.60 -10.70
N GLU C 310 -30.28 0.29 -10.89
CA GLU C 310 -31.14 -0.26 -11.95
C GLU C 310 -32.59 0.23 -11.87
N ARG C 311 -33.04 0.62 -10.68
CA ARG C 311 -34.40 1.11 -10.50
C ARG C 311 -34.57 2.62 -10.72
N GLY C 312 -33.45 3.31 -10.93
CA GLY C 312 -33.46 4.76 -11.18
C GLY C 312 -32.87 5.52 -10.01
N GLY C 313 -33.54 6.62 -9.64
CA GLY C 313 -33.04 7.49 -8.58
C GLY C 313 -34.10 7.90 -7.56
N TYR C 314 -33.76 8.93 -6.78
CA TYR C 314 -34.66 9.46 -5.76
C TYR C 314 -35.45 10.63 -6.33
N ALA C 315 -36.72 10.40 -6.65
CA ALA C 315 -37.59 11.44 -7.20
C ALA C 315 -37.90 12.49 -6.14
N ASP C 316 -37.89 12.06 -4.87
CA ASP C 316 -38.15 12.94 -3.74
C ASP C 316 -36.90 13.63 -3.20
N ARG C 317 -35.83 13.69 -4.00
CA ARG C 317 -34.61 14.40 -3.57
C ARG C 317 -34.02 15.21 -4.70
N VAL C 318 -33.22 16.20 -4.33
CA VAL C 318 -32.42 16.97 -5.30
C VAL C 318 -31.15 17.50 -4.63
N THR C 319 -30.08 17.63 -5.41
CA THR C 319 -28.79 18.13 -4.93
C THR C 319 -28.42 19.39 -5.68
N LEU C 320 -28.21 20.47 -4.91
CA LEU C 320 -27.75 21.76 -5.43
C LEU C 320 -26.25 21.96 -5.24
N ARG C 321 -25.57 22.41 -6.31
CA ARG C 321 -24.14 22.70 -6.25
C ARG C 321 -23.81 24.17 -6.50
N LEU C 322 -23.22 24.81 -5.50
CA LEU C 322 -22.86 26.22 -5.56
C LEU C 322 -21.34 26.40 -5.60
N ASN C 323 -20.84 27.07 -6.64
CA ASN C 323 -19.43 27.43 -6.71
C ASN C 323 -19.14 28.66 -5.86
N VAL C 324 -18.06 28.62 -5.07
CA VAL C 324 -17.67 29.74 -4.22
C VAL C 324 -16.18 30.02 -4.40
N GLU C 325 -15.85 31.22 -4.87
CA GLU C 325 -14.46 31.65 -5.03
C GLU C 325 -13.95 32.31 -3.77
N ASN C 326 -12.69 32.02 -3.43
CA ASN C 326 -11.99 32.56 -2.26
C ASN C 326 -12.81 32.54 -0.98
N PRO C 327 -13.32 31.34 -0.59
CA PRO C 327 -14.16 31.27 0.60
C PRO C 327 -13.38 31.65 1.86
N LYS C 328 -14.09 32.23 2.84
CA LYS C 328 -13.54 32.52 4.15
C LYS C 328 -13.64 31.25 4.96
N LEU C 329 -12.50 30.70 5.35
CA LEU C 329 -12.47 29.37 5.94
C LEU C 329 -12.78 29.38 7.43
N TRP C 330 -13.51 28.38 7.89
CA TRP C 330 -13.83 28.22 9.29
C TRP C 330 -12.68 27.51 9.99
N SER C 331 -12.36 27.96 11.21
CA SER C 331 -11.46 27.30 12.15
C SER C 331 -11.78 27.83 13.54
N ALA C 332 -11.18 27.23 14.58
CA ALA C 332 -11.34 27.74 15.95
C ALA C 332 -10.65 29.10 16.10
N GLU C 333 -9.70 29.35 15.22
CA GLU C 333 -8.92 30.58 15.24
C GLU C 333 -9.73 31.74 14.66
N ILE C 334 -10.39 31.49 13.54
CA ILE C 334 -11.25 32.49 12.90
C ILE C 334 -12.50 31.77 12.42
N PRO C 335 -13.59 31.84 13.21
CA PRO C 335 -14.81 31.08 12.92
C PRO C 335 -15.73 31.73 11.88
N ASN C 336 -15.18 32.01 10.71
CA ASN C 336 -15.97 32.51 9.58
C ASN C 336 -17.16 31.60 9.27
N LEU C 337 -18.36 32.17 9.26
CA LEU C 337 -19.56 31.43 8.93
C LEU C 337 -20.31 32.07 7.78
N TYR C 338 -20.98 31.22 7.00
CA TYR C 338 -21.92 31.65 6.00
C TYR C 338 -23.28 31.15 6.45
N ARG C 339 -24.33 31.69 5.87
CA ARG C 339 -25.67 31.16 6.11
C ARG C 339 -26.13 30.46 4.84
N ALA C 340 -26.58 29.22 4.97
CA ALA C 340 -27.22 28.56 3.84
C ALA C 340 -28.71 28.50 4.07
N VAL C 341 -29.49 29.00 3.10
CA VAL C 341 -30.95 29.01 3.23
C VAL C 341 -31.54 28.04 2.19
N VAL C 342 -32.40 27.15 2.66
CA VAL C 342 -33.01 26.11 1.84
C VAL C 342 -34.50 26.41 1.68
N GLU C 343 -34.88 26.83 0.47
CA GLU C 343 -36.27 27.18 0.21
C GLU C 343 -37.00 26.10 -0.57
N LEU C 344 -38.10 25.62 -0.02
CA LEU C 344 -39.07 24.80 -0.74
C LEU C 344 -40.21 25.69 -1.24
N HIS C 345 -40.42 25.73 -2.55
CA HIS C 345 -41.39 26.64 -3.15
C HIS C 345 -41.98 26.12 -4.46
N THR C 346 -42.91 26.87 -5.03
CA THR C 346 -43.48 26.54 -6.33
C THR C 346 -42.75 27.33 -7.42
N ALA C 347 -42.90 26.91 -8.67
CA ALA C 347 -42.28 27.60 -9.81
C ALA C 347 -42.80 29.04 -10.02
N ASP C 348 -44.01 29.32 -9.54
CA ASP C 348 -44.58 30.68 -9.64
C ASP C 348 -44.02 31.63 -8.57
N GLY C 349 -43.26 31.09 -7.62
CA GLY C 349 -42.59 31.89 -6.62
C GLY C 349 -43.30 31.98 -5.28
N THR C 350 -44.18 31.03 -5.00
CA THR C 350 -44.82 30.95 -3.69
C THR C 350 -43.98 30.06 -2.79
N LEU C 351 -43.54 30.62 -1.66
CA LEU C 351 -42.79 29.87 -0.67
C LEU C 351 -43.71 28.93 0.09
N ILE C 352 -43.25 27.69 0.30
CA ILE C 352 -43.96 26.72 1.15
C ILE C 352 -43.34 26.65 2.54
N GLU C 353 -42.01 26.55 2.60
CA GLU C 353 -41.27 26.67 3.86
C GLU C 353 -39.78 26.87 3.58
N ALA C 354 -39.08 27.39 4.58
CA ALA C 354 -37.63 27.53 4.50
C ALA C 354 -36.96 26.91 5.72
N GLU C 355 -35.80 26.30 5.49
CA GLU C 355 -34.91 25.87 6.57
C GLU C 355 -33.53 26.49 6.34
N ALA C 356 -32.65 26.39 7.33
CA ALA C 356 -31.36 27.07 7.23
C ALA C 356 -30.38 26.54 8.26
N CYS C 357 -29.10 26.79 8.02
CA CYS C 357 -28.09 26.46 9.00
C CYS C 357 -26.88 27.35 8.78
N ASP C 358 -26.01 27.39 9.79
CA ASP C 358 -24.73 28.07 9.62
C ASP C 358 -23.78 27.13 8.89
N VAL C 359 -23.00 27.68 7.97
CA VAL C 359 -22.07 26.89 7.20
C VAL C 359 -20.65 27.37 7.44
N GLY C 360 -19.79 26.46 7.84
CA GLY C 360 -18.36 26.74 7.97
C GLY C 360 -17.58 26.02 6.89
N PHE C 361 -16.92 26.78 6.03
CA PHE C 361 -16.08 26.19 5.01
C PHE C 361 -14.81 25.63 5.60
N ARG C 362 -14.80 24.33 5.85
CA ARG C 362 -13.59 23.67 6.33
C ARG C 362 -13.50 22.20 5.91
N GLU C 363 -12.25 21.74 5.77
CA GLU C 363 -11.96 20.35 5.46
C GLU C 363 -11.24 19.67 6.62
N VAL C 364 -11.76 18.51 7.02
CA VAL C 364 -11.08 17.65 7.96
C VAL C 364 -10.64 16.36 7.25
N ARG C 365 -9.34 16.09 7.28
CA ARG C 365 -8.84 14.82 6.76
C ARG C 365 -7.59 14.33 7.49
N ILE C 366 -7.38 13.03 7.44
CA ILE C 366 -6.14 12.45 7.93
C ILE C 366 -5.30 12.05 6.73
N GLU C 367 -4.06 12.53 6.71
CA GLU C 367 -3.16 12.26 5.60
C GLU C 367 -1.75 12.07 6.10
N ASN C 368 -1.14 10.98 5.66
CA ASN C 368 0.20 10.61 6.05
C ASN C 368 0.37 10.62 7.56
N GLY C 369 -0.66 10.15 8.26
CA GLY C 369 -0.65 10.06 9.72
C GLY C 369 -0.95 11.32 10.52
N LEU C 370 -1.44 12.37 9.86
CA LEU C 370 -1.71 13.62 10.55
C LEU C 370 -3.14 14.09 10.34
N LEU C 371 -3.76 14.61 11.39
CA LEU C 371 -5.09 15.21 11.30
C LEU C 371 -4.95 16.63 10.78
N LEU C 372 -5.52 16.88 9.61
CA LEU C 372 -5.42 18.20 9.00
C LEU C 372 -6.76 18.92 9.07
N LEU C 373 -6.71 20.20 9.40
CA LEU C 373 -7.83 21.09 9.18
C LEU C 373 -7.43 22.17 8.16
N ASN C 374 -8.16 22.20 7.05
CA ASN C 374 -7.81 23.07 5.90
C ASN C 374 -6.36 22.94 5.49
N GLY C 375 -5.91 21.68 5.41
CA GLY C 375 -4.56 21.35 4.97
C GLY C 375 -3.45 21.49 6.00
N LYS C 376 -3.78 21.97 7.21
CA LYS C 376 -2.77 22.26 8.23
C LYS C 376 -2.92 21.35 9.45
N PRO C 377 -1.79 20.88 10.02
CA PRO C 377 -1.92 19.92 11.13
C PRO C 377 -2.34 20.55 12.45
N LEU C 378 -3.39 19.99 13.06
CA LEU C 378 -3.98 20.55 14.28
C LEU C 378 -3.16 20.23 15.50
N LEU C 379 -3.18 21.16 16.45
CA LEU C 379 -2.71 20.89 17.80
C LEU C 379 -3.90 21.13 18.71
N ILE C 380 -4.47 20.01 19.20
CA ILE C 380 -5.72 20.03 19.95
C ILE C 380 -5.44 20.40 21.40
N ARG C 381 -5.91 21.58 21.79
CA ARG C 381 -5.91 22.01 23.18
C ARG C 381 -7.34 21.82 23.68
N GLY C 382 -7.67 20.58 24.04
CA GLY C 382 -9.04 20.25 24.32
C GLY C 382 -9.34 19.94 25.78
N VAL C 383 -10.63 19.83 26.07
CA VAL C 383 -11.11 19.43 27.39
C VAL C 383 -12.40 18.63 27.20
N ASN C 384 -12.61 17.62 28.05
CA ASN C 384 -13.92 16.97 28.13
C ASN C 384 -14.87 17.83 28.96
N ARG C 385 -16.10 18.01 28.48
CA ARG C 385 -17.11 18.75 29.24
C ARG C 385 -18.43 18.00 29.37
N HIS C 386 -18.72 17.57 30.59
CA HIS C 386 -20.04 17.06 30.93
C HIS C 386 -21.03 18.21 31.02
N GLU C 387 -22.33 17.90 30.87
CA GLU C 387 -23.41 18.89 31.03
C GLU C 387 -23.88 18.87 32.49
N HIS C 388 -23.35 19.79 33.30
CA HIS C 388 -23.60 19.77 34.73
C HIS C 388 -23.81 21.17 35.30
N HIS C 389 -24.85 21.31 36.11
CA HIS C 389 -25.13 22.54 36.84
C HIS C 389 -25.40 22.19 38.30
N PRO C 390 -24.75 22.90 39.25
CA PRO C 390 -24.85 22.50 40.66
C PRO C 390 -26.25 22.70 41.29
N LEU C 391 -27.09 23.53 40.68
CA LEU C 391 -28.48 23.72 41.13
C LEU C 391 -29.46 22.96 40.24
N HIS C 392 -29.26 23.03 38.92
CA HIS C 392 -30.23 22.50 37.96
C HIS C 392 -29.89 21.11 37.45
N GLY C 393 -28.78 20.55 37.91
CA GLY C 393 -28.42 19.17 37.63
C GLY C 393 -27.89 18.98 36.21
N GLN C 394 -28.70 18.37 35.35
CA GLN C 394 -28.27 18.10 33.98
C GLN C 394 -29.02 18.92 32.93
N VAL C 395 -29.73 19.92 33.43
CA VAL C 395 -30.41 20.91 32.60
C VAL C 395 -29.41 21.99 32.23
N MET C 396 -29.24 22.18 30.93
CA MET C 396 -28.33 23.19 30.41
C MET C 396 -29.07 24.44 29.97
N ASP C 397 -28.55 25.59 30.37
CA ASP C 397 -29.09 26.89 29.97
C ASP C 397 -28.05 27.60 29.10
N GLU C 398 -28.47 28.62 28.36
CA GLU C 398 -27.57 29.36 27.48
C GLU C 398 -26.48 30.10 28.23
N GLN C 399 -26.84 30.72 29.35
CA GLN C 399 -25.90 31.52 30.13
C GLN C 399 -24.68 30.70 30.55
N THR C 400 -24.92 29.52 31.10
CA THR C 400 -23.87 28.62 31.55
C THR C 400 -22.99 28.13 30.38
N MET C 401 -23.63 27.76 29.28
CA MET C 401 -22.94 27.30 28.08
C MET C 401 -21.98 28.35 27.54
N VAL C 402 -22.46 29.60 27.43
CA VAL C 402 -21.64 30.72 27.00
C VAL C 402 -20.50 30.98 27.98
N GLN C 403 -20.81 30.99 29.27
CA GLN C 403 -19.79 31.15 30.31
C GLN C 403 -18.67 30.08 30.15
N ASP C 404 -19.06 28.82 29.94
CA ASP C 404 -18.09 27.74 29.71
C ASP C 404 -17.19 28.00 28.49
N ILE C 405 -17.80 28.35 27.36
CA ILE C 405 -17.05 28.64 26.14
C ILE C 405 -16.11 29.83 26.31
N LEU C 406 -16.57 30.90 26.96
CA LEU C 406 -15.72 32.07 27.19
C LEU C 406 -14.50 31.70 28.02
N LEU C 407 -14.74 30.97 29.11
CA LEU C 407 -13.69 30.56 30.02
C LEU C 407 -12.70 29.64 29.35
N MET C 408 -13.22 28.75 28.50
CA MET C 408 -12.40 27.83 27.73
C MET C 408 -11.45 28.56 26.80
N LYS C 409 -12.00 29.52 26.05
CA LYS C 409 -11.24 30.22 25.02
C LYS C 409 -10.24 31.18 25.66
N GLN C 410 -10.64 31.79 26.77
CA GLN C 410 -9.75 32.66 27.54
C GLN C 410 -8.61 31.90 28.19
N ASN C 411 -8.74 30.58 28.24
CA ASN C 411 -7.73 29.75 28.87
C ASN C 411 -6.99 28.86 27.88
N ASN C 412 -7.04 29.30 26.62
CA ASN C 412 -6.30 28.72 25.52
C ASN C 412 -6.76 27.32 25.09
N PHE C 413 -8.04 26.99 25.33
CA PHE C 413 -8.64 25.78 24.77
C PHE C 413 -9.21 26.07 23.38
N ASN C 414 -9.03 25.13 22.44
CA ASN C 414 -9.63 25.26 21.10
C ASN C 414 -10.54 24.10 20.74
N ALA C 415 -10.73 23.19 21.70
CA ALA C 415 -11.50 21.98 21.43
C ALA C 415 -12.23 21.44 22.64
N VAL C 416 -13.32 20.72 22.37
CA VAL C 416 -14.13 20.15 23.42
C VAL C 416 -14.72 18.81 22.98
N ARG C 417 -14.76 17.86 23.90
CA ARG C 417 -15.36 16.56 23.64
C ARG C 417 -16.65 16.43 24.43
N CYS C 418 -17.72 16.03 23.75
CA CYS C 418 -19.02 15.83 24.39
C CYS C 418 -19.04 14.52 25.17
N SER C 419 -18.30 14.48 26.27
CA SER C 419 -18.24 13.28 27.11
C SER C 419 -19.53 13.17 27.94
N HIS C 420 -20.30 12.10 27.76
CA HIS C 420 -20.09 11.08 26.72
C HIS C 420 -21.43 10.84 26.06
N TYR C 421 -21.90 11.83 25.30
CA TYR C 421 -23.25 11.82 24.73
C TYR C 421 -23.47 13.07 23.90
N PRO C 422 -24.42 13.02 22.96
CA PRO C 422 -24.73 14.24 22.25
C PRO C 422 -25.28 15.29 23.22
N ASN C 423 -24.93 16.54 22.97
CA ASN C 423 -25.27 17.64 23.85
C ASN C 423 -26.56 18.35 23.45
N HIS C 424 -27.03 19.21 24.36
CA HIS C 424 -28.08 20.19 24.08
C HIS C 424 -27.79 20.81 22.73
N PRO C 425 -28.82 20.95 21.87
CA PRO C 425 -28.61 21.41 20.48
C PRO C 425 -27.92 22.78 20.33
N LEU C 426 -28.06 23.63 21.34
CA LEU C 426 -27.50 24.97 21.29
C LEU C 426 -25.98 24.96 21.42
N TRP C 427 -25.47 23.96 22.15
CA TRP C 427 -24.03 23.82 22.35
C TRP C 427 -23.25 23.89 21.04
N TYR C 428 -23.75 23.18 20.02
CA TYR C 428 -23.09 23.10 18.72
C TYR C 428 -23.12 24.44 17.99
N THR C 429 -24.26 25.13 18.09
CA THR C 429 -24.44 26.46 17.51
C THR C 429 -23.40 27.43 18.06
N LEU C 430 -23.21 27.36 19.37
CA LEU C 430 -22.26 28.21 20.06
C LEU C 430 -20.81 27.87 19.71
N CYS C 431 -20.50 26.57 19.61
CA CYS C 431 -19.17 26.16 19.16
C CYS C 431 -18.92 26.56 17.70
N ASP C 432 -19.97 26.51 16.86
CA ASP C 432 -19.88 27.01 15.48
C ASP C 432 -19.48 28.48 15.42
N ARG C 433 -20.11 29.30 16.26
CA ARG C 433 -19.98 30.76 16.18
C ARG C 433 -18.82 31.30 16.98
N TYR C 434 -18.54 30.72 18.14
CA TYR C 434 -17.36 31.14 18.94
C TYR C 434 -16.04 30.52 18.45
N GLY C 435 -16.13 29.37 17.79
CA GLY C 435 -14.94 28.66 17.28
C GLY C 435 -14.31 27.71 18.31
N LEU C 436 -14.87 26.51 18.38
CA LEU C 436 -14.23 25.37 19.07
C LEU C 436 -14.38 24.12 18.20
N TYR C 437 -13.36 23.30 18.14
CA TYR C 437 -13.47 21.99 17.50
C TYR C 437 -14.23 21.05 18.43
N VAL C 438 -15.17 20.28 17.88
CA VAL C 438 -16.00 19.39 18.70
C VAL C 438 -15.87 17.91 18.31
N VAL C 439 -15.73 17.06 19.32
CA VAL C 439 -15.92 15.62 19.18
C VAL C 439 -17.35 15.28 19.64
N ASP C 440 -18.21 14.94 18.69
CA ASP C 440 -19.59 14.53 18.97
C ASP C 440 -19.64 13.04 19.24
N GLU C 441 -20.16 12.68 20.41
CA GLU C 441 -20.03 11.32 20.93
C GLU C 441 -21.38 10.69 21.16
N ALA C 442 -21.59 9.52 20.57
CA ALA C 442 -22.80 8.75 20.76
C ALA C 442 -23.03 8.41 22.24
N ASN C 443 -24.29 8.46 22.66
CA ASN C 443 -24.66 8.13 24.03
C ASN C 443 -24.59 6.62 24.26
N ILE C 444 -23.36 6.09 24.32
CA ILE C 444 -23.12 4.65 24.56
C ILE C 444 -21.95 4.41 25.51
N GLU C 445 -22.27 3.97 26.72
CA GLU C 445 -21.25 3.54 27.67
C GLU C 445 -21.75 2.35 28.49
N THR C 446 -21.01 1.24 28.42
CA THR C 446 -21.36 0.01 29.16
C THR C 446 -20.25 -0.42 30.13
N HIS C 447 -19.64 0.56 30.81
CA HIS C 447 -18.44 0.34 31.62
C HIS C 447 -18.55 -0.79 32.66
N GLY C 448 -19.72 -0.93 33.24
CA GLY C 448 -19.93 -1.86 34.35
C GLY C 448 -20.20 -3.30 33.97
N MET C 449 -20.30 -3.57 32.67
CA MET C 449 -20.40 -4.94 32.17
C MET C 449 -19.11 -5.69 32.43
N VAL C 450 -19.22 -7.02 32.51
CA VAL C 450 -18.04 -7.89 32.67
C VAL C 450 -18.12 -9.00 31.63
N PRO C 451 -17.19 -9.01 30.65
CA PRO C 451 -16.17 -7.99 30.37
C PRO C 451 -16.82 -6.74 29.79
N MET C 452 -16.06 -5.68 29.57
CA MET C 452 -16.62 -4.40 29.12
C MET C 452 -17.43 -4.46 27.82
N ASN C 453 -17.06 -5.36 26.89
CA ASN C 453 -17.77 -5.49 25.62
C ASN C 453 -18.93 -6.51 25.60
N ARG C 454 -19.39 -6.95 26.77
CA ARG C 454 -20.40 -8.01 26.79
C ARG C 454 -21.59 -7.69 25.89
N LEU C 455 -22.06 -6.45 25.97
CA LEU C 455 -23.22 -6.01 25.18
C LEU C 455 -22.83 -5.56 23.78
N THR C 456 -21.71 -4.86 23.65
CA THR C 456 -21.29 -4.31 22.35
C THR C 456 -20.75 -5.36 21.37
N ASP C 457 -20.48 -6.58 21.85
CA ASP C 457 -20.09 -7.67 20.95
C ASP C 457 -21.29 -8.57 20.63
N ASP C 458 -22.43 -8.25 21.25
CA ASP C 458 -23.68 -9.00 21.13
C ASP C 458 -24.58 -8.42 20.04
N PRO C 459 -24.85 -9.20 18.97
CA PRO C 459 -25.63 -8.68 17.84
C PRO C 459 -27.05 -8.29 18.21
N ARG C 460 -27.58 -8.81 19.30
CA ARG C 460 -28.93 -8.44 19.73
C ARG C 460 -28.99 -6.99 20.20
N TRP C 461 -27.86 -6.46 20.65
CA TRP C 461 -27.78 -5.07 21.08
C TRP C 461 -27.28 -4.10 19.99
N LEU C 462 -27.15 -4.60 18.76
CA LEU C 462 -26.70 -3.77 17.65
C LEU C 462 -27.75 -2.72 17.24
N PRO C 463 -29.03 -3.11 17.15
CA PRO C 463 -30.09 -2.14 16.85
C PRO C 463 -30.13 -0.92 17.82
N ALA C 464 -30.11 -1.18 19.12
CA ALA C 464 -30.13 -0.10 20.11
C ALA C 464 -28.89 0.79 19.99
N MET C 465 -27.72 0.19 19.82
CA MET C 465 -26.50 0.96 19.61
C MET C 465 -26.53 1.77 18.33
N SER C 466 -27.04 1.18 17.25
CA SER C 466 -27.05 1.85 15.95
C SER C 466 -27.88 3.14 15.98
N GLU C 467 -29.00 3.09 16.69
CA GLU C 467 -29.86 4.26 16.80
C GLU C 467 -29.15 5.38 17.55
N ARG C 468 -28.32 5.01 18.51
CA ARG C 468 -27.55 6.00 19.26
C ARG C 468 -26.48 6.68 18.40
N VAL C 469 -25.90 5.93 17.46
CA VAL C 469 -24.92 6.48 16.53
C VAL C 469 -25.57 7.20 15.35
N THR C 470 -26.53 6.56 14.69
CA THR C 470 -27.09 7.07 13.44
C THR C 470 -27.87 8.36 13.66
N ARG C 471 -28.68 8.38 14.71
CA ARG C 471 -29.53 9.53 15.00
C ARG C 471 -28.72 10.77 15.44
N MET C 472 -27.52 10.54 15.98
CA MET C 472 -26.58 11.62 16.27
C MET C 472 -26.03 12.25 14.98
N VAL C 473 -25.55 11.40 14.07
CA VAL C 473 -25.05 11.88 12.78
C VAL C 473 -26.13 12.63 12.02
N GLN C 474 -27.33 12.06 11.95
CA GLN C 474 -28.46 12.71 11.27
C GLN C 474 -28.82 14.06 11.90
N ARG C 475 -28.61 14.19 13.20
CA ARG C 475 -28.89 15.45 13.87
C ARG C 475 -27.81 16.52 13.62
N ASP C 476 -26.55 16.13 13.76
CA ASP C 476 -25.44 17.09 13.92
C ASP C 476 -24.48 17.26 12.72
N ARG C 477 -24.75 16.57 11.62
CA ARG C 477 -23.79 16.50 10.50
C ARG C 477 -23.57 17.80 9.74
N ASN C 478 -24.42 18.79 9.98
CA ASN C 478 -24.30 20.09 9.32
C ASN C 478 -23.52 21.12 10.14
N HIS C 479 -23.15 20.77 11.37
CA HIS C 479 -22.39 21.71 12.22
C HIS C 479 -20.89 21.69 11.89
N PRO C 480 -20.34 22.84 11.47
CA PRO C 480 -18.92 22.88 11.13
C PRO C 480 -18.00 22.61 12.33
N SER C 481 -18.47 22.95 13.52
CA SER C 481 -17.68 22.76 14.74
C SER C 481 -17.41 21.29 15.06
N VAL C 482 -18.31 20.41 14.61
CA VAL C 482 -18.11 18.97 14.77
C VAL C 482 -17.13 18.52 13.70
N ILE C 483 -15.94 18.09 14.14
CA ILE C 483 -14.85 17.69 13.25
C ILE C 483 -14.51 16.20 13.37
N ILE C 484 -14.98 15.57 14.45
CA ILE C 484 -14.74 14.14 14.74
C ILE C 484 -15.98 13.49 15.37
N TRP C 485 -16.40 12.35 14.82
CA TRP C 485 -17.44 11.52 15.44
C TRP C 485 -16.81 10.51 16.40
N SER C 486 -17.46 10.28 17.54
CA SER C 486 -17.00 9.23 18.45
C SER C 486 -18.09 8.17 18.66
N LEU C 487 -17.68 6.92 18.80
CA LEU C 487 -18.65 5.82 18.89
C LEU C 487 -19.18 5.62 20.33
N GLY C 488 -18.72 6.44 21.26
CA GLY C 488 -19.14 6.31 22.63
C GLY C 488 -17.97 6.18 23.57
N SER C 489 -18.19 5.52 24.70
CA SER C 489 -17.27 5.59 25.83
C SER C 489 -17.22 4.26 26.58
N GLU C 490 -16.02 3.86 26.95
CA GLU C 490 -15.77 2.73 27.85
C GLU C 490 -16.85 1.63 27.74
N SER C 491 -16.82 0.96 26.59
CA SER C 491 -17.75 -0.12 26.27
C SER C 491 -16.98 -1.27 25.63
N GLY C 492 -15.69 -1.33 25.96
CA GLY C 492 -14.79 -2.32 25.38
C GLY C 492 -14.74 -2.16 23.87
N HIS C 493 -14.40 -3.24 23.18
CA HIS C 493 -14.49 -3.27 21.73
C HIS C 493 -15.24 -4.51 21.27
N GLY C 494 -16.39 -4.30 20.65
CA GLY C 494 -17.16 -5.39 20.10
C GLY C 494 -17.40 -5.19 18.63
N ALA C 495 -17.91 -6.22 17.97
CA ALA C 495 -18.19 -6.17 16.54
C ALA C 495 -19.19 -5.06 16.19
N ASN C 496 -20.09 -4.74 17.11
CA ASN C 496 -21.08 -3.69 16.86
C ASN C 496 -20.41 -2.34 16.59
N HIS C 497 -19.28 -2.09 17.28
CA HIS C 497 -18.43 -0.91 17.05
C HIS C 497 -17.84 -0.88 15.63
N ASP C 498 -17.33 -2.03 15.19
CA ASP C 498 -16.81 -2.15 13.83
C ASP C 498 -17.86 -1.80 12.76
N ALA C 499 -19.05 -2.37 12.89
CA ALA C 499 -20.13 -2.13 11.94
C ALA C 499 -20.56 -0.66 11.92
N LEU C 500 -20.67 -0.04 13.09
CA LEU C 500 -21.11 1.35 13.18
C LEU C 500 -20.02 2.35 12.80
N TYR C 501 -18.76 2.01 13.10
CA TYR C 501 -17.61 2.72 12.54
C TYR C 501 -17.77 2.84 11.02
N ARG C 502 -18.00 1.70 10.36
CA ARG C 502 -18.12 1.64 8.91
C ARG C 502 -19.36 2.38 8.41
N TRP C 503 -20.47 2.25 9.12
CA TRP C 503 -21.68 3.00 8.75
C TRP C 503 -21.37 4.50 8.63
N ILE C 504 -20.72 5.08 9.65
CA ILE C 504 -20.39 6.51 9.64
C ILE C 504 -19.44 6.86 8.51
N LYS C 505 -18.41 6.03 8.31
CA LYS C 505 -17.45 6.20 7.21
C LYS C 505 -18.11 6.24 5.84
N SER C 506 -19.22 5.52 5.67
CA SER C 506 -19.95 5.49 4.39
C SER C 506 -20.84 6.71 4.23
N VAL C 507 -21.53 7.06 5.32
CA VAL C 507 -22.53 8.10 5.32
C VAL C 507 -21.89 9.50 5.39
N ASP C 508 -20.81 9.63 6.15
CA ASP C 508 -20.15 10.93 6.28
C ASP C 508 -18.63 10.80 6.20
N PRO C 509 -18.10 10.81 4.96
CA PRO C 509 -16.65 10.77 4.71
C PRO C 509 -15.92 12.02 5.21
N SER C 510 -16.65 13.09 5.50
CA SER C 510 -16.03 14.40 5.78
C SER C 510 -15.33 14.49 7.15
N ARG C 511 -15.55 13.49 8.01
CA ARG C 511 -15.02 13.52 9.38
C ARG C 511 -14.41 12.18 9.81
N PRO C 512 -13.25 12.21 10.47
CA PRO C 512 -12.68 11.00 11.07
C PRO C 512 -13.61 10.43 12.15
N VAL C 513 -13.49 9.12 12.40
CA VAL C 513 -14.25 8.44 13.45
C VAL C 513 -13.25 7.93 14.48
N GLN C 514 -13.51 8.23 15.77
CA GLN C 514 -12.67 7.70 16.84
C GLN C 514 -13.48 6.95 17.89
N TYR C 515 -12.78 6.06 18.58
CA TYR C 515 -13.34 5.30 19.70
C TYR C 515 -12.18 4.72 20.49
N GLU C 516 -12.22 4.87 21.81
CA GLU C 516 -11.10 4.45 22.67
C GLU C 516 -11.20 3.00 23.19
N GLY C 517 -12.40 2.42 23.18
CA GLY C 517 -12.62 1.09 23.77
C GLY C 517 -11.77 -0.02 23.19
N GLY C 518 -11.39 -0.97 24.05
CA GLY C 518 -10.64 -2.14 23.65
C GLY C 518 -9.17 -1.89 23.39
N GLY C 519 -8.63 -0.79 23.94
CA GLY C 519 -7.20 -0.54 23.82
C GLY C 519 -6.76 0.62 22.94
N ALA C 520 -7.71 1.47 22.53
CA ALA C 520 -7.44 2.79 21.89
C ALA C 520 -6.86 2.82 20.48
N ASP C 521 -6.58 1.65 19.90
CA ASP C 521 -5.97 1.55 18.57
C ASP C 521 -6.58 0.45 17.72
N THR C 522 -7.83 0.13 18.00
CA THR C 522 -8.52 -0.95 17.34
C THR C 522 -8.92 -0.55 15.93
N THR C 523 -9.61 -1.45 15.24
CA THR C 523 -10.05 -1.21 13.86
C THR C 523 -11.26 -0.29 13.80
N ALA C 524 -11.75 0.14 14.96
CA ALA C 524 -12.92 1.02 15.02
C ALA C 524 -12.55 2.48 15.29
N THR C 525 -11.27 2.82 15.13
CA THR C 525 -10.82 4.19 15.33
C THR C 525 -9.79 4.64 14.27
N ASP C 526 -9.96 5.87 13.78
CA ASP C 526 -9.03 6.48 12.83
C ASP C 526 -7.89 7.19 13.55
N ILE C 527 -8.04 7.31 14.86
CA ILE C 527 -7.16 8.08 15.69
C ILE C 527 -6.82 7.23 16.90
N ILE C 528 -5.53 7.05 17.17
CA ILE C 528 -5.14 6.44 18.44
C ILE C 528 -5.56 7.41 19.55
N CYS C 529 -6.52 7.01 20.38
CA CYS C 529 -7.12 7.94 21.32
C CYS C 529 -7.20 7.43 22.76
N PRO C 530 -6.04 7.09 23.35
CA PRO C 530 -6.04 6.51 24.68
C PRO C 530 -6.51 7.49 25.74
N MET C 531 -6.90 6.94 26.88
CA MET C 531 -7.16 7.75 28.06
C MET C 531 -6.05 7.50 29.07
N TYR C 532 -5.48 8.59 29.58
CA TYR C 532 -4.46 8.57 30.66
C TYR C 532 -3.23 7.75 30.32
N ALA C 533 -2.94 7.63 29.03
CA ALA C 533 -1.63 7.15 28.59
C ALA C 533 -0.60 8.23 28.95
N ARG C 534 0.50 7.79 29.54
CA ARG C 534 1.57 8.66 30.02
C ARG C 534 2.57 9.03 28.92
N VAL C 535 3.41 10.02 29.20
CA VAL C 535 4.32 10.55 28.20
C VAL C 535 5.46 9.58 27.90
N ASP C 536 6.16 9.18 28.94
CA ASP C 536 7.34 8.33 28.80
C ASP C 536 7.14 6.97 29.41
N GLU C 537 6.24 6.88 30.38
CA GLU C 537 6.04 5.66 31.14
C GLU C 537 5.03 4.74 30.48
N ASP C 538 5.42 3.49 30.26
CA ASP C 538 4.47 2.46 29.79
C ASP C 538 3.65 1.93 30.96
N GLN C 539 2.39 1.59 30.67
CA GLN C 539 1.58 0.80 31.59
C GLN C 539 1.08 -0.43 30.83
N PRO C 540 1.84 -1.55 30.90
CA PRO C 540 1.53 -2.71 30.07
C PRO C 540 0.45 -3.64 30.64
N PHE C 541 -0.77 -3.12 30.82
CA PHE C 541 -1.90 -3.96 31.18
C PHE C 541 -2.12 -5.06 30.12
N PRO C 542 -2.48 -6.28 30.55
CA PRO C 542 -2.81 -7.33 29.61
C PRO C 542 -3.98 -6.93 28.71
N ALA C 543 -3.89 -7.28 27.43
CA ALA C 543 -4.95 -7.05 26.44
C ALA C 543 -5.17 -5.59 26.03
N VAL C 544 -5.18 -4.67 27.00
CA VAL C 544 -5.43 -3.26 26.76
C VAL C 544 -4.34 -2.36 27.35
N PRO C 545 -3.09 -2.51 26.88
CA PRO C 545 -1.99 -1.70 27.42
C PRO C 545 -2.12 -0.22 27.08
N LYS C 546 -1.59 0.61 27.98
CA LYS C 546 -1.45 2.04 27.74
C LYS C 546 0.03 2.32 27.59
N TRP C 547 0.49 2.30 26.34
CA TRP C 547 1.89 2.60 26.02
C TRP C 547 2.19 4.06 26.29
N SER C 548 3.44 4.38 26.58
CA SER C 548 3.88 5.76 26.50
C SER C 548 3.43 6.30 25.13
N ILE C 549 2.90 7.51 25.08
CA ILE C 549 2.35 8.05 23.82
C ILE C 549 3.42 8.17 22.73
N LYS C 550 4.66 8.42 23.15
CA LYS C 550 5.76 8.56 22.22
C LYS C 550 6.13 7.19 21.62
N LYS C 551 6.03 6.15 22.45
CA LYS C 551 6.30 4.79 22.00
C LYS C 551 5.17 4.28 21.11
N TRP C 552 3.94 4.60 21.49
CA TRP C 552 2.76 4.12 20.79
C TRP C 552 2.79 4.45 19.30
N LEU C 553 3.18 5.69 18.97
CA LEU C 553 3.24 6.14 17.58
C LEU C 553 4.08 5.24 16.67
N SER C 554 5.21 4.79 17.20
CA SER C 554 6.20 4.08 16.40
C SER C 554 6.15 2.56 16.52
N LEU C 555 5.08 2.03 17.14
CA LEU C 555 4.88 0.58 17.18
C LEU C 555 4.85 -0.02 15.75
N PRO C 556 5.44 -1.21 15.58
CA PRO C 556 5.50 -1.81 14.24
C PRO C 556 4.18 -1.72 13.48
N GLY C 557 4.20 -1.06 12.33
CA GLY C 557 3.03 -0.93 11.47
C GLY C 557 2.05 0.19 11.78
N GLU C 558 2.23 0.89 12.90
CA GLU C 558 1.32 1.97 13.28
C GLU C 558 1.65 3.25 12.52
N THR C 559 0.61 3.93 12.04
CA THR C 559 0.75 5.10 11.19
C THR C 559 -0.15 6.26 11.64
N ARG C 560 -1.14 5.97 12.48
CA ARG C 560 -2.22 6.92 12.76
C ARG C 560 -1.76 8.04 13.69
N PRO C 561 -2.44 9.21 13.63
CA PRO C 561 -2.13 10.27 14.61
C PRO C 561 -2.60 9.84 16.00
N LEU C 562 -2.02 10.46 17.04
CA LEU C 562 -2.42 10.16 18.41
C LEU C 562 -2.91 11.42 19.10
N ILE C 563 -4.15 11.38 19.56
CA ILE C 563 -4.78 12.47 20.29
C ILE C 563 -5.50 11.83 21.48
N LEU C 564 -5.10 12.18 22.69
CA LEU C 564 -5.68 11.57 23.88
C LEU C 564 -7.14 12.00 24.03
N CYS C 565 -8.06 11.03 24.07
CA CYS C 565 -9.47 11.36 24.33
C CYS C 565 -9.61 11.90 25.75
N GLU C 566 -8.71 11.48 26.65
CA GLU C 566 -8.70 11.90 28.04
C GLU C 566 -7.27 11.86 28.60
N TYR C 567 -6.89 12.92 29.32
CA TYR C 567 -5.57 12.97 29.95
C TYR C 567 -5.57 14.04 31.04
N ALA C 568 -4.55 13.95 31.89
CA ALA C 568 -4.29 14.91 32.96
C ALA C 568 -5.53 15.05 33.84
N HIS C 569 -5.83 13.97 34.56
CA HIS C 569 -7.02 13.87 35.41
C HIS C 569 -7.01 14.95 36.52
N ALA C 570 -7.92 15.90 36.41
CA ALA C 570 -7.82 17.14 37.20
C ALA C 570 -8.60 17.08 38.52
N MET C 571 -8.45 15.96 39.24
CA MET C 571 -9.20 15.67 40.47
C MET C 571 -8.52 16.31 41.68
N GLY C 572 -9.23 17.24 42.31
CA GLY C 572 -8.67 18.00 43.45
C GLY C 572 -7.38 18.69 43.05
N ASN C 573 -6.41 18.64 43.95
CA ASN C 573 -5.12 19.22 43.72
C ASN C 573 -4.31 18.39 42.72
N SER C 574 -4.45 18.72 41.45
CA SER C 574 -3.91 17.89 40.38
C SER C 574 -3.24 18.66 39.23
N LEU C 575 -3.09 17.99 38.09
CA LEU C 575 -2.35 18.50 36.91
C LEU C 575 -0.84 18.56 37.11
N GLY C 576 -0.32 17.76 38.03
CA GLY C 576 1.13 17.59 38.15
C GLY C 576 1.63 16.88 36.91
N GLY C 577 2.69 17.41 36.31
CA GLY C 577 3.23 16.85 35.07
C GLY C 577 2.56 17.28 33.76
N PHE C 578 1.74 18.33 33.81
CA PHE C 578 1.02 18.80 32.61
C PHE C 578 1.98 19.29 31.53
N ALA C 579 3.02 20.01 31.94
CA ALA C 579 4.04 20.54 31.03
C ALA C 579 4.72 19.44 30.21
N LYS C 580 4.89 18.27 30.84
CA LYS C 580 5.53 17.14 30.17
C LYS C 580 4.75 16.72 28.91
N TYR C 581 3.42 16.75 28.98
CA TYR C 581 2.57 16.45 27.82
C TYR C 581 2.81 17.46 26.71
N TRP C 582 2.74 18.74 27.06
CA TRP C 582 2.81 19.78 26.04
C TRP C 582 4.15 19.83 25.33
N GLN C 583 5.23 19.60 26.07
CA GLN C 583 6.58 19.50 25.49
C GLN C 583 6.61 18.43 24.40
N ALA C 584 5.98 17.28 24.68
CA ALA C 584 5.92 16.15 23.77
C ALA C 584 4.98 16.39 22.59
N PHE C 585 3.78 16.95 22.87
CA PHE C 585 2.87 17.39 21.83
C PHE C 585 3.60 18.30 20.83
N ARG C 586 4.48 19.17 21.31
CA ARG C 586 5.12 20.12 20.40
C ARG C 586 6.30 19.51 19.67
N GLN C 587 6.93 18.50 20.26
CA GLN C 587 8.12 17.89 19.65
C GLN C 587 7.76 16.89 18.56
N TYR C 588 6.68 16.14 18.77
CA TYR C 588 6.28 15.02 17.91
C TYR C 588 5.14 15.42 17.00
N PRO C 589 5.39 15.44 15.68
CA PRO C 589 4.31 15.84 14.79
C PRO C 589 3.01 15.04 15.01
N ARG C 590 3.11 13.72 15.15
CA ARG C 590 1.92 12.88 15.26
C ARG C 590 1.26 12.84 16.65
N LEU C 591 1.88 13.51 17.64
CA LEU C 591 1.21 13.78 18.91
C LEU C 591 0.45 15.08 18.77
N GLN C 592 -0.84 14.99 18.50
CA GLN C 592 -1.57 16.17 18.13
C GLN C 592 -2.47 16.69 19.24
N GLY C 593 -2.13 16.29 20.47
CA GLY C 593 -2.71 16.90 21.67
C GLY C 593 -3.63 15.96 22.42
N GLY C 594 -4.71 16.53 22.98
CA GLY C 594 -5.66 15.76 23.74
C GLY C 594 -6.70 16.59 24.46
N PHE C 595 -7.56 15.89 25.21
CA PHE C 595 -8.70 16.49 25.88
C PHE C 595 -8.58 16.23 27.38
N VAL C 596 -8.28 17.28 28.16
CA VAL C 596 -8.18 17.15 29.61
C VAL C 596 -9.43 16.56 30.23
N TRP C 597 -9.26 15.72 31.26
CA TRP C 597 -10.38 15.28 32.09
C TRP C 597 -10.37 15.94 33.45
N ASP C 598 -11.33 16.84 33.72
CA ASP C 598 -12.29 17.34 32.75
C ASP C 598 -12.60 18.80 33.08
N TRP C 599 -13.63 19.36 32.49
CA TRP C 599 -13.88 20.79 32.63
C TRP C 599 -14.39 21.24 34.01
N VAL C 600 -15.47 20.62 34.49
CA VAL C 600 -16.16 21.13 35.68
C VAL C 600 -16.54 20.05 36.69
N ASP C 601 -16.20 20.29 37.96
CA ASP C 601 -16.61 19.42 39.08
C ASP C 601 -18.10 19.11 39.02
N GLN C 602 -18.45 17.84 39.26
CA GLN C 602 -19.84 17.46 39.33
C GLN C 602 -20.38 17.49 40.77
N SER C 603 -20.19 18.62 41.45
CA SER C 603 -20.72 18.77 42.80
C SER C 603 -22.11 19.38 42.75
N LEU C 604 -22.95 19.02 43.70
CA LEU C 604 -24.31 19.55 43.81
C LEU C 604 -24.47 20.41 45.04
N ILE C 605 -25.36 21.39 44.96
CA ILE C 605 -25.68 22.26 46.12
C ILE C 605 -26.67 21.59 47.07
N LYS C 606 -26.25 21.45 48.33
CA LYS C 606 -27.16 21.15 49.42
C LYS C 606 -27.25 22.35 50.39
N TYR C 607 -28.03 22.23 51.46
CA TYR C 607 -28.24 23.33 52.41
C TYR C 607 -28.21 22.85 53.86
N ASP C 608 -27.40 23.52 54.69
CA ASP C 608 -27.37 23.24 56.14
C ASP C 608 -28.61 23.79 56.85
N GLU C 609 -28.65 23.66 58.18
CA GLU C 609 -29.81 24.12 58.95
C GLU C 609 -30.00 25.65 58.96
N ASN C 610 -28.93 26.39 58.72
CA ASN C 610 -29.01 27.86 58.53
C ASN C 610 -29.48 28.24 57.12
N GLY C 611 -29.69 27.25 56.26
CA GLY C 611 -30.04 27.51 54.86
C GLY C 611 -28.88 27.99 53.99
N ASN C 612 -27.64 27.81 54.47
CA ASN C 612 -26.47 28.15 53.66
C ASN C 612 -26.08 27.00 52.74
N PRO C 613 -25.74 27.32 51.48
CA PRO C 613 -25.42 26.26 50.51
C PRO C 613 -24.02 25.65 50.75
N TRP C 614 -23.90 24.35 50.50
CA TRP C 614 -22.60 23.67 50.48
C TRP C 614 -22.47 22.67 49.34
N SER C 615 -21.23 22.43 48.92
CA SER C 615 -20.94 21.53 47.80
C SER C 615 -20.96 20.07 48.24
N ALA C 616 -21.86 19.31 47.62
CA ALA C 616 -22.06 17.91 47.96
C ALA C 616 -21.56 17.00 46.84
N TYR C 617 -21.13 15.81 47.23
CA TYR C 617 -20.70 14.80 46.28
C TYR C 617 -21.34 13.44 46.55
N GLY C 618 -20.71 12.38 46.05
CA GLY C 618 -21.25 11.04 46.19
C GLY C 618 -21.47 10.65 47.63
N GLY C 619 -22.69 10.19 47.93
CA GLY C 619 -23.06 9.74 49.28
C GLY C 619 -23.91 10.73 50.05
N ASP C 620 -23.88 11.99 49.63
CA ASP C 620 -24.52 13.09 50.38
C ASP C 620 -26.05 13.16 50.20
N PHE C 621 -26.62 12.25 49.43
CA PHE C 621 -28.07 12.21 49.22
C PHE C 621 -28.67 10.91 49.71
N GLY C 622 -27.91 10.17 50.51
CA GLY C 622 -28.30 8.83 50.95
C GLY C 622 -28.13 7.82 49.83
N ASP C 623 -27.42 8.22 48.77
CA ASP C 623 -27.11 7.33 47.65
C ASP C 623 -26.04 6.30 48.02
N THR C 624 -26.41 5.03 47.92
CA THR C 624 -25.55 3.91 48.28
C THR C 624 -25.85 2.69 47.42
N PRO C 625 -24.80 2.00 46.91
CA PRO C 625 -23.38 2.37 46.97
C PRO C 625 -23.10 3.64 46.16
N ASN C 626 -21.96 4.26 46.40
CA ASN C 626 -21.57 5.49 45.71
C ASN C 626 -20.07 5.61 45.59
N ASP C 627 -19.60 6.47 44.68
CA ASP C 627 -18.15 6.65 44.51
C ASP C 627 -17.59 7.99 45.02
N ARG C 628 -18.27 8.57 46.03
CA ARG C 628 -17.77 9.70 46.80
C ARG C 628 -17.37 10.88 45.93
N GLN C 629 -16.16 11.39 46.13
CA GLN C 629 -15.70 12.59 45.42
C GLN C 629 -15.18 12.33 43.99
N PHE C 630 -15.28 11.10 43.51
CA PHE C 630 -14.79 10.81 42.18
C PHE C 630 -15.55 11.52 41.06
N CYS C 631 -16.64 12.19 41.43
CA CYS C 631 -17.41 13.00 40.50
C CYS C 631 -16.82 14.39 40.31
N MET C 632 -15.83 14.75 41.11
CA MET C 632 -15.22 16.08 41.01
C MET C 632 -13.81 15.96 40.47
N ASN C 633 -13.68 16.17 39.15
CA ASN C 633 -12.39 16.06 38.47
C ASN C 633 -12.10 17.30 37.63
N GLY C 634 -12.78 18.40 37.96
CA GLY C 634 -12.76 19.59 37.11
C GLY C 634 -11.61 20.58 37.24
N LEU C 635 -11.35 21.29 36.14
CA LEU C 635 -10.48 22.44 36.14
C LEU C 635 -11.16 23.64 36.81
N VAL C 636 -12.49 23.67 36.81
CA VAL C 636 -13.25 24.69 37.52
C VAL C 636 -14.24 24.07 38.51
N PHE C 637 -14.54 24.79 39.60
CA PHE C 637 -15.58 24.38 40.53
C PHE C 637 -16.94 24.41 39.82
N ALA C 638 -17.95 23.78 40.41
CA ALA C 638 -19.28 23.72 39.80
C ALA C 638 -19.85 25.09 39.42
N ASP C 639 -19.53 26.13 40.19
CA ASP C 639 -20.01 27.47 39.91
C ASP C 639 -19.12 28.22 38.91
N ARG C 640 -18.09 27.53 38.41
CA ARG C 640 -17.20 28.01 37.35
C ARG C 640 -16.04 28.90 37.83
N THR C 641 -15.86 28.99 39.15
CA THR C 641 -14.65 29.54 39.72
C THR C 641 -13.49 28.60 39.39
N PRO C 642 -12.36 29.16 38.93
CA PRO C 642 -11.25 28.26 38.57
C PRO C 642 -10.55 27.61 39.76
N HIS C 643 -10.26 26.33 39.63
CA HIS C 643 -9.21 25.67 40.40
C HIS C 643 -7.87 26.29 39.95
N PRO C 644 -6.82 26.26 40.80
CA PRO C 644 -5.49 26.73 40.38
C PRO C 644 -4.95 26.08 39.09
N ALA C 645 -5.28 24.81 38.85
CA ALA C 645 -4.75 24.07 37.71
C ALA C 645 -5.08 24.70 36.36
N LEU C 646 -6.18 25.45 36.31
CA LEU C 646 -6.61 26.09 35.08
C LEU C 646 -5.53 27.02 34.48
N THR C 647 -4.79 27.71 35.34
CA THR C 647 -3.77 28.64 34.86
C THR C 647 -2.55 27.89 34.29
N GLU C 648 -2.27 26.72 34.87
CA GLU C 648 -1.23 25.84 34.34
C GLU C 648 -1.64 25.35 32.94
N ALA C 649 -2.93 25.03 32.78
CA ALA C 649 -3.43 24.64 31.45
C ALA C 649 -3.31 25.80 30.47
N LYS C 650 -3.76 26.98 30.90
CA LYS C 650 -3.69 28.18 30.04
C LYS C 650 -2.29 28.41 29.51
N HIS C 651 -1.31 28.32 30.41
CA HIS C 651 0.08 28.60 30.12
C HIS C 651 0.69 27.58 29.15
N GLN C 652 0.48 26.29 29.39
CA GLN C 652 1.04 25.27 28.51
C GLN C 652 0.39 25.28 27.12
N GLN C 653 -0.85 25.75 27.05
CA GLN C 653 -1.64 25.80 25.81
C GLN C 653 -1.51 27.13 25.05
N GLN C 654 -0.57 27.98 25.50
CA GLN C 654 -0.24 29.22 24.79
C GLN C 654 -0.01 29.02 23.30
N PHE C 655 -0.38 30.03 22.51
CA PHE C 655 -0.25 29.96 21.05
C PHE C 655 1.00 30.70 20.56
N PHE C 656 1.74 31.29 21.49
CA PHE C 656 3.04 31.89 21.18
C PHE C 656 4.11 31.20 22.01
N GLN C 657 5.20 30.82 21.35
CA GLN C 657 6.38 30.25 22.01
C GLN C 657 7.51 31.26 21.97
N PHE C 658 8.33 31.26 23.02
CA PHE C 658 9.39 32.27 23.17
C PHE C 658 10.73 31.64 23.41
N ARG C 659 11.76 32.24 22.82
CA ARG C 659 13.14 31.88 23.13
C ARG C 659 13.92 33.17 23.36
N LEU C 660 14.91 33.11 24.24
CA LEU C 660 15.75 34.26 24.51
C LEU C 660 17.19 33.95 24.15
N SER C 661 17.80 34.85 23.39
CA SER C 661 19.24 34.80 23.14
C SER C 661 19.83 36.18 23.35
N GLY C 662 20.60 36.33 24.43
CA GLY C 662 21.19 37.61 24.80
C GLY C 662 20.12 38.58 25.22
N GLN C 663 19.81 39.52 24.33
CA GLN C 663 18.72 40.47 24.54
C GLN C 663 17.70 40.44 23.41
N THR C 664 17.79 39.41 22.56
CA THR C 664 16.80 39.19 21.52
C THR C 664 15.76 38.16 21.95
N ILE C 665 14.50 38.58 21.97
CA ILE C 665 13.38 37.68 22.17
C ILE C 665 12.85 37.22 20.82
N GLU C 666 12.75 35.90 20.65
CA GLU C 666 12.16 35.29 19.47
C GLU C 666 10.76 34.75 19.80
N VAL C 667 9.75 35.27 19.10
CA VAL C 667 8.37 34.85 19.25
C VAL C 667 7.97 34.00 18.04
N THR C 668 7.45 32.80 18.31
CA THR C 668 7.00 31.89 17.26
C THR C 668 5.49 31.69 17.45
N SER C 669 4.74 31.86 16.36
CA SER C 669 3.29 31.70 16.41
C SER C 669 2.96 30.25 16.15
N GLU C 670 2.04 29.71 16.94
CA GLU C 670 1.50 28.36 16.73
C GLU C 670 0.12 28.39 16.10
N TYR C 671 -0.34 29.58 15.73
CA TYR C 671 -1.54 29.70 14.90
C TYR C 671 -1.28 29.12 13.52
N LEU C 672 -2.33 28.53 12.95
CA LEU C 672 -2.24 27.89 11.64
C LEU C 672 -2.78 28.81 10.56
N PHE C 673 -3.69 29.69 10.93
CA PHE C 673 -4.42 30.50 9.97
C PHE C 673 -4.29 32.02 10.20
N ARG C 674 -4.54 32.49 11.43
CA ARG C 674 -4.56 33.94 11.67
C ARG C 674 -3.17 34.57 11.86
N HIS C 675 -3.09 35.84 11.51
CA HIS C 675 -1.92 36.68 11.78
C HIS C 675 -2.11 37.24 13.18
N SER C 676 -1.02 37.62 13.85
CA SER C 676 -1.18 38.20 15.19
C SER C 676 -1.66 39.65 15.12
N ASP C 677 -2.93 39.85 14.76
CA ASP C 677 -3.47 41.19 14.53
C ASP C 677 -4.23 41.78 15.72
N ASN C 678 -4.13 41.13 16.87
CA ASN C 678 -4.70 41.68 18.10
C ASN C 678 -3.80 41.36 19.28
N GLU C 679 -2.53 41.70 19.13
CA GLU C 679 -1.50 41.27 20.07
C GLU C 679 -0.40 42.31 20.25
N LEU C 680 -0.11 42.66 21.49
CA LEU C 680 1.16 43.35 21.74
C LEU C 680 1.98 42.71 22.87
N LEU C 681 3.30 42.82 22.77
CA LEU C 681 4.16 42.21 23.77
C LEU C 681 4.60 43.23 24.83
N HIS C 682 4.15 43.03 26.07
CA HIS C 682 4.64 43.79 27.22
C HIS C 682 5.84 43.05 27.81
N TRP C 683 6.96 43.75 27.95
CA TRP C 683 8.11 43.18 28.63
C TRP C 683 8.44 43.96 29.89
N MET C 684 9.04 43.28 30.87
CA MET C 684 9.36 43.89 32.15
C MET C 684 10.61 43.25 32.70
N VAL C 685 11.57 44.08 33.10
CA VAL C 685 12.77 43.61 33.79
C VAL C 685 12.69 44.10 35.24
N ALA C 686 12.96 43.20 36.18
CA ALA C 686 12.85 43.50 37.60
C ALA C 686 13.95 42.82 38.41
N LEU C 687 14.39 43.51 39.46
CA LEU C 687 15.40 43.01 40.39
C LEU C 687 14.70 42.61 41.66
N ASP C 688 14.70 41.31 41.95
CA ASP C 688 13.98 40.77 43.10
C ASP C 688 12.68 41.55 43.36
N GLY C 689 11.81 41.61 42.35
CA GLY C 689 10.48 42.23 42.48
C GLY C 689 10.39 43.72 42.21
N LYS C 690 11.52 44.43 42.29
CA LYS C 690 11.56 45.87 42.02
C LYS C 690 11.72 46.14 40.54
N PRO C 691 10.74 46.83 39.92
CA PRO C 691 10.77 47.13 38.48
C PRO C 691 11.90 48.10 38.11
N LEU C 692 12.64 47.78 37.05
CA LEU C 692 13.73 48.65 36.58
C LEU C 692 13.48 49.22 35.18
N ALA C 693 12.77 48.44 34.37
CA ALA C 693 12.51 48.78 32.97
C ALA C 693 11.33 47.97 32.43
N SER C 694 10.63 48.57 31.48
CA SER C 694 9.46 47.94 30.86
C SER C 694 9.12 48.65 29.57
N GLY C 695 8.59 47.88 28.62
CA GLY C 695 8.18 48.42 27.33
C GLY C 695 7.11 47.58 26.66
N GLU C 696 6.74 48.01 25.46
CA GLU C 696 5.74 47.35 24.65
C GLU C 696 6.20 47.28 23.20
N VAL C 697 5.96 46.14 22.56
CA VAL C 697 6.23 45.98 21.14
C VAL C 697 5.02 45.31 20.48
N PRO C 698 4.51 45.89 19.40
CA PRO C 698 3.40 45.19 18.75
C PRO C 698 3.90 43.89 18.12
N LEU C 699 3.13 42.82 18.29
CA LEU C 699 3.43 41.56 17.62
C LEU C 699 2.89 41.55 16.21
N ASP C 700 3.74 41.13 15.27
CA ASP C 700 3.40 41.10 13.85
C ASP C 700 3.98 39.80 13.29
N VAL C 701 3.30 38.68 13.60
CA VAL C 701 3.79 37.33 13.25
C VAL C 701 2.77 36.59 12.38
N ALA C 702 3.23 36.10 11.24
CA ALA C 702 2.39 35.28 10.36
C ALA C 702 2.16 33.93 11.03
N PRO C 703 1.04 33.24 10.71
CA PRO C 703 0.84 31.91 11.30
C PRO C 703 2.06 31.04 11.05
N GLN C 704 2.56 30.39 12.11
CA GLN C 704 3.73 29.51 12.02
C GLN C 704 5.07 30.26 11.84
N GLY C 705 5.00 31.59 11.79
CA GLY C 705 6.17 32.40 11.55
C GLY C 705 6.86 32.86 12.83
N LYS C 706 7.93 33.63 12.66
CA LYS C 706 8.74 34.12 13.76
C LYS C 706 8.86 35.64 13.72
N GLN C 707 9.14 36.25 14.88
CA GLN C 707 9.43 37.67 14.96
C GLN C 707 10.54 37.87 15.98
N LEU C 708 11.54 38.68 15.61
CA LEU C 708 12.63 38.99 16.51
C LEU C 708 12.40 40.33 17.19
N ILE C 709 12.55 40.36 18.51
CA ILE C 709 12.43 41.58 19.26
C ILE C 709 13.69 41.81 20.09
N GLU C 710 14.45 42.83 19.71
CA GLU C 710 15.60 43.22 20.49
C GLU C 710 15.14 44.16 21.60
N LEU C 711 15.51 43.83 22.83
CA LEU C 711 15.30 44.73 23.95
C LEU C 711 16.35 45.84 23.91
N PRO C 712 15.98 47.06 24.35
CA PRO C 712 16.94 48.16 24.41
C PRO C 712 18.02 47.89 25.47
N GLU C 713 19.11 48.65 25.39
CA GLU C 713 20.21 48.56 26.36
C GLU C 713 19.64 48.78 27.77
N LEU C 714 19.80 47.79 28.64
CA LEU C 714 19.20 47.83 29.96
C LEU C 714 20.12 48.51 30.98
N PRO C 715 19.56 49.42 31.80
CA PRO C 715 20.33 50.02 32.89
C PRO C 715 20.71 48.93 33.89
N GLN C 716 21.99 48.88 34.26
CA GLN C 716 22.47 47.85 35.18
C GLN C 716 22.13 48.23 36.62
N PRO C 717 21.65 47.25 37.41
CA PRO C 717 21.07 47.50 38.74
C PRO C 717 22.04 48.08 39.77
N GLU C 718 21.50 48.81 40.73
CA GLU C 718 22.27 49.43 41.82
C GLU C 718 22.80 48.39 42.80
N SER C 719 21.95 47.43 43.17
CA SER C 719 22.27 46.49 44.23
C SER C 719 22.47 45.04 43.74
N ALA C 720 22.79 44.15 44.69
CA ALA C 720 22.89 42.74 44.42
C ALA C 720 21.52 42.11 44.15
N GLY C 721 21.52 40.97 43.47
CA GLY C 721 20.30 40.22 43.21
C GLY C 721 20.17 39.64 41.81
N GLN C 722 19.05 38.99 41.58
CA GLN C 722 18.75 38.32 40.32
C GLN C 722 17.80 39.17 39.49
N LEU C 723 18.20 39.50 38.27
CA LEU C 723 17.30 40.15 37.33
C LEU C 723 16.43 39.10 36.65
N TRP C 724 15.14 39.42 36.51
CA TRP C 724 14.17 38.56 35.84
C TRP C 724 13.48 39.32 34.71
N LEU C 725 13.34 38.66 33.57
CA LEU C 725 12.56 39.18 32.44
C LEU C 725 11.24 38.45 32.35
N THR C 726 10.15 39.22 32.42
CA THR C 726 8.79 38.69 32.19
C THR C 726 8.22 39.31 30.93
N VAL C 727 7.73 38.47 30.02
CA VAL C 727 7.01 38.97 28.85
C VAL C 727 5.59 38.46 28.88
N ARG C 728 4.65 39.31 28.49
CA ARG C 728 3.27 38.91 28.35
C ARG C 728 2.66 39.40 27.04
N VAL C 729 1.82 38.57 26.46
CA VAL C 729 1.12 38.91 25.24
C VAL C 729 -0.25 39.45 25.65
N VAL C 730 -0.53 40.70 25.28
CA VAL C 730 -1.78 41.36 25.66
C VAL C 730 -2.59 41.61 24.40
N GLN C 731 -3.90 41.41 24.51
CA GLN C 731 -4.81 41.71 23.42
C GLN C 731 -5.44 43.08 23.69
N PRO C 732 -5.00 44.10 22.92
CA PRO C 732 -5.47 45.48 23.12
C PRO C 732 -6.98 45.63 22.87
N ASN C 733 -7.51 44.89 21.90
CA ASN C 733 -8.92 44.99 21.52
C ASN C 733 -9.77 43.82 22.00
N ALA C 734 -11.00 44.14 22.37
CA ALA C 734 -12.00 43.13 22.74
C ALA C 734 -12.33 42.24 21.55
N THR C 735 -12.86 41.06 21.85
CA THR C 735 -13.26 40.09 20.85
C THR C 735 -14.61 39.57 21.28
N ALA C 736 -15.14 38.61 20.52
CA ALA C 736 -16.36 37.91 20.90
C ALA C 736 -16.18 37.10 22.19
N TRP C 737 -14.94 36.76 22.51
CA TRP C 737 -14.67 35.83 23.61
C TRP C 737 -13.82 36.42 24.71
N SER C 738 -13.32 37.65 24.52
CA SER C 738 -12.47 38.28 25.53
C SER C 738 -12.61 39.81 25.62
N GLU C 739 -12.20 40.35 26.77
CA GLU C 739 -12.18 41.79 27.00
C GLU C 739 -10.85 42.41 26.55
N ALA C 740 -10.87 43.71 26.26
CA ALA C 740 -9.65 44.48 26.02
C ALA C 740 -8.68 44.30 27.18
N GLY C 741 -7.41 44.08 26.86
CA GLY C 741 -6.37 43.86 27.88
C GLY C 741 -6.11 42.42 28.28
N HIS C 742 -6.89 41.49 27.71
CA HIS C 742 -6.73 40.05 27.97
C HIS C 742 -5.30 39.58 27.71
N ILE C 743 -4.77 38.82 28.67
CA ILE C 743 -3.43 38.24 28.58
C ILE C 743 -3.55 36.80 28.07
N SER C 744 -2.91 36.51 26.93
CA SER C 744 -3.04 35.20 26.30
C SER C 744 -1.80 34.31 26.47
N ALA C 745 -0.67 34.92 26.80
CA ALA C 745 0.61 34.22 26.87
C ALA C 745 1.63 34.95 27.73
N TRP C 746 2.46 34.19 28.44
CA TRP C 746 3.56 34.78 29.17
C TRP C 746 4.73 33.81 29.28
N GLN C 747 5.89 34.35 29.62
CA GLN C 747 7.09 33.58 29.86
C GLN C 747 8.08 34.41 30.68
N GLN C 748 8.96 33.73 31.41
CA GLN C 748 9.97 34.37 32.26
C GLN C 748 11.36 33.78 32.03
N TRP C 749 12.40 34.60 32.18
CA TRP C 749 13.78 34.11 32.22
C TRP C 749 14.54 34.85 33.32
N ARG C 750 15.53 34.16 33.89
CA ARG C 750 16.57 34.82 34.67
C ARG C 750 17.55 35.52 33.73
N LEU C 751 17.88 36.77 34.03
CA LEU C 751 18.92 37.49 33.32
C LEU C 751 20.18 37.53 34.18
N ALA C 752 20.90 38.65 34.18
CA ALA C 752 22.09 38.78 35.02
C ALA C 752 21.78 38.55 36.49
N GLU C 753 22.68 37.85 37.17
CA GLU C 753 22.65 37.76 38.63
C GLU C 753 23.92 38.43 39.17
N ASN C 754 23.75 39.26 40.18
CA ASN C 754 24.89 39.82 40.89
C ASN C 754 24.85 39.31 42.33
N LEU C 755 25.67 38.31 42.62
CA LEU C 755 25.70 37.72 43.96
C LEU C 755 26.20 38.73 45.01
N SER C 756 25.51 38.75 46.15
CA SER C 756 25.84 39.66 47.25
C SER C 756 27.13 39.22 47.95
N VAL C 757 28.10 40.13 47.96
CA VAL C 757 29.39 39.88 48.64
C VAL C 757 29.65 40.84 49.82
N THR C 758 28.70 41.72 50.14
CA THR C 758 28.92 42.66 51.24
C THR C 758 28.59 42.03 52.60
N LEU C 759 29.49 42.21 53.55
CA LEU C 759 29.28 41.77 54.94
C LEU C 759 28.20 42.62 55.62
N PRO C 760 27.32 41.99 56.41
CA PRO C 760 26.44 42.78 57.28
C PRO C 760 27.28 43.46 58.36
N ALA C 761 26.85 44.64 58.80
CA ALA C 761 27.59 45.42 59.82
C ALA C 761 27.64 44.70 61.16
N ALA C 762 28.73 44.91 61.90
CA ALA C 762 28.93 44.28 63.22
C ALA C 762 27.87 44.75 64.21
N SER C 763 27.04 43.80 64.64
CA SER C 763 25.89 44.07 65.52
C SER C 763 26.30 44.61 66.89
N HIS C 764 25.51 45.57 67.39
CA HIS C 764 25.83 46.27 68.64
C HIS C 764 25.71 45.37 69.87
N ALA C 765 24.54 44.76 70.05
CA ALA C 765 24.26 43.90 71.20
C ALA C 765 24.63 42.44 70.94
N ILE C 766 24.79 41.67 72.02
CA ILE C 766 25.06 40.23 71.95
C ILE C 766 24.01 39.49 72.79
N PRO C 767 23.38 38.45 72.21
CA PRO C 767 22.25 37.80 72.91
C PRO C 767 22.70 36.95 74.10
N HIS C 768 21.80 36.79 75.07
CA HIS C 768 22.14 36.11 76.32
C HIS C 768 21.44 34.77 76.48
N LEU C 769 22.22 33.76 76.83
CA LEU C 769 21.72 32.40 77.08
C LEU C 769 21.48 32.16 78.57
N THR C 770 20.29 31.67 78.90
CA THR C 770 19.97 31.24 80.26
C THR C 770 19.61 29.75 80.26
N THR C 771 20.52 28.94 80.80
CA THR C 771 20.33 27.51 80.90
C THR C 771 19.54 27.15 82.16
N SER C 772 18.40 26.49 81.98
CA SER C 772 17.64 25.93 83.10
C SER C 772 17.51 24.41 82.91
N GLU C 773 16.88 23.74 83.87
CA GLU C 773 16.71 22.29 83.79
C GLU C 773 15.75 21.91 82.66
N MET C 774 14.72 22.73 82.47
CA MET C 774 13.68 22.45 81.49
C MET C 774 13.89 23.17 80.15
N ASP C 775 14.61 24.30 80.16
CA ASP C 775 14.73 25.15 78.98
C ASP C 775 16.13 25.70 78.71
N PHE C 776 16.36 26.08 77.44
CA PHE C 776 17.37 27.07 77.09
C PHE C 776 16.61 28.32 76.68
N CYS C 777 16.81 29.42 77.39
CA CYS C 777 16.22 30.70 77.01
C CYS C 777 17.26 31.57 76.35
N ILE C 778 16.85 32.29 75.31
CA ILE C 778 17.72 33.24 74.64
C ILE C 778 17.03 34.60 74.64
N GLU C 779 17.77 35.62 75.05
CA GLU C 779 17.23 36.96 75.19
C GLU C 779 18.12 37.94 74.46
N LEU C 780 17.49 38.87 73.76
CA LEU C 780 18.17 39.96 73.08
C LEU C 780 17.18 41.10 72.98
N GLY C 781 17.36 42.09 73.87
CA GLY C 781 16.45 43.23 73.98
C GLY C 781 15.05 42.77 74.28
N ASN C 782 14.12 43.19 73.43
CA ASN C 782 12.70 42.85 73.57
C ASN C 782 12.36 41.38 73.25
N LYS C 783 13.30 40.70 72.59
CA LYS C 783 13.02 39.38 72.03
C LYS C 783 13.50 38.23 72.90
N ARG C 784 12.68 37.18 72.96
CA ARG C 784 13.03 35.97 73.69
C ARG C 784 12.65 34.70 72.91
N TRP C 785 13.53 33.70 73.01
CA TRP C 785 13.36 32.40 72.35
C TRP C 785 13.43 31.29 73.39
N GLN C 786 12.37 30.48 73.49
CA GLN C 786 12.35 29.36 74.43
C GLN C 786 12.52 28.01 73.69
N PHE C 787 13.59 27.30 74.04
CA PHE C 787 13.87 25.96 73.53
C PHE C 787 13.70 24.95 74.66
N ASN C 788 12.67 24.11 74.55
CA ASN C 788 12.41 23.02 75.49
C ASN C 788 13.50 21.95 75.40
N ARG C 789 13.96 21.48 76.56
CA ARG C 789 15.08 20.53 76.64
C ARG C 789 14.65 19.05 76.63
N GLN C 790 13.36 18.79 76.81
CA GLN C 790 12.83 17.43 76.73
C GLN C 790 12.31 17.11 75.32
N SER C 791 11.69 18.10 74.68
CA SER C 791 11.18 17.94 73.32
C SER C 791 12.27 18.26 72.29
N GLY C 792 13.09 19.28 72.60
CA GLY C 792 14.20 19.66 71.72
C GLY C 792 13.77 20.63 70.63
N PHE C 793 12.56 21.16 70.75
CA PHE C 793 12.04 22.13 69.80
C PHE C 793 11.91 23.53 70.40
N LEU C 794 11.94 24.53 69.53
CA LEU C 794 11.60 25.90 69.89
C LEU C 794 10.12 25.88 70.23
N SER C 795 9.84 25.96 71.52
CA SER C 795 8.47 25.78 72.03
C SER C 795 7.71 27.09 72.13
N GLN C 796 8.44 28.21 72.14
CA GLN C 796 7.82 29.54 72.28
C GLN C 796 8.76 30.68 71.89
N MET C 797 8.16 31.77 71.41
CA MET C 797 8.90 32.98 71.06
C MET C 797 8.13 34.19 71.59
N TRP C 798 8.87 35.22 71.99
CA TRP C 798 8.28 36.44 72.56
C TRP C 798 8.79 37.71 71.88
N ILE C 799 7.89 38.61 71.56
CA ILE C 799 8.27 39.97 71.16
C ILE C 799 7.63 40.92 72.16
N GLY C 800 8.46 41.45 73.07
CA GLY C 800 7.95 42.20 74.21
C GLY C 800 7.32 41.22 75.18
N ASP C 801 6.01 41.32 75.35
CA ASP C 801 5.28 40.40 76.23
C ASP C 801 4.29 39.50 75.46
N LYS C 802 4.28 39.61 74.13
CA LYS C 802 3.38 38.83 73.30
C LYS C 802 3.97 37.48 72.86
N LYS C 803 3.26 36.40 73.21
CA LYS C 803 3.60 35.05 72.75
C LYS C 803 3.41 34.95 71.24
N GLN C 804 4.37 34.32 70.56
CA GLN C 804 4.37 34.24 69.09
C GLN C 804 3.88 32.88 68.57
N LEU C 805 3.95 31.86 69.40
CA LEU C 805 3.61 30.50 69.00
C LEU C 805 2.49 29.92 69.83
N LEU C 806 1.59 29.20 69.16
CA LEU C 806 0.56 28.39 69.83
C LEU C 806 0.97 26.92 69.88
N THR C 807 1.76 26.50 68.89
CA THR C 807 2.30 25.15 68.81
C THR C 807 3.81 25.28 68.56
N PRO C 808 4.63 24.41 69.16
CA PRO C 808 6.08 24.48 68.90
C PRO C 808 6.49 24.24 67.43
N LEU C 809 7.65 24.76 67.05
CA LEU C 809 8.21 24.57 65.72
C LEU C 809 8.78 23.16 65.58
N ARG C 810 8.13 22.33 64.77
CA ARG C 810 8.52 20.92 64.63
C ARG C 810 8.67 20.48 63.16
N ASP C 811 9.56 19.52 62.91
CA ASP C 811 9.68 18.91 61.59
C ASP C 811 8.35 18.31 61.16
N GLN C 812 8.05 18.42 59.87
CA GLN C 812 6.91 17.72 59.28
C GLN C 812 7.34 16.97 58.03
N PHE C 813 6.87 15.72 57.91
CA PHE C 813 7.25 14.85 56.81
C PHE C 813 6.03 14.31 56.08
N THR C 814 4.85 14.84 56.42
CA THR C 814 3.59 14.33 55.90
C THR C 814 2.71 15.46 55.37
N ARG C 815 1.73 15.10 54.55
CA ARG C 815 0.75 16.08 54.09
C ARG C 815 -0.63 15.47 54.12
N ALA C 816 -1.63 16.32 54.35
CA ALA C 816 -3.02 15.94 54.21
C ALA C 816 -3.17 15.39 52.80
N PRO C 817 -3.39 14.07 52.67
CA PRO C 817 -3.32 13.43 51.36
C PRO C 817 -4.27 14.02 50.31
N LEU C 818 -3.72 14.28 49.12
CA LEU C 818 -4.51 14.72 47.98
C LEU C 818 -5.32 13.57 47.42
N ASP C 819 -6.34 13.87 46.61
CA ASP C 819 -7.08 12.81 45.90
C ASP C 819 -6.13 11.88 45.15
N ASN C 820 -5.09 12.44 44.53
CA ASN C 820 -4.07 11.64 43.86
C ASN C 820 -3.23 10.77 44.81
N ASP C 821 -3.04 11.22 46.06
CA ASP C 821 -2.32 10.42 47.06
C ASP C 821 -3.19 9.23 47.47
N ILE C 822 -4.50 9.48 47.57
CA ILE C 822 -5.48 8.49 48.00
C ILE C 822 -5.69 7.43 46.92
N GLY C 823 -5.86 7.88 45.68
CA GLY C 823 -5.79 7.01 44.52
C GLY C 823 -6.80 5.88 44.44
N VAL C 824 -8.07 6.21 44.61
CA VAL C 824 -9.14 5.28 44.30
C VAL C 824 -10.17 5.93 43.33
N SER C 825 -10.66 5.12 42.39
CA SER C 825 -11.73 5.54 41.46
C SER C 825 -13.05 4.89 41.85
N GLU C 826 -12.96 3.90 42.73
CA GLU C 826 -14.12 3.24 43.32
C GLU C 826 -13.98 3.20 44.84
N ALA C 827 -15.05 3.60 45.53
CA ALA C 827 -15.05 3.82 46.98
C ALA C 827 -14.66 2.62 47.87
N THR C 828 -15.05 1.41 47.46
CA THR C 828 -14.87 0.20 48.27
C THR C 828 -13.43 -0.38 48.21
N ARG C 829 -12.67 0.01 47.18
CA ARG C 829 -11.37 -0.61 46.89
C ARG C 829 -10.13 -0.03 47.62
N ILE C 830 -9.76 -0.65 48.73
CA ILE C 830 -8.53 -0.35 49.49
C ILE C 830 -7.32 -0.74 48.64
N ASP C 831 -6.44 0.24 48.36
CA ASP C 831 -5.27 -0.03 47.53
C ASP C 831 -3.94 0.20 48.26
N PRO C 832 -3.25 -0.91 48.63
CA PRO C 832 -1.94 -0.85 49.29
C PRO C 832 -0.84 -0.13 48.50
N ASN C 833 -1.04 0.02 47.21
CA ASN C 833 -0.05 0.68 46.35
C ASN C 833 -0.13 2.22 46.36
N ALA C 834 -1.30 2.77 46.71
CA ALA C 834 -1.49 4.22 46.77
C ALA C 834 -0.53 4.87 47.76
N TRP C 835 -0.11 6.10 47.47
CA TRP C 835 0.86 6.80 48.31
C TRP C 835 0.39 6.91 49.77
N VAL C 836 -0.86 7.33 49.97
CA VAL C 836 -1.40 7.49 51.33
C VAL C 836 -1.28 6.19 52.14
N GLU C 837 -1.59 5.07 51.50
CA GLU C 837 -1.56 3.76 52.15
C GLU C 837 -0.14 3.34 52.46
N ARG C 838 0.78 3.64 51.55
CA ARG C 838 2.20 3.34 51.76
C ARG C 838 2.74 4.16 52.93
N TRP C 839 2.29 5.40 53.04
CA TRP C 839 2.68 6.28 54.13
C TRP C 839 2.08 5.84 55.46
N LYS C 840 0.79 5.53 55.47
CA LYS C 840 0.11 5.00 56.65
C LYS C 840 0.77 3.72 57.16
N ALA C 841 1.01 2.76 56.27
CA ALA C 841 1.60 1.47 56.65
C ALA C 841 3.02 1.60 57.19
N ALA C 842 3.75 2.60 56.71
CA ALA C 842 5.12 2.80 57.13
C ALA C 842 5.22 3.59 58.44
N GLY C 843 4.08 4.10 58.92
CA GLY C 843 4.03 4.85 60.17
C GLY C 843 4.35 6.34 60.08
N HIS C 844 4.31 6.92 58.88
CA HIS C 844 4.66 8.32 58.69
C HIS C 844 3.72 9.27 59.45
N TYR C 845 2.44 8.92 59.50
CA TYR C 845 1.44 9.79 60.15
C TYR C 845 1.36 9.65 61.68
N GLN C 846 1.93 8.60 62.25
CA GLN C 846 1.89 8.41 63.70
C GLN C 846 3.25 8.29 64.38
N ALA C 847 4.31 8.53 63.59
CA ALA C 847 5.68 8.46 64.09
C ALA C 847 5.94 9.46 65.20
N GLU C 848 6.63 9.02 66.23
CA GLU C 848 6.97 9.86 67.37
C GLU C 848 8.41 10.31 67.34
N ALA C 849 8.62 11.60 67.58
CA ALA C 849 9.96 12.18 67.70
C ALA C 849 10.66 11.69 68.96
N ALA C 850 11.91 11.27 68.80
CA ALA C 850 12.76 10.90 69.93
C ALA C 850 13.99 11.81 69.93
N LEU C 851 14.24 12.47 71.06
CA LEU C 851 15.34 13.41 71.16
C LEU C 851 16.65 12.68 71.29
N LEU C 852 17.60 13.02 70.43
CA LEU C 852 18.91 12.39 70.45
C LEU C 852 19.94 13.32 71.08
N GLN C 853 19.74 14.62 70.89
CA GLN C 853 20.72 15.62 71.27
C GLN C 853 20.09 17.00 71.36
N CYS C 854 20.54 17.78 72.35
CA CYS C 854 20.05 19.14 72.55
C CYS C 854 21.02 19.92 73.44
N THR C 855 21.99 20.56 72.80
CA THR C 855 23.00 21.33 73.50
C THR C 855 22.93 22.82 73.12
N ALA C 856 23.53 23.65 73.96
CA ALA C 856 23.59 25.10 73.76
C ALA C 856 25.02 25.60 73.87
N ASP C 857 25.36 26.60 73.07
CA ASP C 857 26.70 27.19 73.06
C ASP C 857 26.63 28.69 72.87
N THR C 858 27.56 29.40 73.51
CA THR C 858 27.68 30.84 73.34
C THR C 858 28.88 31.12 72.44
N LEU C 859 28.65 31.93 71.40
CA LEU C 859 29.72 32.35 70.49
C LEU C 859 30.04 33.82 70.69
N ALA C 860 31.02 34.31 69.93
CA ALA C 860 31.50 35.69 70.03
C ALA C 860 30.35 36.71 69.95
N ASP C 861 29.38 36.44 69.09
CA ASP C 861 28.27 37.37 68.84
C ASP C 861 26.94 36.65 68.59
N ALA C 862 26.82 35.43 69.11
CA ALA C 862 25.63 34.61 68.89
C ALA C 862 25.50 33.48 69.90
N VAL C 863 24.27 33.01 70.07
CA VAL C 863 23.99 31.77 70.78
C VAL C 863 23.67 30.69 69.74
N LEU C 864 24.33 29.54 69.88
CA LEU C 864 24.10 28.40 68.99
C LEU C 864 23.40 27.25 69.72
N ILE C 865 22.24 26.86 69.21
CA ILE C 865 21.52 25.67 69.68
C ILE C 865 21.64 24.51 68.67
N THR C 866 22.09 23.35 69.14
CA THR C 866 22.25 22.17 68.28
C THR C 866 21.28 21.07 68.73
N THR C 867 20.53 20.52 67.78
CA THR C 867 19.57 19.46 68.06
C THR C 867 19.69 18.31 67.07
N ALA C 868 19.23 17.14 67.50
CA ALA C 868 19.12 15.95 66.66
C ALA C 868 17.93 15.16 67.15
N HIS C 869 17.06 14.79 66.21
CA HIS C 869 15.88 14.01 66.50
C HIS C 869 15.83 12.77 65.60
N ALA C 870 15.06 11.77 66.01
CA ALA C 870 14.77 10.60 65.21
C ALA C 870 13.29 10.29 65.29
N TRP C 871 12.67 10.04 64.13
CA TRP C 871 11.29 9.61 64.09
C TRP C 871 11.28 8.13 63.86
N GLN C 872 10.52 7.43 64.68
CA GLN C 872 10.53 6.00 64.71
C GLN C 872 9.11 5.45 64.74
N HIS C 873 8.96 4.27 64.17
CA HIS C 873 7.69 3.56 64.21
C HIS C 873 8.05 2.10 64.40
N GLN C 874 7.64 1.56 65.55
CA GLN C 874 7.78 0.14 65.85
C GLN C 874 9.20 -0.36 65.58
N GLY C 875 10.18 0.33 66.16
CA GLY C 875 11.59 -0.04 66.04
C GLY C 875 12.33 0.53 64.83
N LYS C 876 11.57 0.92 63.80
CA LYS C 876 12.16 1.46 62.56
C LYS C 876 12.37 2.98 62.61
N THR C 877 13.61 3.41 62.39
CA THR C 877 13.92 4.84 62.27
C THR C 877 13.65 5.34 60.85
N LEU C 878 12.61 6.15 60.71
CA LEU C 878 12.17 6.65 59.41
C LEU C 878 13.00 7.84 58.95
N PHE C 879 13.06 8.89 59.77
CA PHE C 879 13.82 10.09 59.45
C PHE C 879 14.70 10.56 60.61
N ILE C 880 15.84 11.18 60.29
CA ILE C 880 16.64 11.85 61.31
C ILE C 880 16.84 13.33 60.94
N SER C 881 16.43 14.22 61.84
CA SER C 881 16.59 15.65 61.65
C SER C 881 17.70 16.20 62.54
N ARG C 882 18.72 16.79 61.91
CA ARG C 882 19.77 17.50 62.62
C ARG C 882 19.68 18.98 62.30
N LYS C 883 19.65 19.80 63.35
CA LYS C 883 19.50 21.24 63.17
C LYS C 883 20.53 22.04 63.96
N THR C 884 20.80 23.25 63.48
CA THR C 884 21.43 24.29 64.29
C THR C 884 20.56 25.54 64.23
N TYR C 885 20.39 26.20 65.38
CA TYR C 885 19.74 27.51 65.43
C TYR C 885 20.79 28.52 65.86
N ARG C 886 20.99 29.53 65.04
CA ARG C 886 22.02 30.54 65.31
C ARG C 886 21.37 31.90 65.43
N ILE C 887 21.17 32.32 66.67
CA ILE C 887 20.58 33.62 67.00
C ILE C 887 21.71 34.62 67.27
N ASP C 888 21.75 35.72 66.50
CA ASP C 888 22.84 36.71 66.62
C ASP C 888 22.43 38.06 67.22
N GLY C 889 23.34 39.03 67.14
CA GLY C 889 23.12 40.37 67.66
C GLY C 889 22.06 41.19 66.94
N SER C 890 21.77 40.84 65.69
CA SER C 890 20.77 41.55 64.88
C SER C 890 19.34 41.02 65.07
N GLY C 891 19.19 39.98 65.89
CA GLY C 891 17.86 39.40 66.16
C GLY C 891 17.35 38.45 65.09
N GLN C 892 18.27 37.87 64.33
CA GLN C 892 17.93 36.90 63.31
C GLN C 892 18.21 35.49 63.81
N MET C 893 17.30 34.57 63.51
CA MET C 893 17.49 33.17 63.84
C MET C 893 17.75 32.36 62.57
N ALA C 894 18.98 31.87 62.43
CA ALA C 894 19.35 31.00 61.32
C ALA C 894 19.12 29.53 61.65
N ILE C 895 18.17 28.91 60.94
CA ILE C 895 17.89 27.49 61.09
C ILE C 895 18.48 26.68 59.95
N THR C 896 19.43 25.82 60.30
CA THR C 896 20.06 24.91 59.35
C THR C 896 19.55 23.50 59.63
N VAL C 897 18.83 22.92 58.67
CA VAL C 897 18.29 21.58 58.81
C VAL C 897 18.95 20.61 57.83
N ASP C 898 19.39 19.46 58.36
CA ASP C 898 19.90 18.36 57.57
C ASP C 898 19.13 17.08 57.91
N VAL C 899 18.37 16.56 56.93
CA VAL C 899 17.50 15.41 57.15
C VAL C 899 18.03 14.13 56.48
N GLU C 900 17.92 13.02 57.20
CA GLU C 900 18.23 11.69 56.68
C GLU C 900 16.92 10.93 56.56
N VAL C 901 16.71 10.30 55.41
CA VAL C 901 15.49 9.50 55.19
C VAL C 901 15.91 8.06 54.86
N ALA C 902 15.38 7.11 55.63
CA ALA C 902 15.66 5.69 55.38
C ALA C 902 15.29 5.30 53.94
N SER C 903 16.24 4.71 53.23
CA SER C 903 16.07 4.40 51.81
C SER C 903 14.97 3.38 51.54
N ASP C 904 14.51 2.71 52.60
CA ASP C 904 13.49 1.67 52.46
C ASP C 904 12.14 2.07 53.04
N THR C 905 12.02 3.31 53.50
CA THR C 905 10.72 3.87 53.80
C THR C 905 10.22 4.57 52.52
N PRO C 906 8.90 4.53 52.27
CA PRO C 906 8.37 5.26 51.12
C PRO C 906 8.72 6.74 51.20
N HIS C 907 9.15 7.30 50.08
CA HIS C 907 9.55 8.70 50.00
C HIS C 907 8.48 9.60 50.57
N PRO C 908 8.87 10.51 51.48
CA PRO C 908 7.95 11.35 52.24
C PRO C 908 7.28 12.41 51.36
N ALA C 909 6.11 12.88 51.80
CA ALA C 909 5.35 13.89 51.06
C ALA C 909 6.04 15.26 51.08
N ARG C 910 6.82 15.53 52.13
CA ARG C 910 7.49 16.81 52.30
C ARG C 910 8.64 16.68 53.28
N ILE C 911 9.55 17.65 53.25
CA ILE C 911 10.61 17.72 54.22
C ILE C 911 10.71 19.17 54.62
N GLY C 912 10.20 19.47 55.82
CA GLY C 912 10.04 20.85 56.25
C GLY C 912 9.70 21.01 57.72
N LEU C 913 9.11 22.15 58.04
CA LEU C 913 8.77 22.49 59.41
C LEU C 913 7.38 23.10 59.47
N ASN C 914 6.78 23.04 60.65
CA ASN C 914 5.52 23.72 60.88
C ASN C 914 5.34 24.19 62.32
N CYS C 915 4.42 25.13 62.48
CA CYS C 915 4.10 25.70 63.77
C CYS C 915 2.78 26.43 63.59
N GLN C 916 2.07 26.62 64.70
CA GLN C 916 0.87 27.42 64.70
C GLN C 916 1.23 28.75 65.33
N LEU C 917 1.22 29.82 64.53
CA LEU C 917 1.51 31.17 65.01
C LEU C 917 0.30 31.77 65.72
N ALA C 918 0.55 32.52 66.79
CA ALA C 918 -0.51 33.22 67.50
C ALA C 918 -1.12 34.31 66.62
N GLN C 919 -0.28 34.87 65.74
CA GLN C 919 -0.69 35.96 64.87
C GLN C 919 -1.71 35.53 63.81
N VAL C 920 -2.70 36.40 63.60
CA VAL C 920 -3.61 36.33 62.47
C VAL C 920 -3.57 37.68 61.77
N ALA C 921 -2.92 37.73 60.61
CA ALA C 921 -2.85 38.96 59.82
C ALA C 921 -3.75 38.87 58.59
N GLU C 922 -3.94 39.99 57.92
CA GLU C 922 -4.87 40.06 56.78
C GLU C 922 -4.22 39.73 55.44
N ARG C 923 -2.90 39.96 55.35
CA ARG C 923 -2.17 39.90 54.09
C ARG C 923 -0.99 38.95 54.19
N VAL C 924 -0.68 38.32 53.06
CA VAL C 924 0.54 37.52 52.94
C VAL C 924 1.33 38.10 51.78
N ASN C 925 2.59 38.42 52.06
CA ASN C 925 3.47 39.02 51.08
C ASN C 925 4.69 38.13 50.90
N TRP C 926 4.99 37.76 49.65
CA TRP C 926 6.14 36.91 49.37
C TRP C 926 6.88 37.21 48.06
N LEU C 927 8.17 36.90 48.05
CA LEU C 927 8.97 36.93 46.84
C LEU C 927 9.25 35.48 46.47
N GLY C 928 8.58 35.02 45.41
CA GLY C 928 8.63 33.63 44.97
C GLY C 928 7.67 33.40 43.84
N LEU C 929 7.32 32.13 43.60
CA LEU C 929 6.42 31.82 42.50
C LEU C 929 4.99 32.08 42.87
N GLY C 930 4.25 32.68 41.94
CA GLY C 930 2.87 33.05 42.21
C GLY C 930 2.23 33.75 41.04
N PRO C 931 1.06 34.37 41.26
CA PRO C 931 0.40 34.52 42.57
C PRO C 931 -0.34 33.27 43.07
N GLN C 932 -0.79 32.43 42.15
CA GLN C 932 -1.65 31.27 42.50
C GLN C 932 -0.86 30.10 43.04
N GLU C 933 -1.56 29.23 43.77
CA GLU C 933 -1.03 27.94 44.21
C GLU C 933 -0.22 27.22 43.12
N ASN C 934 1.00 26.85 43.45
CA ASN C 934 1.85 26.07 42.55
C ASN C 934 2.63 25.00 43.31
N TYR C 935 2.87 23.88 42.65
CA TYR C 935 3.58 22.73 43.23
C TYR C 935 4.74 22.35 42.33
N PRO C 936 5.72 21.56 42.84
CA PRO C 936 6.92 21.30 42.04
C PRO C 936 6.66 20.81 40.61
N ASP C 937 5.67 19.96 40.42
CA ASP C 937 5.34 19.46 39.08
C ASP C 937 4.18 20.20 38.41
N ARG C 938 3.73 21.27 39.07
CA ARG C 938 2.72 22.16 38.52
C ARG C 938 3.05 23.62 38.88
N LEU C 939 4.19 24.11 38.40
CA LEU C 939 4.62 25.48 38.72
C LEU C 939 5.02 26.32 37.51
N THR C 940 4.89 25.76 36.30
CA THR C 940 5.32 26.47 35.09
C THR C 940 4.53 27.75 34.84
N ALA C 941 3.24 27.76 35.16
CA ALA C 941 2.40 28.96 34.98
C ALA C 941 2.74 30.09 35.95
N ALA C 942 3.35 29.75 37.08
CA ALA C 942 3.67 30.71 38.12
C ALA C 942 4.87 31.56 37.70
N CYS C 943 4.90 32.80 38.18
CA CYS C 943 6.02 33.70 37.89
C CYS C 943 6.69 34.11 39.19
N PHE C 944 8.00 34.26 39.15
CA PHE C 944 8.76 34.79 40.26
C PHE C 944 8.60 36.29 40.28
N ASP C 945 8.12 36.81 41.41
CA ASP C 945 7.86 38.23 41.58
C ASP C 945 7.53 38.49 43.04
N ARG C 946 7.18 39.74 43.34
CA ARG C 946 6.73 40.12 44.67
C ARG C 946 5.20 40.11 44.67
N TRP C 947 4.62 39.16 45.39
CA TRP C 947 3.18 39.00 45.42
C TRP C 947 2.60 39.41 46.79
N ASP C 948 1.36 39.91 46.80
CA ASP C 948 0.68 40.36 48.03
C ASP C 948 -0.82 40.06 47.95
N LEU C 949 -1.28 39.12 48.74
CA LEU C 949 -2.67 38.66 48.68
C LEU C 949 -3.33 38.65 50.06
N PRO C 950 -4.66 38.78 50.10
CA PRO C 950 -5.34 38.51 51.37
C PRO C 950 -5.07 37.08 51.82
N LEU C 951 -5.06 36.85 53.14
CA LEU C 951 -4.76 35.52 53.69
C LEU C 951 -5.65 34.41 53.11
N SER C 952 -6.90 34.73 52.80
CA SER C 952 -7.84 33.73 52.29
C SER C 952 -7.45 33.16 50.91
N ASP C 953 -6.83 33.98 50.07
CA ASP C 953 -6.33 33.55 48.75
C ASP C 953 -5.15 32.57 48.83
N MET C 954 -4.60 32.39 50.04
CA MET C 954 -3.52 31.45 50.27
C MET C 954 -4.07 30.08 50.67
N TYR C 955 -5.38 29.95 50.59
CA TYR C 955 -6.07 28.67 50.79
C TYR C 955 -6.93 28.33 49.58
N THR C 956 -6.78 27.11 49.07
CA THR C 956 -7.59 26.66 47.95
C THR C 956 -8.75 25.80 48.44
N PRO C 957 -10.00 26.26 48.21
CA PRO C 957 -11.17 25.57 48.78
C PRO C 957 -11.60 24.32 47.98
N TYR C 958 -10.72 23.33 47.90
CA TYR C 958 -11.08 22.05 47.30
C TYR C 958 -12.23 21.46 48.11
N VAL C 959 -13.23 20.90 47.43
CA VAL C 959 -14.44 20.41 48.11
C VAL C 959 -14.10 19.23 49.02
N PHE C 960 -13.29 18.30 48.51
CA PHE C 960 -12.61 17.35 49.37
C PHE C 960 -11.28 17.97 49.82
N PRO C 961 -11.15 18.29 51.12
CA PRO C 961 -9.95 18.98 51.63
C PRO C 961 -8.65 18.17 51.63
N SER C 962 -7.55 18.82 51.27
CA SER C 962 -6.23 18.21 51.35
C SER C 962 -5.20 19.31 51.52
N GLU C 963 -3.92 18.93 51.53
CA GLU C 963 -2.85 19.90 51.34
C GLU C 963 -3.22 20.79 50.15
N ASN C 964 -2.99 22.09 50.31
CA ASN C 964 -3.39 23.09 49.33
C ASN C 964 -2.70 24.42 49.61
N GLY C 965 -2.55 25.24 48.58
CA GLY C 965 -2.11 26.60 48.74
C GLY C 965 -0.61 26.78 48.72
N LEU C 966 0.14 25.70 48.54
CA LEU C 966 1.61 25.78 48.45
C LEU C 966 2.06 26.79 47.39
N ARG C 967 3.17 27.46 47.67
CA ARG C 967 3.87 28.29 46.69
C ARG C 967 5.34 27.92 46.75
N CYS C 968 5.94 27.66 45.58
CA CYS C 968 7.32 27.21 45.51
C CYS C 968 8.31 28.32 45.18
N GLY C 969 9.61 28.01 45.27
CA GLY C 969 10.67 28.94 44.87
C GLY C 969 10.64 30.26 45.61
N THR C 970 10.23 30.21 46.88
CA THR C 970 10.08 31.41 47.69
C THR C 970 11.39 31.74 48.43
N ARG C 971 11.87 32.97 48.25
CA ARG C 971 13.11 33.44 48.87
C ARG C 971 12.85 34.32 50.10
N GLU C 972 11.65 34.87 50.18
CA GLU C 972 11.25 35.70 51.32
C GLU C 972 9.75 35.59 51.56
N LEU C 973 9.34 35.37 52.80
CA LEU C 973 7.93 35.37 53.17
C LEU C 973 7.70 36.36 54.32
N ASN C 974 6.62 37.15 54.20
CA ASN C 974 6.24 38.14 55.19
C ASN C 974 4.80 37.92 55.70
N TYR C 975 4.66 37.84 57.02
CA TYR C 975 3.34 37.67 57.65
C TYR C 975 3.33 38.34 59.01
N GLY C 976 2.43 39.30 59.19
CA GLY C 976 2.42 40.17 60.37
C GLY C 976 3.80 40.77 60.61
N PRO C 977 4.40 40.47 61.77
CA PRO C 977 5.72 40.98 62.09
C PRO C 977 6.83 40.05 61.64
N HIS C 978 6.46 38.90 61.08
CA HIS C 978 7.42 37.86 60.75
C HIS C 978 7.92 37.95 59.31
N GLN C 979 9.20 37.63 59.14
CA GLN C 979 9.78 37.46 57.83
C GLN C 979 10.66 36.23 57.85
N TRP C 980 10.50 35.38 56.85
CA TRP C 980 11.39 34.23 56.67
C TRP C 980 12.13 34.35 55.35
N ARG C 981 13.44 34.16 55.38
CA ARG C 981 14.25 34.13 54.15
C ARG C 981 14.93 32.78 53.96
N GLY C 982 15.14 32.42 52.70
CA GLY C 982 15.86 31.21 52.32
C GLY C 982 15.51 30.80 50.90
N ASP C 983 15.16 29.53 50.72
CA ASP C 983 14.77 28.98 49.41
C ASP C 983 13.83 27.78 49.62
N PHE C 984 12.55 28.08 49.76
CA PHE C 984 11.63 27.10 50.32
C PHE C 984 10.29 27.14 49.60
N GLN C 985 9.42 26.19 49.95
CA GLN C 985 8.04 26.20 49.53
C GLN C 985 7.26 26.37 50.84
N PHE C 986 6.10 27.03 50.78
CA PHE C 986 5.30 27.24 51.98
C PHE C 986 3.80 27.20 51.67
N ASN C 987 3.00 26.83 52.67
CA ASN C 987 1.60 27.23 52.68
C ASN C 987 1.28 27.87 54.02
N ILE C 988 0.19 28.62 54.05
CA ILE C 988 -0.19 29.40 55.21
C ILE C 988 -1.69 29.61 55.21
N SER C 989 -2.32 29.18 56.29
CA SER C 989 -3.77 29.17 56.39
C SER C 989 -4.20 29.02 57.85
N ARG C 990 -5.52 29.04 58.07
CA ARG C 990 -6.09 28.85 59.39
C ARG C 990 -6.45 27.37 59.64
N TYR C 991 -6.12 26.48 58.71
CA TYR C 991 -6.41 25.05 58.86
C TYR C 991 -5.14 24.22 58.97
N SER C 992 -5.06 23.42 60.03
CA SER C 992 -3.93 22.52 60.23
C SER C 992 -4.02 21.36 59.26
N GLN C 993 -2.86 20.78 58.92
CA GLN C 993 -2.80 19.57 58.11
C GLN C 993 -3.67 18.46 58.71
N GLN C 994 -3.68 18.36 60.04
CA GLN C 994 -4.53 17.38 60.73
C GLN C 994 -6.02 17.57 60.45
N GLN C 995 -6.52 18.80 60.56
CA GLN C 995 -7.93 19.07 60.31
C GLN C 995 -8.30 18.85 58.85
N LEU C 996 -7.37 19.19 57.96
CA LEU C 996 -7.58 19.00 56.53
C LEU C 996 -7.78 17.51 56.22
N MET C 997 -6.93 16.65 56.74
CA MET C 997 -7.03 15.20 56.47
C MET C 997 -8.16 14.49 57.23
N GLU C 998 -8.77 15.16 58.20
CA GLU C 998 -9.85 14.56 59.00
C GLU C 998 -11.24 15.05 58.60
N THR C 999 -11.30 16.09 57.79
CA THR C 999 -12.55 16.70 57.38
C THR C 999 -12.79 16.40 55.89
N SER C 1000 -13.92 15.74 55.60
CA SER C 1000 -14.19 15.23 54.25
C SER C 1000 -14.81 16.27 53.32
N HIS C 1001 -15.36 17.34 53.89
CA HIS C 1001 -16.01 18.39 53.13
C HIS C 1001 -15.47 19.75 53.55
N ARG C 1002 -15.32 20.66 52.59
CA ARG C 1002 -14.74 21.98 52.85
C ARG C 1002 -15.60 22.86 53.77
N HIS C 1003 -16.92 22.65 53.74
CA HIS C 1003 -17.86 23.49 54.50
C HIS C 1003 -17.85 23.16 56.00
N LEU C 1004 -17.36 21.96 56.33
CA LEU C 1004 -17.22 21.53 57.72
C LEU C 1004 -15.90 21.97 58.35
N LEU C 1005 -15.10 22.73 57.62
CA LEU C 1005 -13.84 23.25 58.14
C LEU C 1005 -14.06 24.49 59.00
N HIS C 1006 -13.27 24.63 60.06
CA HIS C 1006 -13.37 25.78 60.96
C HIS C 1006 -12.00 26.38 61.19
N ALA C 1007 -11.92 27.71 61.11
CA ALA C 1007 -10.70 28.44 61.38
C ALA C 1007 -10.17 28.10 62.77
N GLU C 1008 -8.95 27.58 62.84
CA GLU C 1008 -8.26 27.35 64.11
C GLU C 1008 -7.72 28.67 64.66
N GLU C 1009 -7.35 28.66 65.95
CA GLU C 1009 -6.72 29.83 66.56
C GLU C 1009 -5.40 30.13 65.86
N GLY C 1010 -5.11 31.40 65.61
CA GLY C 1010 -3.86 31.78 64.93
C GLY C 1010 -3.75 31.27 63.49
N THR C 1011 -2.52 31.07 63.04
CA THR C 1011 -2.23 30.70 61.66
C THR C 1011 -1.24 29.53 61.61
N TRP C 1012 -1.58 28.53 60.81
CA TRP C 1012 -0.68 27.39 60.59
C TRP C 1012 0.28 27.66 59.44
N LEU C 1013 1.56 27.52 59.71
CA LEU C 1013 2.59 27.70 58.72
C LEU C 1013 3.32 26.40 58.46
N ASN C 1014 3.42 26.06 57.19
CA ASN C 1014 4.21 24.92 56.74
C ASN C 1014 5.28 25.45 55.78
N ILE C 1015 6.53 25.50 56.23
CA ILE C 1015 7.64 25.88 55.36
C ILE C 1015 8.44 24.63 55.00
N ASP C 1016 8.46 24.29 53.71
CA ASP C 1016 9.11 23.09 53.26
C ASP C 1016 10.43 23.41 52.59
N GLY C 1017 11.47 22.70 52.98
CA GLY C 1017 12.70 22.69 52.20
C GLY C 1017 12.48 21.99 50.86
N PHE C 1018 11.61 20.96 50.87
CA PHE C 1018 11.35 20.11 49.72
C PHE C 1018 9.94 19.55 49.83
N HIS C 1019 9.23 19.48 48.71
CA HIS C 1019 7.86 18.99 48.68
C HIS C 1019 7.67 18.06 47.47
N MET C 1020 6.99 16.94 47.69
CA MET C 1020 6.78 15.94 46.65
C MET C 1020 5.79 16.46 45.62
N GLY C 1021 5.89 15.97 44.39
CA GLY C 1021 4.92 16.34 43.35
C GLY C 1021 3.50 15.89 43.69
N ILE C 1022 2.53 16.44 42.98
CA ILE C 1022 1.12 16.13 43.20
C ILE C 1022 0.57 15.08 42.20
N GLY C 1023 1.32 14.81 41.14
CA GLY C 1023 0.89 13.85 40.11
C GLY C 1023 -0.43 14.24 39.47
N GLY C 1024 -1.10 13.26 38.87
CA GLY C 1024 -2.38 13.49 38.21
C GLY C 1024 -2.58 12.88 36.83
N ASP C 1025 -1.58 12.18 36.28
CA ASP C 1025 -1.75 11.52 34.99
C ASP C 1025 -2.99 10.63 35.05
N ASP C 1026 -3.21 10.05 36.22
CA ASP C 1026 -4.53 9.56 36.62
C ASP C 1026 -4.66 9.76 38.13
N SER C 1027 -5.86 9.50 38.68
CA SER C 1027 -6.09 9.64 40.11
C SER C 1027 -6.46 8.31 40.79
N TRP C 1028 -5.97 7.18 40.27
CA TRP C 1028 -6.31 5.89 40.86
C TRP C 1028 -5.13 4.91 40.92
N SER C 1029 -3.93 5.43 40.68
CA SER C 1029 -2.68 4.71 40.77
C SER C 1029 -1.58 5.75 41.00
N PRO C 1030 -0.43 5.35 41.54
CA PRO C 1030 0.64 6.32 41.74
C PRO C 1030 1.03 6.99 40.41
N SER C 1031 1.02 8.32 40.39
CA SER C 1031 1.21 9.06 39.15
C SER C 1031 2.23 10.18 39.28
N VAL C 1032 2.91 10.26 40.42
CA VAL C 1032 3.93 11.27 40.60
C VAL C 1032 5.20 10.75 39.99
N SER C 1033 5.79 11.54 39.11
CA SER C 1033 6.96 11.12 38.37
C SER C 1033 8.21 11.05 39.26
N ALA C 1034 9.12 10.13 38.93
CA ALA C 1034 10.33 9.87 39.75
C ALA C 1034 11.13 11.11 40.14
N GLU C 1035 11.29 12.04 39.19
CA GLU C 1035 12.09 13.25 39.42
C GLU C 1035 11.45 14.19 40.45
N PHE C 1036 10.16 13.95 40.72
CA PHE C 1036 9.41 14.71 41.71
C PHE C 1036 9.14 13.97 43.05
N GLN C 1037 9.75 12.78 43.19
CA GLN C 1037 9.71 12.05 44.46
C GLN C 1037 10.93 12.38 45.31
N LEU C 1038 10.72 12.48 46.61
CA LEU C 1038 11.80 12.87 47.52
C LEU C 1038 12.68 11.67 47.91
N SER C 1039 13.55 11.29 46.99
CA SER C 1039 14.26 10.02 47.05
C SER C 1039 15.76 10.16 47.25
N ALA C 1040 16.24 11.38 47.42
CA ALA C 1040 17.66 11.66 47.47
C ALA C 1040 18.37 11.10 48.73
N GLY C 1041 17.61 10.76 49.76
CA GLY C 1041 18.18 10.18 50.97
C GLY C 1041 18.62 11.21 52.03
N ARG C 1042 19.32 12.23 51.59
CA ARG C 1042 19.80 13.31 52.46
C ARG C 1042 19.39 14.69 51.94
N TYR C 1043 18.80 15.49 52.82
CA TYR C 1043 18.28 16.79 52.41
C TYR C 1043 18.79 17.92 53.28
N HIS C 1044 19.07 19.05 52.64
CA HIS C 1044 19.56 20.22 53.33
C HIS C 1044 18.78 21.46 52.90
N TYR C 1045 18.27 22.19 53.91
CA TYR C 1045 17.72 23.53 53.70
C TYR C 1045 18.08 24.47 54.85
N GLN C 1046 18.02 25.77 54.59
CA GLN C 1046 18.30 26.79 55.60
C GLN C 1046 17.30 27.94 55.57
N LEU C 1047 16.76 28.23 56.75
CA LEU C 1047 15.81 29.32 56.93
C LEU C 1047 16.39 30.37 57.87
N VAL C 1048 16.15 31.64 57.56
CA VAL C 1048 16.41 32.71 58.52
C VAL C 1048 15.07 33.35 58.90
N TRP C 1049 14.84 33.46 60.21
CA TRP C 1049 13.61 33.99 60.75
C TRP C 1049 13.94 35.26 61.52
N CYS C 1050 13.23 36.34 61.22
CA CYS C 1050 13.43 37.61 61.91
C CYS C 1050 12.16 38.47 61.98
N GLN C 1051 12.26 39.61 62.67
CA GLN C 1051 11.17 40.55 62.77
C GLN C 1051 11.39 41.74 61.83
N LYS C 1052 10.34 42.15 61.13
CA LYS C 1052 10.40 43.36 60.29
C LYS C 1052 9.53 44.48 60.87
N VAL D 38 54.43 4.32 -22.21
CA VAL D 38 52.95 4.57 -22.23
C VAL D 38 52.41 4.82 -20.81
N VAL D 39 53.02 4.13 -19.85
CA VAL D 39 52.57 4.11 -18.45
C VAL D 39 52.68 5.47 -17.78
N LEU D 40 53.77 6.19 -18.06
CA LEU D 40 53.94 7.56 -17.59
C LEU D 40 53.08 8.57 -18.36
N GLN D 41 52.94 8.34 -19.68
CA GLN D 41 52.21 9.27 -20.55
C GLN D 41 50.71 9.22 -20.31
N ARG D 42 50.21 8.06 -19.89
CA ARG D 42 48.78 7.89 -19.68
C ARG D 42 48.25 8.47 -18.38
N ARG D 43 49.07 8.42 -17.32
CA ARG D 43 48.66 8.90 -15.99
C ARG D 43 47.27 8.36 -15.61
N ASP D 44 47.18 7.04 -15.54
CA ASP D 44 45.93 6.35 -15.20
C ASP D 44 45.47 6.64 -13.77
N TRP D 45 46.40 7.10 -12.93
CA TRP D 45 46.09 7.45 -11.54
C TRP D 45 45.50 8.85 -11.40
N GLU D 46 45.20 9.48 -12.54
CA GLU D 46 44.56 10.78 -12.55
C GLU D 46 43.35 10.77 -13.48
N ASN D 47 42.69 9.61 -13.54
CA ASN D 47 41.57 9.37 -14.43
C ASN D 47 40.61 8.42 -13.73
N PRO D 48 39.47 8.95 -13.27
CA PRO D 48 38.53 8.09 -12.55
C PRO D 48 37.79 7.13 -13.49
N GLY D 49 38.04 7.27 -14.80
CA GLY D 49 37.49 6.40 -15.83
C GLY D 49 38.33 5.14 -15.98
N VAL D 50 39.59 5.21 -15.55
CA VAL D 50 40.45 4.04 -15.48
C VAL D 50 40.74 3.65 -14.02
N THR D 51 40.08 2.59 -13.56
CA THR D 51 40.23 2.12 -12.19
C THR D 51 40.99 0.82 -12.15
N GLN D 52 41.36 0.34 -13.32
CA GLN D 52 42.08 -0.92 -13.51
C GLN D 52 42.35 -1.14 -14.98
N LEU D 53 43.39 -1.92 -15.26
CA LEU D 53 43.65 -2.42 -16.60
C LEU D 53 44.06 -3.88 -16.46
N ASN D 54 43.44 -4.74 -17.27
CA ASN D 54 43.73 -6.18 -17.31
C ASN D 54 43.45 -6.95 -16.01
N ARG D 55 42.68 -6.34 -15.13
CA ARG D 55 42.31 -6.98 -13.88
C ARG D 55 41.25 -8.05 -14.10
N LEU D 56 41.40 -9.18 -13.41
CA LEU D 56 40.42 -10.26 -13.48
C LEU D 56 39.14 -9.90 -12.71
N ALA D 57 38.07 -10.62 -13.01
CA ALA D 57 36.80 -10.44 -12.32
C ALA D 57 36.88 -10.83 -10.84
N ALA D 58 36.04 -10.20 -10.02
CA ALA D 58 36.00 -10.46 -8.58
C ALA D 58 35.15 -11.69 -8.30
N HIS D 59 35.38 -12.29 -7.12
CA HIS D 59 34.76 -13.58 -6.79
C HIS D 59 34.96 -13.86 -5.31
N PRO D 60 34.20 -14.84 -4.78
CA PRO D 60 34.40 -15.29 -3.41
C PRO D 60 35.77 -15.99 -3.26
N PRO D 61 36.24 -16.15 -2.01
CA PRO D 61 37.58 -16.72 -1.75
C PRO D 61 37.77 -18.09 -2.40
N PHE D 62 38.88 -18.25 -3.11
CA PHE D 62 39.17 -19.46 -3.86
C PHE D 62 40.46 -20.10 -3.35
N ALA D 63 40.57 -21.41 -3.44
CA ALA D 63 41.82 -22.10 -3.12
C ALA D 63 42.21 -23.14 -4.17
N SER D 64 41.29 -23.44 -5.08
CA SER D 64 41.51 -24.44 -6.13
C SER D 64 42.06 -25.75 -5.55
N TRP D 65 41.34 -26.30 -4.58
CA TRP D 65 41.69 -27.60 -4.05
C TRP D 65 41.57 -28.61 -5.16
N ARG D 66 42.46 -29.60 -5.14
CA ARG D 66 42.36 -30.69 -6.10
C ARG D 66 42.10 -31.98 -5.33
N ASN D 67 41.54 -31.82 -4.14
CA ASN D 67 41.17 -32.91 -3.28
C ASN D 67 39.96 -32.48 -2.45
N SER D 68 38.88 -33.24 -2.59
CA SER D 68 37.61 -32.92 -1.95
C SER D 68 37.67 -32.82 -0.43
N GLU D 69 38.41 -33.73 0.20
CA GLU D 69 38.53 -33.78 1.65
C GLU D 69 39.28 -32.57 2.23
N GLU D 70 40.25 -32.06 1.47
CA GLU D 70 40.99 -30.87 1.88
C GLU D 70 40.08 -29.65 1.82
N ALA D 71 39.20 -29.64 0.82
CA ALA D 71 38.21 -28.58 0.65
C ALA D 71 37.23 -28.59 1.82
N ARG D 72 36.75 -29.78 2.17
CA ARG D 72 35.79 -29.94 3.24
C ARG D 72 36.30 -29.43 4.58
N THR D 73 37.56 -29.73 4.86
CA THR D 73 38.13 -29.50 6.17
C THR D 73 38.82 -28.14 6.26
N ASP D 74 38.82 -27.40 5.14
CA ASP D 74 39.47 -26.07 5.06
C ASP D 74 40.98 -26.09 5.30
N ARG D 75 41.61 -27.24 5.07
CA ARG D 75 43.07 -27.40 5.17
C ARG D 75 43.76 -26.69 4.00
N PRO D 76 45.09 -26.42 4.13
CA PRO D 76 45.81 -25.70 3.07
C PRO D 76 45.71 -26.35 1.70
N SER D 77 45.80 -25.52 0.68
CA SER D 77 45.78 -25.95 -0.71
C SER D 77 47.16 -25.69 -1.30
N GLN D 78 47.68 -26.68 -2.02
CA GLN D 78 48.99 -26.54 -2.64
C GLN D 78 48.93 -25.65 -3.89
N GLN D 79 47.71 -25.31 -4.31
CA GLN D 79 47.48 -24.45 -5.47
C GLN D 79 47.31 -23.00 -5.05
N LEU D 80 47.42 -22.76 -3.74
CA LEU D 80 47.39 -21.40 -3.23
C LEU D 80 48.66 -21.15 -2.39
N ARG D 81 49.55 -20.34 -2.95
CA ARG D 81 50.85 -20.03 -2.35
C ARG D 81 50.85 -18.61 -1.81
N SER D 82 51.46 -18.41 -0.65
CA SER D 82 51.64 -17.06 -0.14
C SER D 82 52.96 -16.48 -0.65
N LEU D 83 52.91 -15.23 -1.12
CA LEU D 83 54.14 -14.49 -1.45
C LEU D 83 54.55 -13.50 -0.36
N ASN D 84 53.96 -13.65 0.84
CA ASN D 84 54.32 -12.81 1.99
C ASN D 84 55.71 -13.12 2.50
N GLY D 85 56.43 -12.09 2.93
CA GLY D 85 57.75 -12.24 3.51
C GLY D 85 58.66 -11.12 3.08
N GLU D 86 59.91 -11.45 2.73
CA GLU D 86 60.90 -10.44 2.40
C GLU D 86 60.89 -10.05 0.92
N TRP D 87 60.65 -8.77 0.67
CA TRP D 87 60.62 -8.17 -0.65
C TRP D 87 61.71 -7.11 -0.70
N ARG D 88 61.93 -6.54 -1.88
CA ARG D 88 62.86 -5.43 -2.04
C ARG D 88 62.04 -4.17 -2.25
N PHE D 89 62.46 -3.08 -1.62
CA PHE D 89 61.69 -1.85 -1.65
C PHE D 89 62.56 -0.63 -1.82
N ALA D 90 62.10 0.30 -2.64
CA ALA D 90 62.76 1.58 -2.79
C ALA D 90 61.73 2.70 -2.92
N TRP D 91 61.93 3.75 -2.12
CA TRP D 91 61.05 4.93 -2.10
C TRP D 91 61.48 5.99 -3.14
N PHE D 92 60.50 6.62 -3.78
CA PHE D 92 60.75 7.71 -4.73
C PHE D 92 59.76 8.86 -4.57
N PRO D 93 60.23 10.11 -4.79
CA PRO D 93 59.36 11.28 -4.61
C PRO D 93 58.20 11.37 -5.60
N ALA D 94 58.30 10.64 -6.72
CA ALA D 94 57.34 10.73 -7.81
C ALA D 94 57.51 9.52 -8.73
N PRO D 95 56.46 9.15 -9.49
CA PRO D 95 56.62 8.07 -10.48
C PRO D 95 57.67 8.39 -11.55
N GLU D 96 57.78 9.66 -11.92
CA GLU D 96 58.79 10.14 -12.89
C GLU D 96 60.23 9.89 -12.45
N ALA D 97 60.44 9.65 -11.15
CA ALA D 97 61.79 9.47 -10.60
C ALA D 97 62.22 8.02 -10.60
N VAL D 98 61.29 7.09 -10.85
CA VAL D 98 61.62 5.67 -10.93
C VAL D 98 62.45 5.38 -12.19
N PRO D 99 63.68 4.85 -12.03
CA PRO D 99 64.50 4.49 -13.18
C PRO D 99 64.05 3.23 -13.90
N GLU D 100 64.02 3.29 -15.23
CA GLU D 100 63.60 2.18 -16.10
C GLU D 100 64.36 0.88 -15.85
N SER D 101 65.58 0.98 -15.33
CA SER D 101 66.39 -0.19 -15.00
C SER D 101 65.70 -1.09 -13.96
N TRP D 102 64.87 -0.48 -13.10
CA TRP D 102 64.16 -1.19 -12.03
C TRP D 102 63.18 -2.24 -12.54
N LEU D 103 62.68 -2.07 -13.76
CA LEU D 103 61.78 -3.05 -14.37
C LEU D 103 62.43 -4.42 -14.57
N GLU D 104 63.72 -4.44 -14.90
CA GLU D 104 64.43 -5.71 -15.17
C GLU D 104 65.44 -6.11 -14.11
N CYS D 105 66.01 -5.12 -13.42
CA CYS D 105 67.05 -5.39 -12.41
C CYS D 105 66.75 -4.77 -11.07
N ASP D 106 67.02 -5.53 -10.01
CA ASP D 106 67.04 -4.99 -8.66
C ASP D 106 67.89 -3.73 -8.60
N LEU D 107 67.43 -2.75 -7.83
CA LEU D 107 68.21 -1.55 -7.56
C LEU D 107 69.08 -1.80 -6.34
N PRO D 108 70.40 -1.58 -6.47
CA PRO D 108 71.34 -1.74 -5.34
C PRO D 108 70.91 -0.96 -4.08
N GLU D 109 70.34 0.23 -4.28
CA GLU D 109 69.91 1.12 -3.18
C GLU D 109 68.68 0.63 -2.42
N ALA D 110 67.94 -0.32 -3.01
CA ALA D 110 66.71 -0.85 -2.40
C ALA D 110 67.02 -1.59 -1.11
N ASP D 111 66.08 -1.53 -0.17
CA ASP D 111 66.23 -2.22 1.10
C ASP D 111 65.40 -3.48 1.11
N THR D 112 65.67 -4.37 2.06
CA THR D 112 64.88 -5.56 2.19
C THR D 112 63.88 -5.33 3.33
N VAL D 113 62.59 -5.37 3.00
CA VAL D 113 61.52 -5.11 3.97
C VAL D 113 60.48 -6.23 3.99
N VAL D 114 59.72 -6.30 5.08
CA VAL D 114 58.61 -7.23 5.22
C VAL D 114 57.39 -6.71 4.43
N VAL D 115 56.68 -7.65 3.81
CA VAL D 115 55.44 -7.41 3.09
C VAL D 115 54.49 -8.52 3.56
N PRO D 116 53.24 -8.17 3.91
CA PRO D 116 52.62 -6.84 3.85
C PRO D 116 53.10 -5.85 4.91
N SER D 117 53.12 -4.58 4.51
CA SER D 117 53.52 -3.48 5.36
C SER D 117 53.01 -2.16 4.80
N ASN D 118 52.83 -1.15 5.65
CA ASN D 118 52.71 0.24 5.20
C ASN D 118 54.09 0.89 5.27
N TRP D 119 54.53 1.55 4.20
CA TRP D 119 55.92 2.03 4.19
C TRP D 119 56.20 3.17 5.15
N GLN D 120 55.15 3.85 5.60
CA GLN D 120 55.26 4.85 6.66
C GLN D 120 55.70 4.22 7.97
N MET D 121 55.33 2.96 8.16
CA MET D 121 55.65 2.22 9.38
C MET D 121 57.09 1.71 9.39
N HIS D 122 57.80 1.93 8.28
CA HIS D 122 59.20 1.58 8.14
C HIS D 122 60.08 2.82 8.13
N GLY D 123 59.47 3.99 8.17
CA GLY D 123 60.20 5.26 8.27
C GLY D 123 60.45 5.99 6.95
N TYR D 124 59.90 5.48 5.85
CA TYR D 124 60.22 6.02 4.51
C TYR D 124 59.64 7.41 4.26
N ASP D 125 58.42 7.61 4.73
CA ASP D 125 57.82 8.94 4.78
C ASP D 125 56.79 8.95 5.90
N ALA D 126 56.20 10.12 6.15
CA ALA D 126 55.35 10.30 7.31
C ALA D 126 53.91 9.85 7.06
N PRO D 127 53.31 9.15 8.04
CA PRO D 127 51.86 8.96 7.97
C PRO D 127 51.17 10.28 8.28
N ILE D 128 49.98 10.49 7.73
CA ILE D 128 49.27 11.75 7.90
C ILE D 128 47.93 11.52 8.60
N TYR D 129 47.70 12.21 9.71
CA TYR D 129 46.38 12.17 10.29
C TYR D 129 45.53 13.41 10.02
N THR D 130 44.61 13.29 9.06
CA THR D 130 43.58 14.32 8.81
C THR D 130 42.19 13.69 8.83
N ASN D 131 41.22 14.44 9.36
CA ASN D 131 39.85 13.94 9.47
C ASN D 131 39.05 14.16 8.17
N VAL D 132 38.45 15.34 8.04
CA VAL D 132 37.61 15.66 6.89
C VAL D 132 38.44 16.18 5.72
N THR D 133 39.27 17.18 5.98
CA THR D 133 40.04 17.88 4.95
C THR D 133 40.98 16.91 4.23
N TYR D 134 40.88 16.89 2.90
CA TYR D 134 41.69 15.97 2.09
C TYR D 134 43.18 16.20 2.33
N PRO D 135 43.99 15.12 2.40
CA PRO D 135 45.42 15.26 2.55
C PRO D 135 46.09 15.85 1.32
N ILE D 136 45.32 16.09 0.26
CA ILE D 136 45.84 16.69 -0.97
C ILE D 136 44.92 17.83 -1.37
N THR D 137 45.44 18.76 -2.17
CA THR D 137 44.61 19.82 -2.76
C THR D 137 43.42 19.20 -3.48
N VAL D 138 42.24 19.78 -3.26
CA VAL D 138 41.01 19.28 -3.85
C VAL D 138 40.89 19.82 -5.27
N ASN D 139 41.11 18.94 -6.22
CA ASN D 139 41.19 19.30 -7.63
C ASN D 139 41.01 18.02 -8.47
N PRO D 140 39.82 17.41 -8.39
CA PRO D 140 39.61 16.12 -9.07
C PRO D 140 39.66 16.27 -10.59
N PRO D 141 40.22 15.26 -11.31
CA PRO D 141 40.80 14.00 -10.80
C PRO D 141 42.29 14.06 -10.43
N PHE D 142 42.86 15.26 -10.29
CA PHE D 142 44.31 15.39 -10.18
C PHE D 142 44.89 15.17 -8.79
N VAL D 143 46.11 14.62 -8.74
CA VAL D 143 46.87 14.47 -7.50
C VAL D 143 48.16 15.32 -7.54
N PRO D 144 48.86 15.45 -6.39
CA PRO D 144 50.10 16.24 -6.43
C PRO D 144 51.13 15.60 -7.36
N THR D 145 51.94 16.44 -8.00
CA THR D 145 52.99 15.98 -8.90
C THR D 145 54.06 15.26 -8.08
N GLU D 146 54.30 15.76 -6.86
CA GLU D 146 55.08 15.02 -5.87
C GLU D 146 54.18 14.00 -5.21
N ASN D 147 54.34 12.76 -5.66
CA ASN D 147 53.45 11.67 -5.33
C ASN D 147 54.31 10.51 -4.88
N PRO D 148 54.51 10.36 -3.55
CA PRO D 148 55.37 9.30 -3.02
C PRO D 148 55.10 7.93 -3.66
N THR D 149 56.18 7.31 -4.16
CA THR D 149 56.10 6.09 -4.93
C THR D 149 56.92 4.98 -4.27
N GLY D 150 56.25 3.87 -3.98
CA GLY D 150 56.89 2.69 -3.40
C GLY D 150 57.12 1.61 -4.43
N CYS D 151 58.40 1.33 -4.73
CA CYS D 151 58.78 0.34 -5.72
C CYS D 151 59.12 -0.99 -5.08
N TYR D 152 58.17 -1.91 -5.15
CA TYR D 152 58.35 -3.23 -4.59
C TYR D 152 58.76 -4.21 -5.68
N SER D 153 59.58 -5.17 -5.29
CA SER D 153 59.97 -6.22 -6.21
C SER D 153 60.29 -7.49 -5.43
N LEU D 154 60.08 -8.61 -6.09
CA LEU D 154 60.35 -9.91 -5.51
C LEU D 154 60.86 -10.86 -6.59
N THR D 155 61.96 -11.55 -6.29
CA THR D 155 62.45 -12.63 -7.12
C THR D 155 61.90 -13.94 -6.53
N PHE D 156 61.25 -14.74 -7.37
CA PHE D 156 60.55 -15.92 -6.90
C PHE D 156 60.58 -17.05 -7.93
N ASN D 157 60.36 -18.27 -7.43
CA ASN D 157 60.41 -19.47 -8.23
C ASN D 157 59.02 -20.05 -8.43
N VAL D 158 58.77 -20.63 -9.60
CA VAL D 158 57.49 -21.26 -9.90
C VAL D 158 57.73 -22.72 -10.23
N ASP D 159 56.89 -23.60 -9.68
CA ASP D 159 56.90 -25.02 -10.02
C ASP D 159 56.75 -25.27 -11.53
N GLU D 160 57.48 -26.27 -12.02
CA GLU D 160 57.48 -26.67 -13.44
C GLU D 160 56.08 -26.90 -14.03
N SER D 161 55.27 -27.70 -13.32
CA SER D 161 53.94 -28.10 -13.79
C SER D 161 52.92 -26.95 -13.86
N TRP D 162 53.23 -25.84 -13.20
CA TRP D 162 52.41 -24.63 -13.29
C TRP D 162 52.60 -23.92 -14.61
N LEU D 163 53.76 -24.13 -15.24
CA LEU D 163 54.12 -23.44 -16.46
C LEU D 163 53.60 -24.09 -17.72
N GLN D 164 53.43 -25.41 -17.68
CA GLN D 164 52.97 -26.15 -18.85
C GLN D 164 51.45 -26.16 -18.99
N GLU D 165 50.76 -26.17 -17.85
CA GLU D 165 49.30 -26.32 -17.83
C GLU D 165 48.60 -25.43 -16.81
N GLY D 166 47.36 -25.05 -17.12
CA GLY D 166 46.51 -24.28 -16.20
C GLY D 166 46.74 -22.79 -16.15
N GLN D 167 46.12 -22.14 -15.18
CA GLN D 167 46.16 -20.68 -15.08
C GLN D 167 46.76 -20.27 -13.75
N THR D 168 47.82 -19.46 -13.81
CA THR D 168 48.44 -18.92 -12.62
C THR D 168 48.12 -17.43 -12.51
N ARG D 169 47.39 -17.07 -11.46
CA ARG D 169 47.12 -15.66 -11.22
C ARG D 169 47.82 -15.20 -9.96
N ILE D 170 48.10 -13.89 -9.90
CA ILE D 170 48.55 -13.26 -8.67
C ILE D 170 47.40 -12.46 -8.05
N ILE D 171 47.35 -12.46 -6.72
CA ILE D 171 46.31 -11.78 -5.96
C ILE D 171 46.94 -10.79 -4.98
N PHE D 172 46.58 -9.52 -5.13
CA PHE D 172 46.98 -8.49 -4.18
C PHE D 172 45.77 -8.09 -3.35
N ASP D 173 45.71 -8.56 -2.10
CA ASP D 173 44.54 -8.28 -1.23
C ASP D 173 44.34 -6.80 -0.86
N GLY D 174 45.43 -6.05 -0.76
CA GLY D 174 45.32 -4.65 -0.43
C GLY D 174 46.55 -3.87 -0.84
N VAL D 175 46.36 -2.91 -1.75
CA VAL D 175 47.41 -1.99 -2.19
C VAL D 175 46.89 -0.56 -2.18
N ASN D 176 47.57 0.30 -1.43
CA ASN D 176 47.10 1.64 -1.10
C ASN D 176 47.98 2.69 -1.78
N SER D 177 47.49 3.46 -2.76
CA SER D 177 46.11 3.44 -3.25
C SER D 177 45.92 2.93 -4.69
N ALA D 178 47.01 2.88 -5.47
CA ALA D 178 46.97 2.44 -6.87
C ALA D 178 48.32 1.86 -7.28
N PHE D 179 48.33 0.97 -8.27
CA PHE D 179 49.59 0.35 -8.67
C PHE D 179 49.63 -0.15 -10.09
N HIS D 180 50.81 -0.07 -10.71
CA HIS D 180 51.12 -0.80 -11.93
C HIS D 180 51.92 -2.05 -11.61
N LEU D 181 51.70 -3.10 -12.38
CA LEU D 181 52.34 -4.38 -12.14
C LEU D 181 53.09 -4.84 -13.39
N TRP D 182 54.36 -5.23 -13.19
CA TRP D 182 55.17 -5.84 -14.25
C TRP D 182 55.61 -7.22 -13.80
N CYS D 183 55.75 -8.13 -14.76
CA CYS D 183 56.33 -9.45 -14.50
C CYS D 183 57.41 -9.77 -15.53
N ASN D 184 58.61 -10.06 -15.03
CA ASN D 184 59.81 -10.25 -15.87
C ASN D 184 60.02 -9.16 -16.90
N GLY D 185 59.90 -7.89 -16.48
CA GLY D 185 60.12 -6.74 -17.34
C GLY D 185 58.92 -6.35 -18.20
N ARG D 186 57.94 -7.25 -18.31
CA ARG D 186 56.76 -7.01 -19.13
C ARG D 186 55.57 -6.50 -18.30
N TRP D 187 54.92 -5.43 -18.77
CA TRP D 187 53.77 -4.84 -18.08
C TRP D 187 52.56 -5.77 -18.07
N VAL D 188 51.99 -5.98 -16.88
CA VAL D 188 50.83 -6.86 -16.69
C VAL D 188 49.50 -6.08 -16.56
N GLY D 189 49.47 -5.09 -15.67
CA GLY D 189 48.25 -4.34 -15.44
C GLY D 189 48.31 -3.29 -14.35
N TYR D 190 47.13 -2.83 -13.98
CA TYR D 190 46.93 -1.65 -13.14
C TYR D 190 45.71 -1.87 -12.27
N GLY D 191 45.71 -1.30 -11.06
CA GLY D 191 44.57 -1.47 -10.16
C GLY D 191 44.40 -0.37 -9.13
N GLN D 192 43.14 -0.05 -8.83
CA GLN D 192 42.81 0.91 -7.78
C GLN D 192 41.88 0.26 -6.77
N ASP D 193 41.45 1.07 -5.80
CA ASP D 193 40.71 0.62 -4.61
C ASP D 193 41.61 -0.16 -3.66
N SER D 194 42.02 0.54 -2.60
CA SER D 194 42.91 0.04 -1.57
C SER D 194 42.40 -1.11 -0.74
N ARG D 195 41.10 -1.41 -0.78
CA ARG D 195 40.56 -2.33 0.23
C ARG D 195 39.93 -3.63 -0.29
N LEU D 196 40.15 -3.91 -1.57
CA LEU D 196 39.69 -5.16 -2.18
C LEU D 196 40.81 -5.77 -3.01
N PRO D 197 40.78 -7.10 -3.22
CA PRO D 197 41.87 -7.75 -3.96
C PRO D 197 41.90 -7.39 -5.45
N SER D 198 43.10 -7.21 -5.99
CA SER D 198 43.28 -6.99 -7.43
C SER D 198 44.06 -8.16 -7.98
N GLU D 199 43.46 -8.84 -8.96
CA GLU D 199 44.00 -10.09 -9.49
C GLU D 199 44.35 -10.00 -10.98
N PHE D 200 45.47 -10.63 -11.34
CA PHE D 200 46.00 -10.57 -12.71
C PHE D 200 46.48 -11.96 -13.13
N ASP D 201 46.23 -12.29 -14.40
CA ASP D 201 46.69 -13.54 -14.98
C ASP D 201 48.15 -13.39 -15.38
N LEU D 202 49.00 -14.26 -14.82
CA LEU D 202 50.44 -14.21 -15.07
C LEU D 202 50.89 -15.36 -15.97
N SER D 203 49.94 -16.18 -16.42
CA SER D 203 50.21 -17.41 -17.16
C SER D 203 51.16 -17.22 -18.33
N ALA D 204 50.97 -16.14 -19.07
CA ALA D 204 51.79 -15.83 -20.23
C ALA D 204 53.11 -15.16 -19.87
N PHE D 205 53.22 -14.62 -18.65
CA PHE D 205 54.39 -13.83 -18.24
C PHE D 205 55.49 -14.66 -17.56
N LEU D 206 55.15 -15.83 -17.06
CA LEU D 206 56.08 -16.59 -16.23
C LEU D 206 57.05 -17.43 -17.06
N ARG D 207 58.24 -17.63 -16.51
CA ARG D 207 59.26 -18.43 -17.16
C ARG D 207 59.80 -19.49 -16.20
N ALA D 208 60.47 -20.50 -16.76
CA ALA D 208 61.12 -21.56 -15.98
C ALA D 208 62.10 -20.99 -14.96
N GLY D 209 62.02 -21.49 -13.73
CA GLY D 209 62.93 -21.08 -12.66
C GLY D 209 62.65 -19.72 -12.07
N GLU D 210 63.58 -18.79 -12.26
CA GLU D 210 63.63 -17.53 -11.53
C GLU D 210 62.84 -16.38 -12.21
N ASN D 211 61.79 -15.91 -11.54
CA ASN D 211 60.95 -14.82 -12.04
C ASN D 211 61.03 -13.58 -11.16
N ARG D 212 60.77 -12.41 -11.74
CA ARG D 212 60.79 -11.16 -10.99
C ARG D 212 59.54 -10.28 -11.16
N LEU D 213 58.84 -10.06 -10.04
CA LEU D 213 57.73 -9.11 -9.96
C LEU D 213 58.26 -7.72 -9.68
N ALA D 214 57.68 -6.73 -10.35
CA ALA D 214 57.95 -5.33 -10.04
C ALA D 214 56.62 -4.60 -9.89
N VAL D 215 56.43 -3.96 -8.72
CA VAL D 215 55.16 -3.30 -8.38
C VAL D 215 55.37 -1.84 -8.01
N MET D 216 54.81 -0.95 -8.82
CA MET D 216 54.93 0.48 -8.55
C MET D 216 53.66 0.99 -7.86
N VAL D 217 53.77 1.27 -6.58
CA VAL D 217 52.61 1.69 -5.78
C VAL D 217 52.58 3.20 -5.62
N LEU D 218 51.47 3.81 -6.00
CA LEU D 218 51.27 5.25 -5.89
C LEU D 218 50.50 5.56 -4.61
N ARG D 219 50.97 6.58 -3.88
CA ARG D 219 50.31 6.98 -2.64
C ARG D 219 48.99 7.69 -2.96
N TRP D 220 49.04 8.61 -3.91
CA TRP D 220 47.88 9.40 -4.30
C TRP D 220 47.44 9.00 -5.71
N SER D 221 46.13 8.92 -5.91
CA SER D 221 45.53 8.61 -7.21
C SER D 221 44.11 9.16 -7.19
N ASP D 222 43.41 9.11 -8.33
CA ASP D 222 42.00 9.52 -8.36
C ASP D 222 41.16 8.68 -7.36
N GLY D 223 41.67 7.50 -7.01
CA GLY D 223 41.04 6.65 -5.98
C GLY D 223 40.98 7.35 -4.63
N SER D 224 41.97 8.18 -4.37
CA SER D 224 42.07 8.92 -3.11
C SER D 224 40.87 9.82 -2.83
N TYR D 225 40.23 10.31 -3.89
CA TYR D 225 39.03 11.14 -3.73
C TYR D 225 37.84 10.40 -3.12
N LEU D 226 37.85 9.07 -3.23
CA LEU D 226 36.84 8.23 -2.60
C LEU D 226 37.34 7.53 -1.34
N GLU D 227 38.54 7.90 -0.87
CA GLU D 227 39.12 7.26 0.31
C GLU D 227 39.46 8.29 1.40
N ASP D 228 38.48 9.12 1.72
CA ASP D 228 38.69 10.20 2.67
C ASP D 228 38.25 9.88 4.10
N GLN D 229 38.32 8.60 4.49
CA GLN D 229 37.96 8.18 5.84
C GLN D 229 38.83 8.84 6.91
N ASP D 230 38.21 9.17 8.04
CA ASP D 230 38.88 9.71 9.21
C ASP D 230 39.82 8.68 9.84
N MET D 231 41.06 8.70 9.39
CA MET D 231 42.09 7.73 9.82
C MET D 231 43.45 8.15 9.29
N TRP D 232 44.49 7.50 9.78
CA TRP D 232 45.84 7.71 9.26
C TRP D 232 45.86 7.41 7.78
N ARG D 233 46.45 8.33 7.01
CA ARG D 233 46.61 8.15 5.59
C ARG D 233 47.98 7.55 5.34
N MET D 234 47.98 6.29 4.91
CA MET D 234 49.19 5.53 4.65
C MET D 234 49.18 5.02 3.21
N SER D 235 50.14 4.15 2.87
CA SER D 235 50.22 3.55 1.54
C SER D 235 51.10 2.31 1.57
N GLY D 236 51.06 1.55 0.48
CA GLY D 236 51.87 0.34 0.33
C GLY D 236 51.12 -0.95 0.08
N ILE D 237 51.85 -2.06 0.09
CA ILE D 237 51.24 -3.36 -0.07
C ILE D 237 50.95 -3.89 1.33
N PHE D 238 49.76 -3.59 1.83
CA PHE D 238 49.44 -3.76 3.25
C PHE D 238 48.59 -4.99 3.56
N ARG D 239 48.18 -5.70 2.53
CA ARG D 239 47.54 -7.00 2.71
C ARG D 239 48.28 -8.10 1.93
N ASP D 240 47.84 -9.35 2.10
CA ASP D 240 48.52 -10.51 1.54
C ASP D 240 48.74 -10.39 0.03
N VAL D 241 49.84 -10.99 -0.44
CA VAL D 241 50.07 -11.23 -1.85
C VAL D 241 50.15 -12.75 -2.02
N SER D 242 49.49 -13.28 -3.05
CA SER D 242 49.46 -14.73 -3.23
C SER D 242 49.42 -15.18 -4.70
N LEU D 243 49.78 -16.43 -4.93
CA LEU D 243 49.66 -17.01 -6.25
C LEU D 243 48.61 -18.11 -6.22
N LEU D 244 47.73 -18.09 -7.20
CA LEU D 244 46.69 -19.10 -7.27
C LEU D 244 46.72 -19.82 -8.62
N HIS D 245 46.76 -21.15 -8.55
CA HIS D 245 46.77 -21.96 -9.74
C HIS D 245 45.46 -22.73 -9.92
N LYS D 246 44.72 -22.36 -10.96
CA LYS D 246 43.44 -22.98 -11.29
C LYS D 246 43.54 -23.70 -12.64
N PRO D 247 42.75 -24.78 -12.84
CA PRO D 247 42.72 -25.37 -14.19
C PRO D 247 42.12 -24.40 -15.21
N THR D 248 42.32 -24.68 -16.49
CA THR D 248 41.78 -23.87 -17.57
C THR D 248 40.25 -23.98 -17.61
N THR D 249 39.74 -25.17 -17.32
CA THR D 249 38.32 -25.36 -17.06
C THR D 249 38.15 -25.27 -15.56
N GLN D 250 37.42 -24.25 -15.10
CA GLN D 250 37.45 -23.83 -13.69
C GLN D 250 36.10 -23.32 -13.16
N ILE D 251 35.91 -23.44 -11.86
CA ILE D 251 34.86 -22.69 -11.16
C ILE D 251 35.31 -21.22 -11.16
N SER D 252 34.52 -20.36 -11.81
CA SER D 252 34.85 -18.92 -11.85
C SER D 252 34.05 -18.08 -10.84
N ASP D 253 32.97 -18.66 -10.32
CA ASP D 253 32.10 -17.99 -9.34
C ASP D 253 31.09 -19.00 -8.78
N PHE D 254 30.64 -18.77 -7.55
CA PHE D 254 29.52 -19.51 -6.97
C PHE D 254 28.81 -18.69 -5.88
N HIS D 255 27.48 -18.81 -5.81
CA HIS D 255 26.68 -18.07 -4.83
C HIS D 255 25.83 -19.04 -4.02
N VAL D 256 25.84 -18.87 -2.71
CA VAL D 256 25.05 -19.71 -1.84
C VAL D 256 23.93 -18.90 -1.23
N ALA D 257 22.70 -19.39 -1.40
CA ALA D 257 21.51 -18.82 -0.77
C ALA D 257 20.78 -19.87 0.07
N THR D 258 20.23 -19.43 1.19
CA THR D 258 19.38 -20.28 2.03
C THR D 258 18.01 -19.64 2.26
N ARG D 259 16.95 -20.31 1.80
CA ARG D 259 15.57 -19.85 2.08
C ARG D 259 14.78 -20.84 2.95
N PHE D 260 13.75 -20.34 3.63
CA PHE D 260 13.12 -21.10 4.71
C PHE D 260 11.61 -21.13 4.59
N ASN D 261 11.00 -22.09 5.27
CA ASN D 261 9.56 -22.05 5.46
C ASN D 261 9.22 -21.17 6.67
N ASP D 262 7.93 -21.04 6.99
CA ASP D 262 7.46 -20.06 7.99
C ASP D 262 8.11 -20.18 9.38
N ASP D 263 8.34 -21.41 9.83
CA ASP D 263 8.88 -21.67 11.17
C ASP D 263 10.29 -22.24 11.16
N PHE D 264 10.94 -22.21 10.00
CA PHE D 264 12.38 -22.54 9.87
C PHE D 264 12.67 -24.02 10.11
N SER D 265 11.64 -24.86 9.96
CA SER D 265 11.78 -26.30 10.10
C SER D 265 12.32 -26.95 8.82
N ARG D 266 12.21 -26.23 7.70
CA ARG D 266 12.74 -26.69 6.41
C ARG D 266 13.49 -25.56 5.70
N ALA D 267 14.63 -25.90 5.10
CA ALA D 267 15.41 -24.96 4.34
C ALA D 267 15.71 -25.48 2.92
N VAL D 268 15.94 -24.56 1.99
CA VAL D 268 16.50 -24.92 0.69
C VAL D 268 17.81 -24.15 0.50
N LEU D 269 18.89 -24.89 0.29
CA LEU D 269 20.14 -24.30 -0.11
C LEU D 269 20.18 -24.32 -1.64
N GLU D 270 20.36 -23.12 -2.20
CA GLU D 270 20.44 -22.93 -3.63
C GLU D 270 21.83 -22.42 -3.95
N ALA D 271 22.58 -23.17 -4.76
CA ALA D 271 23.95 -22.78 -5.10
C ALA D 271 24.09 -22.59 -6.59
N GLU D 272 24.40 -21.36 -6.99
CA GLU D 272 24.67 -21.06 -8.38
C GLU D 272 26.18 -21.15 -8.59
N VAL D 273 26.58 -21.89 -9.61
CA VAL D 273 27.98 -22.16 -9.91
C VAL D 273 28.28 -21.76 -11.36
N GLN D 274 29.31 -20.94 -11.53
CA GLN D 274 29.74 -20.50 -12.85
C GLN D 274 31.08 -21.10 -13.22
N MET D 275 31.25 -21.43 -14.49
CA MET D 275 32.53 -21.95 -14.97
C MET D 275 33.13 -21.07 -16.05
N CYS D 276 34.46 -21.12 -16.15
CA CYS D 276 35.19 -20.63 -17.32
C CYS D 276 35.95 -21.79 -17.98
N GLY D 277 36.21 -21.65 -19.28
CA GLY D 277 36.90 -22.68 -20.03
C GLY D 277 35.98 -23.34 -21.03
N GLU D 278 36.41 -24.48 -21.57
CA GLU D 278 35.67 -25.14 -22.64
C GLU D 278 34.56 -26.03 -22.09
N LEU D 279 33.34 -25.80 -22.57
CA LEU D 279 32.19 -26.61 -22.16
C LEU D 279 32.29 -28.00 -22.79
N ARG D 280 31.96 -29.02 -21.99
CA ARG D 280 31.94 -30.40 -22.44
C ARG D 280 30.77 -31.11 -21.77
N ASP D 281 30.15 -32.01 -22.51
CA ASP D 281 28.94 -32.70 -22.05
C ASP D 281 29.12 -33.57 -20.82
N TYR D 282 30.34 -34.05 -20.59
CA TYR D 282 30.65 -34.91 -19.44
C TYR D 282 30.87 -34.11 -18.14
N LEU D 283 30.89 -32.78 -18.24
CA LEU D 283 31.15 -31.94 -17.07
C LEU D 283 29.94 -31.89 -16.16
N ARG D 284 30.21 -31.91 -14.85
CA ARG D 284 29.17 -31.87 -13.84
C ARG D 284 29.62 -30.97 -12.71
N VAL D 285 28.67 -30.48 -11.92
CA VAL D 285 28.99 -29.87 -10.65
C VAL D 285 28.28 -30.65 -9.58
N THR D 286 28.97 -30.92 -8.49
CA THR D 286 28.32 -31.46 -7.30
C THR D 286 28.47 -30.46 -6.15
N VAL D 287 27.35 -30.12 -5.53
CA VAL D 287 27.40 -29.34 -4.30
C VAL D 287 26.96 -30.21 -3.14
N SER D 288 27.84 -30.39 -2.18
CA SER D 288 27.51 -31.19 -1.01
C SER D 288 27.62 -30.37 0.27
N LEU D 289 26.71 -30.66 1.20
CA LEU D 289 26.58 -29.91 2.44
C LEU D 289 26.92 -30.79 3.64
N TRP D 290 27.80 -30.28 4.50
CA TRP D 290 28.40 -31.10 5.56
C TRP D 290 28.20 -30.49 6.93
N GLN D 291 27.68 -31.30 7.84
CA GLN D 291 27.61 -30.96 9.26
C GLN D 291 28.70 -31.80 9.94
N GLY D 292 29.86 -31.18 10.17
CA GLY D 292 31.04 -31.92 10.63
C GLY D 292 31.46 -32.95 9.59
N GLU D 293 31.56 -34.21 10.01
CA GLU D 293 31.95 -35.28 9.11
C GLU D 293 30.75 -36.04 8.53
N THR D 294 29.56 -35.45 8.66
CA THR D 294 28.34 -36.06 8.14
C THR D 294 27.85 -35.29 6.90
N GLN D 295 27.48 -36.02 5.85
CA GLN D 295 26.95 -35.41 4.64
C GLN D 295 25.44 -35.32 4.81
N VAL D 296 24.93 -34.11 4.88
CA VAL D 296 23.50 -33.95 5.10
C VAL D 296 22.72 -33.91 3.80
N ALA D 297 23.34 -33.32 2.77
CA ALA D 297 22.65 -33.07 1.51
C ALA D 297 23.64 -32.94 0.36
N SER D 298 23.22 -33.34 -0.82
CA SER D 298 24.08 -33.32 -2.00
C SER D 298 23.29 -33.20 -3.29
N GLY D 299 23.86 -32.51 -4.28
CA GLY D 299 23.22 -32.37 -5.57
C GLY D 299 24.22 -32.33 -6.73
N THR D 300 23.86 -33.00 -7.82
CA THR D 300 24.70 -33.07 -9.02
C THR D 300 23.88 -32.70 -10.26
N ALA D 301 24.49 -31.93 -11.15
CA ALA D 301 23.85 -31.57 -12.43
C ALA D 301 24.89 -31.23 -13.47
N PRO D 302 24.59 -31.49 -14.75
CA PRO D 302 25.41 -30.95 -15.83
C PRO D 302 25.25 -29.44 -15.92
N PHE D 303 26.16 -28.77 -16.61
CA PHE D 303 25.99 -27.35 -16.87
C PHE D 303 24.81 -27.10 -17.81
N GLY D 304 24.24 -25.90 -17.71
CA GLY D 304 23.13 -25.47 -18.54
C GLY D 304 22.02 -24.99 -17.65
N GLY D 305 21.95 -23.67 -17.48
CA GLY D 305 20.90 -23.06 -16.65
C GLY D 305 19.54 -23.04 -17.32
N GLU D 306 18.54 -22.62 -16.58
CA GLU D 306 17.18 -22.47 -17.10
C GLU D 306 17.11 -21.39 -18.20
N ILE D 307 16.08 -21.45 -19.03
CA ILE D 307 15.87 -20.43 -20.04
C ILE D 307 15.67 -19.08 -19.33
N ILE D 308 16.39 -18.07 -19.80
CA ILE D 308 16.42 -16.74 -19.17
C ILE D 308 15.63 -15.72 -20.02
N ASP D 309 15.79 -15.80 -21.33
CA ASP D 309 15.15 -14.86 -22.25
C ASP D 309 15.05 -15.46 -23.65
N GLU D 310 14.69 -14.63 -24.62
CA GLU D 310 14.52 -15.07 -26.01
C GLU D 310 15.78 -15.74 -26.59
N ARG D 311 16.94 -15.57 -25.96
CA ARG D 311 18.18 -16.17 -26.49
C ARG D 311 18.62 -17.44 -25.77
N GLY D 312 17.79 -17.95 -24.87
CA GLY D 312 18.10 -19.14 -24.11
C GLY D 312 18.57 -18.85 -22.69
N GLY D 313 19.53 -19.63 -22.22
CA GLY D 313 20.06 -19.48 -20.88
C GLY D 313 21.57 -19.48 -20.84
N TYR D 314 22.13 -19.61 -19.64
CA TYR D 314 23.57 -19.63 -19.45
C TYR D 314 24.05 -21.07 -19.55
N ALA D 315 24.77 -21.37 -20.62
CA ALA D 315 25.29 -22.72 -20.86
C ALA D 315 26.46 -23.01 -19.91
N ASP D 316 27.08 -21.95 -19.41
CA ASP D 316 28.27 -22.01 -18.56
C ASP D 316 27.92 -21.90 -17.07
N ARG D 317 26.67 -22.18 -16.73
CA ARG D 317 26.21 -22.05 -15.35
C ARG D 317 25.22 -23.13 -15.03
N VAL D 318 25.06 -23.39 -13.74
CA VAL D 318 24.09 -24.35 -13.23
C VAL D 318 23.74 -24.00 -11.77
N THR D 319 22.51 -24.30 -11.38
CA THR D 319 22.05 -24.03 -10.02
C THR D 319 21.64 -25.34 -9.37
N LEU D 320 22.18 -25.59 -8.19
CA LEU D 320 21.90 -26.80 -7.45
C LEU D 320 20.98 -26.43 -6.30
N ARG D 321 19.95 -27.24 -6.08
CA ARG D 321 19.02 -27.03 -4.97
C ARG D 321 19.04 -28.22 -4.01
N LEU D 322 19.46 -28.00 -2.76
CA LEU D 322 19.49 -29.06 -1.75
C LEU D 322 18.45 -28.82 -0.64
N ASN D 323 17.68 -29.86 -0.31
CA ASN D 323 16.73 -29.78 0.80
C ASN D 323 17.39 -30.14 2.12
N VAL D 324 17.21 -29.27 3.11
CA VAL D 324 17.71 -29.51 4.46
C VAL D 324 16.52 -29.40 5.44
N GLU D 325 16.17 -30.52 6.04
CA GLU D 325 15.16 -30.57 7.07
C GLU D 325 15.75 -30.21 8.44
N ASN D 326 15.00 -29.44 9.23
CA ASN D 326 15.42 -29.00 10.57
C ASN D 326 16.87 -28.49 10.67
N PRO D 327 17.25 -27.52 9.82
CA PRO D 327 18.64 -27.04 9.85
C PRO D 327 19.00 -26.33 11.15
N LYS D 328 20.27 -26.40 11.52
CA LYS D 328 20.77 -25.66 12.66
C LYS D 328 21.09 -24.27 12.19
N LEU D 329 20.37 -23.30 12.75
CA LEU D 329 20.42 -21.91 12.28
C LEU D 329 21.62 -21.16 12.82
N TRP D 330 22.17 -20.29 11.98
CA TRP D 330 23.26 -19.40 12.37
C TRP D 330 22.71 -18.13 13.02
N SER D 331 23.35 -17.73 14.12
CA SER D 331 23.16 -16.43 14.77
C SER D 331 24.45 -16.12 15.50
N ALA D 332 24.56 -14.92 16.06
CA ALA D 332 25.71 -14.58 16.89
C ALA D 332 25.64 -15.22 18.28
N GLU D 333 24.44 -15.61 18.69
CA GLU D 333 24.24 -16.33 19.94
C GLU D 333 24.82 -17.76 19.83
N ILE D 334 24.44 -18.47 18.77
CA ILE D 334 24.99 -19.80 18.44
C ILE D 334 25.36 -19.84 16.96
N PRO D 335 26.67 -19.73 16.65
CA PRO D 335 27.08 -19.64 15.25
C PRO D 335 27.20 -20.99 14.56
N ASN D 336 26.09 -21.71 14.46
CA ASN D 336 26.07 -22.98 13.74
C ASN D 336 26.50 -22.82 12.29
N LEU D 337 27.55 -23.55 11.89
CA LEU D 337 27.98 -23.56 10.50
C LEU D 337 27.86 -24.92 9.84
N TYR D 338 27.66 -24.90 8.52
CA TYR D 338 27.77 -26.10 7.72
C TYR D 338 28.92 -25.85 6.74
N ARG D 339 29.37 -26.88 6.05
CA ARG D 339 30.40 -26.70 5.04
C ARG D 339 29.81 -27.14 3.71
N ALA D 340 29.84 -26.23 2.73
CA ALA D 340 29.42 -26.55 1.37
C ALA D 340 30.66 -26.72 0.52
N VAL D 341 30.70 -27.83 -0.22
CA VAL D 341 31.83 -28.16 -1.09
C VAL D 341 31.33 -28.13 -2.52
N VAL D 342 31.99 -27.34 -3.36
CA VAL D 342 31.61 -27.22 -4.76
C VAL D 342 32.65 -27.92 -5.62
N GLU D 343 32.23 -29.02 -6.24
CA GLU D 343 33.14 -29.83 -7.05
C GLU D 343 32.84 -29.69 -8.53
N LEU D 344 33.84 -29.25 -9.28
CA LEU D 344 33.78 -29.33 -10.72
C LEU D 344 34.42 -30.66 -11.10
N HIS D 345 33.65 -31.50 -11.76
CA HIS D 345 34.10 -32.85 -12.05
C HIS D 345 33.46 -33.41 -13.31
N THR D 346 33.72 -34.68 -13.58
CA THR D 346 33.18 -35.36 -14.75
C THR D 346 32.14 -36.38 -14.33
N ALA D 347 31.25 -36.75 -15.26
CA ALA D 347 30.19 -37.71 -14.98
C ALA D 347 30.74 -39.07 -14.56
N ASP D 348 31.86 -39.47 -15.15
CA ASP D 348 32.50 -40.74 -14.84
C ASP D 348 33.41 -40.70 -13.59
N GLY D 349 33.47 -39.55 -12.93
CA GLY D 349 34.02 -39.46 -11.57
C GLY D 349 35.37 -38.81 -11.33
N THR D 350 35.89 -38.10 -12.33
CA THR D 350 37.19 -37.41 -12.19
C THR D 350 37.01 -35.97 -11.69
N LEU D 351 37.74 -35.62 -10.62
CA LEU D 351 37.69 -34.27 -10.07
C LEU D 351 38.58 -33.31 -10.85
N ILE D 352 38.02 -32.16 -11.23
CA ILE D 352 38.80 -31.12 -11.89
C ILE D 352 39.32 -30.09 -10.90
N GLU D 353 38.44 -29.53 -10.09
CA GLU D 353 38.87 -28.73 -8.93
C GLU D 353 37.71 -28.63 -7.95
N ALA D 354 38.02 -28.24 -6.72
CA ALA D 354 37.01 -28.03 -5.71
C ALA D 354 37.18 -26.66 -5.06
N GLU D 355 36.06 -26.01 -4.81
CA GLU D 355 36.01 -24.81 -3.98
C GLU D 355 35.04 -25.08 -2.82
N ALA D 356 35.04 -24.21 -1.82
CA ALA D 356 34.24 -24.43 -0.63
C ALA D 356 34.04 -23.15 0.17
N CYS D 357 33.04 -23.15 1.05
CA CYS D 357 32.82 -22.05 1.98
C CYS D 357 32.06 -22.57 3.18
N ASP D 358 32.15 -21.85 4.30
CA ASP D 358 31.27 -22.11 5.44
C ASP D 358 29.90 -21.52 5.12
N VAL D 359 28.85 -22.21 5.55
CA VAL D 359 27.47 -21.81 5.29
C VAL D 359 26.73 -21.69 6.61
N GLY D 360 26.14 -20.53 6.85
CA GLY D 360 25.30 -20.32 8.01
C GLY D 360 23.87 -20.17 7.54
N PHE D 361 22.99 -21.07 7.98
CA PHE D 361 21.58 -20.96 7.65
C PHE D 361 20.93 -19.85 8.49
N ARG D 362 20.70 -18.70 7.86
CA ARG D 362 19.96 -17.63 8.48
C ARG D 362 19.24 -16.79 7.43
N GLU D 363 18.12 -16.22 7.86
CA GLU D 363 17.32 -15.32 7.06
C GLU D 363 17.39 -13.93 7.68
N VAL D 364 17.72 -12.94 6.86
CA VAL D 364 17.68 -11.55 7.25
C VAL D 364 16.58 -10.87 6.45
N ARG D 365 15.61 -10.27 7.15
CA ARG D 365 14.54 -9.54 6.48
C ARG D 365 13.97 -8.43 7.36
N ILE D 366 13.51 -7.37 6.71
CA ILE D 366 12.80 -6.30 7.40
C ILE D 366 11.32 -6.54 7.16
N GLU D 367 10.53 -6.46 8.21
CA GLU D 367 9.09 -6.73 8.11
C GLU D 367 8.31 -5.94 9.15
N ASN D 368 7.29 -5.23 8.70
CA ASN D 368 6.50 -4.37 9.57
C ASN D 368 7.37 -3.41 10.39
N GLY D 369 8.47 -2.99 9.79
CA GLY D 369 9.35 -2.02 10.41
C GLY D 369 10.45 -2.59 11.30
N LEU D 370 10.57 -3.91 11.36
CA LEU D 370 11.59 -4.58 12.20
C LEU D 370 12.60 -5.39 11.40
N LEU D 371 13.87 -5.23 11.72
CA LEU D 371 14.90 -6.10 11.18
C LEU D 371 14.84 -7.41 11.95
N LEU D 372 14.51 -8.48 11.22
CA LEU D 372 14.39 -9.80 11.81
C LEU D 372 15.56 -10.69 11.41
N LEU D 373 16.08 -11.44 12.36
CA LEU D 373 16.99 -12.52 12.06
C LEU D 373 16.35 -13.84 12.46
N ASN D 374 16.15 -14.74 11.51
CA ASN D 374 15.42 -16.00 11.73
C ASN D 374 14.08 -15.79 12.44
N GLY D 375 13.35 -14.76 11.98
CA GLY D 375 12.02 -14.44 12.48
C GLY D 375 11.99 -13.60 13.75
N LYS D 376 13.16 -13.33 14.34
CA LYS D 376 13.22 -12.61 15.61
C LYS D 376 13.86 -11.23 15.51
N PRO D 377 13.24 -10.24 16.18
CA PRO D 377 13.79 -8.88 16.11
C PRO D 377 15.14 -8.75 16.82
N LEU D 378 16.16 -8.29 16.09
CA LEU D 378 17.49 -8.13 16.66
C LEU D 378 17.57 -6.93 17.56
N LEU D 379 18.56 -6.95 18.44
CA LEU D 379 18.99 -5.80 19.20
C LEU D 379 20.50 -5.72 19.03
N ILE D 380 20.91 -4.78 18.18
CA ILE D 380 22.30 -4.67 17.77
C ILE D 380 23.12 -4.06 18.89
N ARG D 381 24.00 -4.87 19.44
CA ARG D 381 24.98 -4.41 20.42
C ARG D 381 26.29 -4.31 19.65
N GLY D 382 26.47 -3.21 18.94
CA GLY D 382 27.54 -3.15 17.96
C GLY D 382 28.63 -2.15 18.25
N VAL D 383 29.70 -2.26 17.46
CA VAL D 383 30.80 -1.31 17.50
C VAL D 383 31.38 -1.16 16.09
N ASN D 384 31.85 0.05 15.79
CA ASN D 384 32.61 0.31 14.57
C ASN D 384 34.06 -0.07 14.85
N ARG D 385 34.69 -0.76 13.91
CA ARG D 385 36.08 -1.15 14.08
C ARG D 385 36.90 -0.88 12.84
N HIS D 386 37.91 -0.03 12.99
CA HIS D 386 38.90 0.22 11.96
C HIS D 386 39.96 -0.86 12.01
N GLU D 387 40.66 -1.05 10.90
CA GLU D 387 41.82 -1.93 10.88
C GLU D 387 43.08 -1.13 11.25
N HIS D 388 43.48 -1.25 12.52
CA HIS D 388 44.58 -0.45 13.06
C HIS D 388 45.44 -1.25 14.05
N HIS D 389 46.75 -1.11 13.89
CA HIS D 389 47.73 -1.66 14.82
C HIS D 389 48.70 -0.54 15.15
N PRO D 390 49.03 -0.36 16.46
CA PRO D 390 49.95 0.72 16.85
C PRO D 390 51.37 0.61 16.29
N LEU D 391 51.79 -0.61 15.94
CA LEU D 391 53.12 -0.85 15.38
C LEU D 391 53.12 -1.04 13.86
N HIS D 392 52.15 -1.80 13.36
CA HIS D 392 52.14 -2.24 11.98
C HIS D 392 51.19 -1.44 11.09
N GLY D 393 50.54 -0.45 11.70
CA GLY D 393 49.71 0.50 10.97
C GLY D 393 48.37 -0.11 10.58
N GLN D 394 48.20 -0.36 9.29
CA GLN D 394 46.93 -0.85 8.77
C GLN D 394 47.04 -2.28 8.24
N VAL D 395 48.16 -2.91 8.56
CA VAL D 395 48.36 -4.32 8.31
C VAL D 395 47.71 -5.13 9.43
N MET D 396 46.87 -6.09 9.06
CA MET D 396 46.12 -6.91 10.01
C MET D 396 46.70 -8.32 10.14
N ASP D 397 46.66 -8.85 11.35
CA ASP D 397 47.14 -10.21 11.63
C ASP D 397 46.09 -11.02 12.37
N GLU D 398 46.15 -12.34 12.26
CA GLU D 398 45.18 -13.22 12.88
C GLU D 398 45.04 -13.00 14.38
N GLN D 399 46.18 -12.94 15.06
CA GLN D 399 46.24 -12.79 16.51
C GLN D 399 45.45 -11.55 16.98
N THR D 400 45.69 -10.42 16.33
CA THR D 400 45.02 -9.16 16.66
C THR D 400 43.51 -9.22 16.36
N MET D 401 43.13 -9.84 15.24
CA MET D 401 41.73 -10.01 14.88
C MET D 401 41.02 -10.90 15.89
N VAL D 402 41.63 -12.05 16.20
CA VAL D 402 41.10 -12.94 17.22
C VAL D 402 41.01 -12.21 18.58
N GLN D 403 42.05 -11.49 18.96
CA GLN D 403 42.03 -10.69 20.20
C GLN D 403 40.84 -9.72 20.25
N ASP D 404 40.62 -8.97 19.16
CA ASP D 404 39.50 -8.01 19.09
C ASP D 404 38.13 -8.70 19.25
N ILE D 405 37.93 -9.78 18.51
CA ILE D 405 36.67 -10.53 18.56
C ILE D 405 36.40 -11.07 19.96
N LEU D 406 37.44 -11.62 20.61
CA LEU D 406 37.29 -12.16 21.97
C LEU D 406 36.89 -11.09 22.97
N LEU D 407 37.56 -9.94 22.94
CA LEU D 407 37.22 -8.82 23.82
C LEU D 407 35.80 -8.28 23.59
N MET D 408 35.41 -8.17 22.31
CA MET D 408 34.07 -7.75 21.92
C MET D 408 33.00 -8.68 22.47
N LYS D 409 33.13 -9.97 22.21
CA LYS D 409 32.17 -10.94 22.73
C LYS D 409 32.15 -10.96 24.27
N GLN D 410 33.33 -10.81 24.88
CA GLN D 410 33.44 -10.80 26.35
C GLN D 410 32.81 -9.55 26.95
N ASN D 411 32.70 -8.49 26.15
CA ASN D 411 32.06 -7.27 26.60
C ASN D 411 30.64 -7.07 26.04
N ASN D 412 29.98 -8.19 25.73
CA ASN D 412 28.58 -8.22 25.29
C ASN D 412 28.22 -7.54 23.95
N PHE D 413 29.22 -7.36 23.10
CA PHE D 413 28.98 -6.98 21.71
C PHE D 413 28.58 -8.19 20.87
N ASN D 414 27.65 -8.02 19.95
CA ASN D 414 27.25 -9.10 19.04
C ASN D 414 27.32 -8.71 17.56
N ALA D 415 27.95 -7.58 17.26
CA ALA D 415 27.91 -7.00 15.90
C ALA D 415 29.01 -5.98 15.70
N VAL D 416 29.49 -5.91 14.47
CA VAL D 416 30.60 -5.04 14.11
C VAL D 416 30.33 -4.40 12.75
N ARG D 417 30.76 -3.17 12.58
CA ARG D 417 30.69 -2.49 11.28
C ARG D 417 32.08 -2.26 10.71
N CYS D 418 32.26 -2.62 9.44
CA CYS D 418 33.52 -2.42 8.75
C CYS D 418 33.72 -0.97 8.33
N SER D 419 33.93 -0.09 9.32
CA SER D 419 34.13 1.33 9.05
C SER D 419 35.54 1.60 8.50
N HIS D 420 35.67 2.14 7.29
CA HIS D 420 34.59 2.33 6.32
C HIS D 420 35.05 1.74 4.96
N TYR D 421 35.17 0.42 4.91
CA TYR D 421 35.77 -0.29 3.79
C TYR D 421 35.70 -1.79 4.02
N PRO D 422 35.73 -2.58 2.93
CA PRO D 422 35.80 -4.01 3.09
C PRO D 422 37.06 -4.38 3.86
N ASN D 423 36.95 -5.39 4.71
CA ASN D 423 38.06 -5.79 5.55
C ASN D 423 38.90 -6.90 4.94
N HIS D 424 40.06 -7.11 5.55
CA HIS D 424 40.85 -8.30 5.39
C HIS D 424 39.93 -9.53 5.32
N PRO D 425 40.16 -10.43 4.36
CA PRO D 425 39.28 -11.60 4.18
C PRO D 425 39.09 -12.45 5.45
N LEU D 426 40.13 -12.55 6.28
CA LEU D 426 40.07 -13.43 7.44
C LEU D 426 39.05 -12.96 8.47
N TRP D 427 38.81 -11.64 8.54
CA TRP D 427 37.83 -11.06 9.45
C TRP D 427 36.43 -11.69 9.35
N TYR D 428 35.96 -11.90 8.12
CA TYR D 428 34.64 -12.47 7.88
C TYR D 428 34.59 -13.94 8.32
N THR D 429 35.66 -14.68 8.04
CA THR D 429 35.80 -16.06 8.49
C THR D 429 35.68 -16.14 10.01
N LEU D 430 36.44 -15.31 10.70
CA LEU D 430 36.40 -15.24 12.16
C LEU D 430 35.01 -14.87 12.68
N CYS D 431 34.38 -13.84 12.10
CA CYS D 431 33.00 -13.44 12.49
C CYS D 431 31.97 -14.51 12.20
N ASP D 432 32.14 -15.24 11.09
CA ASP D 432 31.33 -16.43 10.77
C ASP D 432 31.42 -17.49 11.89
N ARG D 433 32.64 -17.73 12.37
CA ARG D 433 32.92 -18.87 13.27
C ARG D 433 32.72 -18.54 14.73
N TYR D 434 33.16 -17.35 15.12
CA TYR D 434 32.94 -16.86 16.48
C TYR D 434 31.53 -16.34 16.72
N GLY D 435 30.88 -15.83 15.67
CA GLY D 435 29.50 -15.33 15.80
C GLY D 435 29.41 -13.85 16.06
N LEU D 436 29.44 -13.07 14.98
CA LEU D 436 29.23 -11.62 15.02
C LEU D 436 28.48 -11.19 13.77
N TYR D 437 27.42 -10.41 13.94
CA TYR D 437 26.75 -9.79 12.80
C TYR D 437 27.66 -8.71 12.24
N VAL D 438 27.83 -8.73 10.92
CA VAL D 438 28.70 -7.76 10.26
C VAL D 438 27.93 -6.88 9.30
N VAL D 439 28.27 -5.60 9.32
CA VAL D 439 27.85 -4.65 8.29
C VAL D 439 29.07 -4.47 7.38
N ASP D 440 28.96 -4.94 6.14
CA ASP D 440 30.06 -4.86 5.19
C ASP D 440 29.90 -3.58 4.38
N GLU D 441 30.94 -2.73 4.40
CA GLU D 441 30.83 -1.37 3.91
C GLU D 441 31.75 -1.08 2.73
N ALA D 442 31.19 -0.55 1.64
CA ALA D 442 31.98 -0.13 0.48
C ALA D 442 33.03 0.94 0.84
N ASN D 443 34.21 0.83 0.25
CA ASN D 443 35.32 1.78 0.44
C ASN D 443 35.07 3.07 -0.33
N ILE D 444 34.05 3.82 0.08
CA ILE D 444 33.70 5.08 -0.55
C ILE D 444 33.45 6.12 0.53
N GLU D 445 34.34 7.10 0.65
CA GLU D 445 34.11 8.27 1.48
C GLU D 445 34.71 9.54 0.85
N THR D 446 33.86 10.55 0.67
CA THR D 446 34.22 11.82 0.03
C THR D 446 33.87 12.98 0.95
N HIS D 447 34.14 12.79 2.24
CA HIS D 447 33.77 13.74 3.30
C HIS D 447 34.21 15.17 3.03
N GLY D 448 35.38 15.31 2.41
CA GLY D 448 36.03 16.61 2.24
C GLY D 448 35.53 17.41 1.07
N MET D 449 34.71 16.80 0.22
CA MET D 449 34.10 17.51 -0.91
C MET D 449 33.14 18.57 -0.40
N VAL D 450 32.92 19.59 -1.22
CA VAL D 450 31.96 20.65 -0.90
C VAL D 450 31.02 20.86 -2.09
N PRO D 451 29.71 20.57 -1.92
CA PRO D 451 29.10 19.92 -0.74
C PRO D 451 29.51 18.44 -0.71
N MET D 452 29.03 17.68 0.27
CA MET D 452 29.59 16.33 0.47
C MET D 452 29.24 15.36 -0.68
N ASN D 453 28.17 15.65 -1.42
CA ASN D 453 27.79 14.77 -2.54
C ASN D 453 28.33 15.21 -3.91
N ARG D 454 29.30 16.11 -3.95
CA ARG D 454 29.78 16.63 -5.25
C ARG D 454 30.16 15.52 -6.24
N LEU D 455 30.88 14.49 -5.77
CA LEU D 455 31.28 13.37 -6.63
C LEU D 455 30.18 12.30 -6.75
N THR D 456 29.48 12.02 -5.65
CA THR D 456 28.50 10.94 -5.64
C THR D 456 27.22 11.27 -6.41
N ASP D 457 26.98 12.54 -6.69
CA ASP D 457 25.84 12.94 -7.55
C ASP D 457 26.26 13.09 -9.01
N ASP D 458 27.56 12.91 -9.29
CA ASP D 458 28.13 13.13 -10.60
C ASP D 458 28.26 11.81 -11.40
N PRO D 459 27.53 11.70 -12.53
CA PRO D 459 27.53 10.45 -13.29
C PRO D 459 28.90 9.99 -13.75
N ARG D 460 29.87 10.90 -13.85
CA ARG D 460 31.23 10.55 -14.27
C ARG D 460 32.01 9.78 -13.20
N TRP D 461 31.50 9.81 -11.97
CA TRP D 461 32.11 9.08 -10.87
C TRP D 461 31.37 7.79 -10.55
N LEU D 462 30.23 7.58 -11.18
CA LEU D 462 29.47 6.34 -11.02
C LEU D 462 30.28 5.06 -11.30
N PRO D 463 31.08 5.02 -12.39
CA PRO D 463 31.87 3.82 -12.64
C PRO D 463 32.87 3.46 -11.53
N ALA D 464 33.67 4.44 -11.10
CA ALA D 464 34.62 4.20 -10.01
C ALA D 464 33.86 3.78 -8.74
N MET D 465 32.72 4.41 -8.50
CA MET D 465 31.89 4.08 -7.34
C MET D 465 31.29 2.68 -7.39
N SER D 466 30.75 2.31 -8.55
CA SER D 466 30.13 0.99 -8.73
C SER D 466 31.11 -0.16 -8.49
N GLU D 467 32.34 -0.01 -8.96
CA GLU D 467 33.35 -1.06 -8.76
C GLU D 467 33.59 -1.29 -7.28
N ARG D 468 33.56 -0.22 -6.49
CA ARG D 468 33.75 -0.36 -5.06
C ARG D 468 32.63 -1.09 -4.33
N VAL D 469 31.41 -0.95 -4.87
CA VAL D 469 30.27 -1.66 -4.34
C VAL D 469 30.16 -3.08 -4.90
N THR D 470 30.18 -3.21 -6.22
CA THR D 470 29.90 -4.49 -6.87
C THR D 470 30.96 -5.54 -6.54
N ARG D 471 32.23 -5.12 -6.45
CA ARG D 471 33.34 -6.05 -6.23
C ARG D 471 33.40 -6.50 -4.76
N MET D 472 32.83 -5.68 -3.86
CA MET D 472 32.63 -6.04 -2.47
C MET D 472 31.61 -7.17 -2.34
N VAL D 473 30.44 -6.97 -2.96
CA VAL D 473 29.35 -7.94 -2.94
C VAL D 473 29.82 -9.26 -3.55
N GLN D 474 30.46 -9.18 -4.72
CA GLN D 474 30.97 -10.35 -5.41
C GLN D 474 31.93 -11.17 -4.54
N ARG D 475 32.65 -10.48 -3.66
CA ARG D 475 33.65 -11.10 -2.79
C ARG D 475 33.07 -11.72 -1.52
N ASP D 476 32.11 -11.03 -0.89
CA ASP D 476 31.72 -11.33 0.50
C ASP D 476 30.33 -11.92 0.69
N ARG D 477 29.59 -12.08 -0.40
CA ARG D 477 28.17 -12.48 -0.36
C ARG D 477 27.89 -13.88 0.17
N ASN D 478 28.91 -14.73 0.27
CA ASN D 478 28.70 -16.06 0.84
C ASN D 478 28.94 -16.14 2.35
N HIS D 479 29.44 -15.06 2.94
CA HIS D 479 29.69 -15.04 4.39
C HIS D 479 28.38 -14.85 5.19
N PRO D 480 28.02 -15.84 6.03
CA PRO D 480 26.83 -15.68 6.88
C PRO D 480 26.91 -14.51 7.83
N SER D 481 28.12 -14.12 8.25
CA SER D 481 28.23 -13.01 9.23
C SER D 481 27.75 -11.66 8.69
N VAL D 482 28.00 -11.41 7.39
CA VAL D 482 27.53 -10.20 6.73
C VAL D 482 26.01 -10.25 6.66
N ILE D 483 25.35 -9.40 7.42
CA ILE D 483 23.89 -9.37 7.41
C ILE D 483 23.33 -8.13 6.73
N ILE D 484 24.17 -7.10 6.60
CA ILE D 484 23.76 -5.81 6.02
C ILE D 484 24.84 -5.28 5.08
N TRP D 485 24.44 -4.80 3.90
CA TRP D 485 25.39 -4.12 3.00
C TRP D 485 25.35 -2.63 3.26
N SER D 486 26.52 -1.99 3.22
CA SER D 486 26.57 -0.55 3.32
C SER D 486 27.24 0.09 2.12
N LEU D 487 26.63 1.15 1.62
CA LEU D 487 27.11 1.87 0.42
C LEU D 487 28.32 2.77 0.66
N GLY D 488 28.82 2.80 1.90
CA GLY D 488 29.96 3.62 2.24
C GLY D 488 29.72 4.55 3.41
N SER D 489 30.47 5.65 3.41
CA SER D 489 30.47 6.57 4.53
C SER D 489 30.62 8.02 4.08
N GLU D 490 29.84 8.90 4.69
CA GLU D 490 30.03 10.34 4.60
C GLU D 490 30.36 10.86 3.18
N SER D 491 29.47 10.56 2.24
CA SER D 491 29.62 11.07 0.88
C SER D 491 28.34 11.75 0.38
N GLY D 492 27.65 12.42 1.31
CA GLY D 492 26.35 13.02 1.04
C GLY D 492 25.35 12.03 0.51
N HIS D 493 24.37 12.52 -0.23
CA HIS D 493 23.48 11.64 -0.97
C HIS D 493 23.43 12.07 -2.43
N GLY D 494 23.92 11.22 -3.31
CA GLY D 494 23.87 11.50 -4.74
C GLY D 494 23.09 10.41 -5.45
N ALA D 495 22.77 10.67 -6.72
CA ALA D 495 22.03 9.72 -7.54
C ALA D 495 22.77 8.39 -7.74
N ASN D 496 24.10 8.44 -7.75
CA ASN D 496 24.92 7.22 -7.79
C ASN D 496 24.61 6.27 -6.64
N HIS D 497 24.31 6.81 -5.47
CA HIS D 497 23.93 6.03 -4.30
C HIS D 497 22.64 5.25 -4.58
N ASP D 498 21.66 5.96 -5.14
CA ASP D 498 20.38 5.36 -5.46
C ASP D 498 20.55 4.23 -6.49
N ALA D 499 21.39 4.46 -7.48
CA ALA D 499 21.63 3.43 -8.50
C ALA D 499 22.28 2.20 -7.89
N LEU D 500 23.25 2.41 -6.99
CA LEU D 500 24.00 1.30 -6.42
C LEU D 500 23.19 0.58 -5.35
N TYR D 501 22.35 1.33 -4.63
CA TYR D 501 21.36 0.73 -3.76
C TYR D 501 20.54 -0.31 -4.52
N ARG D 502 19.99 0.09 -5.66
CA ARG D 502 19.09 -0.77 -6.43
C ARG D 502 19.83 -1.95 -7.03
N TRP D 503 21.08 -1.72 -7.43
CA TRP D 503 21.93 -2.79 -7.95
C TRP D 503 22.10 -3.92 -6.92
N ILE D 504 22.34 -3.57 -5.66
CA ILE D 504 22.49 -4.60 -4.63
C ILE D 504 21.15 -5.31 -4.43
N LYS D 505 20.07 -4.55 -4.36
CA LYS D 505 18.75 -5.12 -4.12
C LYS D 505 18.34 -6.16 -5.17
N SER D 506 18.74 -5.94 -6.43
CA SER D 506 18.46 -6.92 -7.51
C SER D 506 19.35 -8.13 -7.39
N VAL D 507 20.63 -7.90 -7.14
CA VAL D 507 21.65 -8.94 -7.15
C VAL D 507 21.60 -9.79 -5.87
N ASP D 508 21.31 -9.15 -4.75
CA ASP D 508 21.28 -9.86 -3.47
C ASP D 508 20.13 -9.40 -2.58
N PRO D 509 18.93 -9.99 -2.78
CA PRO D 509 17.75 -9.65 -2.00
C PRO D 509 17.84 -10.15 -0.56
N SER D 510 18.87 -10.92 -0.24
CA SER D 510 18.96 -11.61 1.04
C SER D 510 19.35 -10.70 2.21
N ARG D 511 20.01 -9.58 1.90
CA ARG D 511 20.47 -8.63 2.92
C ARG D 511 19.90 -7.22 2.68
N PRO D 512 19.49 -6.54 3.76
CA PRO D 512 19.17 -5.11 3.70
C PRO D 512 20.39 -4.25 3.33
N VAL D 513 20.13 -3.11 2.69
CA VAL D 513 21.16 -2.14 2.36
C VAL D 513 20.97 -0.89 3.19
N GLN D 514 22.04 -0.42 3.85
CA GLN D 514 21.93 0.82 4.59
C GLN D 514 22.95 1.81 4.08
N TYR D 515 22.72 3.08 4.39
CA TYR D 515 23.64 4.16 4.06
C TYR D 515 23.20 5.43 4.77
N GLU D 516 24.11 6.03 5.53
CA GLU D 516 23.81 7.19 6.38
C GLU D 516 23.79 8.53 5.66
N GLY D 517 24.52 8.65 4.55
CA GLY D 517 24.72 9.95 3.92
C GLY D 517 23.47 10.68 3.46
N GLY D 518 23.50 11.99 3.59
CA GLY D 518 22.43 12.85 3.11
C GLY D 518 21.19 12.86 3.98
N GLY D 519 21.36 12.58 5.27
CA GLY D 519 20.24 12.66 6.21
C GLY D 519 19.77 11.37 6.86
N ALA D 520 20.47 10.27 6.60
CA ALA D 520 20.23 8.97 7.27
C ALA D 520 18.88 8.28 7.02
N ASP D 521 17.97 8.94 6.29
CA ASP D 521 16.67 8.34 5.96
C ASP D 521 16.28 8.51 4.49
N THR D 522 17.29 8.60 3.63
CA THR D 522 17.05 8.78 2.20
C THR D 522 16.48 7.53 1.54
N THR D 523 16.30 7.61 0.23
CA THR D 523 15.78 6.52 -0.58
C THR D 523 16.88 5.47 -0.81
N ALA D 524 18.10 5.72 -0.34
CA ALA D 524 19.20 4.76 -0.55
C ALA D 524 19.49 3.89 0.69
N THR D 525 18.52 3.81 1.60
CA THR D 525 18.72 3.03 2.81
C THR D 525 17.45 2.35 3.30
N ASP D 526 17.56 1.06 3.64
CA ASP D 526 16.45 0.28 4.19
C ASP D 526 16.27 0.51 5.70
N ILE D 527 17.27 1.12 6.31
CA ILE D 527 17.36 1.29 7.76
C ILE D 527 17.70 2.75 8.04
N ILE D 528 16.97 3.36 8.97
CA ILE D 528 17.29 4.70 9.43
C ILE D 528 18.56 4.57 10.27
N CYS D 529 19.66 5.12 9.77
CA CYS D 529 20.97 4.82 10.34
C CYS D 529 21.80 6.06 10.68
N PRO D 530 21.23 6.95 11.51
CA PRO D 530 21.96 8.19 11.76
C PRO D 530 23.26 7.97 12.55
N MET D 531 24.15 8.96 12.48
CA MET D 531 25.29 8.99 13.36
C MET D 531 25.06 10.07 14.40
N TYR D 532 25.18 9.67 15.67
CA TYR D 532 25.15 10.60 16.82
C TYR D 532 23.83 11.36 16.99
N ALA D 533 22.74 10.78 16.49
CA ALA D 533 21.43 11.26 16.87
C ALA D 533 21.29 10.96 18.36
N ARG D 534 20.71 11.90 19.10
CA ARG D 534 20.57 11.79 20.55
C ARG D 534 19.25 11.10 20.91
N VAL D 535 19.11 10.69 22.16
CA VAL D 535 17.94 9.90 22.54
C VAL D 535 16.69 10.79 22.56
N ASP D 536 16.78 11.91 23.25
CA ASP D 536 15.64 12.77 23.51
C ASP D 536 15.77 14.13 22.87
N GLU D 537 17.01 14.57 22.62
CA GLU D 537 17.25 15.91 22.11
C GLU D 537 17.41 15.96 20.58
N ASP D 538 16.62 16.79 19.92
CA ASP D 538 16.69 17.01 18.49
C ASP D 538 17.89 17.90 18.18
N GLN D 539 18.50 17.69 17.03
CA GLN D 539 19.50 18.63 16.54
C GLN D 539 19.07 19.03 15.14
N PRO D 540 18.21 20.05 15.04
CA PRO D 540 17.55 20.41 13.78
C PRO D 540 18.46 21.16 12.78
N PHE D 541 19.62 20.58 12.44
CA PHE D 541 20.48 21.11 11.38
C PHE D 541 19.71 21.22 10.06
N PRO D 542 19.97 22.28 9.28
CA PRO D 542 19.25 22.39 8.01
C PRO D 542 19.62 21.23 7.06
N ALA D 543 18.63 20.78 6.28
CA ALA D 543 18.78 19.71 5.26
C ALA D 543 19.05 18.30 5.81
N VAL D 544 19.93 18.20 6.80
CA VAL D 544 20.34 16.90 7.37
C VAL D 544 20.17 16.89 8.90
N PRO D 545 18.94 17.12 9.39
CA PRO D 545 18.76 17.18 10.84
C PRO D 545 19.04 15.82 11.51
N LYS D 546 19.38 15.85 12.80
CA LYS D 546 19.49 14.64 13.60
C LYS D 546 18.40 14.64 14.65
N TRP D 547 17.26 14.07 14.29
CA TRP D 547 16.12 14.02 15.19
C TRP D 547 16.47 13.12 16.36
N SER D 548 15.79 13.37 17.48
CA SER D 548 15.76 12.42 18.56
C SER D 548 15.33 11.08 17.95
N ILE D 549 16.06 10.02 18.25
CA ILE D 549 15.79 8.71 17.64
C ILE D 549 14.38 8.19 17.94
N LYS D 550 13.84 8.59 19.09
CA LYS D 550 12.46 8.23 19.45
C LYS D 550 11.47 8.96 18.57
N LYS D 551 11.78 10.22 18.27
CA LYS D 551 10.92 11.05 17.43
C LYS D 551 11.04 10.62 15.96
N TRP D 552 12.26 10.28 15.55
CA TRP D 552 12.55 9.95 14.16
C TRP D 552 11.64 8.83 13.65
N LEU D 553 11.50 7.80 14.48
CA LEU D 553 10.71 6.62 14.17
C LEU D 553 9.28 6.93 13.70
N SER D 554 8.66 7.93 14.33
CA SER D 554 7.24 8.22 14.07
C SER D 554 6.98 9.49 13.25
N LEU D 555 7.99 10.01 12.54
CA LEU D 555 7.74 11.07 11.58
C LEU D 555 6.69 10.62 10.56
N PRO D 556 5.80 11.55 10.15
CA PRO D 556 4.71 11.20 9.22
C PRO D 556 5.22 10.34 8.06
N GLY D 557 4.64 9.16 7.90
CA GLY D 557 4.98 8.24 6.81
C GLY D 557 6.17 7.31 7.04
N GLU D 558 6.94 7.55 8.10
CA GLU D 558 8.13 6.73 8.34
C GLU D 558 7.80 5.38 8.96
N THR D 559 8.36 4.32 8.38
CA THR D 559 8.04 2.96 8.82
C THR D 559 9.27 2.12 9.14
N ARG D 560 10.46 2.59 8.76
CA ARG D 560 11.66 1.74 8.83
C ARG D 560 12.19 1.56 10.26
N PRO D 561 13.02 0.52 10.48
CA PRO D 561 13.75 0.37 11.74
C PRO D 561 14.86 1.40 11.83
N LEU D 562 15.27 1.72 13.06
CA LEU D 562 16.39 2.64 13.28
C LEU D 562 17.47 1.94 14.08
N ILE D 563 18.63 1.78 13.45
CA ILE D 563 19.85 1.30 14.07
C ILE D 563 20.93 2.35 13.77
N LEU D 564 21.47 2.95 14.82
CA LEU D 564 22.52 3.96 14.67
C LEU D 564 23.80 3.36 14.07
N CYS D 565 24.26 3.89 12.95
CA CYS D 565 25.48 3.40 12.34
C CYS D 565 26.67 3.80 13.21
N GLU D 566 26.56 4.93 13.89
CA GLU D 566 27.56 5.40 14.84
C GLU D 566 26.84 6.12 15.97
N TYR D 567 27.24 5.83 17.22
CA TYR D 567 26.77 6.58 18.40
C TYR D 567 27.76 6.49 19.56
N ALA D 568 27.51 7.30 20.60
CA ALA D 568 28.34 7.30 21.81
C ALA D 568 29.83 7.41 21.48
N HIS D 569 30.21 8.58 20.97
CA HIS D 569 31.59 8.86 20.61
C HIS D 569 32.53 8.71 21.81
N ALA D 570 33.34 7.64 21.78
CA ALA D 570 34.13 7.26 22.96
C ALA D 570 35.51 7.94 23.02
N MET D 571 35.55 9.23 22.72
CA MET D 571 36.82 9.92 22.62
C MET D 571 37.30 10.35 24.00
N GLY D 572 38.37 9.71 24.46
CA GLY D 572 38.94 10.02 25.76
C GLY D 572 38.02 9.59 26.87
N ASN D 573 37.84 10.48 27.84
CA ASN D 573 36.98 10.25 28.97
C ASN D 573 35.54 10.50 28.55
N SER D 574 34.86 9.43 28.17
CA SER D 574 33.60 9.58 27.45
C SER D 574 32.65 8.43 27.73
N LEU D 575 31.59 8.37 26.92
CA LEU D 575 30.49 7.44 27.07
C LEU D 575 29.53 7.83 28.19
N GLY D 576 29.45 9.12 28.50
CA GLY D 576 28.41 9.65 29.40
C GLY D 576 27.07 9.65 28.70
N GLY D 577 26.03 9.16 29.38
CA GLY D 577 24.69 9.05 28.79
C GLY D 577 24.47 7.78 27.97
N PHE D 578 25.39 6.82 28.11
CA PHE D 578 25.29 5.56 27.36
C PHE D 578 24.04 4.78 27.75
N ALA D 579 23.74 4.78 29.05
CA ALA D 579 22.58 4.07 29.59
C ALA D 579 21.27 4.61 29.03
N LYS D 580 21.26 5.88 28.63
CA LYS D 580 20.07 6.50 28.07
C LYS D 580 19.67 5.85 26.74
N TYR D 581 20.67 5.54 25.91
CA TYR D 581 20.47 4.81 24.66
C TYR D 581 19.88 3.42 24.90
N TRP D 582 20.45 2.70 25.85
CA TRP D 582 20.02 1.32 26.09
C TRP D 582 18.61 1.20 26.66
N GLN D 583 18.27 2.11 27.58
CA GLN D 583 16.90 2.23 28.05
C GLN D 583 15.95 2.43 26.86
N ALA D 584 16.28 3.34 25.96
CA ALA D 584 15.47 3.60 24.75
C ALA D 584 15.39 2.41 23.80
N PHE D 585 16.54 1.78 23.53
CA PHE D 585 16.59 0.58 22.70
C PHE D 585 15.67 -0.48 23.26
N ARG D 586 15.68 -0.67 24.58
CA ARG D 586 14.84 -1.70 25.18
C ARG D 586 13.32 -1.38 25.19
N GLN D 587 12.99 -0.11 25.38
CA GLN D 587 11.58 0.30 25.39
C GLN D 587 10.91 0.32 24.01
N TYR D 588 11.67 0.67 22.96
CA TYR D 588 11.09 0.85 21.62
C TYR D 588 11.43 -0.31 20.70
N PRO D 589 10.41 -1.06 20.24
CA PRO D 589 10.69 -2.18 19.33
C PRO D 589 11.54 -1.77 18.10
N ARG D 590 11.20 -0.63 17.49
CA ARG D 590 11.87 -0.19 16.25
C ARG D 590 13.19 0.51 16.48
N LEU D 591 13.52 0.80 17.73
CA LEU D 591 14.86 1.22 18.07
C LEU D 591 15.66 -0.05 18.31
N GLN D 592 16.44 -0.47 17.31
CA GLN D 592 17.08 -1.78 17.37
C GLN D 592 18.58 -1.77 17.64
N GLY D 593 19.06 -0.74 18.33
CA GLY D 593 20.47 -0.66 18.75
C GLY D 593 21.32 0.26 17.90
N GLY D 594 22.60 -0.10 17.77
CA GLY D 594 23.53 0.71 17.01
C GLY D 594 24.97 0.29 17.19
N PHE D 595 25.87 1.01 16.51
CA PHE D 595 27.29 0.72 16.57
C PHE D 595 28.10 1.84 17.23
N VAL D 596 28.73 1.55 18.37
CA VAL D 596 29.52 2.57 19.07
C VAL D 596 30.67 3.04 18.20
N TRP D 597 31.00 4.32 18.32
CA TRP D 597 32.23 4.83 17.71
C TRP D 597 33.29 5.16 18.75
N ASP D 598 34.38 4.38 18.80
CA ASP D 598 34.54 3.16 18.02
C ASP D 598 35.36 2.15 18.84
N TRP D 599 36.00 1.18 18.19
CA TRP D 599 36.62 0.09 18.96
C TRP D 599 37.98 0.48 19.54
N VAL D 600 38.90 0.89 18.68
CA VAL D 600 40.28 1.08 19.11
C VAL D 600 40.85 2.43 18.71
N ASP D 601 41.45 3.12 19.70
CA ASP D 601 42.28 4.32 19.46
C ASP D 601 43.24 4.11 18.30
N GLN D 602 43.30 5.08 17.39
CA GLN D 602 44.27 4.99 16.29
C GLN D 602 45.55 5.73 16.66
N SER D 603 46.13 5.37 17.80
CA SER D 603 47.41 5.93 18.18
C SER D 603 48.52 5.02 17.63
N LEU D 604 49.63 5.65 17.26
CA LEU D 604 50.79 4.94 16.73
C LEU D 604 51.97 5.05 17.70
N ILE D 605 52.82 4.03 17.72
CA ILE D 605 54.03 4.04 18.56
C ILE D 605 55.16 4.87 17.94
N LYS D 606 55.68 5.80 18.73
CA LYS D 606 56.97 6.46 18.48
C LYS D 606 57.93 6.14 19.61
N TYR D 607 59.21 6.47 19.43
CA TYR D 607 60.24 6.19 20.43
C TYR D 607 60.99 7.46 20.81
N ASP D 608 61.14 7.73 22.11
CA ASP D 608 61.95 8.88 22.58
C ASP D 608 63.44 8.59 22.41
N GLU D 609 64.29 9.52 22.86
CA GLU D 609 65.75 9.37 22.76
C GLU D 609 66.31 8.10 23.46
N ASN D 610 65.69 7.71 24.57
CA ASN D 610 66.09 6.52 25.31
C ASN D 610 65.53 5.21 24.75
N GLY D 611 64.95 5.28 23.54
CA GLY D 611 64.35 4.12 22.88
C GLY D 611 63.06 3.61 23.50
N ASN D 612 62.46 4.42 24.37
CA ASN D 612 61.21 4.05 25.03
C ASN D 612 59.95 4.42 24.24
N PRO D 613 58.97 3.49 24.15
CA PRO D 613 57.74 3.68 23.38
C PRO D 613 56.78 4.70 23.97
N TRP D 614 56.19 5.52 23.10
CA TRP D 614 55.08 6.38 23.49
C TRP D 614 54.00 6.52 22.42
N SER D 615 52.76 6.64 22.87
CA SER D 615 51.61 6.71 21.98
C SER D 615 51.50 8.08 21.33
N ALA D 616 51.52 8.10 20.00
CA ALA D 616 51.46 9.34 19.25
C ALA D 616 50.12 9.49 18.52
N TYR D 617 49.73 10.74 18.27
CA TYR D 617 48.56 11.04 17.45
C TYR D 617 48.92 12.03 16.33
N GLY D 618 47.90 12.70 15.78
CA GLY D 618 48.08 13.59 14.64
C GLY D 618 49.02 14.74 14.95
N GLY D 619 49.95 14.99 14.05
CA GLY D 619 50.94 16.06 14.22
C GLY D 619 52.30 15.57 14.65
N ASP D 620 52.35 14.40 15.28
CA ASP D 620 53.58 13.87 15.88
C ASP D 620 54.57 13.30 14.85
N PHE D 621 54.21 13.36 13.58
CA PHE D 621 55.08 12.85 12.52
C PHE D 621 55.49 13.98 11.58
N GLY D 622 55.29 15.22 12.03
CA GLY D 622 55.48 16.40 11.20
C GLY D 622 54.34 16.58 10.20
N ASP D 623 53.32 15.74 10.31
CA ASP D 623 52.15 15.82 9.43
C ASP D 623 51.33 17.06 9.75
N THR D 624 51.11 17.88 8.72
CA THR D 624 50.36 19.13 8.82
C THR D 624 49.79 19.47 7.43
N PRO D 625 48.51 19.89 7.37
CA PRO D 625 47.55 19.96 8.46
C PRO D 625 47.26 18.58 9.03
N ASN D 626 46.92 18.54 10.32
CA ASN D 626 46.49 17.30 10.97
C ASN D 626 45.31 17.60 11.87
N ASP D 627 44.68 16.56 12.41
CA ASP D 627 43.57 16.76 13.35
C ASP D 627 43.82 16.22 14.76
N ARG D 628 45.09 16.16 15.13
CA ARG D 628 45.52 15.95 16.51
C ARG D 628 45.00 14.65 17.13
N GLN D 629 44.34 14.75 18.28
CA GLN D 629 43.90 13.58 19.00
C GLN D 629 42.60 12.98 18.46
N PHE D 630 42.05 13.55 17.39
CA PHE D 630 40.74 13.12 16.92
C PHE D 630 40.75 11.70 16.35
N CYS D 631 41.94 11.13 16.18
CA CYS D 631 42.08 9.76 15.73
C CYS D 631 41.92 8.76 16.88
N MET D 632 41.73 9.25 18.10
CA MET D 632 41.57 8.35 19.24
C MET D 632 40.16 8.45 19.83
N ASN D 633 39.33 7.48 19.46
CA ASN D 633 37.92 7.49 19.81
C ASN D 633 37.50 6.14 20.38
N GLY D 634 38.48 5.30 20.68
CA GLY D 634 38.22 3.91 20.98
C GLY D 634 37.79 3.59 22.39
N LEU D 635 37.11 2.46 22.50
CA LEU D 635 36.77 1.88 23.78
C LEU D 635 37.99 1.20 24.38
N VAL D 636 38.95 0.84 23.53
CA VAL D 636 40.21 0.27 24.00
C VAL D 636 41.39 1.08 23.46
N PHE D 637 42.49 1.08 24.21
CA PHE D 637 43.77 1.65 23.77
C PHE D 637 44.29 0.85 22.58
N ALA D 638 45.22 1.42 21.84
CA ALA D 638 45.78 0.76 20.66
C ALA D 638 46.32 -0.64 20.94
N ASP D 639 46.86 -0.87 22.15
CA ASP D 639 47.39 -2.17 22.53
C ASP D 639 46.31 -3.09 23.09
N ARG D 640 45.07 -2.62 23.03
CA ARG D 640 43.86 -3.39 23.37
C ARG D 640 43.57 -3.47 24.88
N THR D 641 44.30 -2.68 25.66
CA THR D 641 43.96 -2.45 27.06
C THR D 641 42.66 -1.67 27.12
N PRO D 642 41.69 -2.13 27.92
CA PRO D 642 40.43 -1.39 27.96
C PRO D 642 40.56 0.03 28.51
N HIS D 643 39.81 0.96 27.92
CA HIS D 643 39.44 2.22 28.57
C HIS D 643 38.38 1.86 29.62
N PRO D 644 38.16 2.75 30.62
CA PRO D 644 37.09 2.54 31.60
C PRO D 644 35.69 2.45 31.00
N ALA D 645 35.46 3.14 29.87
CA ALA D 645 34.14 3.13 29.20
C ALA D 645 33.68 1.73 28.80
N LEU D 646 34.62 0.82 28.52
CA LEU D 646 34.31 -0.55 28.08
C LEU D 646 33.38 -1.28 29.04
N THR D 647 33.67 -1.20 30.34
CA THR D 647 32.85 -1.87 31.36
C THR D 647 31.44 -1.28 31.39
N GLU D 648 31.32 0.02 31.09
CA GLU D 648 29.98 0.63 30.93
C GLU D 648 29.23 0.04 29.73
N ALA D 649 29.93 -0.15 28.60
CA ALA D 649 29.29 -0.79 27.44
C ALA D 649 28.85 -2.21 27.77
N LYS D 650 29.70 -2.95 28.48
CA LYS D 650 29.39 -4.35 28.82
C LYS D 650 28.10 -4.47 29.63
N HIS D 651 28.02 -3.67 30.68
CA HIS D 651 26.91 -3.70 31.60
C HIS D 651 25.60 -3.32 30.92
N GLN D 652 25.59 -2.26 30.13
CA GLN D 652 24.37 -1.85 29.44
C GLN D 652 23.93 -2.83 28.35
N GLN D 653 24.91 -3.49 27.74
CA GLN D 653 24.65 -4.48 26.68
C GLN D 653 24.37 -5.90 27.19
N GLN D 654 24.18 -6.05 28.49
CA GLN D 654 23.88 -7.35 29.11
C GLN D 654 22.69 -8.02 28.45
N PHE D 655 22.72 -9.36 28.43
CA PHE D 655 21.68 -10.16 27.80
C PHE D 655 20.67 -10.64 28.84
N PHE D 656 20.94 -10.36 30.10
CA PHE D 656 19.99 -10.66 31.18
C PHE D 656 19.61 -9.37 31.90
N GLN D 657 18.30 -9.17 32.06
CA GLN D 657 17.75 -8.03 32.77
C GLN D 657 17.19 -8.49 34.12
N PHE D 658 17.29 -7.61 35.11
CA PHE D 658 16.86 -7.94 36.47
C PHE D 658 15.87 -6.93 37.03
N ARG D 659 14.90 -7.44 37.79
CA ARG D 659 14.01 -6.62 38.63
C ARG D 659 13.87 -7.28 40.02
N LEU D 660 13.80 -6.46 41.06
CA LEU D 660 13.67 -6.95 42.43
C LEU D 660 12.30 -6.62 43.00
N SER D 661 11.67 -7.61 43.63
CA SER D 661 10.39 -7.39 44.30
C SER D 661 10.41 -8.18 45.60
N GLY D 662 10.57 -7.45 46.71
CA GLY D 662 10.74 -8.07 48.00
C GLY D 662 12.09 -8.76 48.02
N GLN D 663 12.07 -10.08 48.04
CA GLN D 663 13.30 -10.86 47.95
C GLN D 663 13.21 -11.89 46.80
N THR D 664 12.39 -11.55 45.81
CA THR D 664 12.30 -12.31 44.58
C THR D 664 13.00 -11.53 43.45
N ILE D 665 14.13 -12.08 42.97
CA ILE D 665 14.81 -11.58 41.79
C ILE D 665 14.15 -12.18 40.55
N GLU D 666 13.65 -11.31 39.67
CA GLU D 666 13.13 -11.76 38.39
C GLU D 666 14.19 -11.56 37.31
N VAL D 667 14.57 -12.64 36.63
CA VAL D 667 15.59 -12.58 35.59
C VAL D 667 14.95 -12.75 34.22
N THR D 668 15.21 -11.80 33.31
CA THR D 668 14.69 -11.87 31.94
C THR D 668 15.83 -12.07 30.94
N SER D 669 15.63 -13.01 30.02
CA SER D 669 16.60 -13.28 28.97
C SER D 669 16.31 -12.42 27.75
N GLU D 670 17.36 -11.78 27.23
CA GLU D 670 17.24 -11.04 25.98
C GLU D 670 17.82 -11.78 24.78
N TYR D 671 18.19 -13.04 24.99
CA TYR D 671 18.59 -13.91 23.88
C TYR D 671 17.36 -14.23 23.07
N LEU D 672 17.58 -14.46 21.77
CA LEU D 672 16.51 -14.73 20.85
C LEU D 672 16.43 -16.21 20.53
N PHE D 673 17.58 -16.88 20.65
CA PHE D 673 17.68 -18.26 20.20
C PHE D 673 18.17 -19.23 21.28
N ARG D 674 19.15 -18.82 22.08
CA ARG D 674 19.72 -19.73 23.06
C ARG D 674 19.07 -19.69 24.44
N HIS D 675 19.07 -20.86 25.10
CA HIS D 675 18.66 -21.03 26.48
C HIS D 675 19.89 -20.75 27.35
N SER D 676 19.71 -20.32 28.59
CA SER D 676 20.84 -19.98 29.48
C SER D 676 21.55 -21.22 30.05
N ASP D 677 22.18 -22.01 29.17
CA ASP D 677 22.72 -23.32 29.54
C ASP D 677 24.21 -23.32 29.91
N ASN D 678 24.76 -22.14 30.13
CA ASN D 678 26.11 -22.00 30.67
C ASN D 678 26.14 -20.78 31.55
N GLU D 679 25.19 -20.74 32.49
CA GLU D 679 25.01 -19.58 33.36
C GLU D 679 24.58 -19.99 34.77
N LEU D 680 25.15 -19.33 35.78
CA LEU D 680 24.58 -19.39 37.13
C LEU D 680 24.60 -18.04 37.82
N LEU D 681 23.57 -17.80 38.64
CA LEU D 681 23.43 -16.53 39.32
C LEU D 681 24.07 -16.60 40.70
N HIS D 682 25.09 -15.77 40.89
CA HIS D 682 25.76 -15.61 42.18
C HIS D 682 25.20 -14.37 42.87
N TRP D 683 24.71 -14.52 44.10
CA TRP D 683 24.18 -13.40 44.87
C TRP D 683 24.95 -13.15 46.17
N MET D 684 25.14 -11.88 46.51
CA MET D 684 25.88 -11.47 47.70
C MET D 684 25.12 -10.32 48.40
N VAL D 685 24.99 -10.41 49.72
CA VAL D 685 24.46 -9.32 50.52
C VAL D 685 25.55 -8.81 51.46
N ALA D 686 25.81 -7.50 51.41
CA ALA D 686 26.81 -6.88 52.29
C ALA D 686 26.29 -5.64 53.00
N LEU D 687 26.86 -5.38 54.18
CA LEU D 687 26.56 -4.19 54.97
C LEU D 687 27.75 -3.25 54.92
N ASP D 688 27.62 -2.15 54.18
CA ASP D 688 28.71 -1.22 53.96
C ASP D 688 30.03 -1.98 53.66
N GLY D 689 29.95 -2.91 52.71
CA GLY D 689 31.12 -3.65 52.26
C GLY D 689 31.38 -4.97 52.98
N LYS D 690 30.74 -5.18 54.13
CA LYS D 690 30.95 -6.38 54.93
C LYS D 690 29.96 -7.47 54.54
N PRO D 691 30.47 -8.62 54.04
CA PRO D 691 29.60 -9.72 53.59
C PRO D 691 28.81 -10.32 54.74
N LEU D 692 27.53 -10.57 54.50
CA LEU D 692 26.64 -11.16 55.49
C LEU D 692 26.04 -12.49 55.05
N ALA D 693 25.89 -12.64 53.73
CA ALA D 693 25.33 -13.84 53.12
C ALA D 693 25.70 -13.86 51.64
N SER D 694 25.64 -15.03 51.04
CA SER D 694 25.96 -15.22 49.63
C SER D 694 25.52 -16.61 49.18
N GLY D 695 25.22 -16.75 47.89
CA GLY D 695 24.73 -18.02 47.35
C GLY D 695 24.88 -18.17 45.86
N GLU D 696 24.51 -19.34 45.36
CA GLU D 696 24.53 -19.64 43.93
C GLU D 696 23.20 -20.27 43.56
N VAL D 697 22.69 -19.92 42.39
CA VAL D 697 21.47 -20.50 41.84
C VAL D 697 21.68 -20.67 40.34
N PRO D 698 21.34 -21.86 39.79
CA PRO D 698 21.51 -22.05 38.36
C PRO D 698 20.46 -21.26 37.57
N LEU D 699 20.89 -20.61 36.49
CA LEU D 699 19.96 -19.96 35.60
C LEU D 699 19.39 -20.93 34.58
N ASP D 700 18.08 -21.00 34.52
CA ASP D 700 17.38 -21.83 33.55
C ASP D 700 16.32 -20.96 32.85
N VAL D 701 16.79 -20.07 31.99
CA VAL D 701 15.92 -19.12 31.32
C VAL D 701 15.91 -19.37 29.83
N ALA D 702 14.72 -19.55 29.28
CA ALA D 702 14.52 -19.66 27.84
C ALA D 702 14.72 -18.29 27.15
N PRO D 703 15.02 -18.31 25.83
CA PRO D 703 15.13 -17.05 25.10
C PRO D 703 13.86 -16.21 25.22
N GLN D 704 14.01 -14.94 25.62
CA GLN D 704 12.88 -14.01 25.83
C GLN D 704 11.99 -14.36 27.04
N GLY D 705 12.43 -15.32 27.84
CA GLY D 705 11.65 -15.80 28.98
C GLY D 705 12.11 -15.22 30.30
N LYS D 706 11.43 -15.65 31.38
CA LYS D 706 11.68 -15.17 32.75
C LYS D 706 11.88 -16.33 33.74
N GLN D 707 12.65 -16.06 34.78
CA GLN D 707 12.83 -17.00 35.90
C GLN D 707 12.78 -16.21 37.21
N LEU D 708 11.96 -16.68 38.15
CA LEU D 708 11.80 -16.05 39.47
C LEU D 708 12.67 -16.75 40.51
N ILE D 709 13.54 -16.00 41.18
CA ILE D 709 14.43 -16.55 42.19
C ILE D 709 14.16 -15.93 43.57
N GLU D 710 13.64 -16.75 44.49
CA GLU D 710 13.38 -16.31 45.86
C GLU D 710 14.65 -16.49 46.70
N LEU D 711 15.18 -15.37 47.18
CA LEU D 711 16.34 -15.42 48.07
C LEU D 711 15.95 -16.07 49.40
N PRO D 712 16.84 -16.89 49.97
CA PRO D 712 16.58 -17.43 51.31
C PRO D 712 16.46 -16.31 52.33
N GLU D 713 15.86 -16.60 53.48
CA GLU D 713 15.74 -15.60 54.54
C GLU D 713 17.12 -15.11 54.95
N LEU D 714 17.32 -13.80 54.90
CA LEU D 714 18.61 -13.18 55.10
C LEU D 714 18.88 -12.92 56.57
N PRO D 715 20.04 -13.37 57.09
CA PRO D 715 20.43 -13.10 58.48
C PRO D 715 20.39 -11.61 58.75
N GLN D 716 19.47 -11.20 59.61
CA GLN D 716 19.25 -9.78 59.90
C GLN D 716 20.47 -9.15 60.57
N PRO D 717 20.96 -8.02 60.02
CA PRO D 717 22.23 -7.43 60.44
C PRO D 717 22.15 -6.87 61.85
N GLU D 718 23.31 -6.67 62.47
CA GLU D 718 23.35 -6.09 63.81
C GLU D 718 23.41 -4.56 63.75
N SER D 719 24.56 -4.03 63.33
CA SER D 719 24.81 -2.60 63.39
C SER D 719 24.04 -1.79 62.34
N ALA D 720 24.15 -0.47 62.45
CA ALA D 720 23.58 0.46 61.50
C ALA D 720 24.22 0.31 60.12
N GLY D 721 23.56 0.86 59.10
CA GLY D 721 24.12 0.88 57.76
C GLY D 721 23.19 0.35 56.70
N GLN D 722 23.64 0.41 55.46
CA GLN D 722 22.83 0.07 54.30
C GLN D 722 23.18 -1.32 53.78
N LEU D 723 22.15 -2.14 53.62
CA LEU D 723 22.33 -3.44 53.01
C LEU D 723 22.26 -3.32 51.50
N TRP D 724 23.17 -4.03 50.84
CA TRP D 724 23.26 -4.05 49.39
C TRP D 724 23.19 -5.49 48.86
N LEU D 725 22.36 -5.70 47.85
CA LEU D 725 22.35 -6.95 47.12
C LEU D 725 23.07 -6.78 45.78
N THR D 726 24.10 -7.58 45.55
CA THR D 726 24.81 -7.64 44.29
C THR D 726 24.63 -9.01 43.65
N VAL D 727 24.06 -9.05 42.44
CA VAL D 727 23.99 -10.28 41.66
C VAL D 727 24.98 -10.27 40.48
N ARG D 728 25.41 -11.46 40.07
CA ARG D 728 26.38 -11.65 39.00
C ARG D 728 26.03 -12.92 38.25
N VAL D 729 25.99 -12.85 36.92
CA VAL D 729 25.84 -14.05 36.11
C VAL D 729 27.21 -14.55 35.71
N VAL D 730 27.48 -15.79 36.09
CA VAL D 730 28.78 -16.40 35.91
C VAL D 730 28.64 -17.56 34.94
N GLN D 731 29.60 -17.68 34.03
CA GLN D 731 29.65 -18.79 33.08
C GLN D 731 30.64 -19.85 33.60
N PRO D 732 30.11 -20.95 34.17
CA PRO D 732 30.97 -21.99 34.77
C PRO D 732 31.92 -22.67 33.77
N ASN D 733 31.47 -22.85 32.53
CA ASN D 733 32.30 -23.51 31.52
C ASN D 733 32.92 -22.53 30.54
N ALA D 734 34.14 -22.85 30.12
CA ALA D 734 34.83 -22.08 29.10
C ALA D 734 34.07 -22.20 27.77
N THR D 735 34.26 -21.20 26.90
CA THR D 735 33.72 -21.23 25.53
C THR D 735 34.83 -20.96 24.51
N ALA D 736 34.46 -20.99 23.23
CA ALA D 736 35.34 -20.55 22.15
C ALA D 736 35.84 -19.10 22.37
N TRP D 737 35.04 -18.30 23.08
CA TRP D 737 35.31 -16.87 23.25
C TRP D 737 35.59 -16.43 24.70
N SER D 738 35.37 -17.31 25.68
CA SER D 738 35.63 -16.97 27.09
C SER D 738 36.20 -18.09 27.97
N GLU D 739 36.93 -17.70 29.00
CA GLU D 739 37.43 -18.58 30.07
C GLU D 739 36.32 -18.97 31.03
N ALA D 740 36.55 -20.04 31.78
CA ALA D 740 35.61 -20.45 32.85
C ALA D 740 35.56 -19.38 33.95
N GLY D 741 34.36 -19.14 34.47
CA GLY D 741 34.12 -18.11 35.49
C GLY D 741 33.91 -16.70 34.95
N HIS D 742 33.81 -16.57 33.63
CA HIS D 742 33.53 -15.28 32.98
C HIS D 742 32.21 -14.69 33.49
N ILE D 743 32.26 -13.43 33.91
CA ILE D 743 31.08 -12.72 34.40
C ILE D 743 30.46 -12.00 33.20
N SER D 744 29.17 -12.26 32.95
CA SER D 744 28.49 -11.74 31.76
C SER D 744 27.51 -10.61 32.05
N ALA D 745 26.95 -10.61 33.26
CA ALA D 745 25.94 -9.62 33.69
C ALA D 745 26.00 -9.41 35.19
N TRP D 746 25.57 -8.22 35.61
CA TRP D 746 25.49 -7.91 37.03
C TRP D 746 24.50 -6.79 37.29
N GLN D 747 24.11 -6.64 38.56
CA GLN D 747 23.16 -5.60 38.99
C GLN D 747 23.22 -5.47 40.52
N GLN D 748 22.84 -4.28 41.01
CA GLN D 748 22.83 -3.97 42.44
C GLN D 748 21.55 -3.28 42.88
N TRP D 749 21.11 -3.60 44.09
CA TRP D 749 19.98 -2.96 44.73
C TRP D 749 20.30 -2.63 46.17
N ARG D 750 19.69 -1.58 46.69
CA ARG D 750 19.68 -1.33 48.12
C ARG D 750 18.60 -2.22 48.73
N LEU D 751 18.97 -2.96 49.77
CA LEU D 751 17.98 -3.66 50.56
C LEU D 751 17.59 -2.78 51.74
N ALA D 752 17.35 -3.37 52.91
CA ALA D 752 16.97 -2.58 54.08
C ALA D 752 18.09 -1.62 54.51
N GLU D 753 17.69 -0.49 55.09
CA GLU D 753 18.62 0.42 55.76
C GLU D 753 18.20 0.63 57.22
N ASN D 754 19.19 0.57 58.11
CA ASN D 754 18.99 0.95 59.51
C ASN D 754 19.86 2.17 59.79
N LEU D 755 19.22 3.33 59.91
CA LEU D 755 19.94 4.57 60.19
C LEU D 755 20.52 4.56 61.60
N SER D 756 21.74 5.09 61.73
CA SER D 756 22.46 5.15 62.99
C SER D 756 21.83 6.18 63.90
N VAL D 757 21.33 5.74 65.06
CA VAL D 757 20.70 6.64 66.02
C VAL D 757 21.55 6.90 67.26
N THR D 758 22.69 6.20 67.36
CA THR D 758 23.52 6.29 68.57
C THR D 758 24.65 7.30 68.43
N LEU D 759 24.80 8.14 69.44
CA LEU D 759 25.84 9.19 69.49
C LEU D 759 27.24 8.62 69.76
N PRO D 760 28.28 9.24 69.19
CA PRO D 760 29.65 8.87 69.58
C PRO D 760 29.94 9.36 71.00
N ALA D 761 30.46 8.47 71.85
CA ALA D 761 30.76 8.80 73.26
C ALA D 761 31.70 10.00 73.34
N ALA D 762 31.34 10.98 74.17
CA ALA D 762 32.11 12.21 74.34
C ALA D 762 33.56 11.89 74.73
N SER D 763 34.49 12.58 74.08
CA SER D 763 35.92 12.42 74.37
C SER D 763 36.29 13.26 75.59
N HIS D 764 37.44 12.94 76.18
CA HIS D 764 37.91 13.67 77.37
C HIS D 764 38.56 15.00 76.99
N ALA D 765 39.51 14.95 76.05
CA ALA D 765 40.31 16.12 75.65
C ALA D 765 39.50 17.23 74.98
N ILE D 766 40.05 18.45 75.03
CA ILE D 766 39.45 19.64 74.41
C ILE D 766 40.52 20.37 73.59
N PRO D 767 40.25 20.60 72.29
CA PRO D 767 41.24 21.25 71.43
C PRO D 767 41.45 22.70 71.83
N HIS D 768 42.67 23.17 71.62
CA HIS D 768 43.07 24.51 72.04
C HIS D 768 43.35 25.41 70.84
N LEU D 769 42.81 26.62 70.88
CA LEU D 769 43.01 27.62 69.84
C LEU D 769 44.12 28.62 70.20
N THR D 770 45.02 28.85 69.23
CA THR D 770 46.07 29.87 69.31
C THR D 770 45.93 30.86 68.15
N THR D 771 45.85 32.14 68.48
CA THR D 771 45.58 33.22 67.52
C THR D 771 46.81 34.09 67.30
N SER D 772 47.10 34.40 66.03
CA SER D 772 47.96 35.51 65.66
C SER D 772 47.23 36.33 64.60
N GLU D 773 47.80 37.46 64.19
CA GLU D 773 47.19 38.25 63.13
C GLU D 773 47.07 37.44 61.83
N MET D 774 48.02 36.52 61.63
CA MET D 774 48.13 35.79 60.36
C MET D 774 47.45 34.41 60.35
N ASP D 775 47.32 33.77 61.51
CA ASP D 775 46.89 32.37 61.57
C ASP D 775 46.02 32.04 62.78
N PHE D 776 45.08 31.10 62.59
CA PHE D 776 44.45 30.38 63.68
C PHE D 776 45.13 29.01 63.74
N CYS D 777 45.63 28.61 64.91
CA CYS D 777 46.22 27.28 65.10
C CYS D 777 45.45 26.49 66.14
N ILE D 778 45.05 25.27 65.78
CA ILE D 778 44.34 24.39 66.70
C ILE D 778 45.23 23.20 67.00
N GLU D 779 45.40 22.91 68.29
CA GLU D 779 46.24 21.78 68.71
C GLU D 779 45.46 20.81 69.57
N LEU D 780 45.62 19.52 69.28
CA LEU D 780 45.03 18.46 70.08
C LEU D 780 45.96 17.25 70.06
N GLY D 781 46.59 16.96 71.20
CA GLY D 781 47.60 15.90 71.28
C GLY D 781 48.78 16.21 70.37
N ASN D 782 49.16 15.24 69.54
CA ASN D 782 50.23 15.46 68.56
C ASN D 782 49.73 16.07 67.24
N LYS D 783 48.43 16.38 67.18
CA LYS D 783 47.80 16.90 65.97
C LYS D 783 47.68 18.43 65.97
N ARG D 784 47.95 19.04 64.83
CA ARG D 784 47.94 20.49 64.70
C ARG D 784 47.31 20.90 63.36
N TRP D 785 46.45 21.91 63.41
CA TRP D 785 45.80 22.47 62.22
C TRP D 785 46.10 23.96 62.13
N GLN D 786 46.56 24.43 60.97
CA GLN D 786 46.79 25.87 60.75
C GLN D 786 45.87 26.45 59.69
N PHE D 787 45.18 27.54 60.05
CA PHE D 787 44.31 28.28 59.15
C PHE D 787 44.89 29.66 58.88
N ASN D 788 45.19 29.93 57.60
CA ASN D 788 45.76 31.21 57.23
C ASN D 788 44.66 32.27 57.20
N ARG D 789 44.89 33.38 57.88
CA ARG D 789 43.87 34.41 58.01
C ARG D 789 43.83 35.38 56.83
N GLN D 790 44.90 35.42 56.02
CA GLN D 790 44.90 36.25 54.82
C GLN D 790 44.16 35.55 53.68
N SER D 791 44.45 34.26 53.49
CA SER D 791 43.88 33.47 52.40
C SER D 791 42.56 32.80 52.82
N GLY D 792 42.44 32.50 54.11
CA GLY D 792 41.22 31.90 54.64
C GLY D 792 41.13 30.41 54.41
N PHE D 793 42.27 29.76 54.20
CA PHE D 793 42.29 28.32 53.93
C PHE D 793 43.13 27.57 54.97
N LEU D 794 42.79 26.30 55.17
CA LEU D 794 43.66 25.38 55.91
C LEU D 794 44.96 25.23 55.14
N SER D 795 45.99 25.91 55.62
CA SER D 795 47.29 25.95 54.91
C SER D 795 48.22 24.81 55.31
N GLN D 796 48.09 24.32 56.53
CA GLN D 796 48.93 23.23 57.01
C GLN D 796 48.28 22.39 58.08
N MET D 797 48.67 21.12 58.10
CA MET D 797 48.22 20.16 59.09
C MET D 797 49.46 19.40 59.56
N TRP D 798 49.49 19.06 60.85
CA TRP D 798 50.62 18.36 61.44
C TRP D 798 50.17 17.17 62.30
N ILE D 799 50.81 16.03 62.10
CA ILE D 799 50.66 14.91 63.01
C ILE D 799 52.06 14.66 63.59
N GLY D 800 52.27 15.17 64.79
CA GLY D 800 53.60 15.19 65.41
C GLY D 800 54.41 16.32 64.84
N ASP D 801 55.56 15.98 64.26
CA ASP D 801 56.43 16.98 63.62
C ASP D 801 56.31 16.99 62.09
N LYS D 802 55.51 16.07 61.54
CA LYS D 802 55.39 15.87 60.10
C LYS D 802 54.32 16.75 59.45
N LYS D 803 54.71 17.47 58.39
CA LYS D 803 53.79 18.30 57.62
C LYS D 803 52.92 17.41 56.72
N GLN D 804 51.60 17.65 56.71
CA GLN D 804 50.67 16.81 55.95
C GLN D 804 50.29 17.35 54.56
N LEU D 805 50.42 18.66 54.36
CA LEU D 805 50.01 19.30 53.11
C LEU D 805 51.14 20.05 52.43
N LEU D 806 51.25 19.89 51.10
CA LEU D 806 52.21 20.65 50.29
C LEU D 806 51.55 21.86 49.61
N THR D 807 50.23 21.85 49.53
CA THR D 807 49.43 22.93 48.97
C THR D 807 48.16 23.03 49.81
N PRO D 808 47.76 24.25 50.21
CA PRO D 808 46.55 24.44 51.03
C PRO D 808 45.28 23.76 50.47
N LEU D 809 44.34 23.42 51.35
CA LEU D 809 43.02 22.93 50.97
C LEU D 809 42.20 24.10 50.46
N ARG D 810 41.85 24.09 49.17
CA ARG D 810 41.12 25.20 48.55
C ARG D 810 39.95 24.68 47.74
N ASP D 811 38.88 25.48 47.62
CA ASP D 811 37.76 25.16 46.72
C ASP D 811 38.27 24.99 45.31
N GLN D 812 37.62 24.12 44.55
CA GLN D 812 37.89 23.97 43.13
C GLN D 812 36.58 23.84 42.35
N PHE D 813 36.48 24.61 41.27
CA PHE D 813 35.27 24.65 40.45
C PHE D 813 35.55 24.30 38.97
N THR D 814 36.78 23.85 38.69
CA THR D 814 37.26 23.56 37.35
C THR D 814 37.86 22.17 37.25
N ARG D 815 37.89 21.62 36.04
CA ARG D 815 38.58 20.38 35.74
C ARG D 815 39.44 20.56 34.50
N ALA D 816 40.55 19.81 34.45
CA ALA D 816 41.36 19.70 33.24
C ALA D 816 40.44 19.16 32.17
N PRO D 817 40.24 19.93 31.09
CA PRO D 817 39.10 19.67 30.18
C PRO D 817 39.18 18.36 29.43
N LEU D 818 38.08 17.60 29.44
CA LEU D 818 37.98 16.36 28.68
C LEU D 818 37.96 16.69 27.19
N ASP D 819 38.21 15.69 26.34
CA ASP D 819 38.05 15.88 24.90
C ASP D 819 36.63 16.36 24.57
N ASN D 820 35.63 15.82 25.27
CA ASN D 820 34.25 16.29 25.13
C ASN D 820 34.02 17.74 25.57
N ASP D 821 34.78 18.21 26.57
CA ASP D 821 34.71 19.63 26.99
C ASP D 821 35.33 20.54 25.90
N ILE D 822 36.38 20.04 25.25
CA ILE D 822 37.11 20.81 24.24
C ILE D 822 36.32 20.94 22.94
N GLY D 823 35.75 19.83 22.51
CA GLY D 823 34.73 19.83 21.47
C GLY D 823 35.14 20.35 20.11
N VAL D 824 36.30 19.88 19.63
CA VAL D 824 36.63 20.05 18.21
C VAL D 824 36.80 18.69 17.52
N SER D 825 36.35 18.65 16.26
CA SER D 825 36.60 17.49 15.38
C SER D 825 37.69 17.83 14.37
N GLU D 826 38.07 19.10 14.30
CA GLU D 826 39.14 19.59 13.44
C GLU D 826 40.06 20.57 14.16
N ALA D 827 41.37 20.33 14.06
CA ALA D 827 42.41 21.05 14.81
C ALA D 827 42.43 22.58 14.69
N THR D 828 41.81 23.10 13.63
CA THR D 828 41.78 24.54 13.37
C THR D 828 40.45 25.21 13.74
N ARG D 829 39.38 24.42 13.83
CA ARG D 829 38.04 24.94 14.14
C ARG D 829 37.81 25.13 15.64
N ILE D 830 37.97 26.37 16.10
CA ILE D 830 37.62 26.76 17.48
C ILE D 830 36.08 26.83 17.59
N ASP D 831 35.56 26.73 18.81
CA ASP D 831 34.13 26.83 19.06
C ASP D 831 33.84 27.51 20.40
N PRO D 832 33.34 28.76 20.38
CA PRO D 832 33.01 29.50 21.60
C PRO D 832 31.92 28.81 22.43
N ASN D 833 31.12 27.95 21.79
CA ASN D 833 30.08 27.22 22.48
C ASN D 833 30.57 25.98 23.26
N ALA D 834 31.80 25.52 22.98
CA ALA D 834 32.37 24.39 23.71
C ALA D 834 32.50 24.72 25.20
N TRP D 835 32.26 23.73 26.05
CA TRP D 835 32.31 23.95 27.49
C TRP D 835 33.61 24.60 27.95
N VAL D 836 34.75 24.13 27.44
CA VAL D 836 36.03 24.70 27.83
C VAL D 836 36.17 26.19 27.49
N GLU D 837 35.57 26.61 26.37
CA GLU D 837 35.70 28.00 25.93
C GLU D 837 34.80 28.90 26.77
N ARG D 838 33.64 28.37 27.15
CA ARG D 838 32.74 29.10 28.03
C ARG D 838 33.31 29.28 29.45
N TRP D 839 33.94 28.23 29.97
CA TRP D 839 34.66 28.31 31.23
C TRP D 839 35.81 29.32 31.14
N LYS D 840 36.60 29.22 30.08
CA LYS D 840 37.74 30.15 29.89
C LYS D 840 37.28 31.60 29.86
N ALA D 841 36.32 31.90 28.98
CA ALA D 841 35.86 33.26 28.76
C ALA D 841 35.21 33.83 30.02
N ALA D 842 34.54 32.98 30.80
CA ALA D 842 33.88 33.42 32.02
C ALA D 842 34.87 33.67 33.16
N GLY D 843 36.11 33.20 32.98
CA GLY D 843 37.18 33.39 33.94
C GLY D 843 37.34 32.29 34.98
N HIS D 844 36.66 31.15 34.78
CA HIS D 844 36.69 30.07 35.76
C HIS D 844 38.11 29.59 36.12
N TYR D 845 38.99 29.52 35.12
CA TYR D 845 40.36 29.02 35.36
C TYR D 845 41.26 30.05 36.06
N GLN D 846 41.02 31.34 35.85
CA GLN D 846 41.90 32.34 36.43
C GLN D 846 41.27 33.16 37.56
N ALA D 847 40.16 32.68 38.10
CA ALA D 847 39.44 33.37 39.17
C ALA D 847 40.18 33.33 40.51
N GLU D 848 40.37 34.50 41.09
CA GLU D 848 41.04 34.62 42.40
C GLU D 848 40.06 34.64 43.57
N ALA D 849 40.42 33.93 44.63
CA ALA D 849 39.63 33.93 45.86
C ALA D 849 39.81 35.24 46.64
N ALA D 850 38.71 35.94 46.88
CA ALA D 850 38.70 37.09 47.75
C ALA D 850 38.11 36.64 49.07
N LEU D 851 38.85 36.84 50.15
CA LEU D 851 38.36 36.47 51.48
C LEU D 851 37.37 37.52 52.00
N LEU D 852 36.19 37.05 52.42
CA LEU D 852 35.14 37.93 52.92
C LEU D 852 35.04 37.85 54.43
N GLN D 853 35.37 36.68 54.98
CA GLN D 853 35.17 36.38 56.39
C GLN D 853 36.06 35.23 56.82
N CYS D 854 36.71 35.38 57.97
CA CYS D 854 37.49 34.32 58.62
C CYS D 854 37.48 34.52 60.15
N THR D 855 36.72 33.69 60.85
CA THR D 855 36.55 33.84 62.30
C THR D 855 36.83 32.54 63.05
N ALA D 856 37.22 32.67 64.32
CA ALA D 856 37.43 31.52 65.19
C ALA D 856 36.61 31.61 66.49
N ASP D 857 36.04 30.49 66.89
CA ASP D 857 35.24 30.42 68.10
C ASP D 857 35.51 29.14 68.87
N THR D 858 35.49 29.24 70.20
CA THR D 858 35.70 28.10 71.08
C THR D 858 34.37 27.63 71.67
N LEU D 859 34.10 26.34 71.54
CA LEU D 859 32.93 25.70 72.11
C LEU D 859 33.34 24.77 73.26
N ALA D 860 32.34 24.18 73.91
CA ALA D 860 32.54 23.24 75.03
C ALA D 860 33.58 22.16 74.73
N ASP D 861 33.45 21.51 73.57
CA ASP D 861 34.36 20.43 73.16
C ASP D 861 34.99 20.61 71.75
N ALA D 862 34.84 21.79 71.16
CA ALA D 862 35.33 22.01 69.79
C ALA D 862 35.84 23.42 69.52
N VAL D 863 36.74 23.54 68.55
CA VAL D 863 37.05 24.84 67.94
C VAL D 863 36.30 24.94 66.61
N LEU D 864 35.59 26.05 66.43
CA LEU D 864 34.88 26.34 65.18
C LEU D 864 35.59 27.43 64.37
N ILE D 865 35.89 27.09 63.11
CA ILE D 865 36.41 28.05 62.14
C ILE D 865 35.37 28.30 61.04
N THR D 866 34.99 29.56 60.85
CA THR D 866 34.00 29.96 59.88
C THR D 866 34.67 30.79 58.78
N THR D 867 34.47 30.42 57.52
CA THR D 867 35.02 31.21 56.39
C THR D 867 33.99 31.52 55.30
N ALA D 868 34.25 32.57 54.54
CA ALA D 868 33.48 32.87 53.34
C ALA D 868 34.40 33.48 52.29
N HIS D 869 34.24 33.02 51.05
CA HIS D 869 35.04 33.47 49.92
C HIS D 869 34.16 33.83 48.73
N ALA D 870 34.58 34.84 47.97
CA ALA D 870 34.00 35.14 46.66
C ALA D 870 35.06 34.89 45.59
N TRP D 871 34.70 34.17 44.53
CA TRP D 871 35.58 34.02 43.37
C TRP D 871 35.13 34.96 42.28
N GLN D 872 36.03 35.85 41.90
CA GLN D 872 35.67 36.92 41.01
C GLN D 872 36.57 36.94 39.78
N HIS D 873 36.04 37.46 38.68
CA HIS D 873 36.80 37.67 37.47
C HIS D 873 36.35 38.98 36.88
N GLN D 874 37.33 39.86 36.68
CA GLN D 874 37.10 41.21 36.13
C GLN D 874 35.78 41.86 36.60
N GLY D 875 35.58 41.90 37.92
CA GLY D 875 34.41 42.55 38.52
C GLY D 875 33.20 41.65 38.79
N LYS D 876 33.20 40.46 38.19
CA LYS D 876 32.07 39.54 38.30
C LYS D 876 32.30 38.48 39.39
N THR D 877 31.36 38.36 40.32
CA THR D 877 31.41 37.28 41.32
C THR D 877 30.81 36.00 40.72
N LEU D 878 31.67 35.01 40.51
CA LEU D 878 31.28 33.75 39.89
C LEU D 878 30.74 32.79 40.93
N PHE D 879 31.51 32.58 41.99
CA PHE D 879 31.17 31.62 43.04
C PHE D 879 31.35 32.23 44.44
N ILE D 880 30.51 31.83 45.38
CA ILE D 880 30.73 32.12 46.79
C ILE D 880 30.77 30.80 47.57
N SER D 881 31.80 30.64 48.38
CA SER D 881 31.92 29.47 49.23
C SER D 881 31.89 29.88 50.68
N ARG D 882 30.95 29.33 51.45
CA ARG D 882 30.85 29.57 52.88
C ARG D 882 31.07 28.26 53.61
N LYS D 883 32.06 28.22 54.50
CA LYS D 883 32.37 26.97 55.22
C LYS D 883 32.45 27.14 56.74
N THR D 884 32.33 26.02 57.44
CA THR D 884 32.76 25.92 58.83
C THR D 884 33.65 24.70 58.96
N TYR D 885 34.68 24.82 59.79
CA TYR D 885 35.50 23.69 60.17
C TYR D 885 35.33 23.50 61.67
N ARG D 886 34.91 22.31 62.07
CA ARG D 886 34.68 22.00 63.47
C ARG D 886 35.61 20.87 63.92
N ILE D 887 36.65 21.23 64.66
CA ILE D 887 37.60 20.25 65.17
C ILE D 887 37.24 19.96 66.62
N ASP D 888 36.88 18.71 66.91
CA ASP D 888 36.47 18.32 68.26
C ASP D 888 37.54 17.54 69.04
N GLY D 889 37.18 17.09 70.24
CA GLY D 889 38.10 16.34 71.10
C GLY D 889 38.55 14.98 70.58
N SER D 890 37.84 14.45 69.60
CA SER D 890 38.18 13.14 69.04
C SER D 890 39.19 13.23 67.89
N GLY D 891 39.60 14.44 67.53
CA GLY D 891 40.58 14.65 66.47
C GLY D 891 40.00 14.72 65.07
N GLN D 892 38.68 14.74 64.99
CA GLN D 892 37.98 14.78 63.71
C GLN D 892 37.70 16.21 63.30
N MET D 893 37.83 16.48 62.01
CA MET D 893 37.54 17.80 61.47
C MET D 893 36.33 17.73 60.54
N ALA D 894 35.19 18.21 61.02
CA ALA D 894 33.99 18.28 60.21
C ALA D 894 33.98 19.56 59.35
N ILE D 895 33.97 19.40 58.03
CA ILE D 895 33.94 20.55 57.12
C ILE D 895 32.59 20.64 56.42
N THR D 896 31.90 21.77 56.62
CA THR D 896 30.59 22.00 56.05
C THR D 896 30.70 23.07 54.97
N VAL D 897 30.35 22.72 53.72
CA VAL D 897 30.53 23.63 52.59
C VAL D 897 29.20 23.96 51.92
N ASP D 898 28.94 25.25 51.75
CA ASP D 898 27.76 25.73 51.04
C ASP D 898 28.22 26.75 50.02
N VAL D 899 27.89 26.48 48.75
CA VAL D 899 28.39 27.25 47.64
C VAL D 899 27.22 27.87 46.88
N GLU D 900 27.38 29.12 46.48
CA GLU D 900 26.50 29.78 45.53
C GLU D 900 27.20 29.93 44.19
N VAL D 901 26.50 29.57 43.12
CA VAL D 901 27.01 29.72 41.76
C VAL D 901 26.12 30.71 41.04
N ALA D 902 26.71 31.77 40.49
CA ALA D 902 25.92 32.78 39.79
C ALA D 902 25.19 32.12 38.60
N SER D 903 23.90 32.44 38.48
CA SER D 903 23.04 31.80 37.49
C SER D 903 23.47 32.09 36.04
N ASP D 904 24.12 33.22 35.83
CA ASP D 904 24.52 33.63 34.47
C ASP D 904 25.96 33.28 34.09
N THR D 905 26.71 32.66 34.98
CA THR D 905 27.99 32.06 34.60
C THR D 905 27.73 30.64 34.09
N PRO D 906 28.53 30.16 33.12
CA PRO D 906 28.32 28.78 32.67
C PRO D 906 28.47 27.80 33.84
N HIS D 907 27.61 26.79 33.90
CA HIS D 907 27.64 25.82 34.98
C HIS D 907 29.02 25.18 35.12
N PRO D 908 29.55 25.16 36.36
CA PRO D 908 30.93 24.73 36.64
C PRO D 908 31.16 23.23 36.46
N ALA D 909 32.40 22.85 36.15
CA ALA D 909 32.78 21.46 35.98
C ALA D 909 32.64 20.62 37.25
N ARG D 910 32.95 21.25 38.39
CA ARG D 910 32.89 20.56 39.68
C ARG D 910 32.66 21.55 40.81
N ILE D 911 32.09 21.06 41.90
CA ILE D 911 32.06 21.82 43.14
C ILE D 911 32.67 20.95 44.24
N GLY D 912 33.89 21.29 44.63
CA GLY D 912 34.65 20.48 45.57
C GLY D 912 35.89 21.16 46.11
N LEU D 913 36.74 20.35 46.74
CA LEU D 913 37.95 20.84 47.40
C LEU D 913 39.14 20.08 46.84
N ASN D 914 40.30 20.73 46.81
CA ASN D 914 41.52 20.03 46.49
C ASN D 914 42.72 20.47 47.31
N CYS D 915 43.71 19.58 47.39
CA CYS D 915 44.95 19.86 48.10
C CYS D 915 46.00 18.86 47.63
N GLN D 916 47.26 19.24 47.76
CA GLN D 916 48.36 18.31 47.50
C GLN D 916 48.82 17.76 48.84
N LEU D 917 48.63 16.46 49.05
CA LEU D 917 49.11 15.78 50.24
C LEU D 917 50.61 15.49 50.10
N ALA D 918 51.35 15.57 51.21
CA ALA D 918 52.78 15.22 51.25
C ALA D 918 52.96 13.71 51.17
N GLN D 919 51.99 13.00 51.74
CA GLN D 919 51.96 11.55 51.75
C GLN D 919 51.87 10.98 50.33
N VAL D 920 52.77 10.05 50.02
CA VAL D 920 52.62 9.17 48.88
C VAL D 920 52.55 7.72 49.38
N ALA D 921 51.38 7.11 49.23
CA ALA D 921 51.13 5.75 49.69
C ALA D 921 50.90 4.76 48.53
N GLU D 922 50.93 3.47 48.84
CA GLU D 922 50.84 2.42 47.83
C GLU D 922 49.39 2.10 47.48
N ARG D 923 48.51 2.25 48.46
CA ARG D 923 47.14 1.83 48.32
C ARG D 923 46.14 2.97 48.47
N VAL D 924 44.99 2.80 47.84
CA VAL D 924 43.84 3.65 48.03
C VAL D 924 42.72 2.68 48.32
N ASN D 925 41.98 2.94 49.40
CA ASN D 925 40.91 2.06 49.86
C ASN D 925 39.67 2.91 50.05
N TRP D 926 38.56 2.51 49.45
CA TRP D 926 37.33 3.31 49.58
C TRP D 926 36.06 2.47 49.61
N LEU D 927 35.05 3.03 50.27
CA LEU D 927 33.71 2.49 50.23
C LEU D 927 32.87 3.42 49.33
N GLY D 928 32.53 2.91 48.14
CA GLY D 928 31.81 3.68 47.13
C GLY D 928 31.73 2.93 45.83
N LEU D 929 31.42 3.64 44.74
CA LEU D 929 31.24 2.97 43.46
C LEU D 929 32.59 2.63 42.85
N GLY D 930 32.72 1.42 42.31
CA GLY D 930 33.98 0.97 41.73
C GLY D 930 33.89 -0.41 41.12
N PRO D 931 35.05 -1.01 40.77
CA PRO D 931 36.40 -0.50 41.06
C PRO D 931 36.92 0.57 40.10
N GLN D 932 36.34 0.63 38.90
CA GLN D 932 36.94 1.47 37.86
C GLN D 932 36.47 2.92 37.93
N GLU D 933 37.19 3.77 37.23
CA GLU D 933 36.75 5.11 36.91
C GLU D 933 35.27 5.17 36.56
N ASN D 934 34.53 6.02 37.26
CA ASN D 934 33.11 6.26 37.00
C ASN D 934 32.70 7.71 37.25
N TYR D 935 31.79 8.20 36.43
CA TYR D 935 31.38 9.59 36.46
C TYR D 935 29.87 9.66 36.56
N PRO D 936 29.31 10.83 36.91
CA PRO D 936 27.86 10.86 37.11
C PRO D 936 26.99 10.32 35.96
N ASP D 937 27.37 10.56 34.70
CA ASP D 937 26.63 10.00 33.56
C ASP D 937 27.29 8.75 32.96
N ARG D 938 28.25 8.21 33.70
CA ARG D 938 28.85 6.92 33.38
C ARG D 938 29.25 6.19 34.67
N LEU D 939 28.24 5.70 35.41
CA LEU D 939 28.47 5.01 36.67
C LEU D 939 27.57 3.81 36.87
N THR D 940 26.73 3.50 35.88
CA THR D 940 25.79 2.39 36.02
C THR D 940 26.48 1.03 36.19
N ALA D 941 27.65 0.89 35.57
CA ALA D 941 28.46 -0.34 35.63
C ALA D 941 29.16 -0.54 36.98
N ALA D 942 29.49 0.58 37.63
CA ALA D 942 30.17 0.56 38.93
C ALA D 942 29.26 -0.01 40.01
N CYS D 943 29.86 -0.68 40.99
CA CYS D 943 29.12 -1.26 42.10
C CYS D 943 29.55 -0.61 43.40
N PHE D 944 28.61 -0.45 44.31
CA PHE D 944 28.96 0.09 45.61
C PHE D 944 29.51 -1.04 46.47
N ASP D 945 30.76 -0.90 46.92
CA ASP D 945 31.41 -1.90 47.76
C ASP D 945 32.68 -1.32 48.36
N ARG D 946 33.43 -2.18 49.07
CA ARG D 946 34.72 -1.83 49.62
C ARG D 946 35.76 -2.19 48.59
N TRP D 947 36.44 -1.18 48.06
CA TRP D 947 37.43 -1.37 47.00
C TRP D 947 38.79 -0.95 47.49
N ASP D 948 39.83 -1.60 46.98
CA ASP D 948 41.20 -1.39 47.42
C ASP D 948 42.14 -1.63 46.25
N LEU D 949 42.81 -0.58 45.81
CA LEU D 949 43.64 -0.67 44.62
C LEU D 949 44.99 0.01 44.83
N PRO D 950 45.99 -0.37 44.01
CA PRO D 950 47.24 0.41 43.97
C PRO D 950 46.97 1.81 43.44
N LEU D 951 47.60 2.80 44.06
CA LEU D 951 47.46 4.21 43.64
C LEU D 951 47.39 4.43 42.13
N SER D 952 48.24 3.74 41.38
CA SER D 952 48.34 3.95 39.92
C SER D 952 47.06 3.56 39.15
N ASP D 953 46.30 2.60 39.69
CA ASP D 953 45.00 2.22 39.13
C ASP D 953 43.91 3.28 39.34
N MET D 954 44.26 4.35 40.04
CA MET D 954 43.34 5.45 40.32
C MET D 954 43.61 6.58 39.34
N TYR D 955 44.57 6.34 38.45
CA TYR D 955 44.84 7.23 37.34
C TYR D 955 44.46 6.47 36.06
N THR D 956 43.80 7.15 35.12
CA THR D 956 43.48 6.53 33.84
C THR D 956 44.35 7.17 32.80
N PRO D 957 45.21 6.37 32.15
CA PRO D 957 46.21 6.93 31.24
C PRO D 957 45.65 7.25 29.84
N TYR D 958 44.67 8.15 29.78
CA TYR D 958 44.21 8.68 28.49
C TYR D 958 45.39 9.30 27.76
N VAL D 959 45.57 8.93 26.50
CA VAL D 959 46.72 9.42 25.73
C VAL D 959 46.75 10.96 25.73
N PHE D 960 45.61 11.59 25.46
CA PHE D 960 45.48 13.03 25.69
C PHE D 960 44.96 13.25 27.10
N PRO D 961 45.79 13.80 27.99
CA PRO D 961 45.49 13.87 29.43
C PRO D 961 44.39 14.85 29.73
N SER D 962 43.60 14.55 30.76
CA SER D 962 42.47 15.37 31.17
C SER D 962 42.10 14.89 32.55
N GLU D 963 41.16 15.57 33.19
CA GLU D 963 40.49 15.04 34.38
C GLU D 963 40.22 13.57 34.11
N ASN D 964 40.54 12.73 35.10
CA ASN D 964 40.38 11.30 34.98
C ASN D 964 40.38 10.65 36.34
N GLY D 965 39.88 9.41 36.38
CA GLY D 965 40.02 8.54 37.54
C GLY D 965 39.04 8.78 38.68
N LEU D 966 38.03 9.61 38.45
CA LEU D 966 37.03 9.89 39.48
C LEU D 966 36.24 8.64 39.83
N ARG D 967 35.87 8.54 41.11
CA ARG D 967 34.93 7.54 41.56
C ARG D 967 33.82 8.28 42.28
N CYS D 968 32.58 7.89 42.02
CA CYS D 968 31.43 8.56 42.61
C CYS D 968 30.82 7.77 43.76
N GLY D 969 29.83 8.37 44.42
CA GLY D 969 29.04 7.70 45.45
C GLY D 969 29.89 7.15 46.59
N THR D 970 30.97 7.86 46.93
CA THR D 970 31.93 7.41 47.93
C THR D 970 31.56 7.94 49.31
N ARG D 971 31.44 7.03 50.29
CA ARG D 971 31.06 7.37 51.66
C ARG D 971 32.27 7.44 52.61
N GLU D 972 33.39 6.87 52.17
CA GLU D 972 34.61 6.77 52.96
C GLU D 972 35.79 6.52 52.04
N LEU D 973 36.83 7.33 52.18
CA LEU D 973 38.07 7.16 51.43
C LEU D 973 39.26 7.08 52.40
N ASN D 974 40.16 6.12 52.14
CA ASN D 974 41.34 5.91 52.99
C ASN D 974 42.63 5.97 52.19
N TYR D 975 43.53 6.83 52.62
CA TYR D 975 44.83 6.98 52.00
C TYR D 975 45.85 7.28 53.10
N GLY D 976 46.87 6.41 53.20
CA GLY D 976 47.88 6.48 54.26
C GLY D 976 47.22 6.56 55.62
N PRO D 977 47.53 7.64 56.40
CA PRO D 977 46.89 7.83 57.70
C PRO D 977 45.54 8.55 57.63
N HIS D 978 45.22 9.12 56.47
CA HIS D 978 43.99 9.89 56.28
C HIS D 978 42.76 9.04 55.98
N GLN D 979 41.62 9.50 56.52
CA GLN D 979 40.31 8.95 56.21
C GLN D 979 39.28 10.08 56.10
N TRP D 980 38.63 10.16 54.92
CA TRP D 980 37.60 11.17 54.68
C TRP D 980 36.25 10.48 54.62
N ARG D 981 35.26 11.00 55.34
CA ARG D 981 33.90 10.47 55.31
C ARG D 981 32.88 11.50 54.82
N GLY D 982 31.74 11.02 54.31
CA GLY D 982 30.67 11.88 53.79
C GLY D 982 29.89 11.27 52.62
N ASP D 983 29.58 12.08 51.61
CA ASP D 983 28.94 11.59 50.37
C ASP D 983 29.46 12.38 49.17
N PHE D 984 30.51 11.86 48.54
CA PHE D 984 31.33 12.63 47.62
C PHE D 984 31.85 11.83 46.42
N GLN D 985 32.50 12.55 45.52
CA GLN D 985 33.15 11.95 44.37
C GLN D 985 34.61 12.35 44.52
N PHE D 986 35.55 11.50 44.13
CA PHE D 986 36.96 11.82 44.31
C PHE D 986 37.85 11.29 43.21
N ASN D 987 38.97 11.97 42.97
CA ASN D 987 40.10 11.36 42.30
C ASN D 987 41.38 11.61 43.06
N ILE D 988 42.34 10.70 42.92
CA ILE D 988 43.60 10.79 43.65
C ILE D 988 44.76 10.28 42.80
N SER D 989 45.78 11.11 42.65
CA SER D 989 46.91 10.77 41.79
C SER D 989 48.09 11.68 42.05
N ARG D 990 49.21 11.38 41.37
CA ARG D 990 50.44 12.15 41.47
C ARG D 990 50.46 13.33 40.50
N TYR D 991 49.35 13.57 39.79
CA TYR D 991 49.30 14.68 38.81
C TYR D 991 48.20 15.70 39.14
N SER D 992 48.58 16.97 39.14
CA SER D 992 47.63 18.05 39.39
C SER D 992 46.74 18.27 38.17
N GLN D 993 45.53 18.78 38.41
CA GLN D 993 44.65 19.24 37.34
C GLN D 993 45.39 20.18 36.40
N GLN D 994 46.17 21.12 36.96
CA GLN D 994 47.01 22.02 36.18
C GLN D 994 47.98 21.29 35.24
N GLN D 995 48.68 20.28 35.76
CA GLN D 995 49.62 19.56 34.91
C GLN D 995 48.87 18.82 33.81
N LEU D 996 47.77 18.16 34.19
CA LEU D 996 46.94 17.42 33.26
C LEU D 996 46.49 18.30 32.09
N MET D 997 46.09 19.54 32.37
CA MET D 997 45.61 20.44 31.31
C MET D 997 46.71 21.13 30.49
N GLU D 998 47.94 21.17 30.99
CA GLU D 998 49.07 21.77 30.26
C GLU D 998 49.87 20.77 29.42
N THR D 999 49.72 19.47 29.70
CA THR D 999 50.51 18.44 29.05
C THR D 999 49.69 17.74 27.96
N SER D 1000 50.22 17.74 26.73
CA SER D 1000 49.48 17.24 25.55
C SER D 1000 49.51 15.73 25.37
N HIS D 1001 50.53 15.07 25.90
CA HIS D 1001 50.67 13.60 25.79
C HIS D 1001 50.90 12.96 27.16
N ARG D 1002 50.32 11.79 27.39
CA ARG D 1002 50.46 11.10 28.67
C ARG D 1002 51.90 10.77 29.07
N HIS D 1003 52.75 10.53 28.07
CA HIS D 1003 54.13 10.14 28.31
C HIS D 1003 54.97 11.30 28.88
N LEU D 1004 54.46 12.52 28.75
CA LEU D 1004 55.19 13.72 29.18
C LEU D 1004 54.82 14.16 30.60
N LEU D 1005 53.86 13.45 31.20
CA LEU D 1005 53.46 13.70 32.58
C LEU D 1005 54.57 13.23 33.53
N HIS D 1006 54.76 13.98 34.61
CA HIS D 1006 55.74 13.62 35.63
C HIS D 1006 55.09 13.63 37.00
N ALA D 1007 55.34 12.60 37.80
CA ALA D 1007 54.79 12.52 39.14
C ALA D 1007 55.27 13.72 39.97
N GLU D 1008 54.32 14.42 40.57
CA GLU D 1008 54.63 15.58 41.40
C GLU D 1008 54.94 15.10 42.80
N GLU D 1009 55.58 15.95 43.60
CA GLU D 1009 55.85 15.66 45.01
C GLU D 1009 54.52 15.35 45.68
N GLY D 1010 54.47 14.29 46.48
CA GLY D 1010 53.22 13.93 47.14
C GLY D 1010 52.07 13.59 46.20
N THR D 1011 50.84 13.70 46.72
CA THR D 1011 49.65 13.15 46.08
C THR D 1011 48.54 14.21 45.97
N TRP D 1012 48.07 14.46 44.76
CA TRP D 1012 46.93 15.37 44.56
C TRP D 1012 45.61 14.68 44.84
N LEU D 1013 44.80 15.32 45.66
CA LEU D 1013 43.46 14.84 45.96
C LEU D 1013 42.44 15.87 45.51
N ASN D 1014 41.44 15.42 44.76
CA ASN D 1014 40.28 16.23 44.41
C ASN D 1014 39.04 15.55 44.99
N ILE D 1015 38.42 16.17 46.00
CA ILE D 1015 37.20 15.62 46.59
C ILE D 1015 36.05 16.54 46.26
N ASP D 1016 35.04 15.97 45.62
CA ASP D 1016 33.95 16.77 45.04
C ASP D 1016 32.63 16.49 45.72
N GLY D 1017 31.93 17.56 46.10
CA GLY D 1017 30.55 17.43 46.49
C GLY D 1017 29.74 17.08 45.27
N PHE D 1018 30.13 17.67 44.14
CA PHE D 1018 29.37 17.58 42.89
C PHE D 1018 30.30 17.65 41.69
N HIS D 1019 30.00 16.86 40.67
CA HIS D 1019 30.82 16.83 39.47
C HIS D 1019 29.93 16.75 38.23
N MET D 1020 30.27 17.52 37.21
CA MET D 1020 29.49 17.56 35.97
C MET D 1020 29.67 16.28 35.15
N GLY D 1021 28.64 15.90 34.42
CA GLY D 1021 28.70 14.79 33.48
C GLY D 1021 29.84 14.97 32.48
N ILE D 1022 30.19 13.89 31.80
CA ILE D 1022 31.30 13.91 30.85
C ILE D 1022 30.83 14.00 29.39
N GLY D 1023 29.57 13.63 29.15
CA GLY D 1023 29.00 13.65 27.80
C GLY D 1023 29.60 12.60 26.89
N GLY D 1024 29.51 12.86 25.58
CA GLY D 1024 30.05 11.95 24.59
C GLY D 1024 29.09 11.54 23.48
N ASP D 1025 27.83 11.99 23.56
CA ASP D 1025 26.87 11.71 22.47
C ASP D 1025 27.54 12.04 21.14
N ASP D 1026 28.29 13.14 21.13
CA ASP D 1026 29.35 13.39 20.17
C ASP D 1026 30.47 14.14 20.90
N SER D 1027 31.59 14.40 20.23
CA SER D 1027 32.73 15.12 20.84
C SER D 1027 33.08 16.43 20.13
N TRP D 1028 32.12 17.03 19.43
CA TRP D 1028 32.38 18.30 18.77
C TRP D 1028 31.34 19.37 19.08
N SER D 1029 30.47 19.09 20.03
CA SER D 1029 29.46 20.04 20.49
C SER D 1029 29.05 19.68 21.94
N PRO D 1030 28.56 20.67 22.71
CA PRO D 1030 28.07 20.36 24.05
C PRO D 1030 27.13 19.15 24.04
N SER D 1031 27.44 18.14 24.83
CA SER D 1031 26.67 16.89 24.83
C SER D 1031 26.34 16.40 26.23
N VAL D 1032 26.71 17.16 27.25
CA VAL D 1032 26.35 16.79 28.61
C VAL D 1032 24.88 17.19 28.80
N SER D 1033 24.06 16.18 29.06
CA SER D 1033 22.62 16.37 29.25
C SER D 1033 22.31 17.26 30.46
N ALA D 1034 21.18 17.95 30.39
CA ALA D 1034 20.78 18.94 31.40
C ALA D 1034 20.79 18.44 32.86
N GLU D 1035 20.32 17.23 33.08
CA GLU D 1035 20.25 16.65 34.43
C GLU D 1035 21.63 16.38 35.03
N PHE D 1036 22.68 16.42 34.21
CA PHE D 1036 24.06 16.23 34.70
C PHE D 1036 24.91 17.51 34.70
N GLN D 1037 24.28 18.65 34.46
CA GLN D 1037 24.95 19.94 34.55
C GLN D 1037 24.72 20.48 35.95
N LEU D 1038 25.68 21.21 36.48
CA LEU D 1038 25.59 21.72 37.86
C LEU D 1038 24.93 23.08 37.89
N SER D 1039 23.60 23.06 37.81
CA SER D 1039 22.83 24.28 37.58
C SER D 1039 21.88 24.66 38.72
N ALA D 1040 21.98 23.95 39.85
CA ALA D 1040 21.06 24.17 40.98
C ALA D 1040 21.22 25.55 41.67
N GLY D 1041 22.36 26.21 41.45
CA GLY D 1041 22.60 27.55 41.99
C GLY D 1041 23.21 27.52 43.38
N ARG D 1042 22.65 26.68 44.25
CA ARG D 1042 23.15 26.54 45.61
C ARG D 1042 23.51 25.08 45.90
N TYR D 1043 24.70 24.85 46.41
CA TYR D 1043 25.17 23.49 46.66
C TYR D 1043 25.67 23.27 48.08
N HIS D 1044 25.33 22.12 48.64
CA HIS D 1044 25.71 21.77 49.99
C HIS D 1044 26.38 20.42 50.05
N TYR D 1045 27.53 20.38 50.69
CA TYR D 1045 28.17 19.12 51.03
C TYR D 1045 28.98 19.20 52.33
N GLN D 1046 29.23 18.05 52.95
CA GLN D 1046 29.97 17.99 54.20
C GLN D 1046 30.92 16.81 54.26
N LEU D 1047 32.16 17.08 54.65
CA LEU D 1047 33.20 16.06 54.77
C LEU D 1047 33.65 15.97 56.22
N VAL D 1048 34.14 14.79 56.62
CA VAL D 1048 34.86 14.64 57.88
C VAL D 1048 36.23 14.06 57.60
N TRP D 1049 37.25 14.81 58.01
CA TRP D 1049 38.65 14.43 57.85
C TRP D 1049 39.23 14.05 59.22
N CYS D 1050 39.75 12.83 59.34
CA CYS D 1050 40.43 12.39 60.55
C CYS D 1050 41.59 11.44 60.25
N GLN D 1051 42.49 11.29 61.23
CA GLN D 1051 43.54 10.28 61.18
C GLN D 1051 42.99 8.95 61.70
N LYS D 1052 43.40 7.86 61.08
CA LYS D 1052 43.06 6.51 61.55
C LYS D 1052 44.34 5.74 61.95
C1 0MK E . 12.81 -5.66 -33.21
C2 0MK E . 13.14 -4.45 -34.08
C3 0MK E . 13.28 -4.92 -35.52
C4 0MK E . 11.97 -5.54 -35.96
C5 0MK E . 11.72 -6.74 -35.06
O1 0MK E . 12.59 -5.25 -31.86
O2 0MK E . 14.33 -3.77 -33.64
O3 0MK E . 14.31 -5.92 -35.58
O4 0MK E . 12.00 -5.94 -37.33
O5 0MK E . 11.63 -6.27 -33.70
C1 0MK F . 14.16 -11.92 -34.08
C2 0MK F . 12.95 -12.43 -33.31
C3 0MK F . 12.04 -11.32 -32.79
C4 0MK F . 12.33 -9.88 -33.27
C5 0MK F . 13.49 -9.70 -34.24
O1 0MK F . 14.79 -12.99 -34.80
O2 0MK F . 13.39 -13.25 -32.21
O3 0MK F . 12.06 -11.33 -31.35
O4 0MK F . 12.56 -9.04 -32.13
O5 0MK F . 13.74 -10.89 -34.98
MG MG G . 17.15 -6.41 -32.35
MG MG H . 36.74 0.91 -25.23
NA NA I . 13.78 -5.47 -39.29
NA NA J . -7.21 2.83 -23.76
NA NA K . 9.25 -12.97 -54.59
S DMS L . 9.81 21.15 -20.44
O DMS L . 9.40 22.01 -21.96
C1 DMS L . 8.37 20.95 -19.36
C2 DMS L . 10.25 19.41 -20.65
S DMS M . -11.85 4.07 -35.97
O DMS M . -10.97 3.74 -37.49
C1 DMS M . -13.00 5.44 -36.31
C2 DMS M . -13.02 2.70 -35.65
S DMS N . -3.43 14.80 -35.73
O DMS N . -4.00 15.55 -34.20
C1 DMS N . -4.67 15.06 -37.03
C2 DMS N . -2.06 15.82 -36.36
S DMS O . 19.89 25.65 -29.59
O DMS O . 19.73 26.69 -31.05
C1 DMS O . 21.58 25.72 -28.98
C2 DMS O . 19.02 26.48 -28.23
S DMS P . 13.07 33.98 -7.87
O DMS P . 13.88 32.78 -8.90
C1 DMS P . 14.31 35.18 -7.31
C2 DMS P . 12.00 35.09 -8.84
S DMS Q . 34.56 24.06 -43.37
O DMS Q . 34.28 22.30 -43.66
C1 DMS Q . 33.05 24.83 -42.72
C2 DMS Q . 35.69 24.32 -41.97
S DMS R . 5.01 14.55 -11.99
O DMS R . 6.19 15.78 -12.58
C1 DMS R . 5.86 13.06 -11.34
C2 DMS R . 4.26 15.15 -10.44
S DMS S . 33.70 -9.39 -40.72
O DMS S . 34.23 -9.11 -39.03
C1 DMS S . 32.65 -10.87 -40.82
C2 DMS S . 32.57 -8.07 -41.22
S DMS T . 14.08 2.85 -56.69
O DMS T . 15.84 3.15 -56.81
C1 DMS T . 13.29 4.42 -56.24
C2 DMS T . 13.43 2.65 -58.36
S DMS U . 18.16 28.89 -4.37
O DMS U . 19.25 29.11 -5.79
C1 DMS U . 18.89 29.70 -2.91
C2 DMS U . 16.67 29.91 -4.54
S DMS V . 35.99 4.33 -54.27
O DMS V . 35.23 5.44 -53.08
C1 DMS V . 36.87 2.99 -53.42
C2 DMS V . 34.69 3.38 -55.12
S DMS W . 20.98 28.21 -33.94
O DMS W . 21.75 28.41 -35.54
C1 DMS W . 20.02 26.67 -33.95
C2 DMS W . 22.29 27.86 -32.74
S DMS X . 40.42 20.48 -46.73
O DMS X . 40.97 19.83 -45.14
C1 DMS X . 39.01 19.53 -47.38
C2 DMS X . 39.70 22.14 -46.53
S DMS Y . 34.77 36.03 -29.43
O DMS Y . 34.24 34.35 -29.76
C1 DMS Y . 33.32 37.12 -29.38
C2 DMS Y . 35.33 36.18 -27.71
S DMS Z . 21.37 41.92 -18.40
O DMS Z . 23.13 41.60 -18.26
C1 DMS Z . 20.41 40.71 -17.44
C2 DMS Z . 20.96 43.43 -17.48
S DMS AA . 2.32 22.07 -45.38
O DMS AA . 1.85 22.14 -43.66
C1 DMS AA . 1.93 20.43 -46.08
C2 DMS AA . 1.19 23.11 -46.35
S DMS BA . 8.91 -1.34 -11.02
O DMS BA . 7.39 -0.46 -11.34
C1 DMS BA . 9.54 -0.92 -9.38
C2 DMS BA . 8.44 -3.06 -10.68
S DMS CA . 31.64 12.52 -52.24
O DMS CA . 31.32 13.52 -50.78
C1 DMS CA . 32.90 13.34 -53.26
C2 DMS CA . 32.56 11.02 -51.85
C1 0MK DA . -31.96 -12.24 -10.87
C2 0MK DA . -32.45 -13.61 -10.35
C3 0MK DA . -33.61 -14.01 -11.23
C4 0MK DA . -33.10 -14.15 -12.66
C5 0MK DA . -32.53 -12.81 -13.14
O1 0MK DA . -30.89 -11.76 -10.08
O2 0MK DA . -32.89 -13.58 -9.00
O3 0MK DA . -34.60 -12.97 -11.13
O4 0MK DA . -34.16 -14.59 -13.52
O5 0MK DA . -31.51 -12.40 -12.21
C1 0MK EA . -35.37 -7.65 -14.10
C2 0MK EA . -34.23 -7.45 -15.09
C3 0MK EA . -32.93 -8.10 -14.60
C4 0MK EA . -33.07 -9.31 -13.65
C5 0MK EA . -34.46 -9.55 -13.04
O1 0MK EA . -36.59 -7.09 -14.61
O2 0MK EA . -34.04 -6.04 -15.30
O3 0MK EA . -32.10 -7.11 -13.97
O4 0MK EA . -32.14 -9.18 -12.56
O5 0MK EA . -35.50 -9.05 -13.87
C1 0MK FA . -45.98 -12.39 -27.58
C2 0MK FA . -45.01 -13.56 -27.76
C3 0MK FA . -44.48 -13.59 -29.21
C4 0MK FA . -44.88 -12.37 -30.06
C5 0MK FA . -44.94 -11.04 -29.30
O1 0MK FA . -46.47 -12.33 -26.24
O2 0MK FA . -45.65 -14.80 -27.40
O3 0MK FA . -44.86 -14.82 -29.86
O4 0MK FA . -46.13 -12.57 -30.74
O5 0MK FA . -45.28 -11.18 -27.91
MG MG GA . -34.86 -10.03 -8.17
MG MG HA . -42.38 -6.07 12.32
NA NA IA . -36.59 -15.69 -12.97
NA NA JA . -9.40 -18.31 -14.19
NA NA KA . -45.29 -20.34 -27.77
NA NA LA . -7.22 -44.07 -12.92
S DMS MA . -14.85 -25.45 9.55
O DMS MA . -15.31 -27.08 8.97
C1 DMS MA . -13.21 -24.99 8.97
C2 DMS MA . -15.90 -24.22 8.73
S DMS NA . -13.54 -27.92 -22.70
O DMS NA . -14.14 -27.73 -21.03
C1 DMS NA . -14.93 -28.10 -23.85
C2 DMS NA . -12.81 -26.39 -23.36
S DMS OA . -16.42 -33.47 -10.03
O DMS OA . -17.93 -32.49 -10.09
C1 DMS OA . -16.48 -34.44 -8.51
C2 DMS OA . -16.51 -34.73 -11.33
S DMS PA . -26.91 -31.97 14.09
O DMS PA . -27.31 -33.65 13.66
C1 DMS PA . -27.85 -31.45 15.55
C2 DMS PA . -25.23 -31.90 14.77
S DMS QA . -6.54 -27.07 25.45
O DMS QA . -6.77 -28.49 24.37
C1 DMS QA . -6.45 -27.65 27.16
C2 DMS QA . -4.86 -26.43 25.27
S DMS RA . -46.77 -34.97 16.18
O DMS RA . -45.90 -33.75 17.17
C1 DMS RA . -48.32 -35.35 17.04
C2 DMS RA . -47.40 -34.21 14.66
S DMS SA . -46.01 -32.46 -16.09
O DMS SA . -47.16 -32.28 -14.73
C1 DMS SA . -44.64 -33.48 -15.47
C2 DMS SA . -46.69 -33.57 -17.36
S DMS TA . -8.61 -20.43 27.48
O DMS TA . -10.36 -20.15 27.20
C1 DMS TA . -8.11 -19.66 29.05
C2 DMS TA . -8.30 -22.17 27.88
S DMS UA . -28.26 8.62 4.90
O DMS UA . -29.83 8.91 4.03
C1 DMS UA . -28.46 7.34 6.15
C2 DMS UA . -27.13 7.77 3.77
S DMS VA . -30.23 -36.08 14.23
O DMS VA . -30.91 -34.86 13.10
C1 DMS VA . -28.68 -36.71 13.54
C2 DMS VA . -29.61 -35.27 15.73
S DMS WA . -53.82 -33.01 15.74
O DMS WA . -53.39 -31.39 16.38
C1 DMS WA . -54.03 -32.95 13.93
C2 DMS WA . -52.40 -34.13 15.85
S DMS XA . -34.41 -35.77 29.79
O DMS XA . -35.68 -34.75 29.04
C1 DMS XA . -34.10 -35.19 31.49
C2 DMS XA . -35.07 -37.44 30.11
S DMS YA . -45.96 -14.03 -33.58
O DMS YA . -47.08 -15.31 -33.00
C1 DMS YA . -44.24 -14.50 -33.26
C2 DMS YA . -46.01 -14.02 -35.40
S DMS ZA . -22.26 -14.11 33.74
O DMS ZA . -22.87 -13.10 32.38
C1 DMS ZA . -21.07 -15.33 33.16
C2 DMS ZA . -21.17 -13.11 34.79
C1 0MK AB . -13.35 8.07 32.44
C2 0MK AB . -14.26 9.29 32.62
C3 0MK AB . -14.35 9.60 34.10
C4 0MK AB . -12.95 9.94 34.61
C5 0MK AB . -12.01 8.78 34.34
O1 0MK AB . -13.22 7.71 31.05
O2 0MK AB . -15.56 9.09 32.08
O3 0MK AB . -14.83 8.43 34.80
O4 0MK AB . -13.01 10.25 36.01
O5 0MK AB . -12.05 8.38 32.97
C1 0MK BB . -12.29 3.43 36.80
C2 0MK BB . -10.84 3.15 36.45
C3 0MK BB . -10.36 3.94 35.22
C4 0MK BB . -11.14 5.23 34.89
C5 0MK BB . -12.48 5.42 35.60
O1 0MK BB . -12.62 2.78 38.03
O2 0MK BB . -10.69 1.74 36.22
O3 0MK BB . -10.36 3.09 34.07
O4 0MK BB . -11.42 5.26 33.48
O5 0MK BB . -12.46 4.84 36.89
MG MG CB . -16.90 5.26 32.80
MG MG DB . -36.73 -0.98 25.32
NA NA EB . -14.94 10.94 37.58
NA NA FB . 2.47 17.51 17.60
NA NA GB . -10.02 15.42 53.85
NA NA HB . -0.95 43.13 16.65
S DMS IB . -20.14 22.31 7.21
O DMS IB . -20.34 23.89 8.01
C1 DMS IB . -18.47 22.12 6.53
C2 DMS IB . -20.23 20.94 8.42
S DMS JB . 5.07 26.97 26.74
O DMS JB . 3.43 26.83 26.05
C1 DMS JB . 4.93 27.13 28.54
C2 DMS JB . 6.01 25.42 26.63
S DMS KB . -7.39 31.18 21.79
O DMS KB . -6.77 31.14 20.14
C1 DMS KB . -6.54 32.55 22.61
C2 DMS KB . -9.09 31.78 21.76
S DMS LB . -32.09 26.46 13.60
O DMS LB . -31.47 27.03 12.00
C1 DMS LB . -32.61 27.87 14.61
C2 DMS LB . -33.69 25.63 13.39
S DMS MB . -27.32 24.43 -9.15
O DMS MB . -27.32 22.80 -8.44
C1 DMS MB . -25.83 24.62 -10.16
C2 DMS MB . -28.56 24.49 -10.47
S DMS NB . 5.86 5.66 39.24
O DMS NB . 5.92 5.92 41.03
C1 DMS NB . 4.26 4.92 38.79
C2 DMS NB . 5.72 7.24 38.36
S DMS OB . -46.57 26.84 28.01
O DMS OB . -45.69 25.48 28.80
C1 DMS OB . -45.90 27.20 26.36
C2 DMS OB . -48.25 26.32 27.54
S DMS PB . -12.52 14.58 2.89
O DMS PB . -13.03 16.31 3.08
C1 DMS PB . -13.63 13.79 1.72
C2 DMS PB . -10.97 14.45 1.96
S DMS QB . -20.82 26.41 47.87
O DMS QB . -22.29 25.41 47.99
C1 DMS QB . -21.05 27.51 46.44
C2 DMS QB . -20.78 27.64 49.20
S DMS RB . -29.49 16.77 -9.53
O DMS RB . -30.00 16.67 -7.82
C1 DMS RB . -30.30 18.19 -10.30
C2 DMS RB . -27.78 17.34 -9.64
S DMS SB . -39.90 24.03 41.01
O DMS SB . -40.18 24.02 39.24
C1 DMS SB . -41.14 25.12 41.79
C2 DMS SB . -40.32 22.43 41.75
S DMS TB . -34.61 29.91 16.36
O DMS TB . -35.34 31.38 17.03
C1 DMS TB . -34.74 28.65 17.65
C2 DMS TB . -35.74 29.24 15.13
S DMS UB . -47.48 15.67 -11.59
O DMS UB . -47.10 17.31 -10.94
C1 DMS UB . -45.95 14.87 -12.13
C2 DMS UB . -47.99 14.58 -10.23
S DMS VB . -16.69 39.32 26.84
O DMS VB . -15.82 40.37 25.67
C1 DMS VB . -17.53 38.02 25.92
C2 DMS VB . -15.49 38.36 27.81
S DMS WB . -7.02 19.00 -1.68
O DMS WB . -8.08 19.77 -0.44
C1 DMS WB . -6.42 17.39 -1.08
C2 DMS WB . -8.01 18.51 -3.13
C1 0MK XB . 32.65 9.76 11.66
C2 0MK XB . 33.71 8.67 11.83
C3 0MK XB . 34.86 9.24 12.63
C4 0MK XB . 34.32 9.73 13.98
C5 0MK XB . 33.24 10.78 13.75
O1 0MK XB . 31.53 9.25 10.91
O2 0MK XB . 34.19 8.19 10.58
O3 0MK XB . 35.43 10.32 11.90
O4 0MK XB . 35.38 10.25 14.79
O5 0MK XB . 32.22 10.17 12.96
C1 0MK YB . 33.13 16.23 11.42
C2 0MK YB . 31.73 16.49 11.96
C3 0MK YB . 30.94 15.21 12.27
C4 0MK YB . 31.74 13.88 12.28
C5 0MK YB . 33.26 13.98 12.04
O1 0MK YB . 33.88 17.45 11.38
O2 0MK YB . 30.99 17.30 11.02
O3 0MK YB . 29.85 15.10 11.34
O4 0MK YB . 31.20 12.97 11.32
O5 0MK YB . 33.76 15.28 12.28
MG MG ZB . 34.72 11.24 7.73
MG MG AC . 42.38 6.14 -12.31
NA NA BC . 38.06 10.19 14.65
NA NA CC . 14.26 -2.25 20.54
NA NA DC . 45.82 18.08 28.28
S DMS EC . 24.85 -17.88 3.84
O DMS EC . 25.78 -18.76 5.08
C1 DMS EC . 23.08 -17.77 4.25
C2 DMS EC . 25.38 -16.14 3.73
S DMS FC . 20.89 -3.07 32.36
O DMS FC . 21.62 -3.51 30.79
C1 DMS FC . 22.02 -1.96 33.24
C2 DMS FC . 19.52 -1.91 32.18
S DMS GC . 27.34 -12.82 24.19
O DMS GC . 28.48 -11.61 23.48
C1 DMS GC . 27.73 -14.42 23.44
C2 DMS GC . 27.75 -13.05 25.94
S DMS HC . 38.88 -20.27 1.60
O DMS HC . 37.85 -21.72 1.68
C1 DMS HC . 40.11 -20.29 2.92
C2 DMS HC . 39.95 -20.33 0.13
S DMS IC . 19.38 -30.92 -7.60
O DMS IC . 20.56 -29.60 -7.50
C1 DMS IC . 19.82 -31.96 -9.03
C2 DMS IC . 19.66 -32.11 -6.25
S DMS JC . 23.12 20.42 25.53
O DMS JC . 21.71 20.10 26.57
C1 DMS JC . 22.59 21.21 23.99
C2 DMS JC . 24.05 21.81 26.21
S DMS KC . 58.52 -15.66 -0.84
O DMS KC . 58.28 -13.99 -0.24
C1 DMS KC . 57.56 -16.85 0.14
C2 DMS KC . 57.77 -15.90 -2.46
S DMS LC . 14.64 -12.79 2.80
O DMS LC . 15.92 -13.65 1.88
C1 DMS LC . 14.33 -11.16 2.07
C2 DMS LC . 13.04 -13.58 2.47
S DMS MC . 52.77 2.70 25.31
O DMS MC . 52.95 4.15 24.27
C1 DMS MC . 52.77 1.16 24.34
C2 DMS MC . 54.29 2.46 26.29
S DMS NC . 19.25 -25.98 -13.39
O DMS NC . 20.51 -24.79 -12.94
C1 DMS NC . 19.57 -27.55 -12.55
C2 DMS NC . 17.65 -25.53 -12.65
S DMS OC . 61.25 -4.31 7.60
O DMS OC . 61.55 -2.55 7.84
C1 DMS OC . 62.84 -5.19 7.74
C2 DMS OC . 60.39 -4.98 9.04
S DMS PC . 43.10 -21.99 3.36
O DMS PC . 44.40 -22.75 4.35
C1 DMS PC . 43.60 -20.28 2.99
C2 DMS PC . 43.11 -22.66 1.68
S DMS QC . 29.06 26.77 0.85
O DMS QC . 27.51 26.09 0.23
C1 DMS QC . 29.76 25.73 2.16
C2 DMS QC . 30.36 26.63 -0.42
S DMS RC . 10.70 -23.78 1.06
O DMS RC . 12.17 -23.11 1.86
C1 DMS RC . 10.27 -25.36 1.85
C2 DMS RC . 9.25 -22.76 1.45
S DMS SC . 13.69 3.36 0.23
O DMS SC . 13.58 2.49 1.80
C1 DMS SC . 13.14 2.31 -1.14
C2 DMS SC . 12.41 4.64 0.15
S DMS TC . 33.66 -36.62 -8.48
O DMS TC . 35.38 -36.20 -8.75
C1 DMS TC . 33.62 -38.36 -8.00
C2 DMS TC . 33.08 -35.88 -6.91
S DMS UC . 30.78 -30.93 -26.81
O DMS UC . 31.03 -31.90 -25.32
C1 DMS UC . 29.30 -29.88 -26.66
C2 DMS UC . 32.03 -29.62 -26.98
S DMS VC . 43.33 25.91 29.82
O DMS VC . 41.71 25.18 29.66
C1 DMS VC . 43.72 26.86 28.32
C2 DMS VC . 43.28 27.26 31.03
#